data_9UE7
#
_entry.id   9UE7
#
_cell.length_a   1.00
_cell.length_b   1.00
_cell.length_c   1.00
_cell.angle_alpha   90.00
_cell.angle_beta   90.00
_cell.angle_gamma   90.00
#
_symmetry.space_group_name_H-M   'P 1'
#
loop_
_entity.id
_entity.type
_entity.pdbx_description
1 polymer 'Angiotensin-converting enzyme 2'
2 polymer 'Spike glycoprotein'
#
loop_
_entity_poly.entity_id
_entity_poly.type
_entity_poly.pdbx_seq_one_letter_code
_entity_poly.pdbx_strand_id
1 'polypeptide(L)'
;MSSSSWLLLSLVAVTAAQSTIEEQAKTFLDKFNHEAEDLFYQSSLASWNYNTNITEENVQNMNNAGDKWSAFLKEQSTLA
QMYPLQEIQNLTVKLQLQALQQNGSSVLSEDKSKRLNTILNTMSTIYSTGKVCNPDNPQECLLLEPGLNEIMANSLDYNE
RLWAWESWRSEVGKQLRPLYEEYVVLKNEMARANHYEDYGDYWRGDYEVNGVDGYDYSRGQLIEDVEHTFEEIKPLYEHL
HAYVRAKLMNAYPSYISPIGCLPAHLLGDMWGRFWTNLYSLTVPFGQKPNIDVTDAMVDQAWDAQRIFKEAEKFFVSVGL
PNMTQGFWENSMLTDPGNVQKAVCHPTAWDLGKGDFRILMCTKVTMDDFLTAHHEMGHIQYDMAYAAQPFLLRNGANEGF
HEAVGEIMSLSAATPKHLKSIGLLSPDFQEDNETEINFLLKQALTIVGTLPFTYMLEKWRWMVFKGEIPKDQWMKKWWEM
KREIVGVVEPVPHDETYCDPASLFHVSNDYSFIRYYTRTLYQFQFQEALCQAAKHEGPLHKCDISNSTEAGQKLFNMLRL
GKSEPWTLALENVVGAKNMNVRPLLNYFEPLFTWLKDQNKNSFVGWSTDWSPYADLEVLFQGPHHHHHHHH
;
F,D,E
2 'polypeptide(L)'
;MPMGSLQPLATLYLLGMLVASVLAQCVNLITTTQSYTNSFTRGVYYPDKVFRSSVLHLTQDLFLPFFSNVTWFHAISGTN
GTKRFDNPVLPFNDGVYFASTEKSNIIRGWIFGTTLDSKTQSLLIVNNATNFVIKVCEFQFCNDPFLDVYHKNNKSWMES
ESGVYSSANNCTFEYVSQPFLMDLEGKQGNFKNLREFVFKNIDGYFKIYSKHTPIIGRDFPQGFSALEPLVDLPIGINIT
RFQTLLALNRSYLTPGDSSSGWTAGAADYYVGYLQPRTFLLKYNENGTITDAVDCALDPLSETKCTLKSFTVEKGIYQTS
NFRVQPTESIVRFPNVTNLCPFHEVFNATTFASVYAWNRTRISNCVADYSVLYNFAPFFAFKCYGVSPTKLNDLCFTNVY
ADSFVIKGNEVSQIAPGQTGNIADYNYKLPDDFTGCVIAWNSNKLDSKHSGNYDYWYRSLRKSKLKPFERDISTEIYQAG
NKPCKGKGPNCYFPLQSYGFRPTYGVGHQPYRVVVLSFELLHAPATVCGPKKSTNLVKNKCVNFNFNGLTGTGVLTKSNK
KFLPFQQFGRDIVDTTDAVRDPQTLEILDITPCSFGGVSVITPGTNTSNQVAVLYQGVNCTEVSVAIHADQLTPTWRVYS
TGSNVFQTRAGCLIGAEYVNNSYECDIPIGAGVCASYQTQTKSRGSASSVASQSIIAYTMSLGAENSVAYSNNSIAIPTN
FTISVTTEILPVSMTKTSVDCTMYICGDSTECSNLLLQYGSFCTQLKRALTGIAVEQDKNTQEVFAQVKQIYKTPPIKYF
GGFNFSQILPDPSKPSKRSPIEDLLFNKVTLADAGFIKQYGDCLGDIAARDLICAQKFNGLTVLPPLLTDEMIAQYTSAL
LAGTITSGWTFGAGPALQIPFPMQMAYRFNGIGVTQNVLYENQKLIANQFNSAIGKIQDSLFSTPSALGKLQDVVNHNAQ
ALNTLVKQLSSKFGAISSVLNDILSRLDPPEAEVQIDRLITGRLQSLQTYVTQQLIRAAEIRASANLAATKMSECVLGQS
KRVDFCGKGYHLMSFPQSAPHGVVFLHVTYVPAQEKNFTTAPAICHDGKAHFPREGVFVSNGTHWFLTQRNFYEPQIITT
DNTFVSGNCDVVIGIVNNTVYDPLQLELDSFKEELDKYFKNHTSPDVDLGDISGINASVVNIQKEIDRLNEVAKNLNESL
IDLQELGKYEQGSGYIPEAPRDGQAYVRKDGEWVFLSTFLSGLEVLFQGPGGWSHPQFEKGGGSGGGSGGSAWSHPQFEK
GGSGLNDIFEAQKIEWHEHHHHHHHH
;
A,B,C
#
# COMPACT_ATOMS: atom_id res chain seq x y z
N SER A 19 -22.31 17.93 40.97
CA SER A 19 -21.29 18.92 41.31
C SER A 19 -20.99 18.91 42.80
N THR A 20 -19.74 18.63 43.15
CA THR A 20 -19.32 18.59 44.54
C THR A 20 -19.13 20.00 45.08
N ILE A 21 -18.78 20.10 46.36
CA ILE A 21 -18.57 21.40 46.99
C ILE A 21 -17.31 22.06 46.45
N GLU A 22 -16.31 21.27 46.07
CA GLU A 22 -15.07 21.82 45.57
C GLU A 22 -15.28 22.56 44.25
N GLU A 23 -16.07 21.98 43.34
CA GLU A 23 -16.35 22.64 42.07
C GLU A 23 -17.11 23.93 42.27
N GLN A 24 -18.10 23.93 43.17
CA GLN A 24 -18.85 25.15 43.45
C GLN A 24 -17.95 26.22 44.06
N ALA A 25 -17.05 25.83 44.95
CA ALA A 25 -16.12 26.79 45.55
C ALA A 25 -15.18 27.36 44.50
N LYS A 26 -14.69 26.52 43.59
CA LYS A 26 -13.81 27.00 42.53
C LYS A 26 -14.55 27.96 41.60
N THR A 27 -15.80 27.64 41.28
CA THR A 27 -16.60 28.53 40.44
C THR A 27 -16.84 29.87 41.12
N PHE A 28 -17.15 29.85 42.42
CA PHE A 28 -17.33 31.09 43.17
C PHE A 28 -16.05 31.91 43.19
N LEU A 29 -14.90 31.26 43.41
CA LEU A 29 -13.64 31.97 43.43
C LEU A 29 -13.32 32.58 42.07
N ASP A 30 -13.56 31.83 41.00
CA ASP A 30 -13.30 32.35 39.66
C ASP A 30 -14.22 33.52 39.31
N LYS A 31 -15.47 33.48 39.78
CA LYS A 31 -16.38 34.59 39.52
C LYS A 31 -16.04 35.80 40.38
N PHE A 32 -15.50 35.58 41.58
CA PHE A 32 -15.22 36.68 42.50
C PHE A 32 -13.89 37.37 42.21
N ASN A 33 -12.88 36.61 41.77
CA ASN A 33 -11.54 37.18 41.62
C ASN A 33 -11.48 38.27 40.56
N HIS A 34 -12.30 38.17 39.52
CA HIS A 34 -12.28 39.20 38.47
C HIS A 34 -12.69 40.56 39.02
N GLU A 35 -13.87 40.63 39.63
CA GLU A 35 -14.32 41.89 40.21
C GLU A 35 -13.44 42.31 41.38
N ALA A 36 -12.86 41.35 42.11
CA ALA A 36 -11.94 41.69 43.18
C ALA A 36 -10.72 42.43 42.65
N GLU A 37 -10.10 41.88 41.60
CA GLU A 37 -8.95 42.54 40.99
C GLU A 37 -9.34 43.88 40.37
N ASP A 38 -10.54 43.96 39.79
CA ASP A 38 -10.99 45.22 39.21
C ASP A 38 -11.10 46.31 40.28
N LEU A 39 -11.79 46.01 41.38
CA LEU A 39 -11.95 47.00 42.44
C LEU A 39 -10.62 47.30 43.13
N PHE A 40 -9.73 46.31 43.23
CA PHE A 40 -8.42 46.56 43.82
C PHE A 40 -7.59 47.50 42.93
N TYR A 41 -7.66 47.30 41.61
CA TYR A 41 -6.97 48.19 40.69
C TYR A 41 -7.55 49.60 40.76
N GLN A 42 -8.87 49.70 40.88
CA GLN A 42 -9.50 51.02 41.02
C GLN A 42 -9.02 51.72 42.28
N SER A 43 -9.02 51.01 43.41
CA SER A 43 -8.57 51.60 44.66
C SER A 43 -7.09 51.98 44.61
N SER A 44 -6.26 51.15 43.96
CA SER A 44 -4.84 51.46 43.84
C SER A 44 -4.62 52.69 42.96
N LEU A 45 -5.38 52.81 41.87
CA LEU A 45 -5.29 54.00 41.03
C LEU A 45 -5.74 55.24 41.79
N ALA A 46 -6.79 55.13 42.60
CA ALA A 46 -7.22 56.25 43.41
C ALA A 46 -6.14 56.66 44.42
N SER A 47 -5.52 55.68 45.07
CA SER A 47 -4.46 55.99 46.02
C SER A 47 -3.26 56.62 45.33
N TRP A 48 -2.93 56.14 44.12
CA TRP A 48 -1.82 56.73 43.38
C TRP A 48 -2.12 58.17 42.99
N ASN A 49 -3.35 58.44 42.52
CA ASN A 49 -3.73 59.81 42.19
C ASN A 49 -3.73 60.70 43.42
N TYR A 50 -4.08 60.15 44.59
CA TYR A 50 -4.04 60.94 45.81
C TYR A 50 -2.62 61.25 46.23
N ASN A 51 -1.72 60.26 46.14
CA ASN A 51 -0.34 60.48 46.58
C ASN A 51 0.45 61.35 45.62
N THR A 52 0.13 61.27 44.32
CA THR A 52 0.86 62.07 43.33
C THR A 52 0.33 63.50 43.24
N ASN A 53 -0.94 63.71 43.58
CA ASN A 53 -1.53 65.05 43.52
C ASN A 53 -2.58 65.14 44.63
N ILE A 54 -2.24 65.83 45.71
CA ILE A 54 -3.12 65.98 46.86
C ILE A 54 -4.13 67.08 46.53
N THR A 55 -5.31 66.69 46.05
CA THR A 55 -6.39 67.61 45.75
C THR A 55 -7.69 67.08 46.35
N GLU A 56 -8.66 67.98 46.48
CA GLU A 56 -9.95 67.60 47.07
C GLU A 56 -10.64 66.52 46.24
N GLU A 57 -10.58 66.63 44.91
CA GLU A 57 -11.19 65.62 44.05
C GLU A 57 -10.53 64.26 44.24
N ASN A 58 -9.20 64.24 44.32
CA ASN A 58 -8.51 62.98 44.53
C ASN A 58 -8.84 62.38 45.89
N VAL A 59 -8.95 63.21 46.92
CA VAL A 59 -9.31 62.73 48.25
C VAL A 59 -10.70 62.13 48.23
N GLN A 60 -11.66 62.81 47.60
CA GLN A 60 -13.01 62.29 47.53
C GLN A 60 -13.07 60.98 46.74
N ASN A 61 -12.32 60.90 45.64
CA ASN A 61 -12.30 59.67 44.85
C ASN A 61 -11.69 58.52 45.63
N MET A 62 -10.62 58.78 46.37
CA MET A 62 -10.00 57.74 47.17
C MET A 62 -10.93 57.28 48.29
N ASN A 63 -11.63 58.22 48.93
CA ASN A 63 -12.58 57.85 49.97
C ASN A 63 -13.72 57.00 49.40
N ASN A 64 -14.25 57.39 48.24
CA ASN A 64 -15.32 56.61 47.63
C ASN A 64 -14.83 55.22 47.24
N ALA A 65 -13.62 55.12 46.69
CA ALA A 65 -13.07 53.82 46.32
C ALA A 65 -12.87 52.94 47.55
N GLY A 66 -12.37 53.53 48.65
CA GLY A 66 -12.20 52.76 49.86
C GLY A 66 -13.52 52.28 50.45
N ASP A 67 -14.55 53.15 50.43
CA ASP A 67 -15.86 52.74 50.91
C ASP A 67 -16.44 51.62 50.06
N LYS A 68 -16.31 51.73 48.74
CA LYS A 68 -16.80 50.67 47.86
C LYS A 68 -16.05 49.37 48.08
N TRP A 69 -14.73 49.45 48.28
CA TRP A 69 -13.95 48.25 48.53
C TRP A 69 -14.33 47.59 49.85
N SER A 70 -14.56 48.40 50.89
CA SER A 70 -14.97 47.85 52.18
C SER A 70 -16.35 47.20 52.09
N ALA A 71 -17.29 47.85 51.39
CA ALA A 71 -18.61 47.27 51.22
C ALA A 71 -18.54 45.97 50.42
N PHE A 72 -17.70 45.92 49.38
CA PHE A 72 -17.55 44.71 48.60
C PHE A 72 -16.95 43.58 49.43
N LEU A 73 -15.94 43.90 50.24
CA LEU A 73 -15.35 42.88 51.11
C LEU A 73 -16.37 42.37 52.12
N LYS A 74 -17.18 43.26 52.68
CA LYS A 74 -18.20 42.84 53.64
C LYS A 74 -19.23 41.94 52.97
N GLU A 75 -19.69 42.30 51.78
CA GLU A 75 -20.67 41.48 51.07
C GLU A 75 -20.09 40.11 50.71
N GLN A 76 -18.83 40.08 50.27
CA GLN A 76 -18.21 38.81 49.91
C GLN A 76 -18.00 37.92 51.13
N SER A 77 -17.62 38.53 52.26
CA SER A 77 -17.46 37.75 53.49
C SER A 77 -18.80 37.24 54.00
N THR A 78 -19.88 38.01 53.80
CA THR A 78 -21.20 37.54 54.20
C THR A 78 -21.69 36.41 53.31
N LEU A 79 -21.45 36.51 52.00
CA LEU A 79 -21.92 35.50 51.07
C LEU A 79 -21.04 34.25 51.04
N ALA A 80 -19.79 34.35 51.49
CA ALA A 80 -18.88 33.22 51.45
C ALA A 80 -19.08 32.24 52.60
N GLN A 81 -20.02 32.49 53.50
CA GLN A 81 -20.26 31.62 54.63
C GLN A 81 -21.04 30.35 54.26
N MET A 82 -21.46 30.22 53.01
CA MET A 82 -22.23 29.05 52.59
C MET A 82 -21.36 27.84 52.24
N TYR A 83 -20.04 28.01 52.17
CA TYR A 83 -19.15 26.91 51.82
C TYR A 83 -18.48 26.38 53.07
N PRO A 84 -18.69 25.11 53.43
CA PRO A 84 -18.04 24.56 54.63
C PRO A 84 -16.58 24.22 54.36
N LEU A 85 -15.79 24.34 55.43
CA LEU A 85 -14.36 24.06 55.37
C LEU A 85 -14.02 22.59 55.60
N GLN A 86 -14.96 21.80 56.14
CA GLN A 86 -14.69 20.41 56.43
C GLN A 86 -14.72 19.52 55.18
N GLU A 87 -15.38 19.96 54.11
CA GLU A 87 -15.52 19.19 52.89
C GLU A 87 -14.66 19.74 51.75
N ILE A 88 -13.50 20.29 52.08
CA ILE A 88 -12.57 20.84 51.09
C ILE A 88 -11.26 20.07 51.21
N GLN A 89 -10.86 19.42 50.12
CA GLN A 89 -9.65 18.62 50.09
C GLN A 89 -8.48 19.34 49.42
N ASN A 90 -8.74 20.46 48.74
CA ASN A 90 -7.69 21.22 48.07
C ASN A 90 -7.23 22.36 48.97
N LEU A 91 -5.91 22.49 49.13
CA LEU A 91 -5.38 23.50 50.03
C LEU A 91 -5.52 24.91 49.44
N THR A 92 -5.31 25.04 48.13
CA THR A 92 -5.40 26.36 47.50
C THR A 92 -6.80 26.94 47.62
N VAL A 93 -7.82 26.09 47.51
CA VAL A 93 -9.19 26.56 47.67
C VAL A 93 -9.54 26.75 49.13
N LYS A 94 -9.02 25.88 50.01
CA LYS A 94 -9.33 25.97 51.43
C LYS A 94 -8.78 27.25 52.04
N LEU A 95 -7.56 27.64 51.67
CA LEU A 95 -6.98 28.85 52.21
C LEU A 95 -7.76 30.09 51.76
N GLN A 96 -8.19 30.10 50.49
CA GLN A 96 -8.98 31.24 50.00
C GLN A 96 -10.34 31.29 50.68
N LEU A 97 -10.96 30.12 50.92
CA LEU A 97 -12.24 30.10 51.62
C LEU A 97 -12.08 30.59 53.06
N GLN A 98 -11.00 30.20 53.72
CA GLN A 98 -10.75 30.67 55.08
C GLN A 98 -10.49 32.17 55.11
N ALA A 99 -9.80 32.69 54.09
CA ALA A 99 -9.55 34.13 54.03
C ALA A 99 -10.83 34.90 53.74
N LEU A 100 -11.75 34.31 52.96
CA LEU A 100 -13.01 35.00 52.66
C LEU A 100 -13.98 34.94 53.83
N GLN A 101 -13.98 33.84 54.58
CA GLN A 101 -14.91 33.71 55.71
C GLN A 101 -14.60 34.68 56.83
N GLN A 102 -13.36 35.18 56.91
CA GLN A 102 -13.00 36.15 57.95
C GLN A 102 -13.67 37.48 57.66
N ASN A 103 -14.72 37.81 58.42
CA ASN A 103 -15.45 39.05 58.22
C ASN A 103 -14.65 40.27 58.63
N GLY A 104 -13.67 40.11 59.52
CA GLY A 104 -12.88 41.25 59.95
C GLY A 104 -13.66 42.13 60.92
N SER A 105 -13.52 43.44 60.74
CA SER A 105 -14.20 44.40 61.60
C SER A 105 -15.65 44.62 61.22
N SER A 106 -16.10 44.08 60.08
CA SER A 106 -17.47 44.24 59.63
C SER A 106 -18.45 43.32 60.34
N VAL A 107 -17.97 42.42 61.20
CA VAL A 107 -18.87 41.50 61.90
C VAL A 107 -19.48 42.15 63.13
N LEU A 108 -18.86 43.21 63.67
CA LEU A 108 -19.39 43.86 64.85
C LEU A 108 -20.63 44.69 64.49
N SER A 109 -21.29 45.19 65.54
CA SER A 109 -22.47 46.02 65.33
C SER A 109 -22.07 47.40 64.82
N GLU A 110 -23.08 48.22 64.53
CA GLU A 110 -22.83 49.55 63.99
C GLU A 110 -22.24 50.48 65.06
N ASP A 111 -22.80 50.44 66.27
CA ASP A 111 -22.34 51.31 67.34
C ASP A 111 -20.90 50.99 67.74
N LYS A 112 -20.58 49.69 67.89
CA LYS A 112 -19.23 49.31 68.28
C LYS A 112 -18.24 49.66 67.18
N SER A 113 -18.62 49.47 65.92
CA SER A 113 -17.72 49.82 64.81
C SER A 113 -17.47 51.33 64.77
N LYS A 114 -18.53 52.12 64.95
CA LYS A 114 -18.37 53.57 64.97
C LYS A 114 -17.48 54.01 66.14
N ARG A 115 -17.66 53.39 67.31
CA ARG A 115 -16.83 53.74 68.46
C ARG A 115 -15.37 53.39 68.21
N LEU A 116 -15.12 52.20 67.62
CA LEU A 116 -13.75 51.80 67.32
C LEU A 116 -13.12 52.75 66.30
N ASN A 117 -13.87 53.13 65.28
CA ASN A 117 -13.33 54.06 64.28
C ASN A 117 -13.05 55.42 64.89
N THR A 118 -13.93 55.88 65.80
CA THR A 118 -13.70 57.16 66.46
C THR A 118 -12.45 57.11 67.34
N ILE A 119 -12.27 56.00 68.07
CA ILE A 119 -11.07 55.87 68.90
C ILE A 119 -9.81 55.83 68.05
N LEU A 120 -9.86 55.11 66.93
CA LEU A 120 -8.70 55.05 66.04
C LEU A 120 -8.37 56.43 65.47
N ASN A 121 -9.40 57.16 65.03
CA ASN A 121 -9.17 58.50 64.49
C ASN A 121 -8.63 59.45 65.56
N THR A 122 -9.14 59.35 66.79
CA THR A 122 -8.65 60.20 67.86
C THR A 122 -7.18 59.90 68.18
N MET A 123 -6.83 58.61 68.25
CA MET A 123 -5.43 58.26 68.52
C MET A 123 -4.53 58.70 67.38
N SER A 124 -5.01 58.58 66.14
CA SER A 124 -4.20 59.02 65.00
C SER A 124 -3.99 60.52 65.01
N THR A 125 -5.03 61.29 65.37
CA THR A 125 -4.89 62.73 65.44
C THR A 125 -3.99 63.15 66.59
N ILE A 126 -4.03 62.42 67.70
CA ILE A 126 -3.15 62.72 68.83
C ILE A 126 -1.70 62.44 68.47
N TYR A 127 -1.46 61.32 67.77
CA TYR A 127 -0.09 60.98 67.40
C TYR A 127 0.44 61.91 66.32
N SER A 128 -0.42 62.36 65.40
CA SER A 128 0.03 63.21 64.32
C SER A 128 0.27 64.65 64.78
N THR A 129 -0.54 65.12 65.73
CA THR A 129 -0.42 66.48 66.25
C THR A 129 0.54 66.59 67.43
N GLY A 130 1.49 65.67 67.55
CA GLY A 130 2.46 65.76 68.61
C GLY A 130 3.35 66.97 68.44
N LYS A 131 3.36 67.82 69.47
CA LYS A 131 4.11 69.08 69.41
C LYS A 131 4.82 69.29 70.73
N VAL A 132 5.99 69.92 70.66
CA VAL A 132 6.81 70.21 71.83
C VAL A 132 7.00 71.71 71.91
N CYS A 133 6.57 72.31 73.02
CA CYS A 133 6.67 73.74 73.23
C CYS A 133 7.66 74.05 74.35
N ASN A 134 8.25 75.24 74.28
CA ASN A 134 9.21 75.66 75.28
C ASN A 134 8.49 76.12 76.55
N PRO A 135 9.09 75.89 77.72
CA PRO A 135 8.44 76.32 78.96
C PRO A 135 8.41 77.84 79.12
N ASP A 136 9.40 78.55 78.60
CA ASP A 136 9.41 80.01 78.71
C ASP A 136 8.44 80.65 77.73
N ASN A 137 8.31 80.08 76.54
CA ASN A 137 7.41 80.60 75.50
C ASN A 137 6.38 79.53 75.14
N PRO A 138 5.16 79.59 75.68
CA PRO A 138 4.16 78.57 75.34
C PRO A 138 3.74 78.61 73.87
N GLN A 139 3.88 79.75 73.20
CA GLN A 139 3.49 79.86 71.80
C GLN A 139 4.56 79.31 70.86
N GLU A 140 5.82 79.27 71.29
CA GLU A 140 6.90 78.73 70.47
C GLU A 140 6.92 77.21 70.61
N CYS A 141 6.50 76.51 69.57
CA CYS A 141 6.42 75.06 69.57
C CYS A 141 7.08 74.52 68.31
N LEU A 142 7.35 73.21 68.33
CA LEU A 142 7.97 72.51 67.21
C LEU A 142 7.20 71.23 66.93
N LEU A 143 7.56 70.58 65.83
CA LEU A 143 6.94 69.32 65.42
C LEU A 143 7.99 68.21 65.42
N LEU A 144 7.51 66.97 65.24
CA LEU A 144 8.34 65.80 65.43
C LEU A 144 9.49 65.74 64.43
N GLU A 145 9.16 65.62 63.14
CA GLU A 145 10.16 65.22 62.15
C GLU A 145 11.34 66.19 62.04
N PRO A 146 11.14 67.48 61.79
CA PRO A 146 12.33 68.33 61.56
C PRO A 146 13.10 68.65 62.84
N GLY A 147 12.42 68.84 63.96
CA GLY A 147 13.09 69.28 65.16
C GLY A 147 13.46 68.18 66.14
N LEU A 148 12.50 67.32 66.49
CA LEU A 148 12.74 66.33 67.54
C LEU A 148 13.74 65.27 67.08
N ASN A 149 13.61 64.80 65.84
CA ASN A 149 14.58 63.82 65.33
C ASN A 149 15.97 64.43 65.22
N GLU A 150 16.05 65.69 64.80
CA GLU A 150 17.36 66.35 64.70
C GLU A 150 17.99 66.53 66.07
N ILE A 151 17.17 66.82 67.09
CA ILE A 151 17.71 66.97 68.44
C ILE A 151 18.15 65.62 69.00
N MET A 152 17.35 64.57 68.78
CA MET A 152 17.69 63.26 69.31
C MET A 152 18.80 62.58 68.53
N ALA A 153 19.13 63.07 67.34
CA ALA A 153 20.13 62.44 66.48
C ALA A 153 21.40 63.27 66.31
N ASN A 154 21.28 64.58 66.18
CA ASN A 154 22.42 65.45 65.85
C ASN A 154 22.55 66.57 66.87
N SER A 155 22.50 66.22 68.16
CA SER A 155 22.72 67.19 69.23
C SER A 155 23.46 66.51 70.36
N LEU A 156 24.35 67.27 71.01
CA LEU A 156 25.16 66.78 72.10
C LEU A 156 24.85 67.47 73.43
N ASP A 157 23.65 68.03 73.56
CA ASP A 157 23.25 68.74 74.77
C ASP A 157 22.38 67.83 75.62
N TYR A 158 22.73 67.72 76.91
CA TYR A 158 21.97 66.86 77.81
C TYR A 158 20.62 67.47 78.17
N ASN A 159 20.52 68.80 78.17
CA ASN A 159 19.28 69.45 78.58
C ASN A 159 18.22 69.41 77.49
N GLU A 160 18.61 69.75 76.25
CA GLU A 160 17.63 69.85 75.17
C GLU A 160 17.04 68.48 74.83
N ARG A 161 17.88 67.46 74.72
CA ARG A 161 17.39 66.13 74.36
C ARG A 161 16.47 65.58 75.44
N LEU A 162 16.87 65.69 76.71
CA LEU A 162 16.04 65.21 77.81
C LEU A 162 14.73 65.97 77.88
N TRP A 163 14.78 67.29 77.68
CA TRP A 163 13.56 68.09 77.70
C TRP A 163 12.61 67.69 76.58
N ALA A 164 13.14 67.50 75.36
CA ALA A 164 12.29 67.09 74.25
C ALA A 164 11.70 65.71 74.48
N TRP A 165 12.49 64.79 75.02
CA TRP A 165 11.98 63.44 75.29
C TRP A 165 10.90 63.47 76.36
N GLU A 166 11.10 64.26 77.42
CA GLU A 166 10.08 64.37 78.46
C GLU A 166 8.81 65.00 77.93
N SER A 167 8.94 66.01 77.07
CA SER A 167 7.76 66.65 76.49
C SER A 167 7.00 65.68 75.60
N TRP A 168 7.72 64.92 74.77
CA TRP A 168 7.06 63.95 73.90
C TRP A 168 6.42 62.82 74.69
N ARG A 169 7.01 62.44 75.83
CA ARG A 169 6.41 61.41 76.67
C ARG A 169 5.22 61.95 77.46
N SER A 170 5.19 63.25 77.73
CA SER A 170 4.07 63.83 78.47
C SER A 170 2.90 64.17 77.54
N GLU A 171 3.16 64.43 76.26
CA GLU A 171 2.08 64.72 75.32
C GLU A 171 1.16 63.51 75.16
N VAL A 172 1.71 62.39 74.72
CA VAL A 172 0.95 61.15 74.59
C VAL A 172 1.05 60.41 75.92
N GLY A 173 -0.09 60.14 76.55
CA GLY A 173 -0.10 59.57 77.87
C GLY A 173 -1.48 59.39 78.47
N LYS A 174 -1.65 59.86 79.71
CA LYS A 174 -2.89 59.72 80.46
C LYS A 174 -4.12 60.15 79.69
N GLN A 175 -3.96 61.10 78.75
CA GLN A 175 -5.06 61.55 77.92
C GLN A 175 -5.37 60.59 76.77
N LEU A 176 -4.79 59.39 76.77
CA LEU A 176 -5.02 58.42 75.72
C LEU A 176 -5.32 57.02 76.23
N ARG A 177 -4.95 56.69 77.46
CA ARG A 177 -5.16 55.36 78.04
C ARG A 177 -6.63 54.99 78.20
N PRO A 178 -7.51 55.90 78.64
CA PRO A 178 -8.94 55.55 78.69
C PRO A 178 -9.52 55.14 77.34
N LEU A 179 -8.98 55.66 76.24
CA LEU A 179 -9.41 55.23 74.92
C LEU A 179 -8.66 53.98 74.45
N TYR A 180 -7.40 53.83 74.84
CA TYR A 180 -6.62 52.67 74.44
C TYR A 180 -7.16 51.39 75.08
N GLU A 181 -7.61 51.48 76.33
CA GLU A 181 -8.18 50.29 76.97
C GLU A 181 -9.47 49.87 76.28
N GLU A 182 -10.32 50.83 75.91
CA GLU A 182 -11.54 50.50 75.19
C GLU A 182 -11.23 49.95 73.80
N TYR A 183 -10.18 50.47 73.16
CA TYR A 183 -9.75 49.92 71.87
C TYR A 183 -9.30 48.48 72.02
N VAL A 184 -8.54 48.17 73.07
CA VAL A 184 -8.10 46.79 73.30
C VAL A 184 -9.30 45.89 73.58
N VAL A 185 -10.27 46.38 74.36
CA VAL A 185 -11.46 45.59 74.64
C VAL A 185 -12.24 45.30 73.35
N LEU A 186 -12.39 46.32 72.50
CA LEU A 186 -13.10 46.13 71.24
C LEU A 186 -12.36 45.17 70.32
N LYS A 187 -11.03 45.23 70.30
CA LYS A 187 -10.26 44.30 69.49
C LYS A 187 -10.38 42.87 70.01
N ASN A 188 -10.41 42.71 71.34
CA ASN A 188 -10.61 41.38 71.91
C ASN A 188 -11.98 40.84 71.58
N GLU A 189 -13.01 41.70 71.62
CA GLU A 189 -14.35 41.27 71.25
C GLU A 189 -14.41 40.89 69.77
N MET A 190 -13.74 41.65 68.91
CA MET A 190 -13.71 41.32 67.49
C MET A 190 -13.00 39.99 67.25
N ALA A 191 -11.90 39.75 67.97
CA ALA A 191 -11.19 38.48 67.81
C ALA A 191 -12.03 37.32 68.30
N ARG A 192 -12.73 37.49 69.41
CA ARG A 192 -13.62 36.43 69.90
C ARG A 192 -14.80 36.21 68.97
N ALA A 193 -15.20 37.25 68.22
CA ALA A 193 -16.28 37.09 67.25
C ALA A 193 -15.82 36.35 66.01
N ASN A 194 -14.52 36.35 65.71
CA ASN A 194 -13.97 35.67 64.54
C ASN A 194 -13.37 34.31 64.88
N HIS A 195 -13.88 33.66 65.92
CA HIS A 195 -13.44 32.32 66.32
C HIS A 195 -11.96 32.32 66.72
N TYR A 196 -11.57 33.29 67.55
CA TYR A 196 -10.23 33.35 68.10
C TYR A 196 -10.31 33.60 69.60
N GLU A 197 -9.25 33.21 70.31
CA GLU A 197 -9.22 33.40 71.77
C GLU A 197 -8.99 34.86 72.12
N ASP A 198 -8.08 35.53 71.41
CA ASP A 198 -7.79 36.93 71.66
C ASP A 198 -7.15 37.53 70.42
N TYR A 199 -6.83 38.82 70.50
CA TYR A 199 -6.25 39.52 69.35
C TYR A 199 -4.85 39.01 69.03
N GLY A 200 -4.12 38.53 70.04
CA GLY A 200 -2.80 37.97 69.78
C GLY A 200 -2.87 36.73 68.93
N ASP A 201 -3.82 35.83 69.23
CA ASP A 201 -4.01 34.66 68.39
C ASP A 201 -4.53 35.03 67.02
N TYR A 202 -5.28 36.13 66.92
CA TYR A 202 -5.75 36.60 65.62
C TYR A 202 -4.59 37.09 64.76
N TRP A 203 -3.62 37.78 65.37
CA TRP A 203 -2.45 38.22 64.62
C TRP A 203 -1.52 37.06 64.30
N ARG A 204 -1.40 36.10 65.21
CA ARG A 204 -0.57 34.92 64.98
C ARG A 204 -1.28 33.85 64.15
N GLY A 205 -2.47 34.13 63.63
CA GLY A 205 -3.18 33.14 62.84
C GLY A 205 -2.50 32.85 61.51
N ASP A 206 -1.73 33.81 60.99
CA ASP A 206 -1.02 33.60 59.74
C ASP A 206 0.15 32.63 59.90
N TYR A 207 0.68 32.48 61.11
CA TYR A 207 1.80 31.57 61.35
C TYR A 207 1.34 30.14 61.58
N GLU A 208 0.07 29.93 61.91
CA GLU A 208 -0.44 28.60 62.19
C GLU A 208 -0.75 27.87 60.89
N VAL A 209 -0.28 26.62 60.78
CA VAL A 209 -0.48 25.79 59.59
C VAL A 209 -1.05 24.46 60.04
N ASN A 210 -2.12 24.02 59.37
CA ASN A 210 -2.76 22.75 59.69
C ASN A 210 -3.12 22.03 58.40
N GLY A 211 -3.20 20.71 58.48
CA GLY A 211 -3.57 19.89 57.34
C GLY A 211 -2.46 19.57 56.37
N VAL A 212 -1.21 19.77 56.75
CA VAL A 212 -0.06 19.47 55.90
C VAL A 212 0.80 18.43 56.62
N ASP A 213 1.17 17.38 55.90
CA ASP A 213 1.96 16.30 56.47
C ASP A 213 3.39 16.77 56.73
N GLY A 214 3.74 16.93 57.99
CA GLY A 214 5.10 17.30 58.34
C GLY A 214 5.39 18.78 58.29
N TYR A 215 4.37 19.63 58.23
CA TYR A 215 4.59 21.07 58.18
C TYR A 215 3.64 21.85 59.09
N ASP A 216 3.08 21.20 60.11
CA ASP A 216 2.19 21.88 61.03
C ASP A 216 2.97 22.88 61.88
N TYR A 217 2.28 23.95 62.29
CA TYR A 217 2.90 24.98 63.10
C TYR A 217 1.85 25.55 64.03
N SER A 218 2.25 25.83 65.28
CA SER A 218 1.36 26.35 66.29
C SER A 218 1.80 27.75 66.72
N ARG A 219 0.88 28.45 67.38
CA ARG A 219 1.18 29.81 67.85
C ARG A 219 2.20 29.79 68.98
N GLY A 220 2.16 28.78 69.85
CA GLY A 220 3.13 28.70 70.92
C GLY A 220 4.51 28.31 70.44
N GLN A 221 4.59 27.55 69.34
CA GLN A 221 5.89 27.21 68.78
C GLN A 221 6.62 28.44 68.29
N LEU A 222 5.89 29.41 67.72
CA LEU A 222 6.50 30.66 67.29
C LEU A 222 7.08 31.42 68.47
N ILE A 223 6.34 31.48 69.57
CA ILE A 223 6.83 32.17 70.76
C ILE A 223 8.06 31.48 71.32
N GLU A 224 8.04 30.14 71.34
CA GLU A 224 9.20 29.39 71.83
C GLU A 224 10.42 29.63 70.95
N ASP A 225 10.23 29.65 69.63
CA ASP A 225 11.36 29.89 68.74
C ASP A 225 11.90 31.31 68.89
N VAL A 226 11.01 32.29 69.05
CA VAL A 226 11.45 33.67 69.25
C VAL A 226 12.24 33.79 70.56
N GLU A 227 11.75 33.14 71.63
CA GLU A 227 12.47 33.18 72.89
C GLU A 227 13.83 32.50 72.80
N HIS A 228 13.90 31.38 72.06
CA HIS A 228 15.18 30.69 71.90
C HIS A 228 16.17 31.54 71.11
N THR A 229 15.70 32.18 70.03
CA THR A 229 16.57 33.05 69.27
C THR A 229 17.04 34.24 70.10
N PHE A 230 16.15 34.79 70.93
CA PHE A 230 16.54 35.88 71.81
C PHE A 230 17.60 35.44 72.82
N GLU A 231 17.41 34.25 73.39
CA GLU A 231 18.40 33.75 74.36
C GLU A 231 19.74 33.47 73.68
N GLU A 232 19.73 33.05 72.42
CA GLU A 232 20.99 32.82 71.72
C GLU A 232 21.66 34.12 71.30
N ILE A 233 20.88 35.16 71.00
CA ILE A 233 21.46 36.45 70.66
C ILE A 233 21.93 37.21 71.89
N LYS A 234 21.35 36.93 73.07
CA LYS A 234 21.65 37.63 74.32
C LYS A 234 23.13 37.93 74.56
N PRO A 235 24.09 37.01 74.34
CA PRO A 235 25.50 37.40 74.53
C PRO A 235 25.95 38.48 73.57
N LEU A 236 25.59 38.38 72.29
CA LEU A 236 26.00 39.39 71.31
C LEU A 236 25.40 40.75 71.64
N TYR A 237 24.10 40.77 71.96
CA TYR A 237 23.46 42.04 72.31
C TYR A 237 24.04 42.61 73.61
N GLU A 238 24.39 41.75 74.56
CA GLU A 238 24.99 42.22 75.80
C GLU A 238 26.35 42.86 75.54
N HIS A 239 27.18 42.21 74.71
CA HIS A 239 28.47 42.79 74.36
C HIS A 239 28.30 44.10 73.60
N LEU A 240 27.33 44.17 72.69
CA LEU A 240 27.09 45.40 71.95
C LEU A 240 26.66 46.52 72.88
N HIS A 241 25.76 46.23 73.83
CA HIS A 241 25.31 47.23 74.77
C HIS A 241 26.45 47.70 75.67
N ALA A 242 27.30 46.77 76.10
CA ALA A 242 28.46 47.14 76.91
C ALA A 242 29.40 48.05 76.14
N TYR A 243 29.64 47.74 74.85
CA TYR A 243 30.49 48.58 74.04
C TYR A 243 29.89 49.97 73.84
N VAL A 244 28.58 50.03 73.57
CA VAL A 244 27.92 51.32 73.39
C VAL A 244 27.99 52.14 74.68
N ARG A 245 27.82 51.49 75.82
CA ARG A 245 27.91 52.19 77.10
C ARG A 245 29.32 52.71 77.35
N ALA A 246 30.33 51.89 77.06
CA ALA A 246 31.71 52.32 77.24
C ALA A 246 32.08 53.46 76.30
N LYS A 247 31.50 53.48 75.10
CA LYS A 247 31.77 54.56 74.17
C LYS A 247 31.06 55.85 74.54
N LEU A 248 29.81 55.74 75.02
CA LEU A 248 29.05 56.93 75.40
C LEU A 248 29.44 57.46 76.78
N MET A 249 30.16 56.67 77.58
CA MET A 249 30.59 57.15 78.89
C MET A 249 31.57 58.31 78.77
N ASN A 250 32.40 58.32 77.73
CA ASN A 250 33.35 59.40 77.55
C ASN A 250 32.70 60.64 76.95
N ALA A 251 31.63 60.47 76.17
CA ALA A 251 30.96 61.62 75.55
C ALA A 251 30.06 62.35 76.54
N TYR A 252 29.50 61.64 77.51
CA TYR A 252 28.62 62.24 78.53
C TYR A 252 29.15 61.87 79.91
N PRO A 253 30.09 62.65 80.43
CA PRO A 253 30.62 62.34 81.76
C PRO A 253 29.60 62.64 82.86
N SER A 254 29.64 61.82 83.91
CA SER A 254 28.76 61.92 85.08
C SER A 254 27.29 61.69 84.74
N TYR A 255 26.99 61.20 83.54
CA TYR A 255 25.61 60.87 83.16
C TYR A 255 25.45 59.40 82.84
N ILE A 256 26.37 58.81 82.07
CA ILE A 256 26.31 57.40 81.74
C ILE A 256 26.86 56.59 82.91
N SER A 257 26.03 55.71 83.46
CA SER A 257 26.47 54.90 84.58
C SER A 257 27.42 53.80 84.10
N PRO A 258 28.49 53.51 84.85
CA PRO A 258 29.41 52.46 84.41
C PRO A 258 28.83 51.06 84.51
N ILE A 259 27.94 50.81 85.47
CA ILE A 259 27.32 49.50 85.64
C ILE A 259 25.81 49.54 85.51
N GLY A 260 25.19 50.73 85.49
CA GLY A 260 23.76 50.84 85.39
C GLY A 260 23.28 50.86 83.95
N CYS A 261 21.96 50.98 83.80
CA CYS A 261 21.33 51.02 82.49
C CYS A 261 21.55 52.38 81.83
N LEU A 262 21.30 52.42 80.52
CA LEU A 262 21.46 53.65 79.75
C LEU A 262 20.14 54.43 79.71
N PRO A 263 20.21 55.76 79.74
CA PRO A 263 18.98 56.56 79.66
C PRO A 263 18.36 56.47 78.27
N ALA A 264 17.05 56.75 78.23
CA ALA A 264 16.31 56.64 76.98
C ALA A 264 16.62 57.79 76.02
N HIS A 265 16.85 58.99 76.56
CA HIS A 265 17.07 60.15 75.71
C HIS A 265 18.47 60.17 75.08
N LEU A 266 19.38 59.33 75.56
CA LEU A 266 20.73 59.25 74.99
C LEU A 266 20.91 58.05 74.08
N LEU A 267 19.82 57.35 73.73
CA LEU A 267 19.91 56.21 72.83
C LEU A 267 19.96 56.61 71.36
N GLY A 268 19.78 57.89 71.04
CA GLY A 268 19.78 58.34 69.67
C GLY A 268 18.46 58.17 68.94
N ASP A 269 17.39 57.84 69.66
CA ASP A 269 16.09 57.65 69.04
C ASP A 269 15.02 58.13 70.00
N MET A 270 13.88 58.56 69.45
CA MET A 270 12.78 59.04 70.28
C MET A 270 12.23 57.93 71.17
N TRP A 271 12.21 56.70 70.69
CA TRP A 271 11.72 55.57 71.45
C TRP A 271 12.78 54.51 71.74
N GLY A 272 14.02 54.72 71.31
CA GLY A 272 15.06 53.73 71.50
C GLY A 272 15.02 52.57 70.53
N ARG A 273 14.45 52.77 69.34
CA ARG A 273 14.31 51.69 68.38
C ARG A 273 15.62 51.45 67.64
N PHE A 274 16.11 52.45 66.91
CA PHE A 274 17.34 52.33 66.14
C PHE A 274 18.49 53.01 66.86
N TRP A 275 19.67 52.42 66.72
CA TRP A 275 20.90 52.97 67.28
C TRP A 275 21.86 53.46 66.20
N THR A 276 21.35 53.71 64.99
CA THR A 276 22.22 54.16 63.90
C THR A 276 22.72 55.58 64.14
N ASN A 277 21.94 56.42 64.82
CA ASN A 277 22.35 57.79 65.08
C ASN A 277 23.58 57.87 65.99
N LEU A 278 23.86 56.83 66.76
CA LEU A 278 25.02 56.81 67.65
C LEU A 278 26.30 56.38 66.93
N TYR A 279 26.24 56.19 65.62
CA TYR A 279 27.43 55.78 64.88
C TYR A 279 28.47 56.90 64.82
N SER A 280 28.02 58.16 64.84
CA SER A 280 28.94 59.29 64.81
C SER A 280 29.77 59.39 66.09
N LEU A 281 29.28 58.85 67.20
CA LEU A 281 30.00 58.89 68.47
C LEU A 281 30.58 57.54 68.88
N THR A 282 30.15 56.44 68.26
CA THR A 282 30.64 55.12 68.62
C THR A 282 31.43 54.46 67.50
N VAL A 283 31.94 55.24 66.53
CA VAL A 283 32.70 54.64 65.44
C VAL A 283 34.11 54.31 65.92
N PRO A 284 34.60 53.09 65.72
CA PRO A 284 35.93 52.74 66.23
C PRO A 284 37.05 53.33 65.39
N PHE A 285 36.86 53.47 64.09
CA PHE A 285 37.91 53.89 63.16
C PHE A 285 37.46 55.09 62.34
N GLY A 286 36.92 56.10 63.02
CA GLY A 286 36.44 57.31 62.36
C GLY A 286 37.53 58.11 61.68
N GLN A 287 38.79 57.73 61.82
CA GLN A 287 39.87 58.45 61.15
C GLN A 287 39.80 58.33 59.63
N LYS A 288 39.11 57.31 59.11
CA LYS A 288 38.96 57.12 57.69
C LYS A 288 37.48 57.09 57.32
N PRO A 289 37.09 57.75 56.22
CA PRO A 289 35.67 57.76 55.84
C PRO A 289 35.19 56.37 55.43
N ASN A 290 33.90 56.13 55.65
CA ASN A 290 33.29 54.87 55.29
C ASN A 290 33.08 54.78 53.78
N ILE A 291 32.90 53.56 53.29
CA ILE A 291 32.67 53.32 51.86
C ILE A 291 31.34 53.97 51.48
N ASP A 292 31.40 54.99 50.63
CA ASP A 292 30.20 55.70 50.18
C ASP A 292 30.37 56.06 48.71
N VAL A 293 29.38 55.70 47.90
CA VAL A 293 29.42 55.97 46.47
C VAL A 293 28.66 57.24 46.12
N THR A 294 28.35 58.09 47.11
CA THR A 294 27.65 59.33 46.85
C THR A 294 28.54 60.31 46.08
N ASP A 295 29.78 60.50 46.54
CA ASP A 295 30.69 61.40 45.85
C ASP A 295 31.00 60.92 44.44
N ALA A 296 31.07 59.60 44.24
CA ALA A 296 31.32 59.07 42.90
C ALA A 296 30.17 59.42 41.96
N MET A 297 28.92 59.25 42.42
CA MET A 297 27.77 59.59 41.58
C MET A 297 27.67 61.09 41.37
N VAL A 298 28.11 61.90 42.33
CA VAL A 298 28.10 63.35 42.15
C VAL A 298 29.13 63.76 41.11
N ASP A 299 30.32 63.15 41.15
CA ASP A 299 31.36 63.49 40.19
C ASP A 299 30.99 62.99 38.79
N GLN A 300 30.38 61.81 38.69
CA GLN A 300 29.97 61.27 37.40
C GLN A 300 28.66 61.86 36.90
N ALA A 301 27.99 62.68 37.71
CA ALA A 301 26.75 63.36 37.32
C ALA A 301 25.67 62.37 36.90
N TRP A 302 25.44 61.37 37.75
CA TRP A 302 24.39 60.40 37.51
C TRP A 302 23.03 60.96 37.94
N ASP A 303 21.98 60.19 37.67
CA ASP A 303 20.62 60.57 38.03
C ASP A 303 19.86 59.33 38.46
N ALA A 304 18.57 59.51 38.74
CA ALA A 304 17.73 58.38 39.17
C ALA A 304 17.54 57.39 38.03
N GLN A 305 17.49 57.86 36.78
CA GLN A 305 17.31 56.96 35.65
C GLN A 305 18.47 55.98 35.52
N ARG A 306 19.70 56.47 35.68
CA ARG A 306 20.86 55.59 35.61
C ARG A 306 20.85 54.59 36.76
N ILE A 307 20.45 55.03 37.95
CA ILE A 307 20.38 54.13 39.11
C ILE A 307 19.37 53.02 38.84
N PHE A 308 18.18 53.38 38.33
CA PHE A 308 17.17 52.37 38.04
C PHE A 308 17.61 51.43 36.92
N LYS A 309 18.33 51.95 35.92
CA LYS A 309 18.83 51.09 34.85
C LYS A 309 19.86 50.10 35.38
N GLU A 310 20.77 50.57 36.24
CA GLU A 310 21.75 49.67 36.85
C GLU A 310 21.08 48.63 37.72
N ALA A 311 20.04 49.02 38.46
CA ALA A 311 19.30 48.06 39.28
C ALA A 311 18.59 47.03 38.41
N GLU A 312 18.00 47.47 37.30
CA GLU A 312 17.35 46.54 36.39
C GLU A 312 18.34 45.56 35.79
N LYS A 313 19.52 46.05 35.40
CA LYS A 313 20.55 45.15 34.87
C LYS A 313 21.02 44.16 35.92
N PHE A 314 21.13 44.62 37.18
CA PHE A 314 21.51 43.72 38.26
C PHE A 314 20.47 42.64 38.48
N PHE A 315 19.19 43.01 38.44
CA PHE A 315 18.13 42.03 38.66
C PHE A 315 17.99 41.09 37.47
N VAL A 316 18.32 41.54 36.26
CA VAL A 316 18.26 40.66 35.10
C VAL A 316 19.46 39.71 35.06
N SER A 317 20.63 40.17 35.53
CA SER A 317 21.83 39.34 35.48
C SER A 317 21.71 38.09 36.33
N VAL A 318 20.82 38.07 37.33
CA VAL A 318 20.66 36.90 38.18
C VAL A 318 19.58 35.95 37.67
N GLY A 319 18.94 36.25 36.55
CA GLY A 319 17.94 35.39 35.97
C GLY A 319 16.50 35.83 36.14
N LEU A 320 16.26 37.03 36.67
CA LEU A 320 14.88 37.49 36.83
C LEU A 320 14.42 38.23 35.58
N PRO A 321 13.13 38.16 35.26
CA PRO A 321 12.62 38.87 34.09
C PRO A 321 12.80 40.37 34.22
N ASN A 322 12.92 41.03 33.07
CA ASN A 322 13.12 42.48 33.05
C ASN A 322 11.82 43.20 33.40
N MET A 323 11.94 44.51 33.57
CA MET A 323 10.78 45.33 33.92
C MET A 323 9.87 45.51 32.70
N THR A 324 8.58 45.69 32.98
CA THR A 324 7.60 45.87 31.93
C THR A 324 7.67 47.30 31.36
N GLN A 325 7.03 47.48 30.21
CA GLN A 325 7.00 48.80 29.58
C GLN A 325 6.13 49.77 30.35
N GLY A 326 4.97 49.29 30.84
CA GLY A 326 4.11 50.15 31.65
C GLY A 326 4.78 50.63 32.92
N PHE A 327 5.71 49.86 33.45
CA PHE A 327 6.48 50.30 34.62
C PHE A 327 7.25 51.58 34.30
N TRP A 328 8.05 51.56 33.23
CA TRP A 328 8.82 52.74 32.87
C TRP A 328 7.95 53.85 32.30
N GLU A 329 6.75 53.54 31.82
CA GLU A 329 5.86 54.55 31.27
C GLU A 329 4.91 55.17 32.29
N ASN A 330 4.81 54.60 33.49
CA ASN A 330 3.89 55.10 34.49
C ASN A 330 4.53 55.42 35.84
N SER A 331 5.72 54.91 36.15
CA SER A 331 6.34 55.18 37.44
C SER A 331 6.89 56.59 37.49
N MET A 332 6.69 57.26 38.63
CA MET A 332 7.21 58.60 38.84
C MET A 332 8.54 58.49 39.59
N LEU A 333 9.60 58.26 38.82
CA LEU A 333 10.93 58.09 39.37
C LEU A 333 11.67 59.40 39.55
N THR A 334 11.01 60.54 39.36
CA THR A 334 11.63 61.84 39.50
C THR A 334 10.63 62.81 40.13
N ASP A 335 11.12 63.62 41.05
CA ASP A 335 10.27 64.60 41.73
C ASP A 335 9.76 65.63 40.71
N PRO A 336 8.46 65.73 40.50
CA PRO A 336 7.94 66.70 39.52
C PRO A 336 8.06 68.15 39.96
N GLY A 337 8.29 68.40 41.25
CA GLY A 337 8.43 69.76 41.74
C GLY A 337 7.16 70.34 42.33
N ASN A 338 6.98 71.64 42.20
CA ASN A 338 5.81 72.32 42.74
C ASN A 338 4.56 72.12 41.90
N VAL A 339 4.70 71.66 40.65
CA VAL A 339 3.53 71.48 39.78
C VAL A 339 2.62 70.38 40.28
N GLN A 340 3.13 69.44 41.09
CA GLN A 340 2.34 68.36 41.64
C GLN A 340 2.69 68.17 43.11
N LYS A 341 1.66 67.99 43.94
CA LYS A 341 1.84 67.81 45.38
C LYS A 341 2.12 66.34 45.70
N ALA A 342 3.26 65.87 45.20
CA ALA A 342 3.67 64.48 45.43
C ALA A 342 4.32 64.34 46.80
N VAL A 343 4.15 63.17 47.39
CA VAL A 343 4.71 62.84 48.70
C VAL A 343 5.94 61.98 48.49
N CYS A 344 7.09 62.46 48.95
CA CYS A 344 8.35 61.74 48.81
C CYS A 344 8.45 60.66 49.91
N HIS A 345 7.64 59.62 49.73
CA HIS A 345 7.60 58.48 50.64
C HIS A 345 7.79 57.20 49.84
N PRO A 346 8.99 56.63 49.83
CA PRO A 346 9.24 55.43 49.01
C PRO A 346 8.50 54.21 49.53
N THR A 347 7.48 53.76 48.79
CA THR A 347 6.72 52.58 49.15
C THR A 347 6.44 51.78 47.89
N ALA A 348 6.26 50.47 48.08
CA ALA A 348 5.96 49.58 46.96
C ALA A 348 4.50 49.70 46.55
N TRP A 349 4.27 49.89 45.26
CA TRP A 349 2.94 50.02 44.69
C TRP A 349 2.68 48.87 43.73
N ASP A 350 1.56 48.18 43.92
CA ASP A 350 1.16 47.06 43.07
C ASP A 350 -0.31 47.25 42.73
N LEU A 351 -0.57 47.93 41.61
CA LEU A 351 -1.94 48.18 41.18
C LEU A 351 -2.61 46.92 40.65
N GLY A 352 -1.84 45.92 40.23
CA GLY A 352 -2.39 44.70 39.71
C GLY A 352 -2.55 44.71 38.20
N LYS A 353 -2.72 43.51 37.64
CA LYS A 353 -2.91 43.32 36.20
C LYS A 353 -1.74 43.89 35.40
N GLY A 354 -0.52 43.72 35.93
CA GLY A 354 0.67 44.15 35.25
C GLY A 354 1.02 45.61 35.40
N ASP A 355 0.27 46.36 36.22
CA ASP A 355 0.53 47.78 36.40
C ASP A 355 1.33 47.99 37.69
N PHE A 356 2.64 47.79 37.56
CA PHE A 356 3.57 47.97 38.67
C PHE A 356 4.22 49.34 38.58
N ARG A 357 4.14 50.11 39.66
CA ARG A 357 4.68 51.46 39.71
C ARG A 357 5.50 51.65 40.98
N ILE A 358 6.37 52.66 40.96
CA ILE A 358 7.21 53.01 42.09
C ILE A 358 7.18 54.52 42.27
N LEU A 359 6.86 54.96 43.48
CA LEU A 359 6.80 56.38 43.82
C LEU A 359 7.94 56.66 44.81
N MET A 360 8.95 57.40 44.35
CA MET A 360 10.11 57.70 45.18
C MET A 360 10.85 58.89 44.59
N CYS A 361 11.25 59.82 45.45
CA CYS A 361 12.05 60.97 45.03
C CYS A 361 13.53 60.63 45.17
N THR A 362 13.99 59.80 44.23
CA THR A 362 15.37 59.30 44.27
C THR A 362 16.36 60.41 43.94
N LYS A 363 17.41 60.49 44.74
CA LYS A 363 18.50 61.45 44.50
C LYS A 363 19.83 60.72 44.41
N VAL A 364 20.93 61.46 44.29
CA VAL A 364 22.25 60.85 44.12
C VAL A 364 22.82 60.65 45.52
N THR A 365 22.41 59.53 46.13
CA THR A 365 22.90 59.14 47.45
C THR A 365 22.90 57.62 47.54
N MET A 366 23.73 57.10 48.44
CA MET A 366 23.78 55.65 48.64
C MET A 366 22.53 55.14 49.33
N ASP A 367 21.97 55.92 50.26
CA ASP A 367 20.72 55.52 50.91
C ASP A 367 19.59 55.41 49.91
N ASP A 368 19.46 56.39 49.02
CA ASP A 368 18.45 56.31 47.97
C ASP A 368 18.73 55.15 47.02
N PHE A 369 20.00 54.83 46.78
CA PHE A 369 20.34 53.67 45.95
C PHE A 369 19.82 52.39 46.58
N LEU A 370 20.09 52.20 47.88
CA LEU A 370 19.62 51.01 48.57
C LEU A 370 18.10 50.97 48.64
N THR A 371 17.47 52.14 48.82
CA THR A 371 16.00 52.18 48.86
C THR A 371 15.40 51.82 47.51
N ALA A 372 15.99 52.31 46.41
CA ALA A 372 15.52 51.95 45.09
C ALA A 372 15.71 50.47 44.81
N HIS A 373 16.83 49.90 45.26
CA HIS A 373 17.03 48.45 45.11
C HIS A 373 16.00 47.67 45.91
N HIS A 374 15.67 48.15 47.12
CA HIS A 374 14.65 47.50 47.93
C HIS A 374 13.29 47.55 47.24
N GLU A 375 12.94 48.71 46.67
CA GLU A 375 11.66 48.85 45.98
C GLU A 375 11.61 47.97 44.73
N MET A 376 12.72 47.88 44.00
CA MET A 376 12.74 47.02 42.82
C MET A 376 12.65 45.55 43.21
N GLY A 377 13.26 45.16 44.33
CA GLY A 377 13.09 43.80 44.83
C GLY A 377 11.66 43.51 45.22
N HIS A 378 10.99 44.48 45.86
CA HIS A 378 9.57 44.31 46.17
C HIS A 378 8.74 44.16 44.91
N ILE A 379 9.04 44.95 43.88
CA ILE A 379 8.28 44.85 42.63
C ILE A 379 8.53 43.51 41.95
N GLN A 380 9.77 43.02 42.01
CA GLN A 380 10.08 41.71 41.44
C GLN A 380 9.35 40.60 42.19
N TYR A 381 9.26 40.72 43.52
CA TYR A 381 8.49 39.75 44.29
C TYR A 381 7.01 39.79 43.89
N ASP A 382 6.45 41.01 43.77
CA ASP A 382 5.06 41.15 43.37
C ASP A 382 4.81 40.51 42.01
N MET A 383 5.72 40.73 41.05
CA MET A 383 5.61 40.07 39.75
C MET A 383 5.80 38.57 39.85
N ALA A 384 6.56 38.10 40.85
CA ALA A 384 6.78 36.67 41.02
C ALA A 384 5.52 35.96 41.49
N TYR A 385 4.91 36.45 42.56
CA TYR A 385 3.68 35.83 43.07
C TYR A 385 2.42 36.34 42.37
N ALA A 386 2.58 37.00 41.21
CA ALA A 386 1.42 37.50 40.48
C ALA A 386 0.64 36.38 39.79
N ALA A 387 1.23 35.20 39.64
CA ALA A 387 0.54 34.09 38.98
C ALA A 387 -0.59 33.54 39.85
N GLN A 388 -0.46 33.66 41.17
CA GLN A 388 -1.50 33.19 42.07
C GLN A 388 -2.73 34.09 41.98
N PRO A 389 -3.90 33.58 42.35
CA PRO A 389 -5.10 34.42 42.35
C PRO A 389 -4.98 35.60 43.30
N PHE A 390 -5.95 36.52 43.19
CA PHE A 390 -5.90 37.75 43.98
C PHE A 390 -5.89 37.46 45.47
N LEU A 391 -6.62 36.41 45.89
CA LEU A 391 -6.63 36.04 47.30
C LEU A 391 -5.30 35.45 47.77
N LEU A 392 -4.37 35.20 46.85
CA LEU A 392 -3.06 34.66 47.20
C LEU A 392 -1.92 35.54 46.70
N ARG A 393 -2.22 36.74 46.19
CA ARG A 393 -1.18 37.66 45.70
C ARG A 393 -0.49 38.31 46.90
N ASN A 394 0.34 37.51 47.58
CA ASN A 394 1.09 37.97 48.74
C ASN A 394 2.19 36.97 49.02
N GLY A 395 3.23 37.44 49.71
CA GLY A 395 4.33 36.57 50.07
C GLY A 395 3.92 35.48 51.02
N ALA A 396 4.86 34.55 51.25
CA ALA A 396 4.60 33.43 52.15
C ALA A 396 4.30 33.90 53.57
N ASN A 397 4.82 35.06 53.95
CA ASN A 397 4.57 35.63 55.27
C ASN A 397 4.72 37.14 55.18
N GLU A 398 4.52 37.81 56.31
CA GLU A 398 4.62 39.27 56.34
C GLU A 398 6.05 39.76 56.41
N GLY A 399 7.04 38.88 56.25
CA GLY A 399 8.42 39.29 56.35
C GLY A 399 9.29 38.87 55.17
N PHE A 400 8.68 38.18 54.20
CA PHE A 400 9.45 37.72 53.04
C PHE A 400 9.83 38.89 52.13
N HIS A 401 8.92 39.84 51.95
CA HIS A 401 9.18 40.97 51.05
C HIS A 401 10.35 41.80 51.56
N GLU A 402 10.32 42.19 52.84
CA GLU A 402 11.39 42.99 53.40
C GLU A 402 12.70 42.21 53.44
N ALA A 403 12.63 40.90 53.68
CA ALA A 403 13.85 40.09 53.69
C ALA A 403 14.49 40.04 52.30
N VAL A 404 13.67 39.85 51.26
CA VAL A 404 14.20 39.84 49.90
C VAL A 404 14.78 41.21 49.55
N GLY A 405 14.09 42.28 49.93
CA GLY A 405 14.62 43.62 49.67
C GLY A 405 15.94 43.87 50.36
N GLU A 406 16.06 43.42 51.62
CA GLU A 406 17.29 43.64 52.36
C GLU A 406 18.44 42.81 51.80
N ILE A 407 18.18 41.56 51.41
CA ILE A 407 19.26 40.76 50.85
C ILE A 407 19.67 41.29 49.49
N MET A 408 18.73 41.82 48.71
CA MET A 408 19.11 42.45 47.44
C MET A 408 19.93 43.71 47.67
N SER A 409 19.56 44.51 48.67
CA SER A 409 20.34 45.71 48.98
C SER A 409 21.75 45.34 49.44
N LEU A 410 21.86 44.27 50.24
CA LEU A 410 23.18 43.84 50.70
C LEU A 410 24.03 43.30 49.55
N SER A 411 23.41 42.57 48.63
CA SER A 411 24.13 42.07 47.47
C SER A 411 24.57 43.21 46.55
N ALA A 412 23.76 44.26 46.44
CA ALA A 412 24.13 45.40 45.62
C ALA A 412 25.19 46.28 46.28
N ALA A 413 25.19 46.32 47.61
CA ALA A 413 26.15 47.15 48.35
C ALA A 413 27.53 46.51 48.46
N THR A 414 27.75 45.36 47.84
CA THR A 414 29.04 44.72 47.91
C THR A 414 30.08 45.52 47.12
N PRO A 415 31.33 45.55 47.59
CA PRO A 415 32.37 46.31 46.86
C PRO A 415 32.61 45.79 45.45
N LYS A 416 32.45 44.49 45.22
CA LYS A 416 32.66 43.93 43.89
C LYS A 416 31.64 44.48 42.90
N HIS A 417 30.37 44.55 43.30
CA HIS A 417 29.34 45.10 42.43
C HIS A 417 29.58 46.58 42.17
N LEU A 418 30.02 47.33 43.19
CA LEU A 418 30.31 48.74 43.02
C LEU A 418 31.48 48.97 42.07
N LYS A 419 32.49 48.10 42.12
CA LYS A 419 33.60 48.20 41.19
C LYS A 419 33.19 47.77 39.79
N SER A 420 32.25 46.83 39.68
CA SER A 420 31.80 46.38 38.36
C SER A 420 30.95 47.43 37.67
N ILE A 421 30.10 48.14 38.42
CA ILE A 421 29.22 49.15 37.83
C ILE A 421 29.95 50.45 37.55
N GLY A 422 31.22 50.56 37.93
CA GLY A 422 32.02 51.74 37.60
C GLY A 422 32.00 52.85 38.63
N LEU A 423 31.45 52.61 39.82
CA LEU A 423 31.44 53.65 40.84
C LEU A 423 32.74 53.70 41.62
N LEU A 424 33.40 52.56 41.82
CA LEU A 424 34.66 52.49 42.55
C LEU A 424 35.80 52.18 41.60
N SER A 425 36.98 52.68 41.93
CA SER A 425 38.15 52.44 41.11
C SER A 425 38.57 50.97 41.20
N PRO A 426 39.18 50.43 40.14
CA PRO A 426 39.62 49.03 40.19
C PRO A 426 40.75 48.78 41.17
N ASP A 427 41.53 49.81 41.53
CA ASP A 427 42.62 49.67 42.48
C ASP A 427 42.16 49.85 43.92
N PHE A 428 40.86 49.87 44.17
CA PHE A 428 40.36 50.06 45.53
C PHE A 428 40.61 48.80 46.36
N GLN A 429 40.93 49.01 47.63
CA GLN A 429 41.19 47.93 48.56
C GLN A 429 40.34 48.12 49.82
N GLU A 430 40.20 47.04 50.59
CA GLU A 430 39.42 47.04 51.80
C GLU A 430 40.22 46.41 52.93
N ASP A 431 40.18 47.04 54.11
CA ASP A 431 40.90 46.57 55.28
C ASP A 431 39.91 46.05 56.32
N ASN A 432 40.46 45.50 57.40
CA ASN A 432 39.62 44.93 58.45
C ASN A 432 38.88 46.01 59.22
N GLU A 433 39.43 47.23 59.28
CA GLU A 433 38.78 48.30 60.03
C GLU A 433 37.46 48.71 59.37
N THR A 434 37.45 48.80 58.04
CA THR A 434 36.21 49.12 57.33
C THR A 434 35.17 48.02 57.53
N GLU A 435 35.61 46.76 57.52
CA GLU A 435 34.69 45.66 57.75
C GLU A 435 34.10 45.73 59.16
N ILE A 436 34.92 46.04 60.16
CA ILE A 436 34.42 46.15 61.52
C ILE A 436 33.45 47.32 61.65
N ASN A 437 33.74 48.44 60.99
CA ASN A 437 32.82 49.57 61.03
C ASN A 437 31.49 49.23 60.36
N PHE A 438 31.53 48.54 59.22
CA PHE A 438 30.30 48.15 58.55
C PHE A 438 29.49 47.17 59.38
N LEU A 439 30.17 46.21 60.02
CA LEU A 439 29.45 45.27 60.88
C LEU A 439 28.83 45.97 62.08
N LEU A 440 29.54 46.93 62.68
CA LEU A 440 28.99 47.66 63.81
C LEU A 440 27.79 48.49 63.38
N LYS A 441 27.86 49.11 62.20
CA LYS A 441 26.72 49.87 61.69
C LYS A 441 25.53 48.96 61.45
N GLN A 442 25.75 47.79 60.85
CA GLN A 442 24.66 46.86 60.60
C GLN A 442 24.06 46.34 61.91
N ALA A 443 24.91 46.15 62.93
CA ALA A 443 24.40 45.69 64.22
C ALA A 443 23.57 46.77 64.91
N LEU A 444 24.01 48.03 64.82
CA LEU A 444 23.25 49.12 65.42
C LEU A 444 21.96 49.38 64.65
N THR A 445 21.94 49.06 63.35
CA THR A 445 20.74 49.29 62.55
C THR A 445 19.71 48.17 62.68
N ILE A 446 20.16 46.92 62.69
CA ILE A 446 19.25 45.77 62.68
C ILE A 446 19.16 45.11 64.05
N VAL A 447 20.31 44.75 64.64
CA VAL A 447 20.29 44.04 65.91
C VAL A 447 19.88 44.94 67.07
N GLY A 448 20.03 46.26 66.91
CA GLY A 448 19.69 47.17 67.99
C GLY A 448 18.22 47.19 68.34
N THR A 449 17.36 46.83 67.39
CA THR A 449 15.92 46.86 67.61
C THR A 449 15.30 45.48 67.85
N LEU A 450 16.13 44.43 67.91
CA LEU A 450 15.56 43.09 68.12
C LEU A 450 15.07 42.87 69.54
N PRO A 451 15.86 43.15 70.60
CA PRO A 451 15.32 42.91 71.95
C PRO A 451 14.18 43.86 72.30
N PHE A 452 14.22 45.10 71.81
CA PHE A 452 13.10 46.00 72.03
C PHE A 452 11.84 45.48 71.36
N THR A 453 11.98 44.96 70.14
CA THR A 453 10.83 44.36 69.44
C THR A 453 10.29 43.17 70.22
N TYR A 454 11.18 42.31 70.72
CA TYR A 454 10.75 41.14 71.48
C TYR A 454 10.00 41.56 72.74
N MET A 455 10.55 42.54 73.47
CA MET A 455 9.92 42.99 74.71
C MET A 455 8.56 43.63 74.44
N LEU A 456 8.47 44.48 73.42
CA LEU A 456 7.20 45.11 73.07
C LEU A 456 6.16 44.08 72.67
N GLU A 457 6.56 43.08 71.86
CA GLU A 457 5.62 42.06 71.43
C GLU A 457 5.15 41.21 72.60
N LYS A 458 6.07 40.84 73.51
CA LYS A 458 5.67 40.06 74.66
C LYS A 458 4.75 40.85 75.57
N TRP A 459 5.03 42.13 75.78
CA TRP A 459 4.15 42.96 76.62
C TRP A 459 2.77 43.09 75.99
N ARG A 460 2.71 43.30 74.68
CA ARG A 460 1.41 43.43 74.03
C ARG A 460 0.64 42.12 74.06
N TRP A 461 1.34 40.99 73.91
CA TRP A 461 0.68 39.70 74.01
C TRP A 461 0.14 39.45 75.41
N MET A 462 0.91 39.81 76.45
CA MET A 462 0.42 39.63 77.81
C MET A 462 -0.74 40.58 78.12
N VAL A 463 -0.75 41.78 77.53
CA VAL A 463 -1.88 42.67 77.71
C VAL A 463 -3.12 42.11 77.04
N PHE A 464 -2.96 41.56 75.83
CA PHE A 464 -4.09 40.94 75.14
C PHE A 464 -4.61 39.72 75.88
N LYS A 465 -3.72 38.95 76.52
CA LYS A 465 -4.13 37.77 77.27
C LYS A 465 -4.85 38.13 78.56
N GLY A 466 -4.70 39.35 79.04
CA GLY A 466 -5.35 39.75 80.28
C GLY A 466 -4.61 39.38 81.54
N GLU A 467 -3.32 39.07 81.45
CA GLU A 467 -2.54 38.73 82.63
C GLU A 467 -2.30 39.96 83.51
N ILE A 468 -2.27 41.14 82.91
CA ILE A 468 -2.02 42.38 83.63
C ILE A 468 -3.28 43.24 83.55
N PRO A 469 -4.28 42.98 84.41
CA PRO A 469 -5.62 43.56 84.20
C PRO A 469 -5.69 45.08 84.29
N LYS A 470 -5.44 45.65 85.46
CA LYS A 470 -5.82 47.04 85.71
C LYS A 470 -4.65 47.97 86.01
N ASP A 471 -3.80 47.63 86.98
CA ASP A 471 -2.88 48.62 87.54
C ASP A 471 -1.45 48.08 87.67
N GLN A 472 -0.97 47.35 86.67
CA GLN A 472 0.43 46.91 86.65
C GLN A 472 1.03 47.03 85.25
N TRP A 473 0.50 47.95 84.44
CA TRP A 473 0.96 48.06 83.05
C TRP A 473 2.35 48.72 82.99
N MET A 474 2.45 49.95 83.48
CA MET A 474 3.70 50.69 83.35
C MET A 474 4.81 50.09 84.22
N LYS A 475 4.46 49.60 85.41
CA LYS A 475 5.46 49.04 86.31
C LYS A 475 6.13 47.82 85.68
N LYS A 476 5.32 46.83 85.29
CA LYS A 476 5.88 45.64 84.65
C LYS A 476 6.51 45.96 83.30
N TRP A 477 5.98 46.96 82.59
CA TRP A 477 6.59 47.38 81.33
C TRP A 477 8.02 47.86 81.55
N TRP A 478 8.21 48.78 82.49
CA TRP A 478 9.56 49.27 82.77
C TRP A 478 10.45 48.19 83.37
N GLU A 479 9.88 47.28 84.16
CA GLU A 479 10.66 46.18 84.69
C GLU A 479 11.21 45.30 83.58
N MET A 480 10.33 44.87 82.66
CA MET A 480 10.78 44.05 81.54
C MET A 480 11.73 44.83 80.64
N LYS A 481 11.53 46.14 80.50
CA LYS A 481 12.43 46.94 79.67
C LYS A 481 13.83 46.96 80.26
N ARG A 482 13.93 47.22 81.57
CA ARG A 482 15.24 47.22 82.21
C ARG A 482 15.86 45.82 82.24
N GLU A 483 15.01 44.78 82.23
CA GLU A 483 15.54 43.42 82.28
C GLU A 483 16.05 42.96 80.92
N ILE A 484 15.40 43.38 79.84
CA ILE A 484 15.74 42.90 78.51
C ILE A 484 16.62 43.89 77.79
N VAL A 485 16.11 45.10 77.56
CA VAL A 485 16.85 46.10 76.79
C VAL A 485 17.87 46.80 77.68
N GLY A 486 17.49 47.14 78.90
CA GLY A 486 18.39 47.82 79.81
C GLY A 486 18.35 49.33 79.67
N VAL A 487 17.15 49.90 79.77
CA VAL A 487 16.95 51.34 79.66
C VAL A 487 16.40 51.85 80.98
N VAL A 488 17.12 52.77 81.61
CA VAL A 488 16.73 53.34 82.89
C VAL A 488 15.87 54.57 82.64
N GLU A 489 14.95 54.84 83.57
CA GLU A 489 14.05 55.98 83.43
C GLU A 489 14.79 57.27 83.75
N PRO A 490 14.90 58.21 82.81
CA PRO A 490 15.53 59.50 83.12
C PRO A 490 14.63 60.45 83.90
N VAL A 491 13.34 60.15 84.01
CA VAL A 491 12.39 60.98 84.74
C VAL A 491 11.35 60.06 85.39
N PRO A 492 11.02 60.26 86.66
CA PRO A 492 10.05 59.37 87.32
C PRO A 492 8.69 59.43 86.63
N HIS A 493 8.14 58.24 86.35
CA HIS A 493 6.84 58.10 85.72
C HIS A 493 5.87 57.44 86.70
N ASP A 494 4.67 57.14 86.20
CA ASP A 494 3.63 56.51 87.00
C ASP A 494 2.78 55.63 86.09
N GLU A 495 1.63 55.20 86.59
CA GLU A 495 0.76 54.31 85.83
C GLU A 495 -0.04 55.06 84.76
N THR A 496 -0.23 56.36 84.92
CA THR A 496 -1.02 57.11 83.94
C THR A 496 -0.25 57.34 82.65
N TYR A 497 1.07 57.49 82.72
CA TYR A 497 1.86 57.73 81.53
C TYR A 497 2.02 56.46 80.71
N CYS A 498 1.07 56.19 79.81
CA CYS A 498 1.11 55.00 78.98
C CYS A 498 2.17 55.20 77.89
N ASP A 499 3.36 54.67 78.17
CA ASP A 499 4.51 54.83 77.27
C ASP A 499 4.34 54.04 75.97
N PRO A 500 3.93 52.76 76.00
CA PRO A 500 3.79 52.02 74.73
C PRO A 500 2.74 52.60 73.79
N ALA A 501 1.82 53.44 74.30
CA ALA A 501 0.80 54.02 73.44
C ALA A 501 1.38 55.04 72.46
N SER A 502 2.56 55.58 72.75
CA SER A 502 3.17 56.57 71.86
C SER A 502 3.89 55.94 70.67
N LEU A 503 3.95 54.62 70.59
CA LEU A 503 4.62 53.97 69.47
C LEU A 503 3.77 54.08 68.21
N PHE A 504 4.44 54.13 67.06
CA PHE A 504 3.75 54.28 65.78
C PHE A 504 2.90 53.05 65.47
N HIS A 505 3.44 51.86 65.72
CA HIS A 505 2.70 50.64 65.37
C HIS A 505 1.61 50.30 66.38
N VAL A 506 1.77 50.73 67.63
CA VAL A 506 0.76 50.44 68.65
C VAL A 506 -0.43 51.38 68.52
N SER A 507 -0.17 52.68 68.31
CA SER A 507 -1.25 53.65 68.21
C SER A 507 -2.03 53.52 66.90
N ASN A 508 -1.44 52.93 65.88
CA ASN A 508 -2.09 52.79 64.57
C ASN A 508 -2.45 51.34 64.24
N ASP A 509 -2.40 50.45 65.22
CA ASP A 509 -2.78 49.04 65.05
C ASP A 509 -1.95 48.37 63.96
N TYR A 510 -0.64 48.30 64.22
CA TYR A 510 0.29 47.62 63.34
C TYR A 510 1.17 46.67 64.15
N SER A 511 1.52 45.54 63.53
CA SER A 511 2.38 44.56 64.20
C SER A 511 3.80 45.09 64.34
N PHE A 512 4.56 44.45 65.22
CA PHE A 512 5.93 44.88 65.48
C PHE A 512 6.90 43.71 65.33
N ILE A 513 6.42 42.49 65.60
CA ILE A 513 7.24 41.30 65.45
C ILE A 513 7.56 41.00 63.99
N ARG A 514 6.86 41.64 63.05
CA ARG A 514 7.14 41.43 61.64
C ARG A 514 8.57 41.82 61.29
N TYR A 515 9.12 42.82 61.99
CA TYR A 515 10.51 43.19 61.75
C TYR A 515 11.47 42.09 62.19
N TYR A 516 11.22 41.47 63.34
CA TYR A 516 12.04 40.34 63.77
C TYR A 516 11.93 39.17 62.81
N THR A 517 10.71 38.89 62.32
CA THR A 517 10.52 37.79 61.39
C THR A 517 11.25 38.06 60.07
N ARG A 518 11.15 39.29 59.54
CA ARG A 518 11.84 39.58 58.29
C ARG A 518 13.36 39.61 58.49
N THR A 519 13.83 39.99 59.68
CA THR A 519 15.27 39.91 59.95
C THR A 519 15.74 38.46 59.95
N LEU A 520 14.99 37.57 60.62
CA LEU A 520 15.34 36.15 60.61
C LEU A 520 15.33 35.60 59.19
N TYR A 521 14.31 35.94 58.40
CA TYR A 521 14.21 35.46 57.03
C TYR A 521 15.36 35.99 56.18
N GLN A 522 15.73 37.26 56.39
CA GLN A 522 16.85 37.84 55.65
C GLN A 522 18.15 37.12 55.96
N PHE A 523 18.41 36.86 57.24
CA PHE A 523 19.64 36.16 57.61
C PHE A 523 19.65 34.73 57.07
N GLN A 524 18.50 34.05 57.12
CA GLN A 524 18.45 32.68 56.59
C GLN A 524 18.65 32.66 55.09
N PHE A 525 18.07 33.62 54.36
CA PHE A 525 18.26 33.68 52.92
C PHE A 525 19.70 34.02 52.57
N GLN A 526 20.33 34.91 53.35
CA GLN A 526 21.73 35.23 53.11
C GLN A 526 22.62 34.03 53.37
N GLU A 527 22.29 33.21 54.37
CA GLU A 527 23.06 32.01 54.62
C GLU A 527 22.83 30.95 53.55
N ALA A 528 21.61 30.89 53.00
CA ALA A 528 21.28 29.82 52.05
C ALA A 528 21.78 30.13 50.65
N LEU A 529 21.42 31.30 50.11
CA LEU A 529 21.71 31.60 48.72
C LEU A 529 23.21 31.70 48.45
N CYS A 530 23.99 32.12 49.44
CA CYS A 530 25.43 32.26 49.25
C CYS A 530 26.17 30.93 49.23
N GLN A 531 25.47 29.80 49.44
CA GLN A 531 26.12 28.50 49.36
C GLN A 531 26.27 28.00 47.93
N ALA A 532 25.35 28.41 47.03
CA ALA A 532 25.40 27.99 45.65
C ALA A 532 26.30 28.89 44.80
N ALA A 533 26.19 30.20 44.98
CA ALA A 533 27.01 31.14 44.23
C ALA A 533 28.45 31.07 44.70
N LYS A 534 29.39 31.14 43.75
CA LYS A 534 30.80 31.08 44.08
C LYS A 534 31.22 32.32 44.84
N HIS A 535 31.75 32.13 46.05
CA HIS A 535 32.19 33.24 46.89
C HIS A 535 33.28 32.76 47.82
N GLU A 536 34.27 33.62 48.05
CA GLU A 536 35.39 33.33 48.94
C GLU A 536 35.56 34.48 49.93
N GLY A 537 35.76 34.13 51.19
CA GLY A 537 35.95 35.11 52.24
C GLY A 537 34.80 35.16 53.22
N PRO A 538 34.61 36.29 53.88
CA PRO A 538 33.52 36.40 54.87
C PRO A 538 32.14 36.36 54.24
N LEU A 539 31.11 36.41 55.08
CA LEU A 539 29.74 36.32 54.58
C LEU A 539 29.21 37.66 54.08
N HIS A 540 29.66 38.77 54.67
CA HIS A 540 29.18 40.09 54.26
C HIS A 540 29.64 40.48 52.87
N LYS A 541 30.64 39.79 52.32
CA LYS A 541 31.13 40.07 50.98
C LYS A 541 30.46 39.20 49.92
N CYS A 542 29.45 38.42 50.29
CA CYS A 542 28.77 37.56 49.33
C CYS A 542 27.99 38.39 48.32
N ASP A 543 28.13 38.02 47.05
CA ASP A 543 27.45 38.72 45.96
C ASP A 543 26.88 37.69 45.00
N ILE A 544 25.57 37.76 44.75
CA ILE A 544 24.88 36.80 43.92
C ILE A 544 24.69 37.30 42.49
N SER A 545 25.43 38.33 42.09
CA SER A 545 25.32 38.86 40.74
C SER A 545 25.89 37.86 39.74
N ASN A 546 25.28 37.84 38.54
CA ASN A 546 25.68 36.96 37.44
C ASN A 546 25.62 35.49 37.83
N SER A 547 24.76 35.12 38.78
CA SER A 547 24.61 33.75 39.23
C SER A 547 23.17 33.32 38.96
N THR A 548 22.99 32.52 37.90
CA THR A 548 21.64 32.08 37.55
C THR A 548 21.13 30.98 38.47
N GLU A 549 22.03 30.22 39.10
CA GLU A 549 21.60 29.13 39.98
C GLU A 549 20.87 29.67 41.21
N ALA A 550 21.49 30.64 41.90
CA ALA A 550 20.84 31.24 43.06
C ALA A 550 19.58 32.00 42.66
N GLY A 551 19.61 32.65 41.50
CA GLY A 551 18.42 33.34 41.03
C GLY A 551 17.25 32.40 40.81
N GLN A 552 17.51 31.26 40.18
CA GLN A 552 16.45 30.28 39.97
C GLN A 552 16.00 29.67 41.29
N LYS A 553 16.94 29.40 42.20
CA LYS A 553 16.57 28.85 43.49
C LYS A 553 15.69 29.81 44.29
N LEU A 554 15.93 31.12 44.15
CA LEU A 554 15.09 32.10 44.82
C LEU A 554 13.74 32.26 44.13
N PHE A 555 13.74 32.24 42.79
CA PHE A 555 12.49 32.38 42.05
C PHE A 555 11.57 31.19 42.25
N ASN A 556 12.14 30.00 42.53
CA ASN A 556 11.31 28.84 42.82
C ASN A 556 10.48 29.03 44.08
N MET A 557 10.92 29.91 44.98
CA MET A 557 10.19 30.21 46.20
C MET A 557 9.37 31.48 46.10
N LEU A 558 9.87 32.50 45.38
CA LEU A 558 9.13 33.75 45.27
C LEU A 558 7.82 33.57 44.52
N ARG A 559 7.74 32.61 43.61
CA ARG A 559 6.53 32.39 42.83
C ARG A 559 5.49 31.54 43.57
N LEU A 560 5.80 31.07 44.79
CA LEU A 560 4.86 30.23 45.51
C LEU A 560 3.67 31.03 46.03
N GLY A 561 3.93 32.21 46.59
CA GLY A 561 2.85 33.01 47.13
C GLY A 561 2.29 32.42 48.41
N LYS A 562 0.98 32.57 48.58
CA LYS A 562 0.29 32.03 49.75
C LYS A 562 -0.41 30.70 49.46
N SER A 563 -0.13 30.09 48.31
CA SER A 563 -0.69 28.79 47.99
C SER A 563 -0.04 27.65 48.76
N GLU A 564 1.12 27.89 49.37
CA GLU A 564 1.84 26.91 50.15
C GLU A 564 2.22 27.50 51.50
N PRO A 565 2.35 26.68 52.54
CA PRO A 565 2.75 27.20 53.85
C PRO A 565 4.16 27.78 53.82
N TRP A 566 4.41 28.69 54.77
CA TRP A 566 5.71 29.35 54.82
C TRP A 566 6.82 28.40 55.22
N THR A 567 6.49 27.32 55.93
CA THR A 567 7.52 26.35 56.33
C THR A 567 8.11 25.64 55.12
N LEU A 568 7.26 25.20 54.20
CA LEU A 568 7.75 24.54 52.99
C LEU A 568 8.56 25.50 52.13
N ALA A 569 8.10 26.74 51.99
CA ALA A 569 8.84 27.72 51.20
C ALA A 569 10.19 28.05 51.83
N LEU A 570 10.26 28.05 53.17
CA LEU A 570 11.53 28.31 53.83
C LEU A 570 12.47 27.12 53.72
N GLU A 571 11.93 25.90 53.78
CA GLU A 571 12.76 24.72 53.66
C GLU A 571 13.26 24.53 52.23
N ASN A 572 12.50 24.98 51.24
CA ASN A 572 12.95 24.91 49.85
C ASN A 572 14.13 25.82 49.58
N VAL A 573 14.46 26.72 50.50
CA VAL A 573 15.57 27.65 50.35
C VAL A 573 16.72 27.33 51.30
N VAL A 574 16.44 27.26 52.61
CA VAL A 574 17.48 27.04 53.60
C VAL A 574 17.64 25.57 54.00
N GLY A 575 16.74 24.69 53.55
CA GLY A 575 16.84 23.29 53.90
C GLY A 575 16.54 22.98 55.35
N ALA A 576 15.82 23.86 56.05
CA ALA A 576 15.47 23.67 57.44
C ALA A 576 13.96 23.78 57.60
N LYS A 577 13.40 22.95 58.48
CA LYS A 577 11.96 22.94 58.72
C LYS A 577 11.52 23.98 59.74
N ASN A 578 12.46 24.64 60.41
CA ASN A 578 12.14 25.63 61.42
C ASN A 578 13.12 26.79 61.32
N MET A 579 12.73 27.92 61.92
CA MET A 579 13.59 29.10 61.90
C MET A 579 14.87 28.87 62.70
N ASN A 580 15.92 29.58 62.34
CA ASN A 580 17.21 29.43 62.97
C ASN A 580 17.91 30.79 63.02
N VAL A 581 18.82 30.93 63.99
CA VAL A 581 19.52 32.19 64.22
C VAL A 581 21.03 32.06 64.09
N ARG A 582 21.55 30.84 63.91
CA ARG A 582 22.98 30.68 63.71
C ARG A 582 23.55 31.46 62.53
N PRO A 583 22.83 31.69 61.42
CA PRO A 583 23.37 32.61 60.39
C PRO A 583 23.74 33.98 60.93
N LEU A 584 22.96 34.53 61.87
CA LEU A 584 23.30 35.83 62.43
C LEU A 584 24.61 35.76 63.20
N LEU A 585 24.81 34.69 63.97
CA LEU A 585 26.06 34.53 64.71
C LEU A 585 27.24 34.35 63.77
N ASN A 586 27.07 33.57 62.70
CA ASN A 586 28.14 33.42 61.73
C ASN A 586 28.43 34.71 60.99
N TYR A 587 27.43 35.57 60.84
CA TYR A 587 27.63 36.85 60.18
C TYR A 587 28.36 37.85 61.09
N PHE A 588 28.01 37.86 62.36
CA PHE A 588 28.56 38.84 63.30
C PHE A 588 29.75 38.30 64.10
N GLU A 589 30.22 37.09 63.80
CA GLU A 589 31.42 36.59 64.47
C GLU A 589 32.64 37.48 64.29
N PRO A 590 32.96 38.02 63.10
CA PRO A 590 34.07 38.97 63.02
C PRO A 590 33.87 40.19 63.89
N LEU A 591 32.63 40.64 64.07
CA LEU A 591 32.36 41.75 64.99
C LEU A 591 32.29 41.27 66.43
N PHE A 592 31.81 40.05 66.67
CA PHE A 592 31.71 39.53 68.02
C PHE A 592 33.10 39.35 68.64
N THR A 593 34.07 38.90 67.84
CA THR A 593 35.42 38.75 68.36
C THR A 593 36.02 40.08 68.76
N TRP A 594 35.82 41.12 67.93
CA TRP A 594 36.33 42.44 68.27
C TRP A 594 35.62 43.01 69.48
N LEU A 595 34.32 42.77 69.61
CA LEU A 595 33.60 43.21 70.80
C LEU A 595 34.11 42.52 72.06
N LYS A 596 34.39 41.22 71.98
CA LYS A 596 34.96 40.53 73.13
C LYS A 596 36.34 41.09 73.47
N ASP A 597 37.17 41.33 72.46
CA ASP A 597 38.50 41.89 72.70
C ASP A 597 38.43 43.28 73.32
N GLN A 598 37.42 44.07 72.95
CA GLN A 598 37.29 45.41 73.52
C GLN A 598 36.72 45.37 74.94
N ASN A 599 35.77 44.46 75.20
CA ASN A 599 35.14 44.34 76.50
C ASN A 599 35.91 43.42 77.45
N LYS A 600 37.06 42.90 77.03
CA LYS A 600 37.86 42.05 77.91
C LYS A 600 38.32 42.81 79.15
N ASN A 601 38.63 44.11 79.00
CA ASN A 601 39.08 44.94 80.10
C ASN A 601 37.98 45.88 80.61
N SER A 602 36.71 45.58 80.28
CA SER A 602 35.60 46.40 80.71
C SER A 602 34.52 45.52 81.32
N PHE A 603 33.63 46.16 82.09
CA PHE A 603 32.55 45.43 82.73
C PHE A 603 31.50 44.98 81.72
N VAL A 604 30.97 43.78 81.93
CA VAL A 604 29.97 43.19 81.05
C VAL A 604 28.65 43.11 81.80
N GLY A 605 27.56 43.47 81.13
CA GLY A 605 26.25 43.45 81.72
C GLY A 605 25.78 44.84 82.13
N TRP A 606 24.64 44.86 82.79
CA TRP A 606 24.05 46.11 83.26
C TRP A 606 23.22 45.83 84.50
N SER A 607 23.25 46.77 85.45
CA SER A 607 22.49 46.65 86.68
C SER A 607 21.14 47.37 86.53
N THR A 608 20.08 46.70 86.98
CA THR A 608 18.74 47.26 86.90
C THR A 608 18.40 48.20 88.05
N ASP A 609 19.34 48.44 88.96
CA ASP A 609 19.11 49.33 90.11
C ASP A 609 19.82 50.65 89.84
N TRP A 610 19.05 51.66 89.45
CA TRP A 610 19.60 52.98 89.19
C TRP A 610 18.48 54.00 89.29
N SER A 611 18.85 55.22 89.68
CA SER A 611 17.91 56.32 89.92
C SER A 611 16.81 55.89 90.88
N PRO A 612 17.11 55.70 92.17
CA PRO A 612 16.06 55.27 93.12
C PRO A 612 15.05 56.36 93.39
N TYR A 613 14.13 56.57 92.44
CA TYR A 613 13.09 57.59 92.60
C TYR A 613 11.96 57.10 93.50
N SER B 19 -10.00 -19.35 45.61
CA SER B 19 -11.24 -18.58 45.57
C SER B 19 -11.56 -18.00 46.94
N THR B 20 -11.96 -16.73 46.97
CA THR B 20 -12.30 -16.06 48.21
C THR B 20 -13.69 -16.47 48.68
N ILE B 21 -14.09 -15.95 49.83
CA ILE B 21 -15.41 -16.28 50.38
C ILE B 21 -16.51 -15.65 49.54
N GLU B 22 -16.24 -14.49 48.92
CA GLU B 22 -17.25 -13.83 48.12
C GLU B 22 -17.62 -14.66 46.89
N GLU B 23 -16.61 -15.23 46.22
CA GLU B 23 -16.89 -16.06 45.05
C GLU B 23 -17.67 -17.31 45.44
N GLN B 24 -17.34 -17.93 46.57
CA GLN B 24 -18.07 -19.09 47.03
C GLN B 24 -19.51 -18.74 47.37
N ALA B 25 -19.73 -17.58 48.00
CA ALA B 25 -21.09 -17.14 48.31
C ALA B 25 -21.88 -16.86 47.04
N LYS B 26 -21.25 -16.24 46.05
CA LYS B 26 -21.93 -15.99 44.79
C LYS B 26 -22.29 -17.29 44.08
N THR B 27 -21.38 -18.27 44.10
CA THR B 27 -21.66 -19.58 43.51
C THR B 27 -22.82 -20.27 44.23
N PHE B 28 -22.82 -20.21 45.56
CA PHE B 28 -23.92 -20.79 46.32
C PHE B 28 -25.25 -20.13 45.98
N LEU B 29 -25.25 -18.80 45.88
CA LEU B 29 -26.49 -18.08 45.54
C LEU B 29 -26.96 -18.42 44.14
N ASP B 30 -26.03 -18.52 43.19
CA ASP B 30 -26.41 -18.87 41.82
C ASP B 30 -26.95 -20.29 41.73
N LYS B 31 -26.40 -21.21 42.53
CA LYS B 31 -26.91 -22.58 42.53
C LYS B 31 -28.23 -22.69 43.28
N PHE B 32 -28.48 -21.81 44.25
CA PHE B 32 -29.70 -21.87 45.05
C PHE B 32 -30.88 -21.17 44.42
N ASN B 33 -30.66 -20.05 43.73
CA ASN B 33 -31.77 -19.24 43.23
C ASN B 33 -32.60 -19.98 42.19
N HIS B 34 -31.99 -20.83 41.38
CA HIS B 34 -32.73 -21.56 40.36
C HIS B 34 -33.79 -22.47 40.99
N GLU B 35 -33.35 -23.35 41.89
CA GLU B 35 -34.30 -24.24 42.55
C GLU B 35 -35.25 -23.47 43.46
N ALA B 36 -34.81 -22.34 44.03
CA ALA B 36 -35.70 -21.53 44.85
C ALA B 36 -36.84 -20.98 44.00
N GLU B 37 -36.54 -20.41 42.84
CA GLU B 37 -37.57 -19.91 41.95
C GLU B 37 -38.45 -21.04 41.44
N ASP B 38 -37.87 -22.20 41.16
CA ASP B 38 -38.66 -23.34 40.69
C ASP B 38 -39.69 -23.76 41.74
N LEU B 39 -39.25 -23.96 42.99
CA LEU B 39 -40.16 -24.38 44.03
C LEU B 39 -41.17 -23.28 44.38
N PHE B 40 -40.76 -22.00 44.28
CA PHE B 40 -41.70 -20.92 44.52
C PHE B 40 -42.78 -20.88 43.45
N TYR B 41 -42.40 -21.11 42.19
CA TYR B 41 -43.39 -21.17 41.12
C TYR B 41 -44.33 -22.35 41.31
N GLN B 42 -43.79 -23.49 41.74
CA GLN B 42 -44.65 -24.65 42.01
C GLN B 42 -45.65 -24.35 43.12
N SER B 43 -45.17 -23.74 44.21
CA SER B 43 -46.06 -23.41 45.32
C SER B 43 -47.10 -22.38 44.91
N SER B 44 -46.71 -21.40 44.09
CA SER B 44 -47.66 -20.39 43.65
C SER B 44 -48.72 -21.00 42.72
N LEU B 45 -48.31 -21.93 41.85
CA LEU B 45 -49.29 -22.61 41.01
C LEU B 45 -50.24 -23.47 41.84
N ALA B 46 -49.71 -24.13 42.87
CA ALA B 46 -50.59 -24.92 43.74
C ALA B 46 -51.58 -24.02 44.48
N SER B 47 -51.11 -22.87 44.97
CA SER B 47 -52.01 -21.94 45.65
C SER B 47 -53.06 -21.37 44.71
N TRP B 48 -52.67 -21.10 43.47
CA TRP B 48 -53.63 -20.60 42.47
C TRP B 48 -54.68 -21.66 42.16
N ASN B 49 -54.25 -22.92 41.98
CA ASN B 49 -55.21 -23.99 41.73
C ASN B 49 -56.12 -24.22 42.93
N TYR B 50 -55.62 -24.00 44.14
CA TYR B 50 -56.47 -24.14 45.32
C TYR B 50 -57.49 -23.00 45.41
N ASN B 51 -57.06 -21.77 45.13
CA ASN B 51 -57.96 -20.63 45.26
C ASN B 51 -58.98 -20.58 44.13
N THR B 52 -58.62 -21.07 42.93
CA THR B 52 -59.55 -21.02 41.81
C THR B 52 -60.50 -22.22 41.81
N ASN B 53 -60.10 -23.34 42.43
CA ASN B 53 -60.95 -24.53 42.47
C ASN B 53 -60.64 -25.25 43.78
N ILE B 54 -61.54 -25.12 44.75
CA ILE B 54 -61.36 -25.72 46.06
C ILE B 54 -61.78 -27.19 45.95
N THR B 55 -60.81 -28.07 45.74
CA THR B 55 -61.05 -29.50 45.67
C THR B 55 -60.03 -30.23 46.53
N GLU B 56 -60.32 -31.49 46.84
CA GLU B 56 -59.43 -32.29 47.68
C GLU B 56 -58.06 -32.45 47.04
N GLU B 57 -58.03 -32.67 45.71
CA GLU B 57 -56.75 -32.81 45.02
C GLU B 57 -55.93 -31.52 45.11
N ASN B 58 -56.59 -30.37 44.93
CA ASN B 58 -55.89 -29.09 45.04
C ASN B 58 -55.39 -28.85 46.46
N VAL B 59 -56.17 -29.25 47.46
CA VAL B 59 -55.74 -29.09 48.85
C VAL B 59 -54.51 -29.96 49.13
N GLN B 60 -54.53 -31.21 48.66
CA GLN B 60 -53.38 -32.09 48.85
C GLN B 60 -52.15 -31.55 48.12
N ASN B 61 -52.33 -31.04 46.90
CA ASN B 61 -51.21 -30.48 46.17
C ASN B 61 -50.63 -29.27 46.88
N MET B 62 -51.49 -28.38 47.40
CA MET B 62 -51.01 -27.22 48.12
C MET B 62 -50.28 -27.61 49.39
N ASN B 63 -50.80 -28.62 50.12
CA ASN B 63 -50.12 -29.07 51.32
C ASN B 63 -48.76 -29.67 51.00
N ASN B 64 -48.68 -30.48 49.95
CA ASN B 64 -47.40 -31.05 49.56
C ASN B 64 -46.41 -29.96 49.14
N ALA B 65 -46.89 -28.97 48.39
CA ALA B 65 -46.01 -27.88 47.97
C ALA B 65 -45.52 -27.08 49.17
N GLY B 66 -46.40 -26.82 50.14
CA GLY B 66 -45.97 -26.11 51.33
C GLY B 66 -44.97 -26.89 52.15
N ASP B 67 -45.18 -28.20 52.28
CA ASP B 67 -44.22 -29.03 53.01
C ASP B 67 -42.86 -29.06 52.31
N LYS B 68 -42.87 -29.19 50.99
CA LYS B 68 -41.61 -29.17 50.24
C LYS B 68 -40.91 -27.83 50.36
N TRP B 69 -41.67 -26.73 50.34
CA TRP B 69 -41.07 -25.41 50.47
C TRP B 69 -40.48 -25.20 51.86
N SER B 70 -41.18 -25.67 52.90
CA SER B 70 -40.65 -25.57 54.25
C SER B 70 -39.39 -26.40 54.41
N ALA B 71 -39.37 -27.62 53.87
CA ALA B 71 -38.18 -28.45 53.94
C ALA B 71 -37.01 -27.82 53.20
N PHE B 72 -37.29 -27.23 52.04
CA PHE B 72 -36.24 -26.56 51.27
C PHE B 72 -35.69 -25.36 52.02
N LEU B 73 -36.57 -24.56 52.64
CA LEU B 73 -36.11 -23.42 53.42
C LEU B 73 -35.26 -23.88 54.61
N LYS B 74 -35.68 -24.95 55.28
CA LYS B 74 -34.91 -25.46 56.41
C LYS B 74 -33.53 -25.95 55.96
N GLU B 75 -33.47 -26.68 54.85
CA GLU B 75 -32.19 -27.17 54.36
C GLU B 75 -31.28 -26.02 53.94
N GLN B 76 -31.85 -25.00 53.30
CA GLN B 76 -31.02 -23.86 52.87
C GLN B 76 -30.53 -23.06 54.08
N SER B 77 -31.38 -22.91 55.11
CA SER B 77 -30.94 -22.22 56.32
C SER B 77 -29.88 -23.02 57.07
N THR B 78 -29.95 -24.35 57.01
CA THR B 78 -28.93 -25.17 57.66
C THR B 78 -27.61 -25.11 56.89
N LEU B 79 -27.67 -25.12 55.57
CA LEU B 79 -26.46 -25.11 54.76
C LEU B 79 -25.84 -23.72 54.63
N ALA B 80 -26.61 -22.66 54.86
CA ALA B 80 -26.10 -21.30 54.70
C ALA B 80 -25.32 -20.81 55.92
N GLN B 81 -25.17 -21.63 56.95
CA GLN B 81 -24.45 -21.23 58.15
C GLN B 81 -22.94 -21.32 57.99
N MET B 82 -22.43 -21.73 56.83
CA MET B 82 -21.01 -21.87 56.60
C MET B 82 -20.36 -20.61 56.04
N TYR B 83 -21.15 -19.60 55.68
CA TYR B 83 -20.61 -18.36 55.11
C TYR B 83 -20.66 -17.26 56.16
N PRO B 84 -19.54 -16.67 56.53
CA PRO B 84 -19.55 -15.58 57.51
C PRO B 84 -20.04 -14.28 56.92
N LEU B 85 -20.63 -13.45 57.78
CA LEU B 85 -21.15 -12.15 57.37
C LEU B 85 -20.14 -11.03 57.52
N GLN B 86 -19.03 -11.25 58.23
CA GLN B 86 -18.05 -10.20 58.44
C GLN B 86 -17.10 -10.04 57.27
N GLU B 87 -17.03 -11.02 56.37
CA GLU B 87 -16.13 -10.98 55.23
C GLU B 87 -16.87 -10.77 53.92
N ILE B 88 -17.99 -10.06 53.95
CA ILE B 88 -18.80 -9.77 52.77
C ILE B 88 -18.82 -8.26 52.58
N GLN B 89 -18.37 -7.81 51.41
CA GLN B 89 -18.33 -6.39 51.09
C GLN B 89 -19.48 -5.92 50.21
N ASN B 90 -20.15 -6.84 49.52
CA ASN B 90 -21.26 -6.49 48.64
C ASN B 90 -22.57 -6.64 49.40
N LEU B 91 -23.42 -5.60 49.32
CA LEU B 91 -24.69 -5.65 50.03
C LEU B 91 -25.66 -6.63 49.38
N THR B 92 -25.57 -6.82 48.06
CA THR B 92 -26.47 -7.75 47.38
C THR B 92 -26.29 -9.17 47.90
N VAL B 93 -25.06 -9.57 48.16
CA VAL B 93 -24.79 -10.90 48.70
C VAL B 93 -25.02 -10.93 50.21
N LYS B 94 -24.70 -9.84 50.90
CA LYS B 94 -24.83 -9.80 52.35
C LYS B 94 -26.28 -9.92 52.78
N LEU B 95 -27.19 -9.19 52.11
CA LEU B 95 -28.60 -9.26 52.48
C LEU B 95 -29.16 -10.65 52.21
N GLN B 96 -28.77 -11.27 51.10
CA GLN B 96 -29.25 -12.63 50.82
C GLN B 96 -28.71 -13.63 51.83
N LEU B 97 -27.45 -13.49 52.24
CA LEU B 97 -26.90 -14.39 53.25
C LEU B 97 -27.60 -14.19 54.59
N GLN B 98 -27.91 -12.94 54.95
CA GLN B 98 -28.62 -12.69 56.20
C GLN B 98 -30.03 -13.26 56.15
N ALA B 99 -30.70 -13.17 55.00
CA ALA B 99 -32.03 -13.73 54.86
C ALA B 99 -32.00 -15.25 54.90
N LEU B 100 -30.95 -15.87 54.37
CA LEU B 100 -30.85 -17.32 54.39
C LEU B 100 -30.48 -17.85 55.77
N GLN B 101 -29.66 -17.11 56.52
CA GLN B 101 -29.26 -17.58 57.84
C GLN B 101 -30.41 -17.54 58.85
N GLN B 102 -31.46 -16.75 58.59
CA GLN B 102 -32.59 -16.69 59.48
C GLN B 102 -33.40 -17.99 59.37
N ASN B 103 -33.29 -18.84 60.40
CA ASN B 103 -34.01 -20.11 60.39
C ASN B 103 -35.51 -19.93 60.51
N GLY B 104 -35.97 -18.82 61.08
CA GLY B 104 -37.40 -18.61 61.23
C GLY B 104 -37.96 -19.46 62.36
N SER B 105 -39.15 -20.03 62.12
CA SER B 105 -39.81 -20.87 63.12
C SER B 105 -39.22 -22.27 63.20
N SER B 106 -38.34 -22.64 62.27
CA SER B 106 -37.74 -23.97 62.26
C SER B 106 -36.61 -24.11 63.27
N VAL B 107 -36.22 -23.04 63.96
CA VAL B 107 -35.14 -23.13 64.93
C VAL B 107 -35.62 -23.66 66.27
N LEU B 108 -36.92 -23.58 66.55
CA LEU B 108 -37.45 -24.08 67.82
C LEU B 108 -37.50 -25.59 67.82
N SER B 109 -37.75 -26.15 69.00
CA SER B 109 -37.85 -27.60 69.16
C SER B 109 -39.17 -28.10 68.56
N GLU B 110 -39.35 -29.42 68.59
CA GLU B 110 -40.55 -30.02 68.02
C GLU B 110 -41.79 -29.69 68.86
N ASP B 111 -41.69 -29.87 70.17
CA ASP B 111 -42.85 -29.63 71.03
C ASP B 111 -43.26 -28.16 71.02
N LYS B 112 -42.28 -27.25 71.09
CA LYS B 112 -42.61 -25.82 71.06
C LYS B 112 -43.22 -25.41 69.74
N SER B 113 -42.70 -25.94 68.62
CA SER B 113 -43.27 -25.62 67.32
C SER B 113 -44.69 -26.16 67.19
N LYS B 114 -44.94 -27.38 67.66
CA LYS B 114 -46.28 -27.94 67.62
C LYS B 114 -47.25 -27.13 68.47
N ARG B 115 -46.80 -26.71 69.66
CA ARG B 115 -47.66 -25.89 70.52
C ARG B 115 -47.95 -24.55 69.88
N LEU B 116 -46.95 -23.93 69.26
CA LEU B 116 -47.17 -22.65 68.58
C LEU B 116 -48.15 -22.80 67.43
N ASN B 117 -48.00 -23.87 66.64
CA ASN B 117 -48.93 -24.09 65.53
C ASN B 117 -50.34 -24.37 66.03
N THR B 118 -50.48 -25.10 67.14
CA THR B 118 -51.79 -25.36 67.70
C THR B 118 -52.43 -24.07 68.20
N ILE B 119 -51.67 -23.22 68.87
CA ILE B 119 -52.20 -21.94 69.34
C ILE B 119 -52.63 -21.07 68.17
N LEU B 120 -51.80 -21.02 67.12
CA LEU B 120 -52.15 -20.23 65.94
C LEU B 120 -53.43 -20.74 65.28
N ASN B 121 -53.55 -22.06 65.13
CA ASN B 121 -54.76 -22.62 64.52
C ASN B 121 -55.98 -22.37 65.39
N THR B 122 -55.84 -22.47 66.71
CA THR B 122 -56.96 -22.21 67.61
C THR B 122 -57.41 -20.76 67.50
N MET B 123 -56.46 -19.82 67.50
CA MET B 123 -56.81 -18.41 67.38
C MET B 123 -57.46 -18.12 66.03
N SER B 124 -56.95 -18.75 64.96
CA SER B 124 -57.53 -18.54 63.65
C SER B 124 -58.96 -19.08 63.58
N THR B 125 -59.20 -20.25 64.18
CA THR B 125 -60.56 -20.80 64.17
C THR B 125 -61.50 -19.98 65.05
N ILE B 126 -60.99 -19.40 66.13
CA ILE B 126 -61.83 -18.56 66.98
C ILE B 126 -62.18 -17.25 66.27
N TYR B 127 -61.21 -16.66 65.56
CA TYR B 127 -61.46 -15.40 64.88
C TYR B 127 -62.35 -15.57 63.66
N SER B 128 -62.04 -16.57 62.81
CA SER B 128 -62.76 -16.72 61.56
C SER B 128 -64.08 -17.46 61.76
N THR B 129 -64.04 -18.64 62.37
CA THR B 129 -65.23 -19.47 62.56
C THR B 129 -66.01 -19.09 63.81
N GLY B 130 -65.82 -17.89 64.33
CA GLY B 130 -66.58 -17.46 65.48
C GLY B 130 -68.03 -17.22 65.14
N LYS B 131 -68.90 -17.50 66.11
CA LYS B 131 -70.33 -17.37 65.92
C LYS B 131 -70.96 -16.78 67.19
N VAL B 132 -72.01 -15.99 66.98
CA VAL B 132 -72.74 -15.35 68.07
C VAL B 132 -74.21 -15.73 67.96
N CYS B 133 -74.77 -16.25 69.05
CA CYS B 133 -76.16 -16.67 69.10
C CYS B 133 -76.94 -15.76 70.05
N ASN B 134 -78.25 -15.65 69.79
CA ASN B 134 -79.10 -14.83 70.64
C ASN B 134 -79.48 -15.59 71.91
N PRO B 135 -79.61 -14.89 73.04
CA PRO B 135 -79.99 -15.60 74.27
C PRO B 135 -81.43 -16.06 74.28
N ASP B 136 -82.34 -15.30 73.66
CA ASP B 136 -83.74 -15.71 73.62
C ASP B 136 -83.94 -16.89 72.65
N ASN B 137 -83.21 -16.92 71.56
CA ASN B 137 -83.30 -18.00 70.57
C ASN B 137 -81.94 -18.65 70.40
N PRO B 138 -81.67 -19.77 71.07
CA PRO B 138 -80.37 -20.42 70.91
C PRO B 138 -80.11 -20.93 69.51
N GLN B 139 -81.16 -21.26 68.76
CA GLN B 139 -80.98 -21.74 67.39
C GLN B 139 -80.65 -20.63 66.40
N GLU B 140 -80.98 -19.38 66.73
CA GLU B 140 -80.71 -18.25 65.85
C GLU B 140 -79.31 -17.74 66.15
N CYS B 141 -78.36 -18.05 65.27
CA CYS B 141 -76.97 -17.63 65.41
C CYS B 141 -76.53 -16.90 64.15
N LEU B 142 -75.45 -16.13 64.30
CA LEU B 142 -74.90 -15.35 63.20
C LEU B 142 -73.39 -15.54 63.17
N LEU B 143 -72.78 -15.11 62.06
CA LEU B 143 -71.34 -15.16 61.88
C LEU B 143 -70.78 -13.74 61.76
N LEU B 144 -69.46 -13.65 61.67
CA LEU B 144 -68.78 -12.35 61.77
C LEU B 144 -69.12 -11.40 60.64
N GLU B 145 -68.73 -11.75 59.40
CA GLU B 145 -68.69 -10.74 58.32
C GLU B 145 -70.08 -10.33 57.86
N PRO B 146 -70.94 -11.22 57.37
CA PRO B 146 -72.29 -10.79 56.99
C PRO B 146 -73.20 -10.55 58.19
N GLY B 147 -72.67 -10.65 59.40
CA GLY B 147 -73.40 -10.47 60.63
C GLY B 147 -73.01 -9.21 61.36
N LEU B 148 -72.09 -9.35 62.33
CA LEU B 148 -71.78 -8.24 63.23
C LEU B 148 -71.15 -7.07 62.50
N ASN B 149 -70.34 -7.33 61.49
CA ASN B 149 -69.73 -6.24 60.73
C ASN B 149 -70.78 -5.44 59.98
N GLU B 150 -71.69 -6.13 59.29
CA GLU B 150 -72.77 -5.44 58.58
C GLU B 150 -73.68 -4.71 59.56
N ILE B 151 -73.85 -5.25 60.77
CA ILE B 151 -74.68 -4.57 61.77
C ILE B 151 -74.01 -3.28 62.22
N MET B 152 -72.73 -3.36 62.60
CA MET B 152 -72.00 -2.19 63.05
C MET B 152 -71.77 -1.18 61.92
N ALA B 153 -71.94 -1.60 60.66
CA ALA B 153 -71.68 -0.73 59.53
C ALA B 153 -72.94 -0.05 59.00
N ASN B 154 -74.05 -0.76 58.93
CA ASN B 154 -75.25 -0.28 58.25
C ASN B 154 -76.48 -0.42 59.14
N SER B 155 -76.37 0.04 60.39
CA SER B 155 -77.50 0.09 61.30
C SER B 155 -77.50 1.42 62.04
N LEU B 156 -78.70 1.85 62.45
CA LEU B 156 -78.89 3.12 63.14
C LEU B 156 -79.49 2.93 64.54
N ASP B 157 -79.55 1.70 65.04
CA ASP B 157 -80.12 1.42 66.35
C ASP B 157 -79.01 1.39 67.39
N TYR B 158 -79.27 2.00 68.55
CA TYR B 158 -78.25 2.06 69.60
C TYR B 158 -78.19 0.76 70.38
N ASN B 159 -79.32 0.09 70.55
CA ASN B 159 -79.35 -1.13 71.37
C ASN B 159 -78.72 -2.31 70.64
N GLU B 160 -79.04 -2.49 69.36
CA GLU B 160 -78.55 -3.65 68.63
C GLU B 160 -77.04 -3.61 68.48
N ARG B 161 -76.49 -2.46 68.09
CA ARG B 161 -75.05 -2.36 67.89
C ARG B 161 -74.29 -2.56 69.20
N LEU B 162 -74.77 -1.92 70.28
CA LEU B 162 -74.12 -2.08 71.57
C LEU B 162 -74.19 -3.53 72.05
N TRP B 163 -75.34 -4.17 71.89
CA TRP B 163 -75.48 -5.57 72.31
C TRP B 163 -74.55 -6.47 71.50
N ALA B 164 -74.48 -6.26 70.20
CA ALA B 164 -73.59 -7.08 69.36
C ALA B 164 -72.13 -6.87 69.73
N TRP B 165 -71.72 -5.63 69.96
CA TRP B 165 -70.34 -5.36 70.34
C TRP B 165 -70.00 -6.00 71.69
N GLU B 166 -70.92 -5.88 72.66
CA GLU B 166 -70.68 -6.46 73.97
C GLU B 166 -70.61 -7.99 73.88
N SER B 167 -71.48 -8.60 73.08
CA SER B 167 -71.45 -10.05 72.94
C SER B 167 -70.18 -10.52 72.25
N TRP B 168 -69.74 -9.81 71.22
CA TRP B 168 -68.50 -10.19 70.54
C TRP B 168 -67.29 -9.97 71.43
N ARG B 169 -67.34 -8.98 72.32
CA ARG B 169 -66.22 -8.75 73.22
C ARG B 169 -66.20 -9.75 74.37
N SER B 170 -67.37 -10.22 74.80
CA SER B 170 -67.45 -11.14 75.92
C SER B 170 -67.23 -12.60 75.51
N GLU B 171 -67.73 -13.01 74.35
CA GLU B 171 -67.58 -14.40 73.93
C GLU B 171 -66.13 -14.70 73.55
N VAL B 172 -65.43 -13.74 72.97
CA VAL B 172 -64.03 -13.92 72.59
C VAL B 172 -63.20 -13.42 73.76
N GLY B 173 -62.90 -14.31 74.68
CA GLY B 173 -62.11 -13.96 75.84
C GLY B 173 -62.28 -14.99 76.94
N LYS B 174 -61.55 -14.75 78.04
CA LYS B 174 -61.60 -15.54 79.28
C LYS B 174 -60.97 -16.91 79.11
N GLN B 175 -60.59 -17.25 77.88
CA GLN B 175 -59.92 -18.52 77.60
C GLN B 175 -58.76 -18.41 76.62
N LEU B 176 -58.60 -17.30 75.92
CA LEU B 176 -57.55 -17.16 74.92
C LEU B 176 -56.29 -16.51 75.47
N ARG B 177 -56.35 -15.89 76.65
CA ARG B 177 -55.17 -15.22 77.21
C ARG B 177 -54.02 -16.17 77.53
N PRO B 178 -54.23 -17.36 78.12
CA PRO B 178 -53.07 -18.26 78.31
C PRO B 178 -52.40 -18.65 77.01
N LEU B 179 -53.17 -19.01 75.99
CA LEU B 179 -52.58 -19.35 74.70
C LEU B 179 -51.86 -18.15 74.09
N TYR B 180 -52.43 -16.95 74.27
CA TYR B 180 -51.81 -15.75 73.71
C TYR B 180 -50.47 -15.45 74.38
N GLU B 181 -50.43 -15.54 75.72
CA GLU B 181 -49.18 -15.28 76.42
C GLU B 181 -48.14 -16.37 76.15
N GLU B 182 -48.59 -17.62 75.96
CA GLU B 182 -47.65 -18.67 75.58
C GLU B 182 -47.09 -18.43 74.19
N TYR B 183 -47.93 -17.97 73.26
CA TYR B 183 -47.46 -17.62 71.93
C TYR B 183 -46.47 -16.46 71.98
N VAL B 184 -46.73 -15.47 72.84
CA VAL B 184 -45.81 -14.34 72.99
C VAL B 184 -44.47 -14.82 73.54
N VAL B 185 -44.50 -15.71 74.54
CA VAL B 185 -43.26 -16.24 75.10
C VAL B 185 -42.49 -17.03 74.05
N LEU B 186 -43.20 -17.83 73.25
CA LEU B 186 -42.54 -18.60 72.20
C LEU B 186 -41.91 -17.68 71.15
N LYS B 187 -42.61 -16.60 70.78
CA LYS B 187 -42.06 -15.67 69.82
C LYS B 187 -40.84 -14.94 70.39
N ASN B 188 -40.87 -14.61 71.69
CA ASN B 188 -39.71 -13.99 72.32
C ASN B 188 -38.52 -14.95 72.33
N GLU B 189 -38.77 -16.22 72.63
CA GLU B 189 -37.69 -17.20 72.60
C GLU B 189 -37.13 -17.37 71.18
N MET B 190 -38.01 -17.37 70.18
CA MET B 190 -37.57 -17.47 68.80
C MET B 190 -36.72 -16.26 68.40
N ALA B 191 -37.15 -15.06 68.82
CA ALA B 191 -36.37 -13.86 68.51
C ALA B 191 -35.01 -13.88 69.21
N ARG B 192 -34.97 -14.33 70.47
CA ARG B 192 -33.70 -14.44 71.17
C ARG B 192 -32.81 -15.51 70.55
N ALA B 193 -33.41 -16.53 69.93
CA ALA B 193 -32.61 -17.56 69.26
C ALA B 193 -32.04 -17.07 67.94
N ASN B 194 -32.66 -16.07 67.31
CA ASN B 194 -32.21 -15.52 66.04
C ASN B 194 -31.31 -14.29 66.22
N HIS B 195 -30.60 -14.20 67.34
CA HIS B 195 -29.67 -13.09 67.62
C HIS B 195 -30.38 -11.74 67.67
N TYR B 196 -31.55 -11.70 68.30
CA TYR B 196 -32.28 -10.47 68.54
C TYR B 196 -32.60 -10.33 70.02
N GLU B 197 -32.80 -9.09 70.45
CA GLU B 197 -33.11 -8.84 71.86
C GLU B 197 -34.53 -9.29 72.19
N ASP B 198 -35.49 -8.97 71.34
CA ASP B 198 -36.88 -9.35 71.56
C ASP B 198 -37.59 -9.39 70.22
N TYR B 199 -38.89 -9.69 70.27
CA TYR B 199 -39.69 -9.81 69.05
C TYR B 199 -39.88 -8.45 68.38
N GLY B 200 -39.88 -7.37 69.16
CA GLY B 200 -40.01 -6.04 68.57
C GLY B 200 -38.84 -5.69 67.69
N ASP B 201 -37.62 -5.97 68.15
CA ASP B 201 -36.44 -5.73 67.32
C ASP B 201 -36.41 -6.66 66.11
N TYR B 202 -36.98 -7.86 66.24
CA TYR B 202 -37.05 -8.77 65.10
C TYR B 202 -38.02 -8.25 64.04
N TRP B 203 -39.15 -7.68 64.47
CA TRP B 203 -40.09 -7.13 63.51
C TRP B 203 -39.56 -5.86 62.85
N ARG B 204 -38.79 -5.06 63.59
CA ARG B 204 -38.21 -3.84 63.05
C ARG B 204 -36.88 -4.09 62.34
N GLY B 205 -36.51 -5.34 62.10
CA GLY B 205 -35.25 -5.64 61.44
C GLY B 205 -35.21 -5.20 59.99
N ASP B 206 -36.38 -5.07 59.34
CA ASP B 206 -36.42 -4.62 57.95
C ASP B 206 -36.14 -3.13 57.82
N TYR B 207 -36.32 -2.36 58.90
CA TYR B 207 -36.07 -0.93 58.87
C TYR B 207 -34.64 -0.56 59.22
N GLU B 208 -33.85 -1.51 59.73
CA GLU B 208 -32.47 -1.23 60.12
C GLU B 208 -31.55 -1.37 58.92
N VAL B 209 -30.69 -0.38 58.72
CA VAL B 209 -29.73 -0.35 57.62
C VAL B 209 -28.35 -0.08 58.18
N ASN B 210 -27.37 -0.90 57.78
CA ASN B 210 -26.00 -0.75 58.22
C ASN B 210 -25.07 -0.97 57.05
N GLY B 211 -23.86 -0.40 57.16
CA GLY B 211 -22.84 -0.55 56.14
C GLY B 211 -22.93 0.43 54.99
N VAL B 212 -23.81 1.41 55.06
CA VAL B 212 -23.97 2.42 54.00
C VAL B 212 -23.61 3.77 54.59
N ASP B 213 -22.66 4.46 53.98
CA ASP B 213 -22.21 5.75 54.47
C ASP B 213 -23.30 6.80 54.25
N GLY B 214 -23.80 7.37 55.34
CA GLY B 214 -24.81 8.40 55.27
C GLY B 214 -26.23 7.91 55.13
N TYR B 215 -26.48 6.61 55.30
CA TYR B 215 -27.83 6.08 55.17
C TYR B 215 -28.18 5.11 56.29
N ASP B 216 -27.48 5.17 57.42
CA ASP B 216 -27.80 4.30 58.55
C ASP B 216 -29.14 4.69 59.14
N TYR B 217 -29.83 3.69 59.70
CA TYR B 217 -31.15 3.89 60.29
C TYR B 217 -31.32 2.89 61.43
N SER B 218 -31.44 3.41 62.65
CA SER B 218 -31.59 2.57 63.82
C SER B 218 -33.05 2.22 64.07
N ARG B 219 -33.27 1.26 64.96
CA ARG B 219 -34.64 0.86 65.28
C ARG B 219 -35.36 1.93 66.09
N GLY B 220 -34.64 2.62 66.97
CA GLY B 220 -35.24 3.71 67.73
C GLY B 220 -35.52 4.95 66.90
N GLN B 221 -34.77 5.14 65.81
CA GLN B 221 -35.02 6.28 64.93
C GLN B 221 -36.40 6.19 64.28
N LEU B 222 -36.84 4.97 63.95
CA LEU B 222 -38.18 4.79 63.40
C LEU B 222 -39.24 5.21 64.40
N ILE B 223 -39.07 4.80 65.67
CA ILE B 223 -40.02 5.18 66.70
C ILE B 223 -40.02 6.69 66.90
N GLU B 224 -38.83 7.30 66.89
CA GLU B 224 -38.75 8.75 67.06
C GLU B 224 -39.44 9.48 65.91
N ASP B 225 -39.26 9.01 64.67
CA ASP B 225 -39.91 9.64 63.53
C ASP B 225 -41.42 9.46 63.59
N VAL B 226 -41.88 8.28 64.00
CA VAL B 226 -43.32 8.05 64.11
C VAL B 226 -43.92 8.97 65.17
N GLU B 227 -43.24 9.12 66.31
CA GLU B 227 -43.73 10.03 67.35
C GLU B 227 -43.72 11.48 66.88
N HIS B 228 -42.68 11.88 66.14
CA HIS B 228 -42.61 13.25 65.65
C HIS B 228 -43.72 13.53 64.65
N THR B 229 -44.05 12.56 63.80
CA THR B 229 -45.14 12.75 62.85
C THR B 229 -46.49 12.74 63.56
N PHE B 230 -46.63 11.92 64.61
CA PHE B 230 -47.89 11.89 65.35
C PHE B 230 -48.10 13.21 66.10
N GLU B 231 -47.03 13.82 66.59
CA GLU B 231 -47.15 15.09 67.29
C GLU B 231 -47.70 16.19 66.39
N GLU B 232 -47.46 16.08 65.07
CA GLU B 232 -48.00 17.06 64.13
C GLU B 232 -49.34 16.64 63.55
N ILE B 233 -49.63 15.34 63.51
CA ILE B 233 -50.94 14.90 63.05
C ILE B 233 -51.99 15.09 64.15
N LYS B 234 -51.57 15.16 65.41
CA LYS B 234 -52.49 15.29 66.53
C LYS B 234 -53.52 16.41 66.39
N PRO B 235 -53.16 17.64 65.95
CA PRO B 235 -54.21 18.66 65.78
C PRO B 235 -55.26 18.29 64.74
N LEU B 236 -54.82 17.72 63.61
CA LEU B 236 -55.77 17.36 62.56
C LEU B 236 -56.72 16.26 63.04
N TYR B 237 -56.18 15.22 63.67
CA TYR B 237 -57.04 14.16 64.20
C TYR B 237 -57.94 14.67 65.31
N GLU B 238 -57.46 15.61 66.12
CA GLU B 238 -58.30 16.19 67.17
C GLU B 238 -59.47 16.95 66.58
N HIS B 239 -59.21 17.77 65.56
CA HIS B 239 -60.28 18.50 64.89
C HIS B 239 -61.26 17.55 64.21
N LEU B 240 -60.74 16.48 63.60
CA LEU B 240 -61.62 15.50 62.95
C LEU B 240 -62.50 14.80 63.99
N HIS B 241 -61.94 14.41 65.12
CA HIS B 241 -62.71 13.77 66.17
C HIS B 241 -63.76 14.71 66.74
N ALA B 242 -63.40 15.99 66.92
CA ALA B 242 -64.37 16.96 67.41
C ALA B 242 -65.51 17.16 66.42
N TYR B 243 -65.20 17.19 65.12
CA TYR B 243 -66.25 17.34 64.12
C TYR B 243 -67.16 16.11 64.09
N VAL B 244 -66.57 14.91 64.17
CA VAL B 244 -67.38 13.69 64.18
C VAL B 244 -68.28 13.66 65.42
N ARG B 245 -67.74 14.10 66.55
CA ARG B 245 -68.53 14.14 67.79
C ARG B 245 -69.69 15.13 67.66
N ALA B 246 -69.41 16.32 67.12
CA ALA B 246 -70.47 17.31 66.96
C ALA B 246 -71.53 16.85 65.96
N LYS B 247 -71.13 16.08 64.94
CA LYS B 247 -72.10 15.58 63.98
C LYS B 247 -72.94 14.44 64.54
N LEU B 248 -72.32 13.54 65.31
CA LEU B 248 -73.04 12.42 65.89
C LEU B 248 -73.83 12.80 67.13
N MET B 249 -73.57 13.97 67.72
CA MET B 249 -74.33 14.39 68.89
C MET B 249 -75.80 14.62 68.56
N ASN B 250 -76.09 15.10 67.35
CA ASN B 250 -77.47 15.35 66.95
C ASN B 250 -78.20 14.08 66.52
N ALA B 251 -77.46 13.02 66.16
CA ALA B 251 -78.08 11.78 65.72
C ALA B 251 -78.37 10.81 66.86
N TYR B 252 -77.64 10.92 67.98
CA TYR B 252 -77.83 10.04 69.14
C TYR B 252 -77.94 10.90 70.38
N PRO B 253 -79.15 11.24 70.80
CA PRO B 253 -79.31 12.05 72.01
C PRO B 253 -78.97 11.26 73.26
N SER B 254 -78.38 11.95 74.24
CA SER B 254 -77.97 11.40 75.53
C SER B 254 -76.96 10.26 75.40
N TYR B 255 -76.34 10.10 74.22
CA TYR B 255 -75.34 9.07 73.99
C TYR B 255 -73.96 9.63 73.70
N ILE B 256 -73.86 10.56 72.75
CA ILE B 256 -72.59 11.18 72.42
C ILE B 256 -72.31 12.27 73.44
N SER B 257 -71.11 12.22 74.04
CA SER B 257 -70.74 13.22 75.03
C SER B 257 -70.51 14.57 74.37
N PRO B 258 -70.90 15.67 75.01
CA PRO B 258 -70.68 16.99 74.42
C PRO B 258 -69.23 17.43 74.50
N ILE B 259 -68.53 17.01 75.56
CA ILE B 259 -67.13 17.38 75.76
C ILE B 259 -66.22 16.18 75.96
N GLY B 260 -66.76 14.97 76.01
CA GLY B 260 -65.96 13.77 76.19
C GLY B 260 -65.60 13.10 74.87
N CYS B 261 -65.19 11.84 74.98
CA CYS B 261 -64.79 11.06 73.83
C CYS B 261 -66.01 10.36 73.22
N LEU B 262 -65.76 9.54 72.17
CA LEU B 262 -66.80 8.80 71.49
C LEU B 262 -66.81 7.34 71.94
N PRO B 263 -67.98 6.72 72.02
CA PRO B 263 -68.04 5.32 72.43
C PRO B 263 -67.58 4.39 71.31
N ALA B 264 -67.17 3.18 71.72
CA ALA B 264 -66.66 2.22 70.76
C ALA B 264 -67.76 1.68 69.84
N HIS B 265 -68.97 1.53 70.36
CA HIS B 265 -70.08 0.96 69.59
C HIS B 265 -70.67 1.95 68.59
N LEU B 266 -70.13 3.16 68.49
CA LEU B 266 -70.63 4.15 67.54
C LEU B 266 -69.52 4.68 66.63
N LEU B 267 -68.37 3.99 66.58
CA LEU B 267 -67.27 4.40 65.72
C LEU B 267 -67.42 3.89 64.29
N GLY B 268 -68.44 3.08 64.01
CA GLY B 268 -68.61 2.52 62.69
C GLY B 268 -67.69 1.37 62.35
N ASP B 269 -67.02 0.79 63.34
CA ASP B 269 -66.11 -0.32 63.10
C ASP B 269 -66.12 -1.23 64.32
N MET B 270 -65.79 -2.51 64.09
CA MET B 270 -65.76 -3.48 65.19
C MET B 270 -64.68 -3.14 66.20
N TRP B 271 -63.55 -2.60 65.74
CA TRP B 271 -62.45 -2.25 66.61
C TRP B 271 -62.08 -0.78 66.58
N GLY B 272 -62.62 -0.01 65.65
CA GLY B 272 -62.29 1.39 65.50
C GLY B 272 -61.20 1.69 64.50
N ARG B 273 -61.06 0.89 63.45
CA ARG B 273 -60.00 1.09 62.47
C ARG B 273 -60.37 2.18 61.47
N PHE B 274 -61.43 1.97 60.71
CA PHE B 274 -61.87 2.91 59.68
C PHE B 274 -63.17 3.58 60.08
N TRP B 275 -63.32 4.85 59.71
CA TRP B 275 -64.52 5.62 59.98
C TRP B 275 -65.29 5.94 58.70
N THR B 276 -65.13 5.10 57.66
CA THR B 276 -65.83 5.35 56.40
C THR B 276 -67.33 5.15 56.53
N ASN B 277 -67.76 4.25 57.42
CA ASN B 277 -69.18 4.01 57.61
C ASN B 277 -69.92 5.21 58.18
N LEU B 278 -69.21 6.13 58.83
CA LEU B 278 -69.81 7.33 59.39
C LEU B 278 -69.91 8.46 58.38
N TYR B 279 -69.48 8.25 57.13
CA TYR B 279 -69.56 9.30 56.13
C TYR B 279 -70.99 9.60 55.73
N SER B 280 -71.87 8.60 55.79
CA SER B 280 -73.28 8.81 55.43
C SER B 280 -73.98 9.68 56.45
N LEU B 281 -73.52 9.67 57.71
CA LEU B 281 -74.15 10.45 58.76
C LEU B 281 -73.39 11.73 59.10
N THR B 282 -72.14 11.86 58.65
CA THR B 282 -71.33 13.05 58.94
C THR B 282 -70.96 13.81 57.67
N VAL B 283 -71.74 13.66 56.60
CA VAL B 283 -71.43 14.37 55.36
C VAL B 283 -71.84 15.83 55.50
N PRO B 284 -70.98 16.78 55.14
CA PRO B 284 -71.35 18.20 55.32
C PRO B 284 -72.36 18.68 54.31
N PHE B 285 -72.28 18.20 53.07
CA PHE B 285 -73.11 18.68 51.96
C PHE B 285 -73.82 17.51 51.29
N GLY B 286 -74.46 16.68 52.10
CA GLY B 286 -75.19 15.51 51.60
C GLY B 286 -76.34 15.84 50.66
N GLN B 287 -76.68 17.12 50.50
CA GLN B 287 -77.75 17.50 49.58
C GLN B 287 -77.40 17.19 48.13
N LYS B 288 -76.12 17.05 47.81
CA LYS B 288 -75.69 16.72 46.46
C LYS B 288 -74.88 15.43 46.49
N PRO B 289 -75.13 14.50 45.56
CA PRO B 289 -74.39 13.24 45.57
C PRO B 289 -72.92 13.45 45.27
N ASN B 290 -72.10 12.53 45.80
CA ASN B 290 -70.67 12.59 45.57
C ASN B 290 -70.33 12.11 44.16
N ILE B 291 -69.12 12.44 43.71
CA ILE B 291 -68.67 12.05 42.39
C ILE B 291 -68.54 10.53 42.34
N ASP B 292 -69.27 9.91 41.42
CA ASP B 292 -69.26 8.45 41.28
C ASP B 292 -69.50 8.12 39.81
N VAL B 293 -68.59 7.33 39.23
CA VAL B 293 -68.69 6.95 37.83
C VAL B 293 -69.36 5.59 37.66
N THR B 294 -70.03 5.09 38.70
CA THR B 294 -70.71 3.80 38.60
C THR B 294 -71.90 3.88 37.65
N ASP B 295 -72.72 4.92 37.79
CA ASP B 295 -73.87 5.08 36.91
C ASP B 295 -73.45 5.28 35.46
N ALA B 296 -72.33 5.97 35.23
CA ALA B 296 -71.84 6.16 33.87
C ALA B 296 -71.44 4.82 33.25
N MET B 297 -70.74 3.98 34.01
CA MET B 297 -70.35 2.67 33.49
C MET B 297 -71.56 1.75 33.31
N VAL B 298 -72.59 1.91 34.13
CA VAL B 298 -73.80 1.12 33.94
C VAL B 298 -74.53 1.55 32.68
N ASP B 299 -74.62 2.87 32.44
CA ASP B 299 -75.30 3.35 31.24
C ASP B 299 -74.52 3.00 29.99
N GLN B 300 -73.19 3.06 30.04
CA GLN B 300 -72.36 2.72 28.89
C GLN B 300 -72.16 1.22 28.73
N ALA B 301 -72.68 0.42 29.65
CA ALA B 301 -72.61 -1.05 29.57
C ALA B 301 -71.17 -1.54 29.47
N TRP B 302 -70.33 -1.07 30.39
CA TRP B 302 -68.96 -1.50 30.46
C TRP B 302 -68.86 -2.83 31.21
N ASP B 303 -67.65 -3.38 31.25
CA ASP B 303 -67.39 -4.65 31.93
C ASP B 303 -65.99 -4.58 32.53
N ALA B 304 -65.55 -5.71 33.11
CA ALA B 304 -64.22 -5.75 33.70
C ALA B 304 -63.12 -5.65 32.64
N GLN B 305 -63.38 -6.19 31.44
CA GLN B 305 -62.38 -6.12 30.39
C GLN B 305 -62.09 -4.69 29.98
N ARG B 306 -63.14 -3.87 29.84
CA ARG B 306 -62.94 -2.47 29.50
C ARG B 306 -62.20 -1.73 30.61
N ILE B 307 -62.52 -2.04 31.86
CA ILE B 307 -61.84 -1.42 32.99
C ILE B 307 -60.35 -1.74 32.97
N PHE B 308 -60.02 -3.02 32.75
CA PHE B 308 -58.62 -3.41 32.72
C PHE B 308 -57.90 -2.83 31.50
N LYS B 309 -58.59 -2.68 30.37
CA LYS B 309 -57.97 -2.05 29.21
C LYS B 309 -57.69 -0.58 29.47
N GLU B 310 -58.64 0.13 30.11
CA GLU B 310 -58.40 1.53 30.46
C GLU B 310 -57.26 1.66 31.45
N ALA B 311 -57.18 0.74 32.42
CA ALA B 311 -56.07 0.77 33.37
C ALA B 311 -54.74 0.51 32.69
N GLU B 312 -54.71 -0.43 31.74
CA GLU B 312 -53.48 -0.69 30.99
C GLU B 312 -53.06 0.52 30.18
N LYS B 313 -54.02 1.19 29.53
CA LYS B 313 -53.70 2.40 28.77
C LYS B 313 -53.20 3.50 29.68
N PHE B 314 -53.78 3.62 30.88
CA PHE B 314 -53.31 4.62 31.83
C PHE B 314 -51.89 4.34 32.30
N PHE B 315 -51.57 3.06 32.53
CA PHE B 315 -50.23 2.71 32.98
C PHE B 315 -49.21 2.83 31.85
N VAL B 316 -49.64 2.64 30.60
CA VAL B 316 -48.72 2.81 29.48
C VAL B 316 -48.49 4.29 29.17
N SER B 317 -49.51 5.12 29.37
CA SER B 317 -49.39 6.55 29.05
C SER B 317 -48.35 7.25 29.91
N VAL B 318 -47.99 6.70 31.07
CA VAL B 318 -47.01 7.33 31.95
C VAL B 318 -45.63 6.76 31.63
N GLY B 319 -45.56 5.86 30.67
CA GLY B 319 -44.29 5.30 30.24
C GLY B 319 -43.96 3.92 30.77
N LEU B 320 -44.90 3.26 31.46
CA LEU B 320 -44.59 1.93 31.95
C LEU B 320 -44.87 0.88 30.88
N PRO B 321 -44.15 -0.24 30.90
CA PRO B 321 -44.37 -1.28 29.89
C PRO B 321 -45.77 -1.86 29.98
N ASN B 322 -46.30 -2.29 28.84
CA ASN B 322 -47.64 -2.84 28.78
C ASN B 322 -47.67 -4.24 29.39
N MET B 323 -48.88 -4.76 29.55
CA MET B 323 -49.07 -6.08 30.13
C MET B 323 -48.71 -7.17 29.12
N THR B 324 -48.26 -8.31 29.65
CA THR B 324 -47.88 -9.44 28.81
C THR B 324 -49.12 -10.20 28.34
N GLN B 325 -48.91 -11.03 27.31
CA GLN B 325 -50.01 -11.83 26.78
C GLN B 325 -50.43 -12.92 27.77
N GLY B 326 -49.45 -13.53 28.45
CA GLY B 326 -49.78 -14.53 29.46
C GLY B 326 -50.62 -13.97 30.59
N PHE B 327 -50.45 -12.69 30.89
CA PHE B 327 -51.29 -12.05 31.90
C PHE B 327 -52.76 -12.10 31.51
N TRP B 328 -53.07 -11.67 30.29
CA TRP B 328 -54.45 -11.69 29.82
C TRP B 328 -54.94 -13.10 29.54
N GLU B 329 -54.05 -14.05 29.29
CA GLU B 329 -54.45 -15.42 29.00
C GLU B 329 -54.57 -16.29 30.23
N ASN B 330 -54.06 -15.86 31.39
CA ASN B 330 -54.09 -16.67 32.60
C ASN B 330 -54.83 -16.03 33.77
N SER B 331 -55.00 -14.71 33.78
CA SER B 331 -55.67 -14.06 34.89
C SER B 331 -57.18 -14.28 34.82
N MET B 332 -57.79 -14.51 35.99
CA MET B 332 -59.23 -14.70 36.08
C MET B 332 -59.86 -13.38 36.49
N LEU B 333 -60.12 -12.54 35.48
CA LEU B 333 -60.69 -11.22 35.69
C LEU B 333 -62.21 -11.22 35.74
N THR B 334 -62.84 -12.38 35.66
CA THR B 334 -64.29 -12.48 35.68
C THR B 334 -64.71 -13.69 36.51
N ASP B 335 -65.74 -13.51 37.31
CA ASP B 335 -66.26 -14.59 38.15
C ASP B 335 -66.78 -15.73 37.28
N PRO B 336 -66.18 -16.92 37.35
CA PRO B 336 -66.66 -18.03 36.50
C PRO B 336 -68.01 -18.58 36.90
N GLY B 337 -68.50 -18.27 38.10
CA GLY B 337 -69.79 -18.75 38.54
C GLY B 337 -69.69 -19.96 39.43
N ASN B 338 -70.77 -20.75 39.43
CA ASN B 338 -70.84 -21.95 40.27
C ASN B 338 -70.01 -23.09 39.71
N VAL B 339 -69.61 -23.02 38.43
CA VAL B 339 -68.84 -24.10 37.83
C VAL B 339 -67.44 -24.22 38.44
N GLN B 340 -66.96 -23.17 39.08
CA GLN B 340 -65.64 -23.18 39.72
C GLN B 340 -65.76 -22.61 41.12
N LYS B 341 -65.08 -23.25 42.07
CA LYS B 341 -65.11 -22.82 43.47
C LYS B 341 -64.06 -21.75 43.72
N ALA B 342 -64.20 -20.63 43.02
CA ALA B 342 -63.28 -19.51 43.16
C ALA B 342 -63.70 -18.62 44.32
N VAL B 343 -62.72 -17.91 44.88
CA VAL B 343 -62.93 -17.01 46.00
C VAL B 343 -62.70 -15.58 45.50
N CYS B 344 -63.73 -14.74 45.62
CA CYS B 344 -63.64 -13.34 45.20
C CYS B 344 -62.87 -12.55 46.25
N HIS B 345 -61.55 -12.68 46.21
CA HIS B 345 -60.66 -11.98 47.13
C HIS B 345 -59.55 -11.32 46.32
N PRO B 346 -59.64 -10.01 46.06
CA PRO B 346 -58.62 -9.36 45.24
C PRO B 346 -57.27 -9.27 45.93
N THR B 347 -56.30 -10.03 45.45
CA THR B 347 -54.95 -10.03 45.99
C THR B 347 -53.94 -10.12 44.85
N ALA B 348 -52.75 -9.58 45.09
CA ALA B 348 -51.69 -9.62 44.09
C ALA B 348 -51.05 -11.00 44.04
N TRP B 349 -50.93 -11.54 42.83
CA TRP B 349 -50.33 -12.85 42.61
C TRP B 349 -49.09 -12.70 41.74
N ASP B 350 -47.97 -13.22 42.22
CA ASP B 350 -46.69 -13.18 41.50
C ASP B 350 -46.10 -14.58 41.53
N LEU B 351 -46.41 -15.38 40.51
CA LEU B 351 -45.91 -16.75 40.44
C LEU B 351 -44.43 -16.80 40.11
N GLY B 352 -43.86 -15.75 39.54
CA GLY B 352 -42.46 -15.73 39.18
C GLY B 352 -42.19 -16.20 37.77
N LYS B 353 -40.99 -15.89 37.29
CA LYS B 353 -40.54 -16.27 35.95
C LYS B 353 -41.48 -15.75 34.87
N GLY B 354 -41.98 -14.53 35.07
CA GLY B 354 -42.83 -13.89 34.08
C GLY B 354 -44.29 -14.28 34.12
N ASP B 355 -44.72 -14.99 35.17
CA ASP B 355 -46.12 -15.42 35.27
C ASP B 355 -46.81 -14.54 36.31
N PHE B 356 -47.44 -13.48 35.83
CA PHE B 356 -48.16 -12.54 36.67
C PHE B 356 -49.66 -12.68 36.42
N ARG B 357 -50.42 -12.92 37.49
CA ARG B 357 -51.86 -13.12 37.39
C ARG B 357 -52.57 -12.27 38.43
N ILE B 358 -53.87 -12.05 38.19
CA ILE B 358 -54.72 -11.28 39.09
C ILE B 358 -56.03 -12.04 39.26
N LEU B 359 -56.41 -12.28 40.51
CA LEU B 359 -57.66 -12.96 40.85
C LEU B 359 -58.58 -11.96 41.52
N MET B 360 -59.61 -11.51 40.80
CA MET B 360 -60.53 -10.52 41.31
C MET B 360 -61.85 -10.60 40.54
N CYS B 361 -62.96 -10.56 41.27
CA CYS B 361 -64.29 -10.54 40.66
C CYS B 361 -64.72 -9.09 40.44
N THR B 362 -64.10 -8.47 39.44
CA THR B 362 -64.33 -7.06 39.17
C THR B 362 -65.72 -6.83 38.59
N LYS B 363 -66.41 -5.83 39.12
CA LYS B 363 -67.73 -5.43 38.61
C LYS B 363 -67.71 -3.97 38.20
N VAL B 364 -68.86 -3.44 37.81
CA VAL B 364 -68.94 -2.05 37.31
C VAL B 364 -69.22 -1.17 38.51
N THR B 365 -68.14 -0.84 39.23
CA THR B 365 -68.20 0.06 40.38
C THR B 365 -66.89 0.83 40.47
N MET B 366 -66.94 1.97 41.17
CA MET B 366 -65.74 2.77 41.35
C MET B 366 -64.76 2.11 42.32
N ASP B 367 -65.28 1.45 43.36
CA ASP B 367 -64.40 0.75 44.29
C ASP B 367 -63.66 -0.38 43.59
N ASP B 368 -64.35 -1.15 42.75
CA ASP B 368 -63.67 -2.18 41.98
C ASP B 368 -62.68 -1.58 40.98
N PHE B 369 -62.98 -0.40 40.45
CA PHE B 369 -62.04 0.28 39.56
C PHE B 369 -60.75 0.62 40.32
N LEU B 370 -60.88 1.20 41.51
CA LEU B 370 -59.69 1.53 42.30
C LEU B 370 -58.94 0.28 42.72
N THR B 371 -59.67 -0.80 43.04
CA THR B 371 -59.00 -2.04 43.42
C THR B 371 -58.24 -2.65 42.24
N ALA B 372 -58.83 -2.61 41.05
CA ALA B 372 -58.13 -3.10 39.86
C ALA B 372 -56.90 -2.26 39.55
N HIS B 373 -57.00 -0.94 39.73
CA HIS B 373 -55.82 -0.09 39.54
C HIS B 373 -54.74 -0.43 40.57
N HIS B 374 -55.13 -0.69 41.81
CA HIS B 374 -54.16 -1.07 42.84
C HIS B 374 -53.48 -2.39 42.49
N GLU B 375 -54.26 -3.36 42.01
CA GLU B 375 -53.68 -4.65 41.64
C GLU B 375 -52.75 -4.52 40.44
N MET B 376 -53.13 -3.69 39.46
CA MET B 376 -52.26 -3.49 38.31
C MET B 376 -50.97 -2.76 38.71
N GLY B 377 -51.06 -1.83 39.66
CA GLY B 377 -49.86 -1.21 40.18
C GLY B 377 -48.95 -2.20 40.90
N HIS B 378 -49.55 -3.09 41.68
CA HIS B 378 -48.77 -4.15 42.32
C HIS B 378 -48.09 -5.04 41.29
N ILE B 379 -48.80 -5.38 40.22
CA ILE B 379 -48.22 -6.24 39.18
C ILE B 379 -47.09 -5.49 38.46
N GLN B 380 -47.27 -4.20 38.21
CA GLN B 380 -46.20 -3.42 37.58
C GLN B 380 -44.98 -3.33 38.48
N TYR B 381 -45.18 -3.18 39.79
CA TYR B 381 -44.05 -3.19 40.72
C TYR B 381 -43.34 -4.54 40.70
N ASP B 382 -44.11 -5.63 40.70
CA ASP B 382 -43.52 -6.96 40.66
C ASP B 382 -42.70 -7.17 39.39
N MET B 383 -43.22 -6.71 38.25
CA MET B 383 -42.45 -6.76 37.01
C MET B 383 -41.24 -5.84 37.06
N ALA B 384 -41.31 -4.76 37.84
CA ALA B 384 -40.19 -3.84 37.94
C ALA B 384 -39.02 -4.46 38.72
N TYR B 385 -39.28 -5.00 39.90
CA TYR B 385 -38.22 -5.63 40.68
C TYR B 385 -38.01 -7.09 40.33
N ALA B 386 -38.49 -7.53 39.16
CA ALA B 386 -38.30 -8.92 38.75
C ALA B 386 -36.87 -9.21 38.33
N ALA B 387 -36.09 -8.19 37.97
CA ALA B 387 -34.71 -8.40 37.55
C ALA B 387 -33.81 -8.80 38.70
N GLN B 388 -34.17 -8.45 39.93
CA GLN B 388 -33.37 -8.82 41.09
C GLN B 388 -33.52 -10.31 41.37
N PRO B 389 -32.56 -10.90 42.09
CA PRO B 389 -32.67 -12.31 42.46
C PRO B 389 -33.90 -12.59 43.29
N PHE B 390 -34.20 -13.89 43.45
CA PHE B 390 -35.43 -14.30 44.12
C PHE B 390 -35.49 -13.77 45.55
N LEU B 391 -34.36 -13.78 46.26
CA LEU B 391 -34.32 -13.25 47.62
C LEU B 391 -34.48 -11.74 47.67
N LEU B 392 -34.40 -11.07 46.53
CA LEU B 392 -34.56 -9.61 46.46
C LEU B 392 -35.82 -9.21 45.69
N ARG B 393 -36.65 -10.17 45.28
CA ARG B 393 -37.89 -9.88 44.56
C ARG B 393 -38.94 -9.36 45.53
N ASN B 394 -38.72 -8.13 45.98
CA ASN B 394 -39.64 -7.47 46.90
C ASN B 394 -39.35 -5.97 46.88
N GLY B 395 -40.34 -5.19 47.29
CA GLY B 395 -40.17 -3.76 47.35
C GLY B 395 -39.15 -3.33 48.39
N ALA B 396 -38.85 -2.03 48.38
CA ALA B 396 -37.87 -1.49 49.33
C ALA B 396 -38.33 -1.66 50.78
N ASN B 397 -39.64 -1.69 51.01
CA ASN B 397 -40.19 -1.90 52.34
C ASN B 397 -41.57 -2.52 52.20
N GLU B 398 -42.20 -2.79 53.34
CA GLU B 398 -43.53 -3.41 53.33
C GLU B 398 -44.64 -2.42 53.04
N GLY B 399 -44.33 -1.19 52.66
CA GLY B 399 -45.34 -0.19 52.39
C GLY B 399 -45.22 0.47 51.03
N PHE B 400 -44.25 0.02 50.23
CA PHE B 400 -44.04 0.62 48.91
C PHE B 400 -45.11 0.17 47.91
N HIS B 401 -45.46 -1.11 47.92
CA HIS B 401 -46.46 -1.62 46.99
C HIS B 401 -47.81 -0.94 47.20
N GLU B 402 -48.27 -0.88 48.45
CA GLU B 402 -49.54 -0.24 48.75
C GLU B 402 -49.48 1.26 48.45
N ALA B 403 -48.33 1.89 48.68
CA ALA B 403 -48.20 3.31 48.36
C ALA B 403 -48.34 3.55 46.86
N VAL B 404 -47.68 2.73 46.05
CA VAL B 404 -47.78 2.86 44.60
C VAL B 404 -49.21 2.61 44.15
N GLY B 405 -49.85 1.58 44.70
CA GLY B 405 -51.23 1.31 44.34
C GLY B 405 -52.16 2.46 44.69
N GLU B 406 -51.97 3.06 45.87
CA GLU B 406 -52.84 4.15 46.29
C GLU B 406 -52.60 5.41 45.45
N ILE B 407 -51.35 5.71 45.12
CA ILE B 407 -51.11 6.90 44.31
C ILE B 407 -51.62 6.69 42.89
N MET B 408 -51.55 5.46 42.37
CA MET B 408 -52.13 5.18 41.05
C MET B 408 -53.65 5.30 41.09
N SER B 409 -54.28 4.82 42.17
CA SER B 409 -55.72 4.95 42.30
C SER B 409 -56.14 6.42 42.40
N LEU B 410 -55.37 7.22 43.13
CA LEU B 410 -55.69 8.64 43.27
C LEU B 410 -55.49 9.37 41.94
N SER B 411 -54.46 8.99 41.18
CA SER B 411 -54.25 9.61 39.87
C SER B 411 -55.36 9.23 38.90
N ALA B 412 -55.85 7.98 38.99
CA ALA B 412 -56.95 7.57 38.13
C ALA B 412 -58.27 8.19 38.54
N ALA B 413 -58.45 8.47 39.83
CA ALA B 413 -59.69 9.06 40.33
C ALA B 413 -59.77 10.56 40.13
N THR B 414 -58.80 11.17 39.46
CA THR B 414 -58.84 12.60 39.21
C THR B 414 -59.97 12.92 38.23
N PRO B 415 -60.65 14.06 38.40
CA PRO B 415 -61.75 14.41 37.48
C PRO B 415 -61.28 14.57 36.04
N LYS B 416 -60.05 15.04 35.82
CA LYS B 416 -59.55 15.21 34.46
C LYS B 416 -59.43 13.87 33.75
N HIS B 417 -58.91 12.85 34.44
CA HIS B 417 -58.80 11.53 33.84
C HIS B 417 -60.18 10.93 33.56
N LEU B 418 -61.14 11.16 34.46
CA LEU B 418 -62.48 10.64 34.26
C LEU B 418 -63.17 11.32 33.08
N LYS B 419 -62.90 12.62 32.88
CA LYS B 419 -63.45 13.30 31.72
C LYS B 419 -62.75 12.89 30.44
N SER B 420 -61.46 12.54 30.52
CA SER B 420 -60.73 12.12 29.34
C SER B 420 -61.14 10.73 28.88
N ILE B 421 -61.40 9.81 29.82
CA ILE B 421 -61.77 8.44 29.46
C ILE B 421 -63.21 8.34 28.99
N GLY B 422 -63.99 9.41 29.08
CA GLY B 422 -65.34 9.40 28.56
C GLY B 422 -66.43 9.05 29.56
N LEU B 423 -66.12 9.01 30.85
CA LEU B 423 -67.12 8.71 31.85
C LEU B 423 -67.87 9.94 32.34
N LEU B 424 -67.23 11.10 32.32
CA LEU B 424 -67.84 12.35 32.74
C LEU B 424 -68.00 13.29 31.55
N SER B 425 -69.07 14.09 31.59
CA SER B 425 -69.32 15.04 30.52
C SER B 425 -68.28 16.16 30.53
N PRO B 426 -67.96 16.73 29.37
CA PRO B 426 -66.97 17.82 29.34
C PRO B 426 -67.44 19.08 30.03
N ASP B 427 -68.76 19.29 30.18
CA ASP B 427 -69.29 20.46 30.85
C ASP B 427 -69.36 20.29 32.36
N PHE B 428 -68.80 19.21 32.90
CA PHE B 428 -68.85 18.99 34.35
C PHE B 428 -67.93 19.97 35.07
N GLN B 429 -68.36 20.41 36.24
CA GLN B 429 -67.59 21.34 37.05
C GLN B 429 -67.53 20.82 38.48
N GLU B 430 -66.58 21.37 39.25
CA GLU B 430 -66.37 20.98 40.63
C GLU B 430 -66.33 22.22 41.51
N ASP B 431 -66.97 22.14 42.67
CA ASP B 431 -67.03 23.24 43.63
C ASP B 431 -66.24 22.87 44.88
N ASN B 432 -66.20 23.80 45.83
CA ASN B 432 -65.44 23.57 47.06
C ASN B 432 -66.13 22.56 47.96
N GLU B 433 -67.46 22.43 47.86
CA GLU B 433 -68.18 21.49 48.72
C GLU B 433 -67.81 20.05 48.40
N THR B 434 -67.72 19.72 47.11
CA THR B 434 -67.31 18.37 46.72
C THR B 434 -65.88 18.08 47.16
N GLU B 435 -65.00 19.08 47.05
CA GLU B 435 -63.62 18.91 47.52
C GLU B 435 -63.57 18.65 49.01
N ILE B 436 -64.36 19.40 49.79
CA ILE B 436 -64.38 19.22 51.24
C ILE B 436 -64.93 17.84 51.59
N ASN B 437 -65.98 17.40 50.89
CA ASN B 437 -66.53 16.07 51.14
C ASN B 437 -65.53 14.98 50.82
N PHE B 438 -64.81 15.11 49.69
CA PHE B 438 -63.82 14.11 49.32
C PHE B 438 -62.67 14.08 50.33
N LEU B 439 -62.23 15.25 50.79
CA LEU B 439 -61.17 15.29 51.79
C LEU B 439 -61.63 14.68 53.11
N LEU B 440 -62.88 14.94 53.51
CA LEU B 440 -63.39 14.34 54.74
C LEU B 440 -63.48 12.82 54.62
N LYS B 441 -63.90 12.34 53.45
CA LYS B 441 -63.96 10.88 53.24
C LYS B 441 -62.57 10.28 53.29
N GLN B 442 -61.59 10.92 52.65
CA GLN B 442 -60.23 10.41 52.67
C GLN B 442 -59.65 10.44 54.09
N ALA B 443 -60.00 11.46 54.87
CA ALA B 443 -59.52 11.53 56.25
C ALA B 443 -60.14 10.44 57.11
N LEU B 444 -61.44 10.17 56.92
CA LEU B 444 -62.09 9.11 57.68
C LEU B 444 -61.59 7.73 57.24
N THR B 445 -61.14 7.60 55.99
CA THR B 445 -60.67 6.32 55.49
C THR B 445 -59.22 6.02 55.87
N ILE B 446 -58.33 7.00 55.71
CA ILE B 446 -56.89 6.78 55.91
C ILE B 446 -56.43 7.32 57.26
N VAL B 447 -56.74 8.58 57.56
CA VAL B 447 -56.26 9.18 58.80
C VAL B 447 -56.97 8.62 60.02
N GLY B 448 -58.12 7.97 59.83
CA GLY B 448 -58.86 7.45 60.97
C GLY B 448 -58.16 6.31 61.69
N THR B 449 -57.27 5.61 61.00
CA THR B 449 -56.57 4.47 61.58
C THR B 449 -55.15 4.79 62.03
N LEU B 450 -54.69 6.02 61.84
CA LEU B 450 -53.31 6.35 62.22
C LEU B 450 -53.11 6.34 63.73
N PRO B 451 -53.92 7.03 64.55
CA PRO B 451 -53.67 6.97 66.00
C PRO B 451 -53.90 5.59 66.58
N PHE B 452 -54.89 4.84 66.07
CA PHE B 452 -55.08 3.47 66.52
C PHE B 452 -53.87 2.62 66.18
N THR B 453 -53.31 2.80 64.98
CA THR B 453 -52.10 2.08 64.60
C THR B 453 -50.94 2.42 65.54
N TYR B 454 -50.76 3.72 65.83
CA TYR B 454 -49.68 4.12 66.74
C TYR B 454 -49.87 3.52 68.12
N MET B 455 -51.10 3.54 68.64
CA MET B 455 -51.36 3.00 69.97
C MET B 455 -51.11 1.49 70.01
N LEU B 456 -51.59 0.76 69.00
CA LEU B 456 -51.38 -0.67 68.95
C LEU B 456 -49.90 -1.01 68.83
N GLU B 457 -49.16 -0.25 68.03
CA GLU B 457 -47.74 -0.52 67.86
C GLU B 457 -46.97 -0.23 69.15
N LYS B 458 -47.32 0.86 69.84
CA LYS B 458 -46.68 1.17 71.11
C LYS B 458 -46.99 0.11 72.16
N TRP B 459 -48.23 -0.38 72.18
CA TRP B 459 -48.59 -1.44 73.10
C TRP B 459 -47.80 -2.71 72.82
N ARG B 460 -47.69 -3.09 71.54
CA ARG B 460 -46.88 -4.25 71.18
C ARG B 460 -45.43 -4.07 71.59
N TRP B 461 -44.87 -2.87 71.37
CA TRP B 461 -43.47 -2.62 71.70
C TRP B 461 -43.24 -2.69 73.20
N MET B 462 -44.16 -2.15 74.00
CA MET B 462 -44.00 -2.18 75.45
C MET B 462 -44.31 -3.55 76.04
N VAL B 463 -45.09 -4.38 75.35
CA VAL B 463 -45.33 -5.73 75.84
C VAL B 463 -44.16 -6.65 75.50
N PHE B 464 -43.58 -6.49 74.30
CA PHE B 464 -42.49 -7.36 73.88
C PHE B 464 -41.20 -7.11 74.63
N LYS B 465 -41.10 -6.05 75.42
CA LYS B 465 -39.90 -5.73 76.17
C LYS B 465 -40.06 -5.87 77.68
N GLY B 466 -41.17 -5.38 78.24
CA GLY B 466 -41.39 -5.54 79.66
C GLY B 466 -41.95 -4.31 80.36
N GLU B 467 -42.19 -3.23 79.60
CA GLU B 467 -42.72 -2.01 80.20
C GLU B 467 -44.14 -2.20 80.75
N ILE B 468 -44.88 -3.18 80.26
CA ILE B 468 -46.24 -3.46 80.70
C ILE B 468 -46.21 -4.76 81.51
N PRO B 469 -46.63 -4.73 82.77
CA PRO B 469 -46.64 -5.97 83.57
C PRO B 469 -47.73 -6.92 83.09
N LYS B 470 -47.60 -8.18 83.53
CA LYS B 470 -48.54 -9.21 83.09
C LYS B 470 -49.93 -8.99 83.68
N ASP B 471 -50.01 -8.50 84.91
CA ASP B 471 -51.29 -8.31 85.59
C ASP B 471 -51.97 -6.99 85.23
N GLN B 472 -51.42 -6.23 84.29
CA GLN B 472 -52.01 -4.95 83.89
C GLN B 472 -52.02 -4.82 82.37
N TRP B 473 -52.41 -5.88 81.68
CA TRP B 473 -52.49 -5.83 80.22
C TRP B 473 -53.70 -5.03 79.76
N MET B 474 -54.90 -5.46 80.14
CA MET B 474 -56.12 -4.80 79.69
C MET B 474 -56.24 -3.40 80.27
N LYS B 475 -55.82 -3.21 81.52
CA LYS B 475 -55.91 -1.90 82.15
C LYS B 475 -55.08 -0.87 81.39
N LYS B 476 -53.79 -1.15 81.18
CA LYS B 476 -52.94 -0.23 80.44
C LYS B 476 -53.36 -0.13 78.98
N TRP B 477 -53.89 -1.21 78.41
CA TRP B 477 -54.39 -1.15 77.04
C TRP B 477 -55.52 -0.13 76.91
N TRP B 478 -56.52 -0.23 77.78
CA TRP B 478 -57.62 0.73 77.74
C TRP B 478 -57.17 2.13 78.12
N GLU B 479 -56.18 2.25 79.01
CA GLU B 479 -55.65 3.57 79.34
C GLU B 479 -55.02 4.23 78.11
N MET B 480 -54.16 3.49 77.40
CA MET B 480 -53.55 4.02 76.19
C MET B 480 -54.61 4.30 75.13
N LYS B 481 -55.64 3.47 75.06
CA LYS B 481 -56.71 3.69 74.08
C LYS B 481 -57.44 5.01 74.36
N ARG B 482 -57.83 5.23 75.62
CA ARG B 482 -58.49 6.49 75.97
C ARG B 482 -57.56 7.68 75.81
N GLU B 483 -56.25 7.48 76.00
CA GLU B 483 -55.31 8.59 75.90
C GLU B 483 -55.07 9.00 74.46
N ILE B 484 -54.95 8.03 73.55
CA ILE B 484 -54.57 8.32 72.18
C ILE B 484 -55.80 8.36 71.29
N VAL B 485 -56.51 7.22 71.19
CA VAL B 485 -57.64 7.15 70.27
C VAL B 485 -58.83 7.93 70.81
N GLY B 486 -59.02 7.94 72.13
CA GLY B 486 -60.15 8.65 72.71
C GLY B 486 -61.46 7.91 72.58
N VAL B 487 -61.56 6.75 73.24
CA VAL B 487 -62.75 5.90 73.19
C VAL B 487 -63.25 5.71 74.62
N VAL B 488 -64.54 6.00 74.82
CA VAL B 488 -65.17 5.81 76.13
C VAL B 488 -65.51 4.33 76.30
N GLU B 489 -65.17 3.79 77.46
CA GLU B 489 -65.49 2.39 77.76
C GLU B 489 -66.98 2.23 77.98
N PRO B 490 -67.68 1.45 77.16
CA PRO B 490 -69.13 1.29 77.34
C PRO B 490 -69.46 0.37 78.50
N VAL B 491 -68.57 -0.58 78.79
CA VAL B 491 -68.78 -1.55 79.86
C VAL B 491 -67.44 -1.81 80.55
N PRO B 492 -67.38 -1.79 81.87
CA PRO B 492 -66.11 -2.05 82.57
C PRO B 492 -65.63 -3.48 82.34
N HIS B 493 -64.44 -3.60 81.78
CA HIS B 493 -63.81 -4.89 81.53
C HIS B 493 -62.86 -5.26 82.65
N ASP B 494 -62.37 -6.50 82.59
CA ASP B 494 -61.45 -7.01 83.59
C ASP B 494 -60.33 -7.77 82.87
N GLU B 495 -59.54 -8.51 83.64
CA GLU B 495 -58.37 -9.19 83.08
C GLU B 495 -58.76 -10.37 82.18
N THR B 496 -60.01 -10.83 82.24
CA THR B 496 -60.41 -11.97 81.43
C THR B 496 -60.75 -11.57 79.99
N TYR B 497 -61.26 -10.37 79.79
CA TYR B 497 -61.64 -9.90 78.46
C TYR B 497 -60.38 -9.56 77.68
N CYS B 498 -59.89 -10.52 76.89
CA CYS B 498 -58.68 -10.33 76.08
C CYS B 498 -59.05 -9.51 74.85
N ASP B 499 -59.07 -8.19 75.04
CA ASP B 499 -59.48 -7.24 74.00
C ASP B 499 -58.44 -7.08 72.89
N PRO B 500 -57.14 -6.93 73.20
CA PRO B 500 -56.17 -6.73 72.10
C PRO B 500 -56.10 -7.89 71.12
N ALA B 501 -56.43 -9.10 71.55
CA ALA B 501 -56.36 -10.26 70.66
C ALA B 501 -57.52 -10.32 69.67
N SER B 502 -58.49 -9.42 69.78
CA SER B 502 -59.63 -9.45 68.86
C SER B 502 -59.25 -8.94 67.47
N LEU B 503 -58.12 -8.25 67.34
CA LEU B 503 -57.72 -7.74 66.04
C LEU B 503 -57.20 -8.87 65.15
N PHE B 504 -57.39 -8.70 63.85
CA PHE B 504 -56.96 -9.72 62.89
C PHE B 504 -55.45 -9.89 62.89
N HIS B 505 -54.71 -8.78 62.90
CA HIS B 505 -53.25 -8.85 62.84
C HIS B 505 -52.63 -9.31 64.15
N VAL B 506 -53.37 -9.23 65.26
CA VAL B 506 -52.84 -9.69 66.54
C VAL B 506 -52.96 -11.21 66.66
N SER B 507 -54.12 -11.75 66.30
CA SER B 507 -54.36 -13.19 66.41
C SER B 507 -53.69 -13.99 65.29
N ASN B 508 -53.19 -13.33 64.25
CA ASN B 508 -52.56 -14.01 63.12
C ASN B 508 -51.08 -13.68 63.00
N ASP B 509 -50.51 -12.97 63.97
CA ASP B 509 -49.09 -12.63 64.00
C ASP B 509 -48.68 -11.85 62.75
N TYR B 510 -49.26 -10.66 62.61
CA TYR B 510 -48.93 -9.73 61.53
C TYR B 510 -48.68 -8.35 62.10
N SER B 511 -47.77 -7.62 61.46
CA SER B 511 -47.44 -6.27 61.89
C SER B 511 -48.60 -5.32 61.58
N PHE B 512 -48.55 -4.14 62.21
CA PHE B 512 -49.60 -3.14 62.03
C PHE B 512 -49.08 -1.76 61.66
N ILE B 513 -47.83 -1.42 62.01
CA ILE B 513 -47.25 -0.14 61.60
C ILE B 513 -47.05 -0.04 60.11
N ARG B 514 -47.17 -1.16 59.38
CA ARG B 514 -47.08 -1.12 57.93
C ARG B 514 -48.16 -0.23 57.33
N TYR B 515 -49.33 -0.17 57.97
CA TYR B 515 -50.41 0.69 57.47
C TYR B 515 -50.10 2.17 57.65
N TYR B 516 -49.18 2.51 58.55
CA TYR B 516 -48.70 3.89 58.69
C TYR B 516 -47.54 4.17 57.74
N THR B 517 -46.64 3.20 57.58
CA THR B 517 -45.52 3.39 56.65
C THR B 517 -46.01 3.51 55.22
N ARG B 518 -47.04 2.74 54.84
CA ARG B 518 -47.58 2.85 53.50
C ARG B 518 -48.24 4.20 53.27
N THR B 519 -48.90 4.74 54.30
CA THR B 519 -49.49 6.07 54.18
C THR B 519 -48.42 7.14 54.02
N LEU B 520 -47.36 7.06 54.82
CA LEU B 520 -46.25 8.00 54.69
C LEU B 520 -45.63 7.94 53.30
N TYR B 521 -45.37 6.72 52.81
CA TYR B 521 -44.77 6.57 51.49
C TYR B 521 -45.70 7.03 50.39
N GLN B 522 -47.02 6.80 50.55
CA GLN B 522 -47.99 7.27 49.57
C GLN B 522 -47.98 8.79 49.48
N PHE B 523 -48.01 9.46 50.63
CA PHE B 523 -48.01 10.92 50.63
C PHE B 523 -46.69 11.46 50.06
N GLN B 524 -45.57 10.82 50.39
CA GLN B 524 -44.29 11.28 49.86
C GLN B 524 -44.22 11.10 48.35
N PHE B 525 -44.67 9.96 47.84
CA PHE B 525 -44.66 9.73 46.40
C PHE B 525 -45.61 10.66 45.68
N GLN B 526 -46.77 10.94 46.28
CA GLN B 526 -47.71 11.89 45.67
C GLN B 526 -47.09 13.28 45.60
N GLU B 527 -46.45 13.72 46.69
CA GLU B 527 -45.79 15.02 46.68
C GLU B 527 -44.69 15.07 45.62
N ALA B 528 -43.89 14.01 45.51
CA ALA B 528 -42.82 13.99 44.52
C ALA B 528 -43.36 14.03 43.10
N LEU B 529 -44.41 13.25 42.82
CA LEU B 529 -44.96 13.20 41.48
C LEU B 529 -45.67 14.49 41.11
N CYS B 530 -46.27 15.18 42.09
CA CYS B 530 -46.92 16.46 41.80
C CYS B 530 -45.93 17.62 41.76
N GLN B 531 -44.74 17.45 42.35
CA GLN B 531 -43.69 18.43 42.14
C GLN B 531 -42.98 18.21 40.80
N ALA B 532 -42.91 16.96 40.34
CA ALA B 532 -42.31 16.68 39.04
C ALA B 532 -43.26 17.10 37.91
N ALA B 533 -44.48 16.57 37.92
CA ALA B 533 -45.48 16.95 36.92
C ALA B 533 -46.08 18.31 37.30
N LYS B 534 -46.01 19.26 36.37
CA LYS B 534 -46.50 20.61 36.65
C LYS B 534 -48.00 20.61 36.88
N HIS B 535 -48.42 21.14 38.02
CA HIS B 535 -49.83 21.24 38.37
C HIS B 535 -50.04 22.43 39.29
N GLU B 536 -51.17 23.10 39.13
CA GLU B 536 -51.53 24.26 39.93
C GLU B 536 -52.85 24.02 40.63
N GLY B 537 -52.97 24.56 41.84
CA GLY B 537 -54.18 24.45 42.62
C GLY B 537 -54.05 23.45 43.76
N PRO B 538 -55.15 22.81 44.12
CA PRO B 538 -55.12 21.83 45.21
C PRO B 538 -54.30 20.61 44.85
N LEU B 539 -53.99 19.81 45.88
CA LEU B 539 -53.18 18.61 45.67
C LEU B 539 -54.03 17.43 45.21
N HIS B 540 -55.31 17.37 45.58
CA HIS B 540 -56.15 16.27 45.16
C HIS B 540 -56.50 16.33 43.68
N LYS B 541 -56.32 17.49 43.05
CA LYS B 541 -56.54 17.63 41.62
C LYS B 541 -55.30 17.31 40.80
N CYS B 542 -54.18 17.03 41.45
CA CYS B 542 -52.94 16.71 40.75
C CYS B 542 -53.09 15.38 40.01
N ASP B 543 -52.63 15.36 38.76
CA ASP B 543 -52.74 14.18 37.91
C ASP B 543 -51.41 13.94 37.20
N ILE B 544 -51.03 12.68 37.05
CA ILE B 544 -49.75 12.31 36.47
C ILE B 544 -49.93 11.60 35.12
N SER B 545 -51.11 11.66 34.53
CA SER B 545 -51.33 11.00 33.24
C SER B 545 -50.57 11.71 32.14
N ASN B 546 -50.12 10.92 31.16
CA ASN B 546 -49.36 11.41 30.00
C ASN B 546 -48.07 12.13 30.41
N SER B 547 -47.47 11.73 31.53
CA SER B 547 -46.24 12.33 32.04
C SER B 547 -45.16 11.26 32.04
N THR B 548 -44.31 11.27 31.00
CA THR B 548 -43.24 10.28 30.92
C THR B 548 -42.13 10.57 31.92
N GLU B 549 -41.93 11.83 32.28
CA GLU B 549 -40.88 12.18 33.22
C GLU B 549 -41.14 11.59 34.60
N ALA B 550 -42.36 11.78 35.12
CA ALA B 550 -42.71 11.19 36.41
C ALA B 550 -42.69 9.68 36.35
N GLY B 551 -43.14 9.10 35.24
CA GLY B 551 -43.09 7.65 35.09
C GLY B 551 -41.67 7.11 35.15
N GLN B 552 -40.74 7.77 34.45
CA GLN B 552 -39.35 7.34 34.49
C GLN B 552 -38.74 7.55 35.88
N LYS B 553 -39.08 8.67 36.53
CA LYS B 553 -38.56 8.92 37.87
C LYS B 553 -39.06 7.89 38.87
N LEU B 554 -40.29 7.39 38.68
CA LEU B 554 -40.81 6.35 39.55
C LEU B 554 -40.21 5.00 39.23
N PHE B 555 -40.02 4.70 37.93
CA PHE B 555 -39.44 3.43 37.53
C PHE B 555 -37.97 3.32 37.96
N ASN B 556 -37.28 4.45 38.08
CA ASN B 556 -35.91 4.43 38.57
C ASN B 556 -35.84 3.88 39.99
N MET B 557 -36.92 4.04 40.77
CA MET B 557 -36.97 3.50 42.12
C MET B 557 -37.64 2.14 42.18
N LEU B 558 -38.64 1.88 41.33
CA LEU B 558 -39.31 0.59 41.35
C LEU B 558 -38.38 -0.54 40.94
N ARG B 559 -37.36 -0.24 40.13
CA ARG B 559 -36.41 -1.25 39.69
C ARG B 559 -35.37 -1.60 40.75
N LEU B 560 -35.29 -0.82 41.83
CA LEU B 560 -34.28 -1.08 42.85
C LEU B 560 -34.63 -2.32 43.67
N GLY B 561 -35.77 -2.30 44.35
CA GLY B 561 -36.21 -3.43 45.14
C GLY B 561 -35.44 -3.58 46.44
N LYS B 562 -35.08 -4.82 46.78
CA LYS B 562 -34.33 -5.12 47.99
C LYS B 562 -32.83 -5.01 47.82
N SER B 563 -32.37 -4.61 46.63
CA SER B 563 -30.93 -4.47 46.40
C SER B 563 -30.35 -3.20 46.99
N GLU B 564 -31.20 -2.24 47.35
CA GLU B 564 -30.78 -0.98 47.95
C GLU B 564 -31.64 -0.66 49.15
N PRO B 565 -31.11 0.06 50.14
CA PRO B 565 -31.92 0.43 51.31
C PRO B 565 -33.06 1.34 50.93
N TRP B 566 -34.09 1.37 51.81
CA TRP B 566 -35.26 2.17 51.55
C TRP B 566 -34.98 3.67 51.63
N THR B 567 -33.96 4.05 52.42
CA THR B 567 -33.63 5.47 52.55
C THR B 567 -33.14 6.05 51.23
N LEU B 568 -32.23 5.35 50.55
CA LEU B 568 -31.74 5.83 49.26
C LEU B 568 -32.85 5.82 48.21
N ALA B 569 -33.70 4.80 48.22
CA ALA B 569 -34.80 4.74 47.26
C ALA B 569 -35.80 5.86 47.49
N LEU B 570 -36.00 6.26 48.75
CA LEU B 570 -36.91 7.37 49.04
C LEU B 570 -36.27 8.71 48.70
N GLU B 571 -34.96 8.85 48.92
CA GLU B 571 -34.29 10.09 48.59
C GLU B 571 -34.17 10.29 47.09
N ASN B 572 -34.07 9.21 46.32
CA ASN B 572 -34.02 9.33 44.87
C ASN B 572 -35.35 9.77 44.27
N VAL B 573 -36.41 9.82 45.07
CA VAL B 573 -37.74 10.22 44.61
C VAL B 573 -38.16 11.55 45.20
N VAL B 574 -38.15 11.66 46.54
CA VAL B 574 -38.63 12.88 47.19
C VAL B 574 -37.50 13.80 47.62
N GLY B 575 -36.24 13.37 47.50
CA GLY B 575 -35.13 14.22 47.89
C GLY B 575 -34.97 14.40 49.38
N ALA B 576 -35.50 13.49 50.19
CA ALA B 576 -35.39 13.56 51.64
C ALA B 576 -34.78 12.28 52.17
N LYS B 577 -33.88 12.42 53.15
CA LYS B 577 -33.21 11.27 53.75
C LYS B 577 -34.03 10.63 54.86
N ASN B 578 -35.21 11.14 55.15
CA ASN B 578 -36.04 10.61 56.22
C ASN B 578 -37.51 10.85 55.89
N MET B 579 -38.38 10.09 56.55
CA MET B 579 -39.81 10.24 56.33
C MET B 579 -40.29 11.60 56.82
N ASN B 580 -41.35 12.11 56.19
CA ASN B 580 -41.88 13.42 56.50
C ASN B 580 -43.40 13.39 56.44
N VAL B 581 -44.02 14.38 57.07
CA VAL B 581 -45.48 14.45 57.16
C VAL B 581 -46.05 15.74 56.58
N ARG B 582 -45.20 16.69 56.17
CA ARG B 582 -45.71 17.93 55.59
C ARG B 582 -46.58 17.74 54.34
N PRO B 583 -46.33 16.75 53.46
CA PRO B 583 -47.28 16.53 52.36
C PRO B 583 -48.71 16.25 52.84
N LEU B 584 -48.86 15.52 53.95
CA LEU B 584 -50.19 15.25 54.49
C LEU B 584 -50.87 16.56 54.92
N LEU B 585 -50.13 17.44 55.57
CA LEU B 585 -50.70 18.72 55.99
C LEU B 585 -51.04 19.58 54.79
N ASN B 586 -50.18 19.60 53.77
CA ASN B 586 -50.48 20.37 52.57
C ASN B 586 -51.69 19.80 51.82
N TYR B 587 -51.92 18.49 51.94
CA TYR B 587 -53.06 17.88 51.29
C TYR B 587 -54.36 18.14 52.05
N PHE B 588 -54.31 18.12 53.38
CA PHE B 588 -55.50 18.29 54.19
C PHE B 588 -55.72 19.73 54.66
N GLU B 589 -54.89 20.67 54.23
CA GLU B 589 -55.11 22.07 54.58
C GLU B 589 -56.49 22.60 54.16
N PRO B 590 -56.99 22.34 52.95
CA PRO B 590 -58.36 22.79 52.64
C PRO B 590 -59.41 22.20 53.56
N LEU B 591 -59.22 20.97 54.02
CA LEU B 591 -60.12 20.38 55.00
C LEU B 591 -59.83 20.87 56.41
N PHE B 592 -58.55 21.10 56.73
CA PHE B 592 -58.19 21.56 58.07
C PHE B 592 -58.75 22.96 58.34
N THR B 593 -58.72 23.83 57.35
CA THR B 593 -59.28 25.17 57.53
C THR B 593 -60.78 25.12 57.77
N TRP B 594 -61.49 24.29 57.02
CA TRP B 594 -62.93 24.15 57.21
C TRP B 594 -63.25 23.54 58.58
N LEU B 595 -62.43 22.58 59.02
CA LEU B 595 -62.62 22.01 60.35
C LEU B 595 -62.38 23.04 61.45
N LYS B 596 -61.35 23.88 61.30
CA LYS B 596 -61.12 24.94 62.28
C LYS B 596 -62.27 25.93 62.29
N ASP B 597 -62.82 26.25 61.11
CA ASP B 597 -63.94 27.18 61.04
C ASP B 597 -65.21 26.59 61.64
N GLN B 598 -65.40 25.27 61.52
CA GLN B 598 -66.61 24.66 62.06
C GLN B 598 -66.51 24.43 63.56
N ASN B 599 -65.33 24.07 64.05
CA ASN B 599 -65.14 23.77 65.47
C ASN B 599 -64.86 25.02 66.30
N LYS B 600 -65.17 26.21 65.77
CA LYS B 600 -64.94 27.43 66.53
C LYS B 600 -65.95 27.58 67.67
N ASN B 601 -67.19 27.14 67.46
CA ASN B 601 -68.24 27.22 68.47
C ASN B 601 -68.42 25.94 69.25
N SER B 602 -67.41 25.07 69.25
CA SER B 602 -67.47 23.79 69.95
C SER B 602 -66.28 23.66 70.88
N PHE B 603 -66.40 22.76 71.86
CA PHE B 603 -65.34 22.53 72.84
C PHE B 603 -64.27 21.66 72.19
N VAL B 604 -63.09 22.25 71.95
CA VAL B 604 -62.00 21.49 71.35
C VAL B 604 -61.41 20.53 72.38
N GLY B 605 -61.08 19.33 71.90
CA GLY B 605 -60.52 18.29 72.76
C GLY B 605 -61.55 17.25 73.15
N TRP B 606 -61.19 16.47 74.17
CA TRP B 606 -62.05 15.41 74.66
C TRP B 606 -61.69 15.10 76.10
N SER B 607 -62.67 14.64 76.86
CA SER B 607 -62.49 14.26 78.26
C SER B 607 -62.34 12.76 78.35
N THR B 608 -61.22 12.30 78.92
CA THR B 608 -60.93 10.88 79.05
C THR B 608 -61.52 10.27 80.33
N ASP B 609 -62.19 11.05 81.15
CA ASP B 609 -62.78 10.59 82.40
C ASP B 609 -64.29 10.71 82.38
N TRP B 610 -64.91 10.45 81.22
CA TRP B 610 -66.35 10.51 81.07
C TRP B 610 -67.02 9.16 81.27
N SER B 611 -66.39 8.26 82.03
CA SER B 611 -66.96 6.95 82.27
C SER B 611 -68.23 7.07 83.11
N PRO B 612 -69.38 6.60 82.62
CA PRO B 612 -70.61 6.70 83.42
C PRO B 612 -70.58 5.88 84.69
N TYR B 613 -69.82 4.79 84.73
CA TYR B 613 -69.74 3.94 85.91
C TYR B 613 -68.79 4.55 86.95
N SER C 19 15.80 10.72 47.04
CA SER C 19 16.06 9.32 47.36
C SER C 19 15.59 8.98 48.77
N THR C 20 14.71 8.00 48.87
CA THR C 20 14.18 7.57 50.16
C THR C 20 15.18 6.68 50.88
N ILE C 21 14.82 6.24 52.07
CA ILE C 21 15.70 5.37 52.86
C ILE C 21 15.78 3.98 52.24
N GLU C 22 14.70 3.53 51.59
CA GLU C 22 14.69 2.19 51.01
C GLU C 22 15.70 2.08 49.87
N GLU C 23 15.79 3.10 49.02
CA GLU C 23 16.75 3.08 47.92
C GLU C 23 18.18 3.06 48.43
N GLN C 24 18.47 3.88 49.44
CA GLN C 24 19.81 3.90 50.02
C GLN C 24 20.15 2.56 50.67
N ALA C 25 19.18 1.94 51.35
CA ALA C 25 19.41 0.64 51.96
C ALA C 25 19.67 -0.42 50.90
N LYS C 26 18.90 -0.40 49.81
CA LYS C 26 19.13 -1.36 48.73
C LYS C 26 20.49 -1.16 48.08
N THR C 27 20.91 0.09 47.91
CA THR C 27 22.23 0.36 47.34
C THR C 27 23.33 -0.14 48.28
N PHE C 28 23.19 0.12 49.58
CA PHE C 28 24.17 -0.36 50.55
C PHE C 28 24.24 -1.89 50.54
N LEU C 29 23.09 -2.56 50.46
CA LEU C 29 23.08 -4.02 50.43
C LEU C 29 23.73 -4.55 49.16
N ASP C 30 23.43 -3.93 48.01
CA ASP C 30 24.03 -4.38 46.75
C ASP C 30 25.54 -4.15 46.74
N LYS C 31 26.02 -3.11 47.42
CA LYS C 31 27.44 -2.86 47.50
C LYS C 31 28.13 -3.75 48.53
N PHE C 32 27.42 -4.17 49.57
CA PHE C 32 28.04 -4.94 50.65
C PHE C 32 28.01 -6.44 50.38
N ASN C 33 26.99 -6.93 49.68
CA ASN C 33 26.83 -8.37 49.53
C ASN C 33 27.97 -8.99 48.72
N HIS C 34 28.49 -8.27 47.73
CA HIS C 34 29.56 -8.82 46.91
C HIS C 34 30.82 -9.09 47.74
N GLU C 35 31.29 -8.07 48.47
CA GLU C 35 32.45 -8.25 49.32
C GLU C 35 32.18 -9.21 50.46
N ALA C 36 30.94 -9.26 50.96
CA ALA C 36 30.60 -10.23 51.99
C ALA C 36 30.74 -11.65 51.48
N GLU C 37 30.21 -11.93 50.30
CA GLU C 37 30.35 -13.25 49.70
C GLU C 37 31.81 -13.57 49.41
N ASP C 38 32.58 -12.58 48.96
CA ASP C 38 34.00 -12.81 48.67
C ASP C 38 34.75 -13.20 49.93
N LEU C 39 34.57 -12.44 51.01
CA LEU C 39 35.26 -12.76 52.26
C LEU C 39 34.77 -14.06 52.86
N PHE C 40 33.48 -14.37 52.73
CA PHE C 40 32.97 -15.64 53.23
C PHE C 40 33.56 -16.81 52.45
N TYR C 41 33.71 -16.66 51.13
CA TYR C 41 34.35 -17.70 50.33
C TYR C 41 35.81 -17.88 50.72
N GLN C 42 36.51 -16.77 50.96
CA GLN C 42 37.90 -16.86 51.40
C GLN C 42 38.01 -17.58 52.74
N SER C 43 37.14 -17.24 53.69
CA SER C 43 37.16 -17.89 55.00
C SER C 43 36.82 -19.37 54.89
N SER C 44 35.86 -19.71 54.03
CA SER C 44 35.50 -21.11 53.85
C SER C 44 36.63 -21.90 53.20
N LEU C 45 37.33 -21.29 52.24
CA LEU C 45 38.48 -21.96 51.64
C LEU C 45 39.59 -22.16 52.65
N ALA C 46 39.82 -21.16 53.51
CA ALA C 46 40.82 -21.31 54.55
C ALA C 46 40.45 -22.42 55.53
N SER C 47 39.17 -22.49 55.92
CA SER C 47 38.73 -23.55 56.82
C SER C 47 38.85 -24.92 56.16
N TRP C 48 38.55 -25.01 54.87
CA TRP C 48 38.68 -26.28 54.16
C TRP C 48 40.14 -26.71 54.08
N ASN C 49 41.04 -25.77 53.78
CA ASN C 49 42.47 -26.11 53.75
C ASN C 49 42.98 -26.50 55.12
N TYR C 50 42.42 -25.92 56.18
CA TYR C 50 42.82 -26.30 57.54
C TYR C 50 42.32 -27.69 57.89
N ASN C 51 41.08 -28.00 57.54
CA ASN C 51 40.50 -29.30 57.90
C ASN C 51 41.09 -30.44 57.06
N THR C 52 41.42 -30.17 55.80
CA THR C 52 41.96 -31.22 54.94
C THR C 52 43.44 -31.46 55.19
N ASN C 53 44.17 -30.45 55.66
CA ASN C 53 45.60 -30.58 55.93
C ASN C 53 45.95 -29.65 57.08
N ILE C 54 46.12 -30.22 58.27
CA ILE C 54 46.43 -29.44 59.46
C ILE C 54 47.91 -29.10 59.43
N THR C 55 48.25 -27.90 58.97
CA THR C 55 49.62 -27.43 58.94
C THR C 55 49.67 -26.01 59.52
N GLU C 56 50.88 -25.58 59.87
CA GLU C 56 51.06 -24.27 60.46
C GLU C 56 50.63 -23.17 59.50
N GLU C 57 50.96 -23.31 58.22
CA GLU C 57 50.55 -22.31 57.23
C GLU C 57 49.03 -22.24 57.12
N ASN C 58 48.36 -23.38 57.11
CA ASN C 58 46.90 -23.39 57.04
C ASN C 58 46.28 -22.78 58.30
N VAL C 59 46.87 -23.05 59.46
CA VAL C 59 46.37 -22.47 60.70
C VAL C 59 46.50 -20.96 60.67
N GLN C 60 47.66 -20.46 60.23
CA GLN C 60 47.87 -19.02 60.16
C GLN C 60 46.91 -18.38 59.16
N ASN C 61 46.71 -19.03 58.01
CA ASN C 61 45.78 -18.50 57.01
C ASN C 61 44.36 -18.45 57.55
N MET C 62 43.93 -19.50 58.23
CA MET C 62 42.59 -19.52 58.81
C MET C 62 42.43 -18.46 59.87
N ASN C 63 43.46 -18.26 60.71
CA ASN C 63 43.38 -17.23 61.74
C ASN C 63 43.30 -15.83 61.12
N ASN C 64 44.11 -15.58 60.09
CA ASN C 64 44.06 -14.28 59.42
C ASN C 64 42.71 -14.05 58.75
N ALA C 65 42.15 -15.10 58.12
CA ALA C 65 40.85 -14.97 57.48
C ALA C 65 39.76 -14.70 58.51
N GLY C 66 39.82 -15.39 59.65
CA GLY C 66 38.83 -15.15 60.70
C GLY C 66 38.93 -13.75 61.28
N ASP C 67 40.16 -13.27 61.50
CA ASP C 67 40.34 -11.91 62.00
C ASP C 67 39.81 -10.88 61.01
N LYS C 68 40.12 -11.06 59.72
CA LYS C 68 39.62 -10.13 58.71
C LYS C 68 38.10 -10.17 58.63
N TRP C 69 37.51 -11.36 58.72
CA TRP C 69 36.05 -11.49 58.68
C TRP C 69 35.41 -10.81 59.89
N SER C 70 35.99 -10.99 61.07
CA SER C 70 35.44 -10.35 62.26
C SER C 70 35.55 -8.83 62.17
N ALA C 71 36.70 -8.33 61.70
CA ALA C 71 36.86 -6.87 61.55
C ALA C 71 35.87 -6.32 60.52
N PHE C 72 35.67 -7.05 59.41
CA PHE C 72 34.73 -6.61 58.40
C PHE C 72 33.30 -6.58 58.94
N LEU C 73 32.92 -7.63 59.69
CA LEU C 73 31.58 -7.65 60.29
C LEU C 73 31.41 -6.51 61.28
N LYS C 74 32.43 -6.22 62.07
CA LYS C 74 32.34 -5.11 63.03
C LYS C 74 32.19 -3.78 62.31
N GLU C 75 32.98 -3.56 61.25
CA GLU C 75 32.88 -2.30 60.51
C GLU C 75 31.52 -2.17 59.84
N GLN C 76 30.99 -3.26 59.27
CA GLN C 76 29.70 -3.19 58.62
C GLN C 76 28.58 -2.96 59.62
N SER C 77 28.66 -3.57 60.81
CA SER C 77 27.66 -3.34 61.84
C SER C 77 27.75 -1.92 62.39
N THR C 78 28.95 -1.34 62.43
CA THR C 78 29.08 0.04 62.88
C THR C 78 28.53 1.01 61.84
N LEU C 79 28.80 0.76 60.56
CA LEU C 79 28.34 1.66 59.51
C LEU C 79 26.86 1.49 59.18
N ALA C 80 26.26 0.33 59.49
CA ALA C 80 24.87 0.09 59.17
C ALA C 80 23.90 0.72 60.16
N GLN C 81 24.40 1.40 61.19
CA GLN C 81 23.53 2.01 62.18
C GLN C 81 22.85 3.28 61.69
N MET C 82 23.22 3.78 60.51
CA MET C 82 22.64 5.01 59.98
C MET C 82 21.29 4.79 59.29
N TYR C 83 20.88 3.53 59.10
CA TYR C 83 19.62 3.24 58.44
C TYR C 83 18.57 2.90 59.47
N PRO C 84 17.48 3.66 59.57
CA PRO C 84 16.43 3.34 60.54
C PRO C 84 15.58 2.16 60.09
N LEU C 85 14.93 1.53 61.07
CA LEU C 85 14.08 0.37 60.80
C LEU C 85 12.60 0.73 60.76
N GLN C 86 12.20 1.87 61.32
CA GLN C 86 10.78 2.23 61.33
C GLN C 86 10.30 2.67 59.96
N GLU C 87 11.18 3.19 59.11
CA GLU C 87 10.83 3.68 57.79
C GLU C 87 11.11 2.66 56.70
N ILE C 88 11.13 1.38 57.04
CA ILE C 88 11.37 0.30 56.08
C ILE C 88 10.15 -0.61 56.08
N GLN C 89 9.52 -0.75 54.92
CA GLN C 89 8.35 -1.59 54.78
C GLN C 89 8.64 -2.92 54.09
N ASN C 90 9.68 -2.98 53.26
CA ASN C 90 10.03 -4.21 52.57
C ASN C 90 10.69 -5.19 53.55
N LEU C 91 10.13 -6.39 53.64
CA LEU C 91 10.64 -7.37 54.61
C LEU C 91 12.02 -7.88 54.23
N THR C 92 12.28 -8.06 52.93
CA THR C 92 13.56 -8.57 52.49
C THR C 92 14.70 -7.62 52.86
N VAL C 93 14.45 -6.31 52.79
CA VAL C 93 15.47 -5.35 53.19
C VAL C 93 15.47 -5.16 54.71
N LYS C 94 14.30 -5.22 55.34
CA LYS C 94 14.22 -5.00 56.78
C LYS C 94 14.95 -6.09 57.55
N LEU C 95 14.79 -7.35 57.15
CA LEU C 95 15.48 -8.44 57.84
C LEU C 95 16.99 -8.32 57.70
N GLN C 96 17.45 -7.93 56.50
CA GLN C 96 18.89 -7.77 56.31
C GLN C 96 19.42 -6.60 57.13
N LEU C 97 18.68 -5.50 57.20
CA LEU C 97 19.11 -4.37 58.02
C LEU C 97 19.16 -4.75 59.50
N GLN C 98 18.17 -5.53 59.96
CA GLN C 98 18.18 -5.97 61.35
C GLN C 98 19.34 -6.91 61.62
N ALA C 99 19.67 -7.79 60.67
CA ALA C 99 20.81 -8.67 60.86
C ALA C 99 22.12 -7.91 60.84
N LEU C 100 22.20 -6.82 60.07
CA LEU C 100 23.43 -6.04 60.02
C LEU C 100 23.60 -5.17 61.26
N GLN C 101 22.49 -4.65 61.80
CA GLN C 101 22.57 -3.79 62.97
C GLN C 101 23.00 -4.55 64.23
N GLN C 102 22.89 -5.87 64.24
CA GLN C 102 23.30 -6.67 65.38
C GLN C 102 24.82 -6.68 65.46
N ASN C 103 25.38 -5.91 66.39
CA ASN C 103 26.83 -5.83 66.53
C ASN C 103 27.44 -7.11 67.08
N GLY C 104 26.65 -7.91 67.80
CA GLY C 104 27.16 -9.14 68.37
C GLY C 104 28.04 -8.92 69.59
N SER C 105 29.11 -9.71 69.70
CA SER C 105 30.03 -9.59 70.82
C SER C 105 31.04 -8.46 70.65
N SER C 106 31.10 -7.83 69.46
CA SER C 106 32.04 -6.75 69.22
C SER C 106 31.62 -5.44 69.87
N VAL C 107 30.39 -5.36 70.37
CA VAL C 107 29.93 -4.11 71.00
C VAL C 107 30.43 -3.97 72.42
N LEU C 108 30.86 -5.06 73.06
CA LEU C 108 31.36 -5.00 74.42
C LEU C 108 32.74 -4.35 74.46
N SER C 109 33.21 -4.08 75.68
CA SER C 109 34.52 -3.48 75.87
C SER C 109 35.61 -4.51 75.61
N GLU C 110 36.86 -4.07 75.70
CA GLU C 110 37.98 -4.96 75.46
C GLU C 110 38.17 -5.95 76.60
N ASP C 111 38.08 -5.47 77.85
CA ASP C 111 38.29 -6.34 78.99
C ASP C 111 37.21 -7.42 79.08
N LYS C 112 35.95 -7.04 78.89
CA LYS C 112 34.86 -8.02 78.94
C LYS C 112 34.99 -9.04 77.83
N SER C 113 35.37 -8.60 76.62
CA SER C 113 35.54 -9.53 75.52
C SER C 113 36.69 -10.50 75.78
N LYS C 114 37.81 -9.99 76.31
CA LYS C 114 38.93 -10.86 76.64
C LYS C 114 38.55 -11.86 77.72
N ARG C 115 37.79 -11.42 78.73
CA ARG C 115 37.36 -12.33 79.78
C ARG C 115 36.43 -13.40 79.24
N LEU C 116 35.51 -13.01 78.35
CA LEU C 116 34.59 -14.00 77.75
C LEU C 116 35.36 -15.00 76.91
N ASN C 117 36.34 -14.53 76.12
CA ASN C 117 37.13 -15.45 75.32
C ASN C 117 37.95 -16.39 76.20
N THR C 118 38.49 -15.88 77.31
CA THR C 118 39.23 -16.73 78.23
C THR C 118 38.34 -17.79 78.87
N ILE C 119 37.12 -17.41 79.25
CA ILE C 119 36.19 -18.37 79.83
C ILE C 119 35.81 -19.43 78.79
N LEU C 120 35.58 -19.00 77.54
CA LEU C 120 35.26 -19.96 76.49
C LEU C 120 36.41 -20.94 76.26
N ASN C 121 37.63 -20.44 76.20
CA ASN C 121 38.79 -21.31 76.00
C ASN C 121 38.98 -22.25 77.18
N THR C 122 38.74 -21.77 78.40
CA THR C 122 38.87 -22.62 79.56
C THR C 122 37.83 -23.74 79.54
N MET C 123 36.58 -23.42 79.21
CA MET C 123 35.56 -24.44 79.12
C MET C 123 35.86 -25.43 78.01
N SER C 124 36.39 -24.95 76.88
CA SER C 124 36.74 -25.85 75.79
C SER C 124 37.87 -26.79 76.19
N THR C 125 38.87 -26.28 76.90
CA THR C 125 39.96 -27.13 77.35
C THR C 125 39.51 -28.12 78.41
N ILE C 126 38.55 -27.73 79.25
CA ILE C 126 38.04 -28.65 80.25
C ILE C 126 37.23 -29.76 79.61
N TYR C 127 36.42 -29.42 78.59
CA TYR C 127 35.58 -30.42 77.96
C TYR C 127 36.39 -31.35 77.07
N SER C 128 37.23 -30.79 76.20
CA SER C 128 37.96 -31.60 75.22
C SER C 128 39.23 -32.21 75.80
N THR C 129 40.08 -31.42 76.45
CA THR C 129 41.35 -31.89 76.98
C THR C 129 41.23 -32.41 78.40
N GLY C 130 40.04 -32.84 78.80
CA GLY C 130 39.87 -33.41 80.12
C GLY C 130 40.57 -34.75 80.25
N LYS C 131 41.07 -35.02 81.45
CA LYS C 131 41.82 -36.24 81.73
C LYS C 131 41.26 -36.92 82.97
N VAL C 132 41.19 -38.24 82.94
CA VAL C 132 40.72 -39.06 84.06
C VAL C 132 41.75 -40.13 84.32
N CYS C 133 42.34 -40.12 85.51
CA CYS C 133 43.38 -41.06 85.89
C CYS C 133 42.86 -42.02 86.97
N ASN C 134 43.43 -43.22 87.00
CA ASN C 134 43.04 -44.21 87.98
C ASN C 134 43.67 -43.90 89.34
N PRO C 135 42.96 -44.21 90.43
CA PRO C 135 43.53 -43.93 91.76
C PRO C 135 44.72 -44.82 92.10
N ASP C 136 44.73 -46.07 91.63
CA ASP C 136 45.84 -46.96 91.91
C ASP C 136 47.05 -46.64 91.06
N ASN C 137 46.85 -46.19 89.82
CA ASN C 137 47.94 -45.85 88.91
C ASN C 137 47.79 -44.40 88.46
N PRO C 138 48.52 -43.46 89.09
CA PRO C 138 48.40 -42.05 88.68
C PRO C 138 48.89 -41.80 87.27
N GLN C 139 49.81 -42.61 86.76
CA GLN C 139 50.33 -42.42 85.42
C GLN C 139 49.37 -42.90 84.34
N GLU C 140 48.46 -43.81 84.67
CA GLU C 140 47.48 -44.32 83.71
C GLU C 140 46.29 -43.38 83.67
N CYS C 141 46.17 -42.60 82.60
CA CYS C 141 45.09 -41.65 82.44
C CYS C 141 44.44 -41.82 81.07
N LEU C 142 43.20 -41.35 80.96
CA LEU C 142 42.43 -41.43 79.72
C LEU C 142 41.73 -40.12 79.48
N LEU C 143 41.32 -39.90 78.23
CA LEU C 143 40.60 -38.71 77.82
C LEU C 143 39.13 -39.04 77.59
N LEU C 144 38.36 -38.02 77.25
CA LEU C 144 36.91 -38.13 77.19
C LEU C 144 36.40 -39.10 76.13
N GLU C 145 36.66 -38.78 74.84
CA GLU C 145 35.93 -39.45 73.77
C GLU C 145 36.33 -40.91 73.61
N PRO C 146 37.60 -41.26 73.35
CA PRO C 146 37.95 -42.68 73.28
C PRO C 146 38.03 -43.35 74.64
N GLY C 147 37.67 -42.65 75.70
CA GLY C 147 37.71 -43.15 77.05
C GLY C 147 36.34 -43.35 77.65
N LEU C 148 35.86 -42.34 78.39
CA LEU C 148 34.62 -42.48 79.14
C LEU C 148 33.42 -42.67 78.24
N ASN C 149 33.40 -42.00 77.08
CA ASN C 149 32.27 -42.16 76.17
C ASN C 149 32.24 -43.56 75.58
N GLU C 150 33.39 -44.08 75.15
CA GLU C 150 33.44 -45.44 74.65
C GLU C 150 33.09 -46.46 75.74
N ILE C 151 33.44 -46.16 76.99
CA ILE C 151 33.07 -47.05 78.09
C ILE C 151 31.56 -47.05 78.30
N MET C 152 30.96 -45.86 78.40
CA MET C 152 29.52 -45.77 78.57
C MET C 152 28.75 -46.24 77.35
N ALA C 153 29.42 -46.41 76.21
CA ALA C 153 28.74 -46.81 74.99
C ALA C 153 28.49 -48.32 74.94
N ASN C 154 29.57 -49.11 74.98
CA ASN C 154 29.47 -50.54 74.69
C ASN C 154 29.84 -51.45 75.85
N SER C 155 30.13 -50.91 77.03
CA SER C 155 30.45 -51.78 78.15
C SER C 155 29.18 -52.28 78.83
N LEU C 156 29.32 -53.41 79.53
CA LEU C 156 28.21 -54.06 80.22
C LEU C 156 28.59 -54.36 81.67
N ASP C 157 29.17 -53.39 82.36
CA ASP C 157 29.59 -53.55 83.74
C ASP C 157 28.98 -52.43 84.59
N TYR C 158 28.51 -52.80 85.78
CA TYR C 158 27.89 -51.83 86.67
C TYR C 158 28.91 -50.97 87.39
N ASN C 159 30.07 -51.53 87.75
CA ASN C 159 31.07 -50.77 88.50
C ASN C 159 31.82 -49.78 87.62
N GLU C 160 32.15 -50.18 86.39
CA GLU C 160 32.95 -49.32 85.52
C GLU C 160 32.17 -48.07 85.12
N ARG C 161 30.90 -48.24 84.72
CA ARG C 161 30.10 -47.10 84.32
C ARG C 161 29.89 -46.13 85.48
N LEU C 162 29.57 -46.65 86.66
CA LEU C 162 29.36 -45.80 87.83
C LEU C 162 30.65 -45.06 88.20
N TRP C 163 31.78 -45.77 88.18
CA TRP C 163 33.05 -45.13 88.51
C TRP C 163 33.38 -44.02 87.51
N ALA C 164 33.21 -44.29 86.22
CA ALA C 164 33.50 -43.29 85.20
C ALA C 164 32.59 -42.08 85.35
N TRP C 165 31.30 -42.30 85.60
CA TRP C 165 30.37 -41.20 85.74
C TRP C 165 30.71 -40.37 86.97
N GLU C 166 31.01 -41.02 88.09
CA GLU C 166 31.37 -40.28 89.31
C GLU C 166 32.65 -39.49 89.10
N SER C 167 33.64 -40.07 88.43
CA SER C 167 34.89 -39.35 88.20
C SER C 167 34.68 -38.16 87.28
N TRP C 168 33.91 -38.33 86.21
CA TRP C 168 33.66 -37.21 85.30
C TRP C 168 32.80 -36.13 85.96
N ARG C 169 31.95 -36.51 86.91
CA ARG C 169 31.16 -35.50 87.61
C ARG C 169 31.97 -34.77 88.67
N SER C 170 32.93 -35.45 89.29
CA SER C 170 33.73 -34.82 90.35
C SER C 170 34.85 -33.97 89.77
N GLU C 171 35.46 -34.39 88.66
CA GLU C 171 36.57 -33.65 88.10
C GLU C 171 36.12 -32.36 87.42
N VAL C 172 34.89 -32.32 86.92
CA VAL C 172 34.38 -31.14 86.24
C VAL C 172 33.81 -30.13 87.24
N GLY C 173 33.09 -30.60 88.25
CA GLY C 173 32.49 -29.72 89.22
C GLY C 173 33.52 -29.04 90.11
N LYS C 174 33.01 -28.10 90.92
CA LYS C 174 33.72 -27.33 91.93
C LYS C 174 34.74 -26.36 91.35
N GLN C 175 34.95 -26.37 90.03
CA GLN C 175 35.91 -25.47 89.40
C GLN C 175 35.37 -24.76 88.16
N LEU C 176 34.14 -25.04 87.74
CA LEU C 176 33.56 -24.44 86.54
C LEU C 176 32.50 -23.39 86.83
N ARG C 177 31.85 -23.45 88.00
CA ARG C 177 30.79 -22.50 88.30
C ARG C 177 31.27 -21.05 88.49
N PRO C 178 32.40 -20.77 89.15
CA PRO C 178 32.83 -19.37 89.27
C PRO C 178 33.12 -18.71 87.94
N LEU C 179 33.45 -19.47 86.90
CA LEU C 179 33.60 -18.91 85.57
C LEU C 179 32.30 -18.93 84.78
N TYR C 180 31.45 -19.94 85.00
CA TYR C 180 30.18 -20.01 84.29
C TYR C 180 29.24 -18.88 84.71
N GLU C 181 29.29 -18.48 85.98
CA GLU C 181 28.45 -17.37 86.42
C GLU C 181 28.87 -16.08 85.75
N GLU C 182 30.18 -15.82 85.64
CA GLU C 182 30.64 -14.63 84.94
C GLU C 182 30.33 -14.70 83.45
N TYR C 183 30.41 -15.90 82.86
CA TYR C 183 30.01 -16.07 81.46
C TYR C 183 28.54 -15.72 81.26
N VAL C 184 27.68 -16.18 82.17
CA VAL C 184 26.25 -15.87 82.06
C VAL C 184 26.03 -14.37 82.23
N VAL C 185 26.75 -13.74 83.16
CA VAL C 185 26.60 -12.30 83.37
C VAL C 185 27.03 -11.54 82.12
N LEU C 186 28.14 -11.95 81.50
CA LEU C 186 28.61 -11.27 80.29
C LEU C 186 27.64 -11.48 79.14
N LYS C 187 27.05 -12.67 79.03
CA LYS C 187 26.08 -12.92 77.97
C LYS C 187 24.81 -12.09 78.19
N ASN C 188 24.39 -11.94 79.44
CA ASN C 188 23.23 -11.11 79.73
C ASN C 188 23.52 -9.65 79.40
N GLU C 189 24.72 -9.17 79.73
CA GLU C 189 25.09 -7.80 79.38
C GLU C 189 25.14 -7.60 77.87
N MET C 190 25.66 -8.60 77.14
CA MET C 190 25.68 -8.51 75.68
C MET C 190 24.28 -8.49 75.10
N ALA C 191 23.38 -9.31 75.66
CA ALA C 191 22.00 -9.31 75.17
C ALA C 191 21.30 -7.99 75.47
N ARG C 192 21.52 -7.42 76.66
CA ARG C 192 20.94 -6.13 76.97
C ARG C 192 21.53 -5.02 76.12
N ALA C 193 22.79 -5.17 75.68
CA ALA C 193 23.39 -4.18 74.80
C ALA C 193 22.83 -4.25 73.38
N ASN C 194 22.28 -5.40 72.98
CA ASN C 194 21.71 -5.58 71.65
C ASN C 194 20.20 -5.45 71.63
N HIS C 195 19.64 -4.64 72.55
CA HIS C 195 18.20 -4.37 72.61
C HIS C 195 17.40 -5.64 72.86
N TYR C 196 17.83 -6.42 73.86
CA TYR C 196 17.10 -7.61 74.28
C TYR C 196 17.01 -7.63 75.81
N GLU C 197 16.01 -8.36 76.31
CA GLU C 197 15.83 -8.45 77.76
C GLU C 197 16.90 -9.33 78.40
N ASP C 198 17.18 -10.48 77.81
CA ASP C 198 18.19 -11.40 78.34
C ASP C 198 18.66 -12.29 77.19
N TYR C 199 19.59 -13.20 77.51
CA TYR C 199 20.16 -14.07 76.49
C TYR C 199 19.12 -15.05 75.96
N GLY C 200 18.13 -15.43 76.77
CA GLY C 200 17.08 -16.30 76.30
C GLY C 200 16.24 -15.66 75.19
N ASP C 201 15.90 -14.38 75.36
CA ASP C 201 15.18 -13.68 74.31
C ASP C 201 16.06 -13.43 73.10
N TYR C 202 17.38 -13.31 73.30
CA TYR C 202 18.29 -13.17 72.17
C TYR C 202 18.37 -14.45 71.35
N TRP C 203 18.36 -15.60 72.02
CA TRP C 203 18.39 -16.87 71.29
C TRP C 203 17.06 -17.12 70.58
N ARG C 204 15.95 -16.73 71.20
CA ARG C 204 14.64 -16.90 70.60
C ARG C 204 14.25 -15.75 69.66
N GLY C 205 15.19 -14.85 69.35
CA GLY C 205 14.88 -13.75 68.47
C GLY C 205 14.59 -14.18 67.04
N ASP C 206 15.13 -15.32 66.63
CA ASP C 206 14.88 -15.83 65.28
C ASP C 206 13.44 -16.33 65.11
N TYR C 207 12.78 -16.70 66.21
CA TYR C 207 11.40 -17.19 66.12
C TYR C 207 10.38 -16.06 66.10
N GLU C 208 10.75 -14.86 66.52
CA GLU C 208 9.82 -13.74 66.55
C GLU C 208 9.63 -13.18 65.14
N VAL C 209 8.37 -13.01 64.75
CA VAL C 209 8.02 -12.45 63.45
C VAL C 209 7.06 -11.28 63.67
N ASN C 210 7.42 -10.11 63.15
CA ASN C 210 6.63 -8.90 63.30
C ASN C 210 6.52 -8.19 61.97
N GLY C 211 5.38 -7.53 61.76
CA GLY C 211 5.15 -6.77 60.55
C GLY C 211 4.52 -7.53 59.42
N VAL C 212 4.05 -8.76 59.65
CA VAL C 212 3.42 -9.60 58.63
C VAL C 212 1.97 -9.81 59.02
N ASP C 213 1.06 -9.54 58.09
CA ASP C 213 -0.37 -9.67 58.35
C ASP C 213 -0.74 -11.15 58.46
N GLY C 214 -1.14 -11.58 59.65
CA GLY C 214 -1.56 -12.95 59.86
C GLY C 214 -0.46 -13.94 60.10
N TYR C 215 0.77 -13.49 60.33
CA TYR C 215 1.88 -14.40 60.57
C TYR C 215 2.75 -13.96 61.74
N ASP C 216 2.21 -13.19 62.68
CA ASP C 216 2.99 -12.76 63.83
C ASP C 216 3.28 -13.94 64.75
N TYR C 217 4.43 -13.88 65.41
CA TYR C 217 4.86 -14.93 66.32
C TYR C 217 5.70 -14.32 67.43
N SER C 218 5.51 -14.82 68.65
CA SER C 218 6.19 -14.30 69.82
C SER C 218 6.88 -15.43 70.57
N ARG C 219 7.75 -15.05 71.49
CA ARG C 219 8.48 -16.04 72.29
C ARG C 219 7.56 -16.78 73.25
N GLY C 220 6.60 -16.08 73.86
CA GLY C 220 5.65 -16.74 74.73
C GLY C 220 4.79 -17.76 74.02
N GLN C 221 4.39 -17.46 72.78
CA GLN C 221 3.66 -18.44 71.98
C GLN C 221 4.52 -19.67 71.69
N LEU C 222 5.81 -19.47 71.42
CA LEU C 222 6.71 -20.59 71.22
C LEU C 222 6.83 -21.44 72.47
N ILE C 223 6.94 -20.79 73.63
CA ILE C 223 7.03 -21.52 74.90
C ILE C 223 5.75 -22.33 75.13
N GLU C 224 4.59 -21.73 74.88
CA GLU C 224 3.33 -22.43 75.06
C GLU C 224 3.20 -23.61 74.11
N ASP C 225 3.62 -23.43 72.86
CA ASP C 225 3.57 -24.53 71.89
C ASP C 225 4.50 -25.68 72.30
N VAL C 226 5.71 -25.34 72.77
CA VAL C 226 6.63 -26.37 73.21
C VAL C 226 6.07 -27.11 74.41
N GLU C 227 5.47 -26.38 75.36
CA GLU C 227 4.87 -27.04 76.52
C GLU C 227 3.72 -27.94 76.12
N HIS C 228 2.90 -27.51 75.16
CA HIS C 228 1.77 -28.33 74.71
C HIS C 228 2.28 -29.60 74.02
N THR C 229 3.29 -29.46 73.15
CA THR C 229 3.85 -30.63 72.50
C THR C 229 4.48 -31.59 73.51
N PHE C 230 5.14 -31.05 74.54
CA PHE C 230 5.69 -31.90 75.59
C PHE C 230 4.59 -32.63 76.35
N GLU C 231 3.51 -31.93 76.69
CA GLU C 231 2.41 -32.58 77.39
C GLU C 231 1.75 -33.66 76.54
N GLU C 232 1.71 -33.47 75.22
CA GLU C 232 1.14 -34.48 74.34
C GLU C 232 2.07 -35.66 74.11
N ILE C 233 3.38 -35.44 74.16
CA ILE C 233 4.33 -36.54 74.01
C ILE C 233 4.50 -37.29 75.32
N LYS C 234 4.16 -36.65 76.44
CA LYS C 234 4.35 -37.25 77.77
C LYS C 234 3.87 -38.69 77.90
N PRO C 235 2.69 -39.09 77.40
CA PRO C 235 2.30 -40.50 77.53
C PRO C 235 3.24 -41.45 76.78
N LEU C 236 3.66 -41.09 75.56
CA LEU C 236 4.53 -41.95 74.79
C LEU C 236 5.89 -42.11 75.47
N TYR C 237 6.48 -41.00 75.91
CA TYR C 237 7.76 -41.08 76.61
C TYR C 237 7.63 -41.82 77.94
N GLU C 238 6.50 -41.66 78.63
CA GLU C 238 6.31 -42.38 79.88
C GLU C 238 6.23 -43.88 79.64
N HIS C 239 5.49 -44.31 78.61
CA HIS C 239 5.43 -45.73 78.30
C HIS C 239 6.78 -46.27 77.85
N LEU C 240 7.53 -45.48 77.08
CA LEU C 240 8.86 -45.92 76.65
C LEU C 240 9.80 -46.07 77.83
N HIS C 241 9.77 -45.11 78.76
CA HIS C 241 10.61 -45.19 79.94
C HIS C 241 10.22 -46.37 80.83
N ALA C 242 8.92 -46.63 80.95
CA ALA C 242 8.47 -47.80 81.72
C ALA C 242 8.95 -49.10 81.08
N TYR C 243 8.88 -49.19 79.75
CA TYR C 243 9.36 -50.38 79.07
C TYR C 243 10.87 -50.56 79.24
N VAL C 244 11.62 -49.47 79.11
CA VAL C 244 13.07 -49.55 79.30
C VAL C 244 13.41 -49.96 80.72
N ARG C 245 12.66 -49.45 81.70
CA ARG C 245 12.90 -49.83 83.09
C ARG C 245 12.59 -51.30 83.32
N ALA C 246 11.47 -51.78 82.78
CA ALA C 246 11.12 -53.18 82.93
C ALA C 246 12.12 -54.10 82.23
N LYS C 247 12.71 -53.65 81.12
CA LYS C 247 13.70 -54.47 80.43
C LYS C 247 15.03 -54.48 81.16
N LEU C 248 15.45 -53.33 81.69
CA LEU C 248 16.72 -53.25 82.40
C LEU C 248 16.65 -53.81 83.81
N MET C 249 15.44 -54.01 84.35
CA MET C 249 15.31 -54.56 85.69
C MET C 249 15.81 -56.00 85.75
N ASN C 250 15.59 -56.78 84.68
CA ASN C 250 16.05 -58.17 84.68
C ASN C 250 17.53 -58.28 84.36
N ALA C 251 18.11 -57.28 83.68
CA ALA C 251 19.52 -57.34 83.33
C ALA C 251 20.42 -56.90 84.47
N TYR C 252 19.93 -56.04 85.36
CA TYR C 252 20.70 -55.53 86.48
C TYR C 252 19.87 -55.69 87.76
N PRO C 253 20.07 -56.79 88.47
CA PRO C 253 19.31 -56.98 89.72
C PRO C 253 19.78 -56.05 90.82
N SER C 254 18.84 -55.63 91.66
CA SER C 254 19.07 -54.74 92.79
C SER C 254 19.62 -53.38 92.37
N TYR C 255 19.58 -53.05 91.09
CA TYR C 255 20.07 -51.77 90.59
C TYR C 255 18.96 -50.92 89.98
N ILE C 256 18.19 -51.48 89.06
CA ILE C 256 17.07 -50.77 88.46
C ILE C 256 15.89 -50.79 89.41
N SER C 257 15.35 -49.62 89.72
CA SER C 257 14.23 -49.54 90.64
C SER C 257 12.96 -50.06 89.96
N PRO C 258 12.11 -50.80 90.69
CA PRO C 258 10.89 -51.33 90.07
C PRO C 258 9.79 -50.28 89.94
N ILE C 259 9.77 -49.31 90.85
CA ILE C 259 8.73 -48.29 90.88
C ILE C 259 9.36 -46.92 90.68
N GLY C 260 10.61 -46.77 91.08
CA GLY C 260 11.31 -45.50 91.00
C GLY C 260 11.83 -45.22 89.61
N CYS C 261 12.78 -44.28 89.56
CA CYS C 261 13.37 -43.85 88.30
C CYS C 261 14.61 -44.68 87.98
N LEU C 262 15.32 -44.29 86.90
CA LEU C 262 16.53 -44.95 86.45
C LEU C 262 17.77 -44.15 86.83
N PRO C 263 18.87 -44.82 87.16
CA PRO C 263 20.10 -44.10 87.49
C PRO C 263 20.75 -43.51 86.25
N ALA C 264 21.76 -42.67 86.49
CA ALA C 264 22.43 -41.98 85.39
C ALA C 264 23.45 -42.88 84.70
N HIS C 265 24.15 -43.73 85.46
CA HIS C 265 25.22 -44.54 84.90
C HIS C 265 24.70 -45.73 84.11
N LEU C 266 23.43 -46.10 84.26
CA LEU C 266 22.85 -47.23 83.55
C LEU C 266 22.05 -46.82 82.33
N LEU C 267 22.13 -45.55 81.93
CA LEU C 267 21.42 -45.08 80.74
C LEU C 267 22.21 -45.27 79.45
N GLY C 268 23.48 -45.70 79.55
CA GLY C 268 24.29 -45.86 78.37
C GLY C 268 24.84 -44.58 77.78
N ASP C 269 24.82 -43.50 78.54
CA ASP C 269 25.31 -42.21 78.06
C ASP C 269 25.87 -41.43 79.24
N MET C 270 26.83 -40.55 78.95
CA MET C 270 27.43 -39.74 80.00
C MET C 270 26.43 -38.77 80.61
N TRP C 271 25.49 -38.26 79.81
CA TRP C 271 24.50 -37.32 80.29
C TRP C 271 23.06 -37.81 80.12
N GLY C 272 22.84 -38.95 79.47
CA GLY C 272 21.50 -39.43 79.23
C GLY C 272 20.81 -38.82 78.05
N ARG C 273 21.56 -38.38 77.03
CA ARG C 273 20.96 -37.71 75.88
C ARG C 273 20.31 -38.71 74.94
N PHE C 274 21.04 -39.76 74.55
CA PHE C 274 20.53 -40.78 73.65
C PHE C 274 20.47 -42.13 74.35
N TRP C 275 19.47 -42.93 73.98
CA TRP C 275 19.29 -44.27 74.51
C TRP C 275 19.55 -45.34 73.46
N THR C 276 20.33 -45.02 72.43
CA THR C 276 20.60 -45.98 71.37
C THR C 276 21.49 -47.13 71.86
N ASN C 277 22.40 -46.85 72.80
CA ASN C 277 23.28 -47.89 73.32
C ASN C 277 22.52 -48.97 74.08
N LEU C 278 21.31 -48.68 74.54
CA LEU C 278 20.50 -49.66 75.26
C LEU C 278 19.66 -50.53 74.34
N TYR C 279 19.88 -50.45 73.01
CA TYR C 279 19.11 -51.26 72.09
C TYR C 279 19.47 -52.74 72.18
N SER C 280 20.72 -53.04 72.53
CA SER C 280 21.14 -54.44 72.66
C SER C 280 20.49 -55.10 73.87
N LEU C 281 20.08 -54.32 74.86
CA LEU C 281 19.45 -54.86 76.07
C LEU C 281 17.94 -54.69 76.08
N THR C 282 17.39 -53.78 75.27
CA THR C 282 15.95 -53.53 75.22
C THR C 282 15.38 -53.87 73.84
N VAL C 283 15.97 -54.84 73.16
CA VAL C 283 15.48 -55.23 71.84
C VAL C 283 14.18 -56.00 71.98
N PRO C 284 13.12 -55.64 71.25
CA PRO C 284 11.86 -56.39 71.38
C PRO C 284 11.97 -57.83 70.91
N PHE C 285 12.47 -58.06 69.70
CA PHE C 285 12.59 -59.39 69.11
C PHE C 285 14.03 -59.57 68.64
N GLY C 286 14.89 -60.07 69.53
CA GLY C 286 16.28 -60.30 69.21
C GLY C 286 16.58 -61.61 68.51
N GLN C 287 15.55 -62.39 68.17
CA GLN C 287 15.78 -63.67 67.50
C GLN C 287 16.19 -63.50 66.05
N LYS C 288 15.91 -62.34 65.45
CA LYS C 288 16.26 -62.07 64.06
C LYS C 288 16.98 -60.74 63.96
N PRO C 289 18.08 -60.66 63.21
CA PRO C 289 18.80 -59.39 63.10
C PRO C 289 17.99 -58.34 62.35
N ASN C 290 18.34 -57.08 62.60
CA ASN C 290 17.68 -55.96 61.96
C ASN C 290 18.13 -55.85 60.50
N ILE C 291 17.32 -55.15 59.71
CA ILE C 291 17.62 -54.95 58.30
C ILE C 291 18.88 -54.10 58.17
N ASP C 292 19.91 -54.64 57.50
CA ASP C 292 21.17 -53.94 57.31
C ASP C 292 21.67 -54.24 55.91
N VAL C 293 21.99 -53.19 55.14
CA VAL C 293 22.46 -53.36 53.78
C VAL C 293 23.99 -53.29 53.75
N THR C 294 24.61 -53.41 54.91
CA THR C 294 26.07 -53.37 54.98
C THR C 294 26.68 -54.61 54.33
N ASP C 295 26.15 -55.79 54.65
CA ASP C 295 26.68 -57.03 54.08
C ASP C 295 26.51 -57.06 52.56
N ALA C 296 25.40 -56.49 52.05
CA ALA C 296 25.20 -56.45 50.60
C ALA C 296 26.26 -55.57 49.93
N MET C 297 26.55 -54.41 50.51
CA MET C 297 27.58 -53.55 49.94
C MET C 297 28.97 -54.15 50.08
N VAL C 298 29.20 -54.93 51.13
CA VAL C 298 30.50 -55.60 51.27
C VAL C 298 30.65 -56.69 50.23
N ASP C 299 29.59 -57.47 49.99
CA ASP C 299 29.66 -58.53 48.99
C ASP C 299 29.76 -57.97 47.58
N GLN C 300 29.07 -56.86 47.31
CA GLN C 300 29.13 -56.24 45.99
C GLN C 300 30.35 -55.34 45.81
N ALA C 301 31.13 -55.14 46.87
CA ALA C 301 32.37 -54.35 46.81
C ALA C 301 32.10 -52.93 46.31
N TRP C 302 31.13 -52.27 46.93
CA TRP C 302 30.82 -50.88 46.58
C TRP C 302 31.81 -49.93 47.24
N ASP C 303 31.68 -48.65 46.92
CA ASP C 303 32.54 -47.61 47.46
C ASP C 303 31.70 -46.35 47.69
N ALA C 304 32.38 -45.27 48.08
CA ALA C 304 31.67 -44.00 48.30
C ALA C 304 31.18 -43.41 46.98
N GLN C 305 31.88 -43.66 45.88
CA GLN C 305 31.46 -43.12 44.59
C GLN C 305 30.10 -43.67 44.18
N ARG C 306 29.91 -44.98 44.32
CA ARG C 306 28.62 -45.58 43.97
C ARG C 306 27.52 -45.08 44.89
N ILE C 307 27.83 -44.91 46.18
CA ILE C 307 26.83 -44.39 47.14
C ILE C 307 26.40 -42.99 46.74
N PHE C 308 27.36 -42.13 46.42
CA PHE C 308 27.02 -40.76 46.04
C PHE C 308 26.29 -40.72 44.69
N LYS C 309 26.63 -41.63 43.77
CA LYS C 309 25.90 -41.68 42.50
C LYS C 309 24.45 -42.10 42.72
N GLU C 310 24.23 -43.11 43.57
CA GLU C 310 22.87 -43.53 43.87
C GLU C 310 22.09 -42.41 44.57
N ALA C 311 22.75 -41.69 45.47
CA ALA C 311 22.09 -40.57 46.15
C ALA C 311 21.75 -39.46 45.16
N GLU C 312 22.64 -39.16 44.22
CA GLU C 312 22.36 -38.15 43.21
C GLU C 312 21.19 -38.58 42.32
N LYS C 313 21.14 -39.86 41.94
CA LYS C 313 20.03 -40.34 41.14
C LYS C 313 18.72 -40.25 41.92
N PHE C 314 18.76 -40.57 43.22
CA PHE C 314 17.56 -40.46 44.05
C PHE C 314 17.09 -39.01 44.15
N PHE C 315 18.03 -38.07 44.28
CA PHE C 315 17.65 -36.66 44.39
C PHE C 315 17.16 -36.11 43.06
N VAL C 316 17.67 -36.61 41.95
CA VAL C 316 17.20 -36.15 40.64
C VAL C 316 15.84 -36.76 40.32
N SER C 317 15.58 -37.99 40.77
CA SER C 317 14.31 -38.65 40.46
C SER C 317 13.10 -37.92 41.03
N VAL C 318 13.30 -37.10 42.06
CA VAL C 318 12.19 -36.37 42.67
C VAL C 318 12.05 -35.00 42.04
N GLY C 319 12.94 -34.69 41.10
CA GLY C 319 12.89 -33.44 40.37
C GLY C 319 13.90 -32.39 40.78
N LEU C 320 14.86 -32.74 41.65
CA LEU C 320 15.85 -31.73 42.03
C LEU C 320 17.02 -31.73 41.05
N PRO C 321 17.67 -30.58 40.87
CA PRO C 321 18.81 -30.53 39.95
C PRO C 321 19.95 -31.42 40.40
N ASN C 322 20.75 -31.86 39.43
CA ASN C 322 21.87 -32.73 39.72
C ASN C 322 23.02 -31.95 40.33
N MET C 323 24.06 -32.69 40.72
CA MET C 323 25.23 -32.07 41.32
C MET C 323 26.12 -31.41 40.27
N THR C 324 26.89 -30.42 40.71
CA THR C 324 27.77 -29.69 39.80
C THR C 324 29.08 -30.45 39.61
N GLN C 325 29.84 -30.04 38.60
CA GLN C 325 31.13 -30.68 38.33
C GLN C 325 32.15 -30.33 39.41
N GLY C 326 32.16 -29.08 39.87
CA GLY C 326 33.07 -28.70 40.93
C GLY C 326 32.83 -29.46 42.22
N PHE C 327 31.58 -29.89 42.46
CA PHE C 327 31.30 -30.72 43.62
C PHE C 327 32.06 -32.03 43.56
N TRP C 328 31.99 -32.74 42.43
CA TRP C 328 32.71 -33.99 42.29
C TRP C 328 34.22 -33.79 42.16
N GLU C 329 34.65 -32.61 41.72
CA GLU C 329 36.07 -32.34 41.54
C GLU C 329 36.75 -31.83 42.80
N ASN C 330 36.00 -31.35 43.79
CA ASN C 330 36.58 -30.77 44.99
C ASN C 330 36.24 -31.49 46.28
N SER C 331 35.18 -32.30 46.30
CA SER C 331 34.79 -32.98 47.53
C SER C 331 35.74 -34.16 47.81
N MET C 332 36.23 -34.23 49.03
CA MET C 332 37.12 -35.31 49.46
C MET C 332 36.25 -36.42 50.05
N LEU C 333 35.77 -37.31 49.18
CA LEU C 333 34.90 -38.40 49.60
C LEU C 333 35.65 -39.65 50.01
N THR C 334 36.98 -39.59 50.07
CA THR C 334 37.80 -40.74 50.45
C THR C 334 38.93 -40.28 51.34
N ASP C 335 39.20 -41.05 52.39
CA ASP C 335 40.27 -40.74 53.32
C ASP C 335 41.62 -40.83 52.60
N PRO C 336 42.37 -39.72 52.49
CA PRO C 336 43.65 -39.77 51.78
C PRO C 336 44.74 -40.53 52.54
N GLY C 337 44.55 -40.81 53.81
CA GLY C 337 45.53 -41.54 54.59
C GLY C 337 46.43 -40.64 55.41
N ASN C 338 47.64 -41.13 55.66
CA ASN C 338 48.62 -40.39 56.45
C ASN C 338 49.25 -39.23 55.69
N VAL C 339 49.11 -39.19 54.36
CA VAL C 339 49.72 -38.12 53.58
C VAL C 339 49.07 -36.77 53.86
N GLN C 340 47.83 -36.76 54.36
CA GLN C 340 47.11 -35.53 54.67
C GLN C 340 46.46 -35.67 56.03
N LYS C 341 46.55 -34.60 56.84
CA LYS C 341 45.97 -34.60 58.18
C LYS C 341 44.50 -34.19 58.13
N ALA C 342 43.71 -35.05 57.49
CA ALA C 342 42.28 -34.81 57.36
C ALA C 342 41.54 -35.28 58.60
N VAL C 343 40.44 -34.59 58.92
CA VAL C 343 39.61 -34.91 60.08
C VAL C 343 38.32 -35.53 59.57
N CYS C 344 38.10 -36.80 59.93
CA CYS C 344 36.90 -37.53 59.52
C CYS C 344 35.72 -37.05 60.36
N HIS C 345 35.15 -35.92 59.94
CA HIS C 345 34.00 -35.33 60.61
C HIS C 345 33.00 -34.86 59.56
N PRO C 346 31.95 -35.63 59.31
CA PRO C 346 30.99 -35.26 58.26
C PRO C 346 30.18 -34.02 58.61
N THR C 347 30.46 -32.91 57.91
CA THR C 347 29.74 -31.67 58.11
C THR C 347 29.46 -31.03 56.76
N ALA C 348 28.40 -30.22 56.70
CA ALA C 348 28.03 -29.54 55.48
C ALA C 348 28.94 -28.34 55.23
N TRP C 349 29.51 -28.28 54.04
CA TRP C 349 30.40 -27.20 53.64
C TRP C 349 29.77 -26.44 52.48
N ASP C 350 29.63 -25.13 52.65
CA ASP C 350 29.03 -24.24 51.64
C ASP C 350 29.98 -23.06 51.48
N LEU C 351 30.93 -23.17 50.54
CA LEU C 351 31.88 -22.10 50.30
C LEU C 351 31.23 -20.92 49.59
N GLY C 352 30.12 -21.13 48.89
CA GLY C 352 29.45 -20.07 48.19
C GLY C 352 29.92 -19.93 46.75
N LYS C 353 29.10 -19.21 45.96
CA LYS C 353 29.38 -18.95 44.56
C LYS C 353 29.53 -20.24 43.75
N GLY C 354 28.69 -21.23 44.07
CA GLY C 354 28.68 -22.48 43.34
C GLY C 354 29.72 -23.48 43.76
N ASP C 355 30.48 -23.21 44.83
CA ASP C 355 31.52 -24.13 45.30
C ASP C 355 30.98 -24.89 46.51
N PHE C 356 30.31 -26.01 46.22
CA PHE C 356 29.75 -26.87 47.25
C PHE C 356 30.62 -28.11 47.40
N ARG C 357 31.08 -28.37 48.62
CA ARG C 357 31.96 -29.49 48.90
C ARG C 357 31.44 -30.27 50.10
N ILE C 358 31.90 -31.52 50.21
CA ILE C 358 31.53 -32.40 51.31
C ILE C 358 32.79 -33.11 51.80
N LEU C 359 33.06 -33.03 53.10
CA LEU C 359 34.20 -33.69 53.72
C LEU C 359 33.67 -34.80 54.60
N MET C 360 33.91 -36.05 54.19
CA MET C 360 33.41 -37.21 54.93
C MET C 360 34.22 -38.44 54.53
N CYS C 361 34.64 -39.22 55.53
CA CYS C 361 35.36 -40.47 55.29
C CYS C 361 34.33 -41.59 55.19
N THR C 362 33.64 -41.63 54.05
CA THR C 362 32.56 -42.58 53.85
C THR C 362 33.09 -43.99 53.68
N LYS C 363 32.49 -44.93 54.41
CA LYS C 363 32.83 -46.35 54.28
C LYS C 363 31.61 -47.15 53.87
N VAL C 364 31.75 -48.47 53.81
CA VAL C 364 30.64 -49.33 53.34
C VAL C 364 29.83 -49.70 54.57
N THR C 365 28.94 -48.79 54.96
CA THR C 365 28.02 -49.00 56.08
C THR C 365 26.72 -48.27 55.79
N MET C 366 25.65 -48.74 56.42
CA MET C 366 24.35 -48.07 56.27
C MET C 366 24.33 -46.72 56.96
N ASP C 367 25.02 -46.59 58.10
CA ASP C 367 25.10 -45.30 58.76
C ASP C 367 25.81 -44.27 57.89
N ASP C 368 26.89 -44.68 57.21
CA ASP C 368 27.55 -43.77 56.28
C ASP C 368 26.66 -43.44 55.10
N PHE C 369 25.82 -44.39 54.66
CA PHE C 369 24.86 -44.10 53.59
C PHE C 369 23.88 -43.03 54.02
N LEU C 370 23.32 -43.17 55.22
CA LEU C 370 22.38 -42.16 55.73
C LEU C 370 23.06 -40.81 55.93
N THR C 371 24.32 -40.82 56.39
CA THR C 371 25.03 -39.57 56.58
C THR C 371 25.32 -38.89 55.25
N ALA C 372 25.67 -39.67 54.22
CA ALA C 372 25.89 -39.10 52.89
C ALA C 372 24.60 -38.54 52.32
N HIS C 373 23.47 -39.22 52.54
CA HIS C 373 22.19 -38.67 52.10
C HIS C 373 21.87 -37.38 52.84
N HIS C 374 22.16 -37.32 54.13
CA HIS C 374 21.93 -36.10 54.90
C HIS C 374 22.80 -34.95 54.37
N GLU C 375 24.06 -35.23 54.08
CA GLU C 375 24.95 -34.19 53.55
C GLU C 375 24.50 -33.73 52.17
N MET C 376 24.05 -34.66 51.33
CA MET C 376 23.56 -34.27 50.00
C MET C 376 22.28 -33.45 50.11
N GLY C 377 21.41 -33.77 51.07
CA GLY C 377 20.24 -32.95 51.31
C GLY C 377 20.60 -31.55 51.77
N HIS C 378 21.61 -31.45 52.65
CA HIS C 378 22.08 -30.13 53.06
C HIS C 378 22.63 -29.34 51.87
N ILE C 379 23.39 -30.01 51.00
CA ILE C 379 23.94 -29.33 49.83
C ILE C 379 22.83 -28.89 48.89
N GLN C 380 21.80 -29.73 48.72
CA GLN C 380 20.68 -29.35 47.88
C GLN C 380 19.92 -28.15 48.45
N TYR C 381 19.75 -28.13 49.77
CA TYR C 381 19.14 -26.96 50.41
C TYR C 381 19.98 -25.70 50.19
N ASP C 382 21.30 -25.83 50.36
CA ASP C 382 22.19 -24.68 50.14
C ASP C 382 22.08 -24.17 48.71
N MET C 383 22.05 -25.08 47.73
CA MET C 383 21.86 -24.68 46.34
C MET C 383 20.48 -24.07 46.13
N ALA C 384 19.49 -24.49 46.92
CA ALA C 384 18.14 -23.96 46.78
C ALA C 384 18.06 -22.51 47.23
N TYR C 385 18.56 -22.21 48.43
CA TYR C 385 18.55 -20.83 48.91
C TYR C 385 19.78 -20.04 48.48
N ALA C 386 20.52 -20.52 47.49
CA ALA C 386 21.69 -19.79 47.01
C ALA C 386 21.32 -18.55 46.19
N ALA C 387 20.09 -18.48 45.70
CA ALA C 387 19.68 -17.33 44.90
C ALA C 387 19.51 -16.07 45.75
N GLN C 388 19.23 -16.22 47.04
CA GLN C 388 19.09 -15.08 47.92
C GLN C 388 20.46 -14.49 48.26
N PRO C 389 20.51 -13.21 48.64
CA PRO C 389 21.79 -12.60 49.03
C PRO C 389 22.41 -13.31 50.23
N PHE C 390 23.68 -12.98 50.47
CA PHE C 390 24.43 -13.64 51.54
C PHE C 390 23.78 -13.46 52.90
N LEU C 391 23.13 -12.33 53.13
CA LEU C 391 22.43 -12.11 54.39
C LEU C 391 21.18 -12.97 54.52
N LEU C 392 20.75 -13.62 53.45
CA LEU C 392 19.58 -14.49 53.48
C LEU C 392 19.91 -15.93 53.10
N ARG C 393 21.19 -16.27 52.94
CA ARG C 393 21.61 -17.62 52.57
C ARG C 393 21.54 -18.52 53.80
N ASN C 394 20.31 -18.78 54.26
CA ASN C 394 20.06 -19.62 55.41
C ASN C 394 18.60 -20.03 55.40
N GLY C 395 18.31 -21.17 56.01
CA GLY C 395 16.95 -21.66 56.08
C GLY C 395 16.05 -20.76 56.90
N ALA C 396 14.75 -21.04 56.83
CA ALA C 396 13.78 -20.25 57.58
C ALA C 396 14.00 -20.35 59.08
N ASN C 397 14.58 -21.45 59.55
CA ASN C 397 14.90 -21.62 60.95
C ASN C 397 16.15 -22.49 61.05
N GLU C 398 16.68 -22.59 62.28
CA GLU C 398 17.88 -23.38 62.51
C GLU C 398 17.63 -24.88 62.50
N GLY C 399 16.43 -25.32 62.11
CA GLY C 399 16.11 -26.73 62.10
C GLY C 399 15.60 -27.25 60.77
N PHE C 400 15.57 -26.39 59.76
CA PHE C 400 15.09 -26.81 58.45
C PHE C 400 16.08 -27.73 57.76
N HIS C 401 17.37 -27.42 57.85
CA HIS C 401 18.40 -28.22 57.18
C HIS C 401 18.42 -29.64 57.73
N GLU C 402 18.46 -29.77 59.06
CA GLU C 402 18.47 -31.10 59.67
C GLU C 402 17.17 -31.85 59.40
N ALA C 403 16.04 -31.14 59.35
CA ALA C 403 14.78 -31.80 59.04
C ALA C 403 14.78 -32.36 57.63
N VAL C 404 15.26 -31.57 56.66
CA VAL C 404 15.34 -32.04 55.28
C VAL C 404 16.29 -33.23 55.19
N GLY C 405 17.44 -33.15 55.86
CA GLY C 405 18.37 -34.27 55.84
C GLY C 405 17.78 -35.53 56.43
N GLU C 406 17.04 -35.40 57.53
CA GLU C 406 16.45 -36.57 58.17
C GLU C 406 15.33 -37.17 57.33
N ILE C 407 14.50 -36.33 56.71
CA ILE C 407 13.44 -36.89 55.87
C ILE C 407 14.03 -37.54 54.62
N MET C 408 15.12 -36.99 54.09
CA MET C 408 15.79 -37.65 52.96
C MET C 408 16.39 -38.98 53.38
N SER C 409 16.99 -39.04 54.57
CA SER C 409 17.55 -40.30 55.05
C SER C 409 16.46 -41.33 55.29
N LEU C 410 15.31 -40.89 55.79
CA LEU C 410 14.20 -41.82 56.00
C LEU C 410 13.62 -42.31 54.68
N SER C 411 13.53 -41.44 53.68
CA SER C 411 13.06 -41.86 52.37
C SER C 411 14.03 -42.82 51.71
N ALA C 412 15.33 -42.62 51.93
CA ALA C 412 16.32 -43.52 51.36
C ALA C 412 16.37 -44.85 52.11
N ALA C 413 16.04 -44.85 53.40
CA ALA C 413 16.09 -46.06 54.21
C ALA C 413 14.87 -46.96 54.03
N THR C 414 13.95 -46.60 53.12
CA THR C 414 12.77 -47.42 52.89
C THR C 414 13.17 -48.73 52.23
N PRO C 415 12.49 -49.83 52.56
CA PRO C 415 12.82 -51.12 51.93
C PRO C 415 12.63 -51.12 50.42
N LYS C 416 11.67 -50.36 49.91
CA LYS C 416 11.46 -50.32 48.46
C LYS C 416 12.66 -49.70 47.75
N HIS C 417 13.19 -48.60 48.28
CA HIS C 417 14.36 -47.99 47.69
C HIS C 417 15.58 -48.90 47.78
N LEU C 418 15.72 -49.61 48.91
CA LEU C 418 16.85 -50.52 49.08
C LEU C 418 16.76 -51.71 48.12
N LYS C 419 15.54 -52.16 47.81
CA LYS C 419 15.38 -53.23 46.82
C LYS C 419 15.55 -52.71 45.39
N SER C 420 15.21 -51.44 45.15
CA SER C 420 15.36 -50.87 43.82
C SER C 420 16.81 -50.56 43.48
N ILE C 421 17.61 -50.14 44.46
CA ILE C 421 19.01 -49.82 44.19
C ILE C 421 19.88 -51.05 44.00
N GLY C 422 19.34 -52.24 44.25
CA GLY C 422 20.08 -53.46 44.00
C GLY C 422 20.84 -54.03 45.17
N LEU C 423 20.47 -53.66 46.41
CA LEU C 423 21.14 -54.20 47.59
C LEU C 423 20.38 -55.37 48.19
N LEU C 424 19.10 -55.19 48.46
CA LEU C 424 18.28 -56.26 49.02
C LEU C 424 17.73 -57.16 47.93
N SER C 425 17.46 -58.41 48.30
CA SER C 425 16.92 -59.37 47.35
C SER C 425 15.49 -59.00 46.98
N PRO C 426 15.07 -59.31 45.75
CA PRO C 426 13.68 -59.00 45.36
C PRO C 426 12.63 -59.81 46.10
N ASP C 427 12.99 -60.99 46.60
CA ASP C 427 12.06 -61.84 47.34
C ASP C 427 12.04 -61.52 48.83
N PHE C 428 12.65 -60.41 49.24
CA PHE C 428 12.68 -60.05 50.65
C PHE C 428 11.30 -59.59 51.12
N GLN C 429 10.99 -59.93 52.38
CA GLN C 429 9.72 -59.56 52.97
C GLN C 429 9.95 -58.96 54.35
N GLU C 430 8.95 -58.26 54.86
CA GLU C 430 9.01 -57.61 56.15
C GLU C 430 7.80 -58.00 56.99
N ASP C 431 8.03 -58.25 58.27
CA ASP C 431 6.99 -58.64 59.21
C ASP C 431 6.81 -57.54 60.26
N ASN C 432 5.84 -57.76 61.16
CA ASN C 432 5.54 -56.77 62.18
C ASN C 432 6.67 -56.66 63.20
N GLU C 433 7.40 -57.75 63.44
CA GLU C 433 8.47 -57.71 64.43
C GLU C 433 9.60 -56.77 63.98
N THR C 434 9.96 -56.81 62.71
CA THR C 434 10.99 -55.90 62.20
C THR C 434 10.53 -54.46 62.29
N GLU C 435 9.23 -54.21 62.00
CA GLU C 435 8.69 -52.86 62.12
C GLU C 435 8.76 -52.36 63.55
N ILE C 436 8.40 -53.23 64.52
CA ILE C 436 8.45 -52.83 65.92
C ILE C 436 9.88 -52.56 66.35
N ASN C 437 10.82 -53.41 65.90
CA ASN C 437 12.23 -53.19 66.24
C ASN C 437 12.74 -51.87 65.67
N PHE C 438 12.39 -51.56 64.43
CA PHE C 438 12.82 -50.31 63.83
C PHE C 438 12.21 -49.11 64.54
N LEU C 439 10.92 -49.20 64.89
CA LEU C 439 10.28 -48.10 65.60
C LEU C 439 10.90 -47.89 66.98
N LEU C 440 11.24 -48.98 67.67
CA LEU C 440 11.89 -48.84 68.97
C LEU C 440 13.29 -48.25 68.84
N LYS C 441 14.03 -48.68 67.81
CA LYS C 441 15.37 -48.13 67.59
C LYS C 441 15.30 -46.63 67.27
N GLN C 442 14.28 -46.22 66.52
CA GLN C 442 14.13 -44.80 66.22
C GLN C 442 13.66 -44.00 67.43
N ALA C 443 12.82 -44.61 68.28
CA ALA C 443 12.33 -43.90 69.46
C ALA C 443 13.42 -43.76 70.52
N LEU C 444 14.32 -44.74 70.63
CA LEU C 444 15.40 -44.64 71.61
C LEU C 444 16.39 -43.54 71.26
N THR C 445 16.38 -43.04 70.03
CA THR C 445 17.27 -41.97 69.59
C THR C 445 16.58 -40.63 69.44
N ILE C 446 15.36 -40.60 68.89
CA ILE C 446 14.67 -39.34 68.64
C ILE C 446 13.80 -38.95 69.83
N VAL C 447 12.94 -39.85 70.29
CA VAL C 447 12.03 -39.52 71.38
C VAL C 447 12.77 -39.44 72.72
N GLY C 448 13.88 -40.15 72.84
CA GLY C 448 14.59 -40.18 74.11
C GLY C 448 15.21 -38.85 74.49
N THR C 449 15.57 -38.02 73.51
CA THR C 449 16.22 -36.75 73.75
C THR C 449 15.26 -35.57 73.79
N LEU C 450 13.95 -35.82 73.68
CA LEU C 450 13.00 -34.71 73.70
C LEU C 450 12.78 -34.14 75.10
N PRO C 451 12.44 -34.95 76.12
CA PRO C 451 12.23 -34.35 77.45
C PRO C 451 13.50 -33.77 78.06
N PHE C 452 14.65 -34.39 77.81
CA PHE C 452 15.90 -33.82 78.27
C PHE C 452 16.16 -32.47 77.63
N THR C 453 15.90 -32.36 76.32
CA THR C 453 16.03 -31.08 75.64
C THR C 453 15.09 -30.04 76.23
N TYR C 454 13.84 -30.42 76.47
CA TYR C 454 12.88 -29.48 77.05
C TYR C 454 13.32 -29.00 78.42
N MET C 455 13.79 -29.93 79.27
CA MET C 455 14.21 -29.56 80.61
C MET C 455 15.45 -28.66 80.58
N LEU C 456 16.42 -29.00 79.72
CA LEU C 456 17.62 -28.17 79.62
C LEU C 456 17.27 -26.77 79.10
N GLU C 457 16.37 -26.68 78.13
CA GLU C 457 15.99 -25.37 77.60
C GLU C 457 15.23 -24.56 78.64
N LYS C 458 14.35 -25.20 79.40
CA LYS C 458 13.63 -24.48 80.45
C LYS C 458 14.59 -24.02 81.55
N TRP C 459 15.58 -24.84 81.88
CA TRP C 459 16.57 -24.42 82.86
C TRP C 459 17.39 -23.23 82.37
N ARG C 460 17.79 -23.27 81.09
CA ARG C 460 18.49 -22.12 80.50
C ARG C 460 17.62 -20.87 80.55
N TRP C 461 16.33 -21.02 80.23
CA TRP C 461 15.43 -19.87 80.26
C TRP C 461 15.29 -19.30 81.67
N MET C 462 15.15 -20.17 82.68
CA MET C 462 15.03 -19.69 84.05
C MET C 462 16.32 -19.05 84.55
N VAL C 463 17.48 -19.55 84.10
CA VAL C 463 18.74 -18.93 84.49
C VAL C 463 18.89 -17.57 83.84
N PHE C 464 18.50 -17.45 82.56
CA PHE C 464 18.63 -16.17 81.87
C PHE C 464 17.63 -15.14 82.39
N LYS C 465 16.45 -15.58 82.82
CA LYS C 465 15.46 -14.65 83.35
C LYS C 465 15.81 -14.16 84.74
N GLY C 466 16.71 -14.84 85.44
CA GLY C 466 17.09 -14.42 86.77
C GLY C 466 16.13 -14.84 87.88
N GLU C 467 15.31 -15.87 87.64
CA GLU C 467 14.39 -16.33 88.67
C GLU C 467 15.14 -17.02 89.82
N ILE C 468 16.22 -17.72 89.50
CA ILE C 468 17.02 -18.43 90.51
C ILE C 468 18.38 -17.77 90.60
N PRO C 469 18.56 -16.78 91.48
CA PRO C 469 19.81 -15.99 91.46
C PRO C 469 21.07 -16.77 91.76
N LYS C 470 21.20 -17.31 92.97
CA LYS C 470 22.49 -17.88 93.35
C LYS C 470 22.42 -19.28 93.95
N ASP C 471 21.38 -19.59 94.73
CA ASP C 471 21.45 -20.68 95.69
C ASP C 471 20.77 -21.96 95.25
N GLN C 472 19.91 -21.92 94.24
CA GLN C 472 19.12 -23.10 93.89
C GLN C 472 19.28 -23.46 92.42
N TRP C 473 20.51 -23.36 91.90
CA TRP C 473 20.74 -23.74 90.51
C TRP C 473 20.76 -25.25 90.35
N MET C 474 21.72 -25.92 91.01
CA MET C 474 21.86 -27.37 90.86
C MET C 474 20.73 -28.12 91.53
N LYS C 475 20.24 -27.63 92.68
CA LYS C 475 19.16 -28.30 93.38
C LYS C 475 17.91 -28.37 92.51
N LYS C 476 17.44 -27.21 92.03
CA LYS C 476 16.26 -27.20 91.19
C LYS C 476 16.51 -27.84 89.83
N TRP C 477 17.76 -27.78 89.34
CA TRP C 477 18.11 -28.48 88.11
C TRP C 477 17.86 -29.98 88.26
N TRP C 478 18.44 -30.59 89.30
CA TRP C 478 18.25 -32.02 89.52
C TRP C 478 16.80 -32.35 89.88
N GLU C 479 16.10 -31.43 90.55
CA GLU C 479 14.69 -31.66 90.85
C GLU C 479 13.87 -31.76 89.58
N MET C 480 14.03 -30.80 88.67
CA MET C 480 13.33 -30.85 87.39
C MET C 480 13.77 -32.04 86.57
N LYS C 481 15.05 -32.43 86.65
CA LYS C 481 15.52 -33.60 85.91
C LYS C 481 14.84 -34.87 86.40
N ARG C 482 14.76 -35.05 87.71
CA ARG C 482 14.05 -36.20 88.26
C ARG C 482 12.56 -36.15 87.94
N GLU C 483 11.98 -34.95 87.87
CA GLU C 483 10.55 -34.83 87.62
C GLU C 483 10.21 -35.14 86.16
N ILE C 484 11.07 -34.74 85.23
CA ILE C 484 10.77 -34.87 83.81
C ILE C 484 11.40 -36.14 83.25
N VAL C 485 12.74 -36.22 83.29
CA VAL C 485 13.42 -37.36 82.68
C VAL C 485 13.42 -38.55 83.61
N GLY C 486 13.60 -38.33 84.91
CA GLY C 486 13.64 -39.41 85.87
C GLY C 486 15.02 -40.01 86.03
N VAL C 487 15.99 -39.18 86.43
CA VAL C 487 17.37 -39.61 86.62
C VAL C 487 17.73 -39.38 88.09
N VAL C 488 17.92 -40.46 88.83
CA VAL C 488 18.27 -40.40 90.24
C VAL C 488 19.78 -40.33 90.37
N GLU C 489 20.26 -39.43 91.23
CA GLU C 489 21.69 -39.27 91.41
C GLU C 489 22.25 -40.45 92.22
N PRO C 490 23.20 -41.21 91.67
CA PRO C 490 23.80 -42.30 92.46
C PRO C 490 24.78 -41.82 93.50
N VAL C 491 25.25 -40.57 93.41
CA VAL C 491 26.19 -40.00 94.36
C VAL C 491 25.58 -38.70 94.89
N PRO C 492 25.56 -38.48 96.19
CA PRO C 492 25.01 -37.22 96.73
C PRO C 492 25.80 -36.02 96.23
N HIS C 493 25.10 -35.08 95.60
CA HIS C 493 25.71 -33.88 95.05
C HIS C 493 25.13 -32.64 95.75
N ASP C 494 25.83 -31.53 95.59
CA ASP C 494 25.41 -30.25 96.16
C ASP C 494 25.61 -29.17 95.12
N GLU C 495 25.51 -27.91 95.54
CA GLU C 495 25.67 -26.78 94.65
C GLU C 495 27.09 -26.62 94.12
N THR C 496 28.06 -27.36 94.67
CA THR C 496 29.44 -27.23 94.22
C THR C 496 29.68 -27.91 92.87
N TYR C 497 29.06 -29.06 92.64
CA TYR C 497 29.24 -29.80 91.40
C TYR C 497 28.51 -29.07 90.28
N CYS C 498 29.27 -28.43 89.38
CA CYS C 498 28.71 -27.71 88.24
C CYS C 498 28.41 -28.73 87.14
N ASP C 499 27.25 -29.36 87.24
CA ASP C 499 26.83 -30.43 86.35
C ASP C 499 26.34 -29.93 84.99
N PRO C 500 25.49 -28.89 84.92
CA PRO C 500 25.01 -28.45 83.60
C PRO C 500 26.10 -27.97 82.67
N ALA C 501 27.23 -27.50 83.20
CA ALA C 501 28.31 -27.02 82.36
C ALA C 501 29.07 -28.14 81.66
N SER C 502 28.88 -29.40 82.08
CA SER C 502 29.56 -30.52 81.46
C SER C 502 28.98 -30.89 80.10
N LEU C 503 27.83 -30.32 79.73
CA LEU C 503 27.21 -30.64 78.45
C LEU C 503 28.01 -30.04 77.29
N PHE C 504 27.91 -30.67 76.12
CA PHE C 504 28.65 -30.21 74.96
C PHE C 504 28.17 -28.83 74.51
N HIS C 505 26.86 -28.62 74.48
CA HIS C 505 26.31 -27.36 74.00
C HIS C 505 26.40 -26.24 75.03
N VAL C 506 26.59 -26.57 76.31
CA VAL C 506 26.70 -25.53 77.34
C VAL C 506 28.11 -24.97 77.37
N SER C 507 29.13 -25.82 77.29
CA SER C 507 30.51 -25.36 77.33
C SER C 507 30.93 -24.63 76.06
N ASN C 508 30.23 -24.86 74.95
CA ASN C 508 30.56 -24.23 73.68
C ASN C 508 29.55 -23.17 73.27
N ASP C 509 28.59 -22.84 74.14
CA ASP C 509 27.58 -21.82 73.86
C ASP C 509 26.78 -22.16 72.60
N TYR C 510 26.13 -23.32 72.64
CA TYR C 510 25.30 -23.80 71.54
C TYR C 510 23.87 -24.02 72.03
N SER C 511 22.92 -23.75 71.14
CA SER C 511 21.52 -23.96 71.47
C SER C 511 21.20 -25.45 71.54
N PHE C 512 20.11 -25.78 72.22
CA PHE C 512 19.69 -27.16 72.40
C PHE C 512 18.26 -27.43 71.93
N ILE C 513 17.36 -26.45 72.01
CA ILE C 513 16.00 -26.61 71.51
C ILE C 513 15.96 -26.74 70.00
N ARG C 514 17.07 -26.43 69.32
CA ARG C 514 17.11 -26.59 67.87
C ARG C 514 16.85 -28.04 67.46
N TYR C 515 17.26 -28.99 68.29
CA TYR C 515 16.98 -30.39 67.97
C TYR C 515 15.50 -30.71 68.05
N TYR C 516 14.80 -30.19 69.06
CA TYR C 516 13.35 -30.36 69.13
C TYR C 516 12.65 -29.69 67.94
N THR C 517 13.11 -28.49 67.56
CA THR C 517 12.49 -27.80 66.44
C THR C 517 12.72 -28.56 65.14
N ARG C 518 13.93 -29.07 64.91
CA ARG C 518 14.20 -29.82 63.69
C ARG C 518 13.46 -31.15 63.68
N THR C 519 13.26 -31.77 64.85
CA THR C 519 12.45 -32.98 64.92
C THR C 519 11.01 -32.70 64.54
N LEU C 520 10.43 -31.63 65.08
CA LEU C 520 9.07 -31.25 64.73
C LEU C 520 8.95 -30.95 63.24
N TYR C 521 9.91 -30.21 62.69
CA TYR C 521 9.89 -29.88 61.27
C TYR C 521 10.06 -31.14 60.41
N GLN C 522 10.89 -32.07 60.85
CA GLN C 522 11.06 -33.33 60.13
C GLN C 522 9.76 -34.12 60.08
N PHE C 523 9.09 -34.25 61.23
CA PHE C 523 7.82 -34.97 61.27
C PHE C 523 6.77 -34.28 60.40
N GLN C 524 6.71 -32.94 60.46
CA GLN C 524 5.73 -32.23 59.65
C GLN C 524 6.01 -32.40 58.16
N PHE C 525 7.27 -32.28 57.75
CA PHE C 525 7.61 -32.45 56.34
C PHE C 525 7.35 -33.87 55.87
N GLN C 526 7.63 -34.86 56.72
CA GLN C 526 7.34 -36.25 56.37
C GLN C 526 5.84 -36.46 56.18
N GLU C 527 5.04 -35.92 57.10
CA GLU C 527 3.59 -36.03 56.96
C GLU C 527 3.10 -35.37 55.69
N ALA C 528 3.64 -34.18 55.38
CA ALA C 528 3.21 -33.48 54.17
C ALA C 528 3.59 -34.25 52.91
N LEU C 529 4.83 -34.78 52.86
CA LEU C 529 5.27 -35.51 51.67
C LEU C 529 4.53 -36.84 51.51
N CYS C 530 4.15 -37.47 52.62
CA CYS C 530 3.40 -38.72 52.51
C CYS C 530 1.91 -38.50 52.27
N GLN C 531 1.40 -37.29 52.57
CA GLN C 531 0.04 -36.96 52.15
C GLN C 531 0.00 -36.54 50.69
N ALA C 532 1.09 -35.92 50.20
CA ALA C 532 1.16 -35.54 48.79
C ALA C 532 1.36 -36.78 47.91
N ALA C 533 2.40 -37.56 48.19
CA ALA C 533 2.65 -38.80 47.46
C ALA C 533 1.76 -39.91 48.01
N LYS C 534 0.94 -40.50 47.16
CA LYS C 534 0.00 -41.52 47.60
C LYS C 534 0.72 -42.75 48.10
N HIS C 535 0.45 -43.13 49.35
CA HIS C 535 1.04 -44.31 49.96
C HIS C 535 0.04 -44.95 50.90
N GLU C 536 0.08 -46.28 50.98
CA GLU C 536 -0.81 -47.05 51.83
C GLU C 536 0.00 -47.81 52.87
N GLY C 537 -0.55 -47.92 54.07
CA GLY C 537 0.09 -48.64 55.15
C GLY C 537 0.67 -47.71 56.20
N PRO C 538 1.67 -48.18 56.93
CA PRO C 538 2.28 -47.36 57.98
C PRO C 538 3.04 -46.18 57.38
N LEU C 539 3.51 -45.31 58.29
CA LEU C 539 4.22 -44.12 57.86
C LEU C 539 5.70 -44.38 57.58
N HIS C 540 6.29 -45.36 58.27
CA HIS C 540 7.70 -45.66 58.06
C HIS C 540 7.97 -46.31 56.71
N LYS C 541 6.95 -46.85 56.05
CA LYS C 541 7.10 -47.42 54.71
C LYS C 541 6.86 -46.41 53.61
N CYS C 542 6.50 -45.16 53.97
CA CYS C 542 6.25 -44.14 52.98
C CYS C 542 7.54 -43.75 52.26
N ASP C 543 7.46 -43.62 50.94
CA ASP C 543 8.62 -43.32 50.11
C ASP C 543 8.22 -42.25 49.09
N ILE C 544 9.16 -41.35 48.79
CA ILE C 544 8.89 -40.22 47.91
C ILE C 544 9.71 -40.30 46.62
N SER C 545 10.25 -41.48 46.29
CA SER C 545 11.03 -41.62 45.08
C SER C 545 10.14 -41.54 43.84
N ASN C 546 10.69 -40.98 42.77
CA ASN C 546 9.99 -40.83 41.49
C ASN C 546 8.71 -40.01 41.64
N SER C 547 8.70 -39.04 42.54
CA SER C 547 7.55 -38.19 42.80
C SER C 547 7.97 -36.75 42.51
N THR C 548 7.62 -36.25 41.32
CA THR C 548 7.97 -34.89 40.95
C THR C 548 7.09 -33.86 41.64
N GLU C 549 5.85 -34.23 41.99
CA GLU C 549 4.95 -33.30 42.65
C GLU C 549 5.47 -32.92 44.04
N ALA C 550 5.85 -33.93 44.83
CA ALA C 550 6.40 -33.65 46.16
C ALA C 550 7.72 -32.91 46.06
N GLY C 551 8.55 -33.26 45.07
CA GLY C 551 9.79 -32.54 44.88
C GLY C 551 9.58 -31.07 44.58
N GLN C 552 8.63 -30.76 43.69
CA GLN C 552 8.33 -29.36 43.38
C GLN C 552 7.73 -28.65 44.59
N LYS C 553 6.85 -29.32 45.33
CA LYS C 553 6.26 -28.71 46.51
C LYS C 553 7.31 -28.41 47.58
N LEU C 554 8.34 -29.26 47.67
CA LEU C 554 9.42 -28.99 48.62
C LEU C 554 10.35 -27.90 48.13
N PHE C 555 10.63 -27.88 46.82
CA PHE C 555 11.50 -26.85 46.27
C PHE C 555 10.86 -25.48 46.31
N ASN C 556 9.52 -25.42 46.29
CA ASN C 556 8.84 -24.13 46.42
C ASN C 556 9.10 -23.50 47.78
N MET C 557 9.43 -24.30 48.79
CA MET C 557 9.75 -23.80 50.11
C MET C 557 11.24 -23.68 50.37
N LEU C 558 12.05 -24.60 49.82
CA LEU C 558 13.49 -24.53 50.03
C LEU C 558 14.11 -23.30 49.39
N ARG C 559 13.47 -22.74 48.35
CA ARG C 559 14.00 -21.55 47.69
C ARG C 559 13.69 -20.27 48.46
N LEU C 560 12.83 -20.34 49.48
CA LEU C 560 12.47 -19.14 50.23
C LEU C 560 13.63 -18.67 51.10
N GLY C 561 14.07 -19.50 52.03
CA GLY C 561 15.18 -19.14 52.90
C GLY C 561 14.81 -18.12 53.94
N LYS C 562 15.67 -17.12 54.14
CA LYS C 562 15.45 -16.06 55.11
C LYS C 562 14.68 -14.88 54.54
N SER C 563 14.15 -15.01 53.31
CA SER C 563 13.38 -13.92 52.72
C SER C 563 11.94 -13.90 53.17
N GLU C 564 11.46 -14.99 53.79
CA GLU C 564 10.09 -15.09 54.27
C GLU C 564 10.11 -15.74 55.65
N PRO C 565 9.13 -15.43 56.50
CA PRO C 565 9.10 -16.03 57.83
C PRO C 565 8.88 -17.54 57.77
N TRP C 566 9.25 -18.22 58.85
CA TRP C 566 9.14 -19.67 58.90
C TRP C 566 7.68 -20.12 58.94
N THR C 567 6.78 -19.26 59.44
CA THR C 567 5.37 -19.65 59.50
C THR C 567 4.78 -19.84 58.11
N LEU C 568 5.04 -18.89 57.21
CA LEU C 568 4.54 -19.01 55.85
C LEU C 568 5.19 -20.20 55.13
N ALA C 569 6.48 -20.42 55.36
CA ALA C 569 7.16 -21.54 54.74
C ALA C 569 6.61 -22.87 55.23
N LEU C 570 6.21 -22.95 56.50
CA LEU C 570 5.62 -24.17 57.01
C LEU C 570 4.19 -24.35 56.54
N GLU C 571 3.45 -23.26 56.39
CA GLU C 571 2.08 -23.36 55.90
C GLU C 571 2.04 -23.72 54.42
N ASN C 572 3.03 -23.30 53.65
CA ASN C 572 3.08 -23.67 52.23
C ASN C 572 3.39 -25.15 52.03
N VAL C 573 3.81 -25.85 53.08
CA VAL C 573 4.15 -27.28 53.00
C VAL C 573 3.09 -28.14 53.69
N VAL C 574 2.86 -27.92 54.99
CA VAL C 574 1.93 -28.75 55.75
C VAL C 574 0.55 -28.14 55.89
N GLY C 575 0.35 -26.89 55.46
CA GLY C 575 -0.95 -26.27 55.57
C GLY C 575 -1.33 -25.85 56.97
N ALA C 576 -0.37 -25.73 57.87
CA ALA C 576 -0.61 -25.33 59.25
C ALA C 576 0.20 -24.10 59.60
N LYS C 577 -0.40 -23.21 60.38
CA LYS C 577 0.26 -21.97 60.79
C LYS C 577 1.04 -22.11 62.08
N ASN C 578 1.11 -23.32 62.64
CA ASN C 578 1.81 -23.54 63.91
C ASN C 578 2.35 -24.96 63.92
N MET C 579 3.33 -25.19 64.79
CA MET C 579 3.92 -26.51 64.93
C MET C 579 2.90 -27.50 65.49
N ASN C 580 3.07 -28.77 65.11
CA ASN C 580 2.14 -29.81 65.50
C ASN C 580 2.90 -31.11 65.72
N VAL C 581 2.30 -32.02 66.48
CA VAL C 581 2.93 -33.27 66.85
C VAL C 581 2.11 -34.49 66.46
N ARG C 582 0.90 -34.31 65.92
CA ARG C 582 0.11 -35.46 65.49
C ARG C 582 0.82 -36.37 64.49
N PRO C 583 1.65 -35.88 63.56
CA PRO C 583 2.44 -36.82 62.75
C PRO C 583 3.30 -37.76 63.56
N LEU C 584 3.88 -37.28 64.66
CA LEU C 584 4.68 -38.15 65.52
C LEU C 584 3.82 -39.25 66.13
N LEU C 585 2.62 -38.89 66.59
CA LEU C 585 1.72 -39.90 67.15
C LEU C 585 1.29 -40.91 66.10
N ASN C 586 0.98 -40.44 64.89
CA ASN C 586 0.59 -41.36 63.83
C ASN C 586 1.76 -42.25 63.42
N TYR C 587 3.00 -41.77 63.56
CA TYR C 587 4.16 -42.58 63.22
C TYR C 587 4.45 -43.63 64.29
N PHE C 588 4.28 -43.27 65.56
CA PHE C 588 4.63 -44.15 66.66
C PHE C 588 3.43 -44.93 67.21
N GLU C 589 2.26 -44.80 66.60
CA GLU C 589 1.11 -45.60 67.04
C GLU C 589 1.36 -47.10 66.97
N PRO C 590 1.93 -47.67 65.90
CA PRO C 590 2.24 -49.11 65.94
C PRO C 590 3.18 -49.49 67.06
N LEU C 591 4.10 -48.58 67.45
CA LEU C 591 4.97 -48.85 68.58
C LEU C 591 4.27 -48.54 69.90
N PHE C 592 3.39 -47.53 69.90
CA PHE C 592 2.69 -47.15 71.12
C PHE C 592 1.74 -48.26 71.58
N THR C 593 1.06 -48.91 70.62
CA THR C 593 0.17 -50.01 70.97
C THR C 593 0.95 -51.16 71.60
N TRP C 594 2.09 -51.51 71.03
CA TRP C 594 2.90 -52.58 71.59
C TRP C 594 3.46 -52.21 72.96
N LEU C 595 3.84 -50.94 73.13
CA LEU C 595 4.30 -50.49 74.44
C LEU C 595 3.20 -50.57 75.49
N LYS C 596 1.97 -50.18 75.12
CA LYS C 596 0.85 -50.32 76.05
C LYS C 596 0.59 -51.79 76.38
N ASP C 597 0.63 -52.65 75.37
CA ASP C 597 0.42 -54.08 75.62
C ASP C 597 1.50 -54.68 76.51
N GLN C 598 2.74 -54.19 76.41
CA GLN C 598 3.81 -54.72 77.24
C GLN C 598 3.76 -54.16 78.66
N ASN C 599 3.38 -52.88 78.81
CA ASN C 599 3.34 -52.23 80.11
C ASN C 599 1.98 -52.35 80.78
N LYS C 600 1.05 -53.10 80.19
CA LYS C 600 -0.26 -53.29 80.81
C LYS C 600 -0.14 -53.99 82.17
N ASN C 601 0.83 -54.90 82.31
CA ASN C 601 1.04 -55.63 83.56
C ASN C 601 2.16 -55.03 84.41
N SER C 602 2.52 -53.77 84.16
CA SER C 602 3.56 -53.10 84.91
C SER C 602 3.05 -51.76 85.42
N PHE C 603 3.74 -51.23 86.43
CA PHE C 603 3.37 -49.96 87.03
C PHE C 603 3.89 -48.84 86.15
N VAL C 604 2.98 -48.13 85.48
CA VAL C 604 3.36 -47.02 84.63
C VAL C 604 3.70 -45.80 85.47
N GLY C 605 4.77 -45.10 85.10
CA GLY C 605 5.21 -43.93 85.81
C GLY C 605 6.53 -44.16 86.52
N TRP C 606 6.91 -43.17 87.33
CA TRP C 606 8.16 -43.23 88.08
C TRP C 606 8.03 -42.39 89.34
N SER C 607 8.68 -42.84 90.41
CA SER C 607 8.66 -42.15 91.68
C SER C 607 9.97 -41.38 91.86
N THR C 608 9.86 -40.10 92.21
CA THR C 608 11.03 -39.25 92.39
C THR C 608 11.61 -39.30 93.80
N ASP C 609 11.00 -40.06 94.70
CA ASP C 609 11.46 -40.17 96.08
C ASP C 609 12.21 -41.47 96.35
N TRP C 610 12.86 -42.03 95.33
CA TRP C 610 13.61 -43.27 95.48
C TRP C 610 15.07 -43.04 95.83
N SER C 611 15.52 -41.78 95.92
CA SER C 611 16.90 -41.46 96.24
C SER C 611 17.31 -42.07 97.57
N PRO C 612 18.28 -43.00 97.57
CA PRO C 612 18.68 -43.63 98.83
C PRO C 612 19.34 -42.67 99.81
N TYR C 613 20.03 -41.65 99.32
CA TYR C 613 20.70 -40.69 100.20
C TYR C 613 19.70 -39.73 100.84
N GLN D 25 -49.69 30.61 -4.96
CA GLN D 25 -50.72 31.39 -5.63
C GLN D 25 -50.79 31.05 -7.11
N CYS D 26 -51.85 30.33 -7.50
CA CYS D 26 -52.05 29.91 -8.88
C CYS D 26 -52.68 31.06 -9.65
N VAL D 27 -51.85 31.79 -10.39
CA VAL D 27 -52.34 32.94 -11.16
C VAL D 27 -52.63 32.54 -12.60
N ASN D 28 -51.84 31.62 -13.17
CA ASN D 28 -52.00 31.20 -14.54
C ASN D 28 -51.65 29.72 -14.66
N LEU D 29 -52.11 29.11 -15.75
CA LEU D 29 -51.84 27.71 -16.05
C LEU D 29 -51.24 27.61 -17.45
N ILE D 30 -50.48 26.54 -17.66
CA ILE D 30 -49.77 26.32 -18.91
C ILE D 30 -50.12 24.93 -19.44
N THR D 31 -50.34 24.84 -20.75
CA THR D 31 -50.69 23.58 -21.41
C THR D 31 -49.56 23.18 -22.35
N THR D 32 -49.18 21.90 -22.30
CA THR D 32 -48.11 21.39 -23.14
C THR D 32 -48.65 21.01 -24.51
N THR D 33 -48.23 21.75 -25.54
CA THR D 33 -48.67 21.43 -26.90
C THR D 33 -47.82 20.32 -27.50
N GLN D 34 -46.52 20.56 -27.65
CA GLN D 34 -45.53 19.57 -28.06
C GLN D 34 -45.73 19.11 -29.51
N SER D 35 -46.83 19.50 -30.14
CA SER D 35 -47.13 19.08 -31.51
C SER D 35 -46.64 20.10 -32.53
N TYR D 36 -45.35 20.44 -32.46
CA TYR D 36 -44.73 21.41 -33.36
C TYR D 36 -43.22 21.31 -33.18
N THR D 37 -42.50 22.24 -33.80
CA THR D 37 -41.06 22.44 -33.61
C THR D 37 -40.21 21.29 -34.13
N ASN D 38 -40.74 20.44 -35.01
CA ASN D 38 -39.91 19.44 -35.68
C ASN D 38 -39.41 19.95 -37.03
N SER D 39 -38.90 21.18 -37.06
CA SER D 39 -38.35 21.74 -38.29
C SER D 39 -37.11 22.59 -38.06
N PHE D 40 -36.54 22.59 -36.86
CA PHE D 40 -35.51 23.54 -36.48
C PHE D 40 -34.16 22.85 -36.34
N THR D 41 -33.11 23.68 -36.39
CA THR D 41 -31.73 23.27 -36.12
C THR D 41 -31.06 24.29 -35.21
N ARG D 42 -31.81 24.79 -34.24
CA ARG D 42 -31.36 25.87 -33.37
C ARG D 42 -30.52 25.40 -32.20
N GLY D 43 -30.46 24.09 -31.94
CA GLY D 43 -29.74 23.59 -30.78
C GLY D 43 -28.25 23.49 -31.00
N VAL D 44 -27.60 24.61 -31.32
CA VAL D 44 -26.16 24.66 -31.56
C VAL D 44 -25.58 25.79 -30.73
N TYR D 45 -24.50 25.48 -30.01
CA TYR D 45 -23.80 26.47 -29.19
C TYR D 45 -22.30 26.19 -29.28
N TYR D 46 -21.52 27.17 -28.83
CA TYR D 46 -20.07 27.02 -28.83
C TYR D 46 -19.64 26.07 -27.71
N PRO D 47 -19.04 24.92 -28.03
CA PRO D 47 -18.68 23.97 -26.96
C PRO D 47 -17.49 24.40 -26.13
N ASP D 48 -16.64 25.28 -26.62
CA ASP D 48 -15.46 25.72 -25.89
C ASP D 48 -15.09 27.13 -26.33
N LYS D 49 -14.05 27.69 -25.72
CA LYS D 49 -13.56 29.03 -26.02
C LYS D 49 -12.38 29.02 -26.98
N VAL D 50 -12.35 28.05 -27.90
CA VAL D 50 -11.25 27.90 -28.84
C VAL D 50 -11.61 28.55 -30.16
N PHE D 51 -10.75 29.44 -30.65
CA PHE D 51 -10.94 30.06 -31.95
C PHE D 51 -10.56 29.09 -33.06
N ARG D 52 -11.38 29.05 -34.09
CA ARG D 52 -11.14 28.20 -35.26
C ARG D 52 -11.54 28.96 -36.51
N SER D 53 -10.71 28.88 -37.54
CA SER D 53 -10.90 29.64 -38.77
C SER D 53 -10.82 28.69 -39.96
N SER D 54 -11.90 28.63 -40.74
CA SER D 54 -11.96 27.86 -41.98
C SER D 54 -11.61 26.38 -41.73
N VAL D 55 -12.31 25.78 -40.78
CA VAL D 55 -12.11 24.38 -40.44
C VAL D 55 -13.43 23.78 -40.00
N LEU D 56 -13.62 22.50 -40.30
CA LEU D 56 -14.81 21.75 -39.89
C LEU D 56 -14.42 20.87 -38.71
N HIS D 57 -14.80 21.28 -37.52
CA HIS D 57 -14.41 20.60 -36.29
C HIS D 57 -15.47 19.61 -35.88
N LEU D 58 -15.05 18.39 -35.52
CA LEU D 58 -15.96 17.34 -35.07
C LEU D 58 -16.02 17.38 -33.55
N THR D 59 -17.19 17.72 -33.02
CA THR D 59 -17.38 17.94 -31.59
C THR D 59 -18.32 16.87 -31.01
N GLN D 60 -17.90 16.27 -29.90
CA GLN D 60 -18.71 15.33 -29.15
C GLN D 60 -19.04 15.97 -27.81
N ASP D 61 -20.29 16.40 -27.65
CA ASP D 61 -20.72 17.10 -26.44
C ASP D 61 -22.24 16.94 -26.31
N LEU D 62 -22.81 17.65 -25.34
CA LEU D 62 -24.26 17.61 -25.10
C LEU D 62 -24.92 18.64 -26.01
N PHE D 63 -25.53 18.15 -27.09
CA PHE D 63 -26.20 19.00 -28.05
C PHE D 63 -27.69 18.68 -28.09
N LEU D 64 -28.45 19.58 -28.70
CA LEU D 64 -29.86 19.36 -28.95
C LEU D 64 -30.04 18.72 -30.32
N PRO D 65 -30.64 17.54 -30.42
CA PRO D 65 -30.72 16.86 -31.72
C PRO D 65 -31.54 17.66 -32.72
N PHE D 66 -31.09 17.64 -33.98
CA PHE D 66 -31.82 18.31 -35.04
C PHE D 66 -33.15 17.61 -35.29
N PHE D 67 -34.20 18.40 -35.48
CA PHE D 67 -35.56 17.90 -35.71
C PHE D 67 -36.01 17.00 -34.57
N SER D 68 -35.96 17.56 -33.37
CA SER D 68 -36.36 16.86 -32.16
C SER D 68 -37.72 17.38 -31.69
N ASN D 69 -38.47 16.51 -31.01
CA ASN D 69 -39.81 16.84 -30.55
C ASN D 69 -39.71 17.47 -29.15
N VAL D 70 -39.41 18.78 -29.15
CA VAL D 70 -39.36 19.52 -27.89
C VAL D 70 -40.78 19.94 -27.49
N THR D 71 -40.96 20.18 -26.19
CA THR D 71 -42.28 20.49 -25.67
C THR D 71 -42.57 21.98 -25.82
N TRP D 72 -43.74 22.30 -26.37
CA TRP D 72 -44.19 23.67 -26.53
C TRP D 72 -45.16 23.99 -25.40
N PHE D 73 -44.82 25.00 -24.60
CA PHE D 73 -45.61 25.40 -23.45
C PHE D 73 -46.38 26.67 -23.78
N HIS D 74 -47.71 26.60 -23.71
CA HIS D 74 -48.59 27.73 -23.96
C HIS D 74 -49.26 28.12 -22.64
N ALA D 75 -48.97 29.34 -22.18
CA ALA D 75 -49.53 29.84 -20.93
C ALA D 75 -50.85 30.55 -21.18
N ILE D 76 -51.83 30.29 -20.32
CA ILE D 76 -53.14 30.91 -20.44
C ILE D 76 -53.34 31.92 -19.32
N ASN D 87 -45.61 25.15 -16.40
CA ASN D 87 -45.91 25.62 -15.06
C ASN D 87 -45.33 24.72 -13.95
N PRO D 88 -45.55 23.38 -14.01
CA PRO D 88 -44.98 22.53 -12.96
C PRO D 88 -43.49 22.35 -13.11
N VAL D 89 -42.88 21.56 -12.23
CA VAL D 89 -41.44 21.32 -12.28
C VAL D 89 -41.12 20.44 -13.49
N LEU D 90 -39.98 20.70 -14.11
CA LEU D 90 -39.52 19.94 -15.27
C LEU D 90 -38.12 19.39 -14.99
N PRO D 91 -37.85 18.15 -15.39
CA PRO D 91 -36.51 17.58 -15.15
C PRO D 91 -35.44 18.28 -15.97
N PHE D 92 -34.21 18.19 -15.48
CA PHE D 92 -33.07 18.82 -16.13
C PHE D 92 -32.47 17.91 -17.21
N ASN D 93 -32.19 16.66 -16.85
CA ASN D 93 -31.70 15.65 -17.80
C ASN D 93 -30.40 16.08 -18.48
N ASP D 94 -29.45 16.51 -17.66
CA ASP D 94 -28.09 16.85 -18.10
C ASP D 94 -28.06 17.91 -19.19
N GLY D 95 -29.04 18.81 -19.22
CA GLY D 95 -29.08 19.85 -20.22
C GLY D 95 -30.48 20.26 -20.61
N VAL D 96 -30.71 21.57 -20.70
CA VAL D 96 -32.03 22.11 -21.02
C VAL D 96 -31.88 23.21 -22.06
N TYR D 97 -32.65 23.13 -23.13
CA TYR D 97 -32.74 24.18 -24.12
C TYR D 97 -34.00 25.02 -23.86
N PHE D 98 -33.87 26.33 -24.02
CA PHE D 98 -34.97 27.24 -23.74
C PHE D 98 -35.07 28.27 -24.85
N ALA D 99 -36.31 28.63 -25.20
CA ALA D 99 -36.57 29.64 -26.21
C ALA D 99 -37.81 30.43 -25.82
N SER D 100 -37.92 31.63 -26.38
CA SER D 100 -39.04 32.52 -26.08
C SER D 100 -39.53 33.13 -27.39
N THR D 101 -40.45 34.10 -27.26
CA THR D 101 -41.05 34.75 -28.41
C THR D 101 -41.21 36.24 -28.09
N GLU D 102 -41.98 36.94 -28.91
CA GLU D 102 -42.22 38.37 -28.76
C GLU D 102 -43.47 38.67 -27.94
N LYS D 103 -43.83 37.80 -27.01
CA LYS D 103 -45.03 37.99 -26.18
C LYS D 103 -44.76 39.02 -25.07
N SER D 104 -44.49 40.26 -25.51
CA SER D 104 -44.27 41.42 -24.65
C SER D 104 -43.09 41.25 -23.70
N ASN D 105 -42.23 40.26 -23.93
CA ASN D 105 -41.06 40.00 -23.09
C ASN D 105 -41.46 39.84 -21.63
N ILE D 106 -42.26 38.80 -21.37
CA ILE D 106 -42.75 38.53 -20.03
C ILE D 106 -41.96 37.42 -19.35
N ILE D 107 -41.50 36.44 -20.11
CA ILE D 107 -40.81 35.27 -19.55
C ILE D 107 -39.38 35.68 -19.21
N ARG D 108 -39.05 35.68 -17.92
CA ARG D 108 -37.69 35.91 -17.47
C ARG D 108 -37.50 35.23 -16.12
N GLY D 109 -36.26 34.85 -15.83
CA GLY D 109 -35.94 34.20 -14.58
C GLY D 109 -36.20 32.71 -14.59
N TRP D 110 -35.33 31.95 -13.91
CA TRP D 110 -35.46 30.50 -13.84
C TRP D 110 -35.06 30.02 -12.46
N ILE D 111 -35.52 28.82 -12.11
CA ILE D 111 -35.22 28.19 -10.84
C ILE D 111 -34.53 26.86 -11.12
N PHE D 112 -33.53 26.53 -10.30
CA PHE D 112 -32.79 25.29 -10.47
C PHE D 112 -32.52 24.67 -9.11
N GLY D 113 -32.43 23.35 -9.09
CA GLY D 113 -32.18 22.62 -7.88
C GLY D 113 -32.77 21.23 -7.97
N THR D 114 -32.85 20.57 -6.82
CA THR D 114 -33.44 19.24 -6.71
C THR D 114 -34.74 19.22 -5.91
N THR D 115 -34.78 19.91 -4.77
CA THR D 115 -35.98 20.04 -3.95
C THR D 115 -36.20 21.53 -3.70
N LEU D 116 -37.31 22.06 -4.22
CA LEU D 116 -37.61 23.48 -4.12
C LEU D 116 -38.13 23.82 -2.71
N ASP D 117 -37.20 23.77 -1.76
CA ASP D 117 -37.50 24.09 -0.37
C ASP D 117 -36.18 24.42 0.33
N SER D 118 -36.24 24.54 1.66
CA SER D 118 -35.05 24.83 2.45
C SER D 118 -34.27 23.59 2.83
N LYS D 119 -34.67 22.41 2.36
CA LYS D 119 -33.97 21.18 2.71
C LYS D 119 -32.67 21.02 1.92
N THR D 120 -32.61 21.56 0.71
CA THR D 120 -31.43 21.42 -0.13
C THR D 120 -31.18 22.75 -0.85
N GLN D 121 -29.93 22.95 -1.25
CA GLN D 121 -29.54 24.17 -1.94
C GLN D 121 -30.25 24.29 -3.28
N SER D 122 -30.56 25.52 -3.68
CA SER D 122 -31.25 25.78 -4.92
C SER D 122 -30.63 27.00 -5.61
N LEU D 123 -30.79 27.04 -6.93
CA LEU D 123 -30.24 28.11 -7.76
C LEU D 123 -31.40 28.95 -8.31
N LEU D 124 -31.18 30.26 -8.37
CA LEU D 124 -32.21 31.19 -8.82
C LEU D 124 -31.59 32.23 -9.75
N ILE D 125 -32.28 32.52 -10.85
CA ILE D 125 -31.86 33.51 -11.82
C ILE D 125 -33.00 34.49 -12.04
N VAL D 126 -32.65 35.76 -12.28
CA VAL D 126 -33.62 36.79 -12.60
C VAL D 126 -32.99 37.73 -13.61
N ASN D 127 -33.84 38.37 -14.43
CA ASN D 127 -33.39 39.25 -15.49
C ASN D 127 -34.31 40.46 -15.57
N ASN D 128 -33.73 41.63 -15.84
CA ASN D 128 -34.47 42.88 -15.98
C ASN D 128 -34.32 43.46 -17.38
N ALA D 129 -34.19 42.60 -18.38
CA ALA D 129 -34.09 42.92 -19.81
C ALA D 129 -32.78 43.62 -20.17
N THR D 130 -31.92 43.93 -19.21
CA THR D 130 -30.64 44.55 -19.51
C THR D 130 -29.50 43.80 -18.82
N ASN D 131 -29.75 43.28 -17.62
CA ASN D 131 -28.74 42.59 -16.84
C ASN D 131 -29.30 41.25 -16.35
N PHE D 132 -28.42 40.44 -15.78
CA PHE D 132 -28.79 39.16 -15.20
C PHE D 132 -28.23 39.07 -13.79
N VAL D 133 -29.09 38.74 -12.82
CA VAL D 133 -28.70 38.59 -11.43
C VAL D 133 -28.93 37.13 -11.04
N ILE D 134 -27.87 36.47 -10.59
CA ILE D 134 -27.91 35.04 -10.26
C ILE D 134 -27.53 34.88 -8.79
N LYS D 135 -28.39 34.20 -8.04
CA LYS D 135 -28.13 33.90 -6.64
C LYS D 135 -28.49 32.44 -6.36
N VAL D 136 -27.73 31.82 -5.47
CA VAL D 136 -27.94 30.42 -5.08
C VAL D 136 -28.12 30.37 -3.58
N CYS D 137 -29.25 29.84 -3.13
CA CYS D 137 -29.58 29.78 -1.71
C CYS D 137 -30.75 28.83 -1.53
N GLU D 138 -30.96 28.41 -0.27
CA GLU D 138 -32.04 27.49 0.06
C GLU D 138 -33.36 28.24 0.21
N PHE D 139 -33.83 28.79 -0.91
CA PHE D 139 -35.09 29.53 -0.92
C PHE D 139 -36.26 28.58 -0.71
N GLN D 140 -37.22 29.00 0.12
CA GLN D 140 -38.44 28.23 0.35
C GLN D 140 -39.45 28.66 -0.71
N PHE D 141 -39.40 28.00 -1.87
CA PHE D 141 -40.26 28.36 -2.98
C PHE D 141 -41.71 27.97 -2.69
N CYS D 142 -42.62 28.76 -3.25
CA CYS D 142 -44.05 28.51 -3.11
C CYS D 142 -44.50 27.47 -4.14
N ASN D 143 -45.80 27.29 -4.29
CA ASN D 143 -46.32 26.32 -5.25
C ASN D 143 -46.09 26.79 -6.68
N ASP D 144 -46.51 28.02 -7.00
CA ASP D 144 -46.34 28.58 -8.34
C ASP D 144 -45.78 29.98 -8.22
N PRO D 145 -44.44 30.11 -8.21
CA PRO D 145 -43.85 31.45 -8.11
C PRO D 145 -44.14 32.27 -9.37
N PHE D 146 -44.41 33.57 -9.15
CA PHE D 146 -44.69 34.47 -10.26
C PHE D 146 -44.01 35.82 -10.11
N LEU D 147 -43.13 35.98 -9.11
CA LEU D 147 -42.44 37.24 -8.82
C LEU D 147 -43.32 38.48 -8.97
N GLU D 161 -37.29 38.09 -4.61
CA GLU D 161 -38.62 38.69 -4.53
C GLU D 161 -39.52 37.86 -3.61
N SER D 162 -40.49 38.54 -3.00
CA SER D 162 -41.40 37.85 -2.08
C SER D 162 -42.35 36.92 -2.83
N GLY D 163 -42.60 37.18 -4.11
CA GLY D 163 -43.50 36.37 -4.91
C GLY D 163 -42.92 35.05 -5.38
N VAL D 164 -41.69 34.73 -5.00
CA VAL D 164 -41.03 33.48 -5.38
C VAL D 164 -40.69 32.63 -4.14
N TYR D 165 -40.10 33.26 -3.13
CA TYR D 165 -39.73 32.56 -1.90
C TYR D 165 -40.24 33.36 -0.71
N SER D 166 -40.43 32.65 0.41
CA SER D 166 -40.93 33.26 1.63
C SER D 166 -39.86 33.51 2.68
N SER D 167 -38.81 32.69 2.71
CA SER D 167 -37.74 32.83 3.69
C SER D 167 -36.41 32.55 3.03
N ALA D 168 -35.33 32.89 3.74
CA ALA D 168 -33.97 32.67 3.27
C ALA D 168 -33.26 31.72 4.23
N ASN D 169 -32.05 31.34 3.84
CA ASN D 169 -31.24 30.40 4.62
C ASN D 169 -29.77 30.78 4.45
N ASN D 170 -28.87 29.86 4.79
CA ASN D 170 -27.43 30.10 4.71
C ASN D 170 -27.03 30.11 3.23
N CYS D 171 -27.10 31.29 2.62
CA CYS D 171 -26.78 31.43 1.21
C CYS D 171 -25.29 31.24 0.97
N THR D 172 -24.94 30.98 -0.28
CA THR D 172 -23.57 30.65 -0.64
C THR D 172 -22.93 31.64 -1.61
N PHE D 173 -23.62 32.02 -2.68
CA PHE D 173 -22.99 32.83 -3.71
C PHE D 173 -24.05 33.69 -4.41
N GLU D 174 -23.62 34.86 -4.87
CA GLU D 174 -24.46 35.75 -5.65
C GLU D 174 -23.63 36.32 -6.79
N TYR D 175 -24.31 36.71 -7.87
CA TYR D 175 -23.62 37.19 -9.07
C TYR D 175 -24.54 38.14 -9.83
N VAL D 176 -23.93 39.09 -10.54
CA VAL D 176 -24.63 40.03 -11.41
C VAL D 176 -23.87 40.10 -12.72
N SER D 177 -24.59 40.02 -13.83
CA SER D 177 -23.99 40.02 -15.15
C SER D 177 -23.84 41.43 -15.70
N GLN D 178 -22.97 41.57 -16.69
CA GLN D 178 -22.73 42.85 -17.33
C GLN D 178 -23.79 43.15 -18.38
N PRO D 179 -24.03 44.43 -18.67
CA PRO D 179 -25.00 44.78 -19.71
C PRO D 179 -24.55 44.30 -21.08
N PHE D 180 -25.52 44.21 -21.99
CA PHE D 180 -25.25 43.77 -23.35
C PHE D 180 -24.51 44.83 -24.14
N LYS D 192 -39.66 42.53 -33.14
CA LYS D 192 -39.42 41.09 -33.18
C LYS D 192 -38.04 40.76 -32.61
N ASN D 193 -37.98 39.71 -31.79
CA ASN D 193 -36.74 39.29 -31.17
C ASN D 193 -36.90 37.86 -30.68
N LEU D 194 -35.80 37.09 -30.77
CA LEU D 194 -35.78 35.70 -30.35
C LEU D 194 -34.70 35.52 -29.28
N ARG D 195 -35.09 34.94 -28.15
CA ARG D 195 -34.17 34.73 -27.02
C ARG D 195 -34.06 33.24 -26.76
N GLU D 196 -32.90 32.67 -27.08
CA GLU D 196 -32.63 31.26 -26.88
C GLU D 196 -31.68 31.08 -25.70
N PHE D 197 -31.89 30.02 -24.93
CA PHE D 197 -31.08 29.75 -23.75
C PHE D 197 -30.78 28.27 -23.65
N VAL D 198 -29.57 27.95 -23.20
CA VAL D 198 -29.14 26.58 -22.97
C VAL D 198 -28.50 26.51 -21.59
N PHE D 199 -29.00 25.62 -20.74
CA PHE D 199 -28.50 25.45 -19.39
C PHE D 199 -27.95 24.04 -19.22
N LYS D 200 -26.74 23.94 -18.69
CA LYS D 200 -26.10 22.64 -18.48
C LYS D 200 -25.22 22.71 -17.25
N ASN D 201 -25.13 21.59 -16.54
CA ASN D 201 -24.33 21.48 -15.33
C ASN D 201 -23.39 20.30 -15.48
N ILE D 202 -22.09 20.57 -15.46
CA ILE D 202 -21.07 19.54 -15.62
C ILE D 202 -19.83 19.94 -14.83
N ASP D 203 -19.29 18.99 -14.06
CA ASP D 203 -18.08 19.20 -13.26
C ASP D 203 -18.25 20.36 -12.29
N GLY D 204 -19.46 20.50 -11.74
CA GLY D 204 -19.75 21.55 -10.79
C GLY D 204 -19.92 22.94 -11.36
N TYR D 205 -19.61 23.14 -12.64
CA TYR D 205 -19.74 24.44 -13.28
C TYR D 205 -21.11 24.54 -13.95
N PHE D 206 -21.81 25.65 -13.69
CA PHE D 206 -23.11 25.92 -14.30
C PHE D 206 -22.92 26.94 -15.41
N LYS D 207 -23.02 26.48 -16.66
CA LYS D 207 -22.82 27.32 -17.83
C LYS D 207 -24.15 27.62 -18.50
N ILE D 208 -24.29 28.85 -18.99
CA ILE D 208 -25.46 29.25 -19.75
C ILE D 208 -24.99 29.79 -21.10
N TYR D 209 -25.88 29.70 -22.09
CA TYR D 209 -25.60 30.19 -23.43
C TYR D 209 -26.83 30.94 -23.94
N SER D 210 -26.60 32.04 -24.64
CA SER D 210 -27.71 32.86 -25.10
C SER D 210 -27.29 33.67 -26.32
N LYS D 211 -28.27 34.05 -27.12
CA LYS D 211 -28.07 34.92 -28.27
C LYS D 211 -29.40 35.52 -28.67
N HIS D 212 -29.41 36.81 -28.94
CA HIS D 212 -30.62 37.53 -29.34
C HIS D 212 -30.59 37.77 -30.83
N THR D 213 -31.72 37.49 -31.50
CA THR D 213 -31.84 37.66 -32.94
C THR D 213 -33.28 38.06 -33.25
N PRO D 214 -33.50 38.91 -34.25
CA PRO D 214 -34.87 39.31 -34.59
C PRO D 214 -35.63 38.16 -35.24
N ILE D 215 -36.94 38.38 -35.36
CA ILE D 215 -37.86 37.40 -35.95
C ILE D 215 -37.76 36.06 -35.23
N PHE D 220 -39.03 31.02 -36.59
CA PHE D 220 -38.21 30.27 -35.65
C PHE D 220 -37.25 29.27 -36.33
N PRO D 221 -37.73 28.45 -37.27
CA PRO D 221 -36.82 27.51 -37.94
C PRO D 221 -36.22 28.02 -39.25
N GLN D 222 -36.41 29.29 -39.60
CA GLN D 222 -35.92 29.83 -40.87
C GLN D 222 -34.52 30.45 -40.75
N GLY D 223 -33.72 30.00 -39.79
CA GLY D 223 -32.39 30.55 -39.63
C GLY D 223 -31.51 29.65 -38.79
N PHE D 224 -30.24 30.01 -38.71
CA PHE D 224 -29.26 29.28 -37.93
C PHE D 224 -28.40 30.27 -37.16
N SER D 225 -28.25 30.03 -35.86
CA SER D 225 -27.44 30.90 -35.01
C SER D 225 -26.90 30.08 -33.84
N ALA D 226 -25.61 30.22 -33.57
CA ALA D 226 -24.97 29.52 -32.47
C ALA D 226 -25.02 30.38 -31.21
N LEU D 227 -25.30 29.74 -30.08
CA LEU D 227 -25.43 30.45 -28.81
C LEU D 227 -24.06 30.59 -28.15
N GLU D 228 -23.69 31.84 -27.83
CA GLU D 228 -22.41 32.16 -27.22
C GLU D 228 -22.48 32.05 -25.69
N PRO D 229 -21.39 31.65 -25.06
CA PRO D 229 -21.38 31.58 -23.59
C PRO D 229 -21.46 32.97 -22.98
N LEU D 230 -22.29 33.10 -21.95
CA LEU D 230 -22.47 34.36 -21.25
C LEU D 230 -22.04 34.31 -19.80
N VAL D 231 -22.53 33.35 -19.02
CA VAL D 231 -22.25 33.25 -17.59
C VAL D 231 -21.80 31.84 -17.28
N ASP D 232 -20.75 31.71 -16.47
CA ASP D 232 -20.24 30.42 -16.02
C ASP D 232 -19.88 30.57 -14.55
N LEU D 233 -20.66 29.94 -13.67
CA LEU D 233 -20.49 30.08 -12.23
C LEU D 233 -20.28 28.71 -11.60
N PRO D 234 -19.15 28.47 -10.93
CA PRO D 234 -18.96 27.19 -10.21
C PRO D 234 -19.68 27.20 -8.88
N ILE D 235 -20.73 26.39 -8.77
CA ILE D 235 -21.50 26.30 -7.53
C ILE D 235 -21.54 24.86 -7.05
N GLY D 236 -21.42 23.91 -7.99
CA GLY D 236 -21.33 22.51 -7.64
C GLY D 236 -22.57 21.89 -7.04
N ILE D 237 -23.71 22.60 -7.05
CA ILE D 237 -24.93 22.03 -6.48
C ILE D 237 -25.55 21.05 -7.46
N ASN D 238 -26.29 20.08 -6.93
CA ASN D 238 -26.96 19.08 -7.74
C ASN D 238 -28.28 19.65 -8.25
N ILE D 239 -28.41 19.75 -9.57
CA ILE D 239 -29.61 20.28 -10.21
C ILE D 239 -30.30 19.14 -10.94
N THR D 240 -31.55 18.88 -10.57
CA THR D 240 -32.34 17.82 -11.18
C THR D 240 -33.63 18.32 -11.81
N ARG D 241 -34.29 19.31 -11.20
CA ARG D 241 -35.52 19.88 -11.73
C ARG D 241 -35.33 21.39 -11.91
N PHE D 242 -36.11 21.96 -12.84
CA PHE D 242 -36.08 23.38 -13.07
C PHE D 242 -37.49 23.88 -13.34
N GLN D 243 -37.68 25.19 -13.20
CA GLN D 243 -38.99 25.80 -13.41
C GLN D 243 -38.79 27.22 -13.92
N THR D 244 -39.72 27.66 -14.77
CA THR D 244 -39.68 28.99 -15.33
C THR D 244 -40.48 29.97 -14.48
N LEU D 245 -40.24 31.26 -14.70
CA LEU D 245 -40.90 32.33 -13.96
C LEU D 245 -41.56 33.28 -14.95
N LEU D 246 -42.83 33.61 -14.69
CA LEU D 246 -43.60 34.51 -15.53
C LEU D 246 -43.81 35.83 -14.79
N ALA D 247 -43.50 36.95 -15.44
CA ALA D 247 -43.61 38.27 -14.84
C ALA D 247 -45.06 38.73 -14.95
N LEU D 248 -45.88 38.26 -14.02
CA LEU D 248 -47.29 38.65 -13.98
C LEU D 248 -47.41 40.08 -13.46
N ASN D 249 -48.44 40.78 -13.94
CA ASN D 249 -48.66 42.18 -13.61
C ASN D 249 -49.42 42.36 -12.29
N ARG D 250 -49.42 41.35 -11.43
CA ARG D 250 -50.09 41.41 -10.12
C ARG D 250 -51.58 41.71 -10.27
N SER D 251 -52.20 41.07 -11.26
CA SER D 251 -53.62 41.23 -11.55
C SER D 251 -54.00 42.70 -11.77
N GLY D 265 -51.70 35.25 -19.05
CA GLY D 265 -51.34 35.85 -20.31
C GLY D 265 -51.34 34.88 -21.47
N ALA D 266 -50.47 35.13 -22.45
CA ALA D 266 -50.37 34.26 -23.62
C ALA D 266 -48.91 34.00 -23.99
N ALA D 267 -48.01 34.02 -23.01
CA ALA D 267 -46.60 33.79 -23.29
C ALA D 267 -46.34 32.33 -23.64
N ASP D 268 -45.43 32.11 -24.57
CA ASP D 268 -45.07 30.79 -25.04
C ASP D 268 -43.57 30.59 -24.97
N TYR D 269 -43.15 29.41 -24.50
CA TYR D 269 -41.74 29.07 -24.41
C TYR D 269 -41.55 27.60 -24.74
N TYR D 270 -40.38 27.28 -25.27
CA TYR D 270 -40.03 25.93 -25.68
C TYR D 270 -38.97 25.36 -24.75
N VAL D 271 -39.05 24.06 -24.48
CA VAL D 271 -38.10 23.38 -23.60
C VAL D 271 -37.58 22.15 -24.33
N GLY D 272 -36.27 22.09 -24.54
CA GLY D 272 -35.62 20.95 -25.16
C GLY D 272 -34.55 20.38 -24.26
N TYR D 273 -34.26 19.10 -24.44
CA TYR D 273 -33.28 18.39 -23.63
C TYR D 273 -32.06 18.04 -24.47
N LEU D 274 -30.88 18.18 -23.87
CA LEU D 274 -29.62 17.89 -24.54
C LEU D 274 -29.27 16.42 -24.40
N GLN D 275 -28.61 15.88 -25.43
CA GLN D 275 -28.21 14.49 -25.48
C GLN D 275 -26.78 14.38 -25.98
N PRO D 276 -26.05 13.35 -25.56
CA PRO D 276 -24.68 13.17 -26.04
C PRO D 276 -24.63 12.75 -27.50
N ARG D 277 -24.25 13.65 -28.39
CA ARG D 277 -24.22 13.39 -29.81
C ARG D 277 -22.98 14.03 -30.42
N THR D 278 -22.65 13.58 -31.63
CA THR D 278 -21.51 14.09 -32.37
C THR D 278 -21.99 15.06 -33.44
N PHE D 279 -21.39 16.24 -33.49
CA PHE D 279 -21.77 17.29 -34.43
C PHE D 279 -20.55 17.76 -35.20
N LEU D 280 -20.78 18.15 -36.45
CA LEU D 280 -19.75 18.71 -37.32
C LEU D 280 -20.01 20.20 -37.46
N LEU D 281 -19.20 21.02 -36.80
CA LEU D 281 -19.37 22.46 -36.77
C LEU D 281 -18.51 23.12 -37.84
N LYS D 282 -19.08 24.06 -38.58
CA LYS D 282 -18.35 24.82 -39.59
C LYS D 282 -17.96 26.17 -39.03
N TYR D 283 -16.67 26.47 -39.11
CA TYR D 283 -16.12 27.76 -38.68
C TYR D 283 -15.71 28.56 -39.91
N ASN D 284 -16.12 29.82 -39.96
CA ASN D 284 -15.81 30.69 -41.08
C ASN D 284 -14.46 31.36 -40.84
N GLU D 285 -14.13 32.37 -41.67
CA GLU D 285 -12.87 33.07 -41.50
C GLU D 285 -12.86 33.88 -40.21
N ASN D 286 -13.98 34.50 -39.86
CA ASN D 286 -14.05 35.31 -38.65
C ASN D 286 -14.10 34.48 -37.38
N GLY D 287 -14.36 33.18 -37.48
CA GLY D 287 -14.35 32.31 -36.32
C GLY D 287 -15.67 32.10 -35.64
N THR D 288 -16.79 32.18 -36.38
CA THR D 288 -18.11 31.93 -35.82
C THR D 288 -18.72 30.70 -36.51
N ILE D 289 -19.59 30.02 -35.77
CA ILE D 289 -20.23 28.82 -36.30
C ILE D 289 -21.28 29.22 -37.34
N THR D 290 -21.04 28.82 -38.58
CA THR D 290 -21.95 29.16 -39.68
C THR D 290 -22.98 28.06 -39.93
N ASP D 291 -22.57 26.79 -39.81
CA ASP D 291 -23.47 25.68 -40.06
C ASP D 291 -23.05 24.50 -39.19
N ALA D 292 -23.97 23.56 -39.00
CA ALA D 292 -23.73 22.37 -38.20
C ALA D 292 -24.42 21.18 -38.84
N VAL D 293 -23.97 19.99 -38.46
CA VAL D 293 -24.50 18.73 -38.98
C VAL D 293 -24.65 17.75 -37.82
N ASP D 294 -25.88 17.26 -37.61
CA ASP D 294 -26.13 16.23 -36.61
C ASP D 294 -25.80 14.88 -37.22
N CYS D 295 -24.70 14.28 -36.76
CA CYS D 295 -24.14 13.10 -37.41
C CYS D 295 -25.04 11.87 -37.31
N ALA D 296 -25.99 11.86 -36.37
CA ALA D 296 -26.89 10.72 -36.20
C ALA D 296 -28.29 10.99 -36.73
N LEU D 297 -28.43 11.99 -37.60
CA LEU D 297 -29.75 12.34 -38.13
C LEU D 297 -30.14 11.44 -39.30
N ASP D 298 -29.36 11.48 -40.37
CA ASP D 298 -29.65 10.76 -41.60
C ASP D 298 -28.35 10.23 -42.18
N PRO D 299 -28.42 9.27 -43.11
CA PRO D 299 -27.19 8.75 -43.73
C PRO D 299 -26.35 9.82 -44.40
N LEU D 300 -26.97 10.85 -44.99
CA LEU D 300 -26.19 11.93 -45.58
C LEU D 300 -25.38 12.67 -44.52
N SER D 301 -26.01 12.95 -43.38
CA SER D 301 -25.27 13.56 -42.28
C SER D 301 -24.16 12.66 -41.79
N GLU D 302 -24.37 11.34 -41.80
CA GLU D 302 -23.35 10.42 -41.34
C GLU D 302 -22.15 10.37 -42.29
N THR D 303 -22.41 10.40 -43.60
CA THR D 303 -21.29 10.42 -44.53
C THR D 303 -20.59 11.77 -44.55
N LYS D 304 -21.31 12.85 -44.28
CA LYS D 304 -20.65 14.14 -44.09
C LYS D 304 -19.78 14.12 -42.84
N CYS D 305 -20.24 13.43 -41.79
CA CYS D 305 -19.45 13.27 -40.58
C CYS D 305 -18.17 12.49 -40.86
N THR D 306 -18.31 11.37 -41.58
CA THR D 306 -17.15 10.53 -41.88
C THR D 306 -16.15 11.26 -42.77
N LEU D 307 -16.63 11.94 -43.80
CA LEU D 307 -15.75 12.67 -44.71
C LEU D 307 -15.31 14.02 -44.16
N LYS D 308 -15.94 14.50 -43.08
CA LYS D 308 -15.65 15.81 -42.51
C LYS D 308 -15.75 16.91 -43.57
N SER D 309 -16.86 16.89 -44.31
CA SER D 309 -17.10 17.86 -45.36
C SER D 309 -18.60 18.02 -45.55
N PHE D 310 -19.03 19.27 -45.76
CA PHE D 310 -20.44 19.54 -46.01
C PHE D 310 -20.85 19.18 -47.43
N THR D 311 -19.91 19.07 -48.36
CA THR D 311 -20.17 18.68 -49.74
C THR D 311 -19.56 17.30 -49.96
N VAL D 312 -20.40 16.33 -50.32
CA VAL D 312 -19.95 14.96 -50.55
C VAL D 312 -19.93 14.70 -52.06
N GLU D 313 -18.93 13.95 -52.50
CA GLU D 313 -18.77 13.62 -53.91
C GLU D 313 -19.59 12.38 -54.25
N LYS D 314 -19.84 12.20 -55.54
CA LYS D 314 -20.61 11.04 -55.99
C LYS D 314 -19.81 9.76 -55.76
N GLY D 315 -20.45 8.78 -55.13
CA GLY D 315 -19.80 7.51 -54.88
C GLY D 315 -20.46 6.78 -53.73
N ILE D 316 -19.76 5.77 -53.22
CA ILE D 316 -20.21 4.95 -52.11
C ILE D 316 -19.19 5.08 -50.98
N TYR D 317 -19.68 5.35 -49.77
CA TYR D 317 -18.83 5.61 -48.63
C TYR D 317 -19.24 4.74 -47.46
N GLN D 318 -18.27 4.08 -46.84
CA GLN D 318 -18.51 3.29 -45.63
C GLN D 318 -18.53 4.24 -44.44
N THR D 319 -19.68 4.33 -43.77
CA THR D 319 -19.87 5.27 -42.67
C THR D 319 -19.73 4.61 -41.30
N SER D 320 -20.45 3.52 -41.06
CA SER D 320 -20.43 2.85 -39.77
C SER D 320 -20.82 1.39 -39.99
N ASN D 321 -21.13 0.70 -38.89
CA ASN D 321 -21.52 -0.70 -38.93
C ASN D 321 -22.84 -0.88 -38.19
N PHE D 322 -23.71 -1.73 -38.73
CA PHE D 322 -24.99 -2.03 -38.12
C PHE D 322 -24.87 -3.29 -37.26
N ARG D 323 -25.73 -3.39 -36.26
CA ARG D 323 -25.75 -4.55 -35.37
C ARG D 323 -27.14 -4.66 -34.76
N VAL D 324 -27.70 -5.86 -34.78
CA VAL D 324 -28.98 -6.11 -34.13
C VAL D 324 -28.74 -6.33 -32.65
N GLN D 325 -29.39 -5.51 -31.82
CA GLN D 325 -29.18 -5.58 -30.38
C GLN D 325 -29.92 -6.78 -29.78
N PRO D 326 -29.39 -7.34 -28.70
CA PRO D 326 -30.09 -8.44 -28.03
C PRO D 326 -31.43 -7.98 -27.47
N THR D 327 -32.47 -8.79 -27.72
CA THR D 327 -33.80 -8.44 -27.26
C THR D 327 -33.99 -8.77 -25.79
N GLU D 328 -33.68 -9.99 -25.39
CA GLU D 328 -33.87 -10.47 -24.04
C GLU D 328 -32.54 -10.94 -23.44
N SER D 329 -32.58 -11.23 -22.15
CA SER D 329 -31.43 -11.74 -21.42
C SER D 329 -31.82 -13.09 -20.83
N ILE D 330 -31.17 -14.15 -21.29
CA ILE D 330 -31.46 -15.52 -20.85
C ILE D 330 -30.34 -15.98 -19.93
N VAL D 331 -30.72 -16.55 -18.78
CA VAL D 331 -29.78 -17.18 -17.86
C VAL D 331 -30.32 -18.56 -17.52
N ARG D 332 -29.53 -19.59 -17.85
CA ARG D 332 -29.96 -20.97 -17.72
C ARG D 332 -29.00 -21.73 -16.82
N PHE D 333 -29.54 -22.45 -15.85
CA PHE D 333 -28.78 -23.26 -14.91
C PHE D 333 -29.48 -24.61 -14.74
N PRO D 334 -28.74 -25.65 -14.37
CA PRO D 334 -29.36 -26.97 -14.20
C PRO D 334 -30.37 -26.97 -13.06
N ASN D 335 -31.18 -28.03 -13.03
CA ASN D 335 -32.23 -28.15 -12.03
C ASN D 335 -31.63 -28.28 -10.64
N VAL D 336 -32.12 -27.46 -9.71
CA VAL D 336 -31.65 -27.49 -8.32
C VAL D 336 -32.31 -28.69 -7.64
N THR D 337 -31.52 -29.73 -7.40
CA THR D 337 -32.01 -30.96 -6.77
C THR D 337 -31.28 -31.32 -5.49
N ASN D 338 -29.99 -31.03 -5.39
CA ASN D 338 -29.20 -31.37 -4.20
C ASN D 338 -29.47 -30.32 -3.12
N LEU D 339 -30.62 -30.46 -2.48
CA LEU D 339 -30.99 -29.56 -1.41
C LEU D 339 -30.21 -29.88 -0.14
N CYS D 340 -29.85 -28.84 0.60
CA CYS D 340 -29.08 -29.01 1.82
C CYS D 340 -29.96 -29.58 2.93
N PRO D 341 -29.35 -30.26 3.90
CA PRO D 341 -30.13 -30.88 4.99
C PRO D 341 -30.68 -29.90 6.01
N PHE D 342 -30.62 -28.59 5.77
CA PHE D 342 -31.18 -27.63 6.71
C PHE D 342 -32.67 -27.85 6.96
N HIS D 343 -33.38 -28.38 5.96
CA HIS D 343 -34.79 -28.69 6.15
C HIS D 343 -34.99 -29.72 7.25
N GLU D 344 -34.16 -30.75 7.27
CA GLU D 344 -34.24 -31.76 8.32
C GLU D 344 -33.77 -31.22 9.67
N VAL D 345 -32.85 -30.26 9.65
CA VAL D 345 -32.33 -29.71 10.91
C VAL D 345 -33.40 -28.84 11.57
N PHE D 346 -34.05 -27.97 10.79
CA PHE D 346 -35.05 -27.08 11.35
C PHE D 346 -36.35 -27.80 11.70
N ASN D 347 -36.71 -28.83 10.94
CA ASN D 347 -37.93 -29.59 11.17
C ASN D 347 -37.73 -30.75 12.14
N ALA D 348 -36.60 -30.79 12.85
CA ALA D 348 -36.36 -31.85 13.82
C ALA D 348 -37.32 -31.74 14.99
N THR D 349 -37.55 -32.88 15.65
CA THR D 349 -38.49 -32.92 16.77
C THR D 349 -37.95 -32.16 17.97
N THR D 350 -36.81 -32.61 18.51
CA THR D 350 -36.20 -31.99 19.67
C THR D 350 -34.73 -31.75 19.41
N PHE D 351 -34.24 -30.58 19.81
CA PHE D 351 -32.84 -30.24 19.67
C PHE D 351 -32.05 -30.67 20.91
N ALA D 352 -30.72 -30.63 20.77
CA ALA D 352 -29.85 -30.98 21.88
C ALA D 352 -29.74 -29.82 22.87
N SER D 353 -29.10 -30.11 24.00
CA SER D 353 -28.92 -29.10 25.04
C SER D 353 -27.92 -28.03 24.58
N VAL D 354 -27.86 -26.94 25.34
CA VAL D 354 -26.96 -25.85 25.00
C VAL D 354 -25.51 -26.22 25.30
N TYR D 355 -25.28 -27.03 26.34
CA TYR D 355 -23.92 -27.46 26.67
C TYR D 355 -23.49 -28.70 25.90
N ALA D 356 -24.43 -29.39 25.24
CA ALA D 356 -24.13 -30.59 24.46
C ALA D 356 -24.72 -30.45 23.05
N TRP D 357 -24.49 -29.29 22.44
CA TRP D 357 -24.99 -29.04 21.10
C TRP D 357 -24.29 -29.92 20.08
N ASN D 358 -25.05 -30.37 19.09
CA ASN D 358 -24.54 -31.25 18.04
C ASN D 358 -24.39 -30.45 16.75
N ARG D 359 -23.20 -30.51 16.15
CA ARG D 359 -22.89 -29.79 14.93
C ARG D 359 -23.11 -30.71 13.73
N THR D 360 -23.80 -30.20 12.72
CA THR D 360 -24.05 -30.92 11.48
C THR D 360 -23.23 -30.32 10.36
N ARG D 361 -22.62 -31.18 9.54
CA ARG D 361 -21.78 -30.74 8.44
C ARG D 361 -22.62 -30.62 7.17
N ILE D 362 -22.60 -29.43 6.56
CA ILE D 362 -23.34 -29.16 5.33
C ILE D 362 -22.32 -28.92 4.22
N SER D 363 -22.39 -29.74 3.17
CA SER D 363 -21.46 -29.62 2.05
C SER D 363 -22.05 -30.32 0.84
N ASN D 364 -21.65 -29.85 -0.34
CA ASN D 364 -22.05 -30.43 -1.62
C ASN D 364 -23.58 -30.39 -1.78
N CYS D 365 -24.13 -29.19 -1.65
CA CYS D 365 -25.56 -28.99 -1.78
C CYS D 365 -25.83 -27.52 -2.05
N VAL D 366 -27.04 -27.23 -2.52
CA VAL D 366 -27.46 -25.87 -2.83
C VAL D 366 -28.15 -25.29 -1.60
N ALA D 367 -27.57 -24.24 -1.04
CA ALA D 367 -28.08 -23.62 0.18
C ALA D 367 -29.24 -22.71 -0.20
N ASP D 368 -30.44 -23.27 -0.23
CA ASP D 368 -31.65 -22.52 -0.54
C ASP D 368 -32.25 -22.01 0.78
N TYR D 369 -31.92 -20.76 1.11
CA TYR D 369 -32.37 -20.17 2.37
C TYR D 369 -33.83 -19.72 2.32
N SER D 370 -34.46 -19.74 1.15
CA SER D 370 -35.84 -19.30 1.03
C SER D 370 -36.85 -20.32 1.54
N VAL D 371 -36.47 -21.60 1.61
CA VAL D 371 -37.39 -22.64 2.07
C VAL D 371 -37.54 -22.67 3.58
N LEU D 372 -36.70 -21.93 4.31
CA LEU D 372 -36.78 -21.92 5.77
C LEU D 372 -37.94 -21.09 6.29
N TYR D 373 -38.67 -20.41 5.41
CA TYR D 373 -39.78 -19.57 5.83
C TYR D 373 -41.08 -20.34 6.03
N ASN D 374 -41.09 -21.65 5.80
CA ASN D 374 -42.29 -22.45 6.00
C ASN D 374 -42.61 -22.70 7.46
N PHE D 375 -41.67 -22.43 8.37
CA PHE D 375 -41.90 -22.61 9.80
C PHE D 375 -42.57 -21.36 10.36
N ALA D 376 -42.64 -21.28 11.69
CA ALA D 376 -43.30 -20.15 12.33
C ALA D 376 -42.55 -18.86 12.01
N PRO D 377 -43.27 -17.75 11.81
CA PRO D 377 -42.60 -16.50 11.40
C PRO D 377 -41.88 -15.79 12.52
N PHE D 378 -41.64 -16.48 13.64
CA PHE D 378 -40.97 -15.90 14.79
C PHE D 378 -39.45 -15.94 14.69
N PHE D 379 -38.92 -16.13 13.49
CA PHE D 379 -37.48 -16.16 13.31
C PHE D 379 -36.85 -14.80 13.63
N ALA D 380 -35.74 -14.82 14.35
CA ALA D 380 -34.99 -13.62 14.69
C ALA D 380 -33.62 -13.71 14.01
N PHE D 381 -33.41 -12.87 13.00
CA PHE D 381 -32.19 -12.88 12.21
C PHE D 381 -31.21 -11.84 12.74
N LYS D 382 -29.98 -12.29 13.01
CA LYS D 382 -28.92 -11.39 13.47
C LYS D 382 -27.61 -11.91 12.89
N CYS D 383 -27.21 -11.35 11.76
CA CYS D 383 -26.01 -11.79 11.05
C CYS D 383 -24.82 -10.91 11.42
N TYR D 384 -23.63 -11.43 11.14
CA TYR D 384 -22.38 -10.72 11.39
C TYR D 384 -21.41 -11.00 10.25
N GLY D 385 -20.96 -9.94 9.59
CA GLY D 385 -20.03 -10.05 8.49
C GLY D 385 -20.61 -10.51 7.18
N VAL D 386 -21.93 -10.73 7.10
CA VAL D 386 -22.57 -11.18 5.88
C VAL D 386 -24.01 -10.69 5.89
N SER D 387 -24.54 -10.42 4.70
CA SER D 387 -25.92 -9.95 4.60
C SER D 387 -26.86 -11.12 4.32
N PRO D 388 -28.03 -11.14 4.96
CA PRO D 388 -28.98 -12.24 4.72
C PRO D 388 -29.60 -12.21 3.35
N THR D 389 -29.69 -11.05 2.71
CA THR D 389 -30.28 -10.97 1.37
C THR D 389 -29.29 -11.44 0.30
N LYS D 390 -28.03 -11.01 0.40
CA LYS D 390 -27.01 -11.41 -0.55
C LYS D 390 -26.43 -12.79 -0.24
N LEU D 391 -26.89 -13.45 0.82
CA LEU D 391 -26.38 -14.77 1.17
C LEU D 391 -26.80 -15.82 0.15
N ASN D 392 -27.93 -15.62 -0.52
CA ASN D 392 -28.43 -16.57 -1.51
C ASN D 392 -27.71 -16.49 -2.85
N ASP D 393 -26.68 -15.65 -2.96
CA ASP D 393 -25.95 -15.50 -4.22
C ASP D 393 -24.47 -15.80 -4.07
N LEU D 394 -23.98 -16.14 -2.89
CA LEU D 394 -22.58 -16.41 -2.65
C LEU D 394 -22.33 -17.91 -2.53
N CYS D 395 -21.05 -18.28 -2.51
CA CYS D 395 -20.62 -19.65 -2.36
C CYS D 395 -19.77 -19.81 -1.12
N PHE D 396 -19.77 -21.02 -0.56
CA PHE D 396 -18.99 -21.33 0.63
C PHE D 396 -18.45 -22.74 0.51
N THR D 397 -17.31 -22.98 1.18
CA THR D 397 -16.68 -24.30 1.15
C THR D 397 -17.42 -25.29 2.04
N ASN D 398 -17.49 -24.99 3.33
CA ASN D 398 -18.16 -25.86 4.30
C ASN D 398 -19.08 -25.03 5.18
N VAL D 399 -20.25 -25.56 5.49
CA VAL D 399 -21.24 -24.90 6.33
C VAL D 399 -21.54 -25.79 7.51
N TYR D 400 -21.58 -25.20 8.70
CA TYR D 400 -21.85 -25.91 9.95
C TYR D 400 -23.02 -25.25 10.66
N ALA D 401 -23.97 -26.08 11.10
CA ALA D 401 -25.17 -25.60 11.78
C ALA D 401 -25.20 -26.16 13.19
N ASP D 402 -25.23 -25.27 14.19
CA ASP D 402 -25.30 -25.65 15.59
C ASP D 402 -26.70 -25.36 16.11
N SER D 403 -27.33 -26.36 16.71
CA SER D 403 -28.69 -26.26 17.21
C SER D 403 -28.71 -26.49 18.71
N PHE D 404 -29.46 -25.65 19.42
CA PHE D 404 -29.61 -25.76 20.86
C PHE D 404 -30.84 -24.98 21.29
N VAL D 405 -31.36 -25.33 22.47
CA VAL D 405 -32.56 -24.71 23.02
C VAL D 405 -32.16 -23.93 24.28
N ILE D 406 -32.56 -22.66 24.34
CA ILE D 406 -32.28 -21.79 25.47
C ILE D 406 -33.55 -20.99 25.78
N LYS D 407 -33.51 -20.28 26.90
CA LYS D 407 -34.64 -19.47 27.33
C LYS D 407 -34.66 -18.15 26.55
N GLY D 408 -35.61 -17.29 26.90
CA GLY D 408 -35.75 -16.02 26.20
C GLY D 408 -34.67 -15.01 26.54
N ASN D 409 -34.22 -15.01 27.80
CA ASN D 409 -33.20 -14.05 28.22
C ASN D 409 -31.83 -14.35 27.64
N GLU D 410 -31.56 -15.61 27.30
CA GLU D 410 -30.27 -16.01 26.77
C GLU D 410 -30.17 -15.86 25.26
N VAL D 411 -31.22 -15.37 24.60
CA VAL D 411 -31.18 -15.20 23.15
C VAL D 411 -30.19 -14.11 22.77
N SER D 412 -30.16 -13.01 23.53
CA SER D 412 -29.23 -11.93 23.25
C SER D 412 -27.79 -12.29 23.57
N GLN D 413 -27.57 -13.35 24.35
CA GLN D 413 -26.22 -13.76 24.70
C GLN D 413 -25.51 -14.53 23.59
N ILE D 414 -26.24 -14.97 22.57
CA ILE D 414 -25.63 -15.73 21.46
C ILE D 414 -25.17 -14.69 20.44
N ALA D 415 -23.98 -14.15 20.67
CA ALA D 415 -23.38 -13.15 19.81
C ALA D 415 -21.90 -12.99 20.15
N PRO D 416 -21.05 -12.70 19.18
CA PRO D 416 -19.62 -12.53 19.47
C PRO D 416 -19.38 -11.32 20.36
N GLY D 417 -18.55 -11.50 21.39
CA GLY D 417 -18.21 -10.43 22.30
C GLY D 417 -19.12 -10.31 23.51
N GLN D 418 -20.12 -11.17 23.65
CA GLN D 418 -21.03 -11.10 24.78
C GLN D 418 -20.42 -11.80 26.00
N THR D 419 -20.99 -11.51 27.16
CA THR D 419 -20.54 -12.07 28.42
C THR D 419 -21.75 -12.57 29.20
N GLY D 420 -21.68 -13.81 29.68
CA GLY D 420 -22.78 -14.38 30.43
C GLY D 420 -22.44 -15.80 30.84
N ASN D 421 -23.40 -16.42 31.53
CA ASN D 421 -23.21 -17.80 31.99
C ASN D 421 -23.16 -18.76 30.81
N ILE D 422 -24.16 -18.70 29.93
CA ILE D 422 -24.17 -19.59 28.78
C ILE D 422 -23.07 -19.22 27.79
N ALA D 423 -22.81 -17.92 27.63
CA ALA D 423 -21.78 -17.46 26.71
C ALA D 423 -20.37 -17.83 27.15
N ASP D 424 -20.19 -18.27 28.39
CA ASP D 424 -18.86 -18.63 28.89
C ASP D 424 -18.74 -20.09 29.29
N TYR D 425 -19.84 -20.78 29.58
CA TYR D 425 -19.78 -22.16 30.06
C TYR D 425 -20.61 -23.12 29.22
N ASN D 426 -21.42 -22.63 28.28
CA ASN D 426 -22.27 -23.49 27.46
C ASN D 426 -21.96 -23.38 25.98
N TYR D 427 -21.88 -22.16 25.44
CA TYR D 427 -21.65 -21.97 24.02
C TYR D 427 -21.10 -20.56 23.80
N LYS D 428 -19.97 -20.46 23.11
CA LYS D 428 -19.31 -19.19 22.86
C LYS D 428 -18.95 -19.07 21.39
N LEU D 429 -19.14 -17.88 20.83
CA LEU D 429 -18.80 -17.57 19.45
C LEU D 429 -17.46 -16.85 19.37
N PRO D 430 -16.65 -17.14 18.35
CA PRO D 430 -15.36 -16.47 18.22
C PRO D 430 -15.53 -15.02 17.78
N ASP D 431 -14.44 -14.26 17.92
CA ASP D 431 -14.46 -12.85 17.55
C ASP D 431 -14.53 -12.69 16.03
N ASP D 432 -13.93 -13.60 15.27
CA ASP D 432 -13.93 -13.54 13.81
C ASP D 432 -14.98 -14.47 13.21
N PHE D 433 -16.12 -14.63 13.86
CA PHE D 433 -17.16 -15.51 13.35
C PHE D 433 -17.80 -14.92 12.10
N THR D 434 -18.03 -15.77 11.10
CA THR D 434 -18.65 -15.38 9.85
C THR D 434 -19.90 -16.25 9.64
N GLY D 435 -21.05 -15.60 9.57
CA GLY D 435 -22.30 -16.31 9.39
C GLY D 435 -23.45 -15.50 9.97
N CYS D 436 -24.54 -16.19 10.26
CA CYS D 436 -25.73 -15.57 10.80
C CYS D 436 -26.30 -16.46 11.90
N VAL D 437 -27.01 -15.83 12.84
CA VAL D 437 -27.67 -16.52 13.93
C VAL D 437 -29.17 -16.51 13.69
N ILE D 438 -29.79 -17.69 13.75
CA ILE D 438 -31.22 -17.84 13.53
C ILE D 438 -31.85 -18.40 14.81
N ALA D 439 -32.83 -17.69 15.34
CA ALA D 439 -33.53 -18.11 16.55
C ALA D 439 -35.01 -17.78 16.41
N TRP D 440 -35.85 -18.65 16.99
CA TRP D 440 -37.28 -18.45 16.94
C TRP D 440 -37.91 -19.04 18.21
N ASN D 441 -39.12 -18.57 18.51
CA ASN D 441 -39.82 -19.05 19.69
C ASN D 441 -40.38 -20.44 19.46
N SER D 442 -40.26 -21.30 20.46
CA SER D 442 -40.74 -22.67 20.40
C SER D 442 -41.48 -23.02 21.69
N ASN D 443 -42.37 -22.11 22.13
CA ASN D 443 -43.12 -22.34 23.36
C ASN D 443 -44.10 -23.49 23.20
N LYS D 444 -44.82 -23.53 22.08
CA LYS D 444 -45.80 -24.58 21.84
C LYS D 444 -45.19 -25.89 21.37
N LEU D 445 -43.85 -26.00 21.38
CA LEU D 445 -43.17 -27.20 20.92
C LEU D 445 -42.36 -27.88 22.00
N ASP D 446 -41.61 -27.12 22.79
CA ASP D 446 -40.72 -27.66 23.82
C ASP D 446 -41.31 -27.63 25.21
N SER D 447 -42.55 -27.18 25.37
CA SER D 447 -43.17 -27.13 26.68
C SER D 447 -43.69 -28.50 27.10
N LYS D 448 -43.62 -28.77 28.39
CA LYS D 448 -44.10 -30.02 28.97
C LYS D 448 -44.78 -29.73 30.30
N HIS D 449 -45.84 -30.48 30.58
CA HIS D 449 -46.58 -30.30 31.83
C HIS D 449 -45.69 -30.63 33.03
N SER D 450 -45.89 -29.90 34.11
CA SER D 450 -45.15 -30.05 35.37
C SER D 450 -43.64 -29.88 35.17
N GLY D 451 -43.23 -29.10 34.18
CA GLY D 451 -41.83 -28.84 33.95
C GLY D 451 -41.18 -29.79 32.96
N ASN D 452 -40.38 -29.23 32.05
CA ASN D 452 -39.67 -30.01 31.04
C ASN D 452 -38.24 -30.20 31.52
N TYR D 453 -38.02 -31.27 32.28
CA TYR D 453 -36.71 -31.55 32.86
C TYR D 453 -35.77 -32.23 31.87
N ASP D 454 -36.14 -32.36 30.60
CA ASP D 454 -35.29 -33.00 29.61
C ASP D 454 -34.15 -32.10 29.14
N TYR D 455 -34.24 -30.80 29.38
CA TYR D 455 -33.21 -29.86 28.97
C TYR D 455 -32.37 -29.45 30.17
N TRP D 456 -31.06 -29.38 29.97
CA TRP D 456 -30.11 -29.00 31.01
C TRP D 456 -29.12 -27.99 30.46
N TYR D 457 -28.45 -27.30 31.38
CA TYR D 457 -27.43 -26.32 31.01
C TYR D 457 -26.32 -26.33 32.04
N ARG D 458 -25.12 -25.96 31.60
CA ARG D 458 -23.96 -25.92 32.46
C ARG D 458 -23.79 -24.51 33.02
N SER D 459 -23.60 -24.42 34.34
CA SER D 459 -23.42 -23.14 35.01
C SER D 459 -22.09 -23.00 35.74
N LEU D 460 -21.43 -24.10 36.07
CA LEU D 460 -20.17 -24.06 36.81
C LEU D 460 -19.12 -24.90 36.09
N ARG D 461 -17.89 -24.40 36.05
CA ARG D 461 -16.79 -25.12 35.43
C ARG D 461 -15.48 -24.51 35.92
N LYS D 462 -14.41 -25.31 35.85
CA LYS D 462 -13.11 -24.84 36.31
C LYS D 462 -12.58 -23.70 35.46
N SER D 463 -12.89 -23.70 34.16
CA SER D 463 -12.43 -22.66 33.27
C SER D 463 -13.47 -22.42 32.18
N LYS D 464 -13.37 -21.26 31.54
CA LYS D 464 -14.30 -20.93 30.47
C LYS D 464 -14.03 -21.77 29.23
N LEU D 465 -15.10 -22.10 28.51
CA LEU D 465 -14.99 -22.93 27.33
C LEU D 465 -14.46 -22.13 26.14
N LYS D 466 -13.63 -22.79 25.33
CA LYS D 466 -13.15 -22.17 24.11
C LYS D 466 -14.30 -22.06 23.11
N PRO D 467 -14.30 -21.02 22.27
CA PRO D 467 -15.31 -20.92 21.22
C PRO D 467 -15.34 -22.17 20.34
N PHE D 468 -16.55 -22.64 20.05
CA PHE D 468 -16.77 -23.85 19.25
C PHE D 468 -16.16 -25.08 19.93
N GLU D 469 -16.50 -25.29 21.20
CA GLU D 469 -16.04 -26.44 21.96
C GLU D 469 -17.22 -27.06 22.71
N ARG D 470 -17.17 -28.38 22.85
CA ARG D 470 -18.22 -29.13 23.55
C ARG D 470 -17.61 -29.91 24.70
N ASP D 471 -18.29 -29.89 25.85
CA ASP D 471 -17.81 -30.58 27.04
C ASP D 471 -19.03 -31.05 27.83
N ILE D 472 -19.14 -32.36 28.02
CA ILE D 472 -20.27 -32.95 28.73
C ILE D 472 -19.79 -33.53 30.05
N SER D 473 -18.70 -33.00 30.58
CA SER D 473 -18.16 -33.49 31.85
C SER D 473 -19.11 -33.14 33.00
N THR D 474 -19.38 -34.12 33.85
CA THR D 474 -20.28 -33.96 34.98
C THR D 474 -19.53 -33.93 36.30
N GLU D 475 -18.27 -33.48 36.27
CA GLU D 475 -17.49 -33.40 37.49
C GLU D 475 -17.98 -32.28 38.39
N ILE D 476 -18.11 -32.57 39.68
CA ILE D 476 -18.58 -31.58 40.64
C ILE D 476 -17.54 -30.49 40.80
N TYR D 477 -17.98 -29.23 40.73
CA TYR D 477 -17.07 -28.11 40.84
C TYR D 477 -16.62 -27.93 42.29
N GLN D 478 -15.31 -27.91 42.50
CA GLN D 478 -14.73 -27.73 43.83
C GLN D 478 -14.58 -26.24 44.09
N ALA D 479 -15.34 -25.72 45.05
CA ALA D 479 -15.33 -24.30 45.37
C ALA D 479 -14.36 -23.95 46.50
N GLY D 480 -13.77 -24.93 47.16
CA GLY D 480 -12.87 -24.66 48.26
C GLY D 480 -11.59 -25.46 48.21
N ASN D 481 -10.78 -25.36 49.27
CA ASN D 481 -9.52 -26.10 49.32
C ASN D 481 -9.71 -27.54 49.76
N LYS D 482 -10.86 -27.89 50.33
CA LYS D 482 -11.10 -29.26 50.75
C LYS D 482 -11.30 -30.16 49.54
N PRO D 483 -10.90 -31.43 49.63
CA PRO D 483 -11.09 -32.34 48.49
C PRO D 483 -12.57 -32.54 48.18
N CYS D 484 -12.90 -32.47 46.90
CA CYS D 484 -14.28 -32.60 46.46
C CYS D 484 -14.68 -34.08 46.47
N LYS D 485 -15.75 -34.39 47.22
CA LYS D 485 -16.25 -35.76 47.29
C LYS D 485 -17.71 -35.71 47.71
N GLY D 486 -18.60 -36.08 46.80
CA GLY D 486 -20.02 -36.07 47.07
C GLY D 486 -20.62 -34.68 47.11
N LYS D 487 -21.94 -34.59 47.00
CA LYS D 487 -22.62 -33.30 47.04
C LYS D 487 -22.76 -32.81 48.47
N GLY D 488 -22.49 -31.53 48.68
CA GLY D 488 -22.57 -30.93 49.99
C GLY D 488 -21.89 -29.58 50.05
N PRO D 489 -21.26 -29.27 51.19
CA PRO D 489 -20.56 -27.99 51.32
C PRO D 489 -19.40 -27.88 50.34
N ASN D 490 -19.32 -26.74 49.66
CA ASN D 490 -18.29 -26.44 48.68
C ASN D 490 -18.27 -27.45 47.53
N CYS D 491 -19.40 -28.11 47.27
CA CYS D 491 -19.52 -29.10 46.20
C CYS D 491 -20.91 -28.92 45.57
N TYR D 492 -20.97 -28.14 44.50
CA TYR D 492 -22.22 -27.84 43.81
C TYR D 492 -22.25 -28.53 42.46
N PHE D 493 -23.43 -29.01 42.08
CA PHE D 493 -23.58 -29.70 40.80
C PHE D 493 -23.46 -28.68 39.67
N PRO D 494 -22.64 -28.96 38.64
CA PRO D 494 -22.44 -27.96 37.58
C PRO D 494 -23.58 -27.88 36.59
N LEU D 495 -24.47 -28.87 36.55
CA LEU D 495 -25.56 -28.90 35.58
C LEU D 495 -26.88 -28.61 36.27
N GLN D 496 -27.71 -27.78 35.63
CA GLN D 496 -29.02 -27.43 36.12
C GLN D 496 -30.03 -27.60 35.00
N SER D 497 -31.27 -27.91 35.37
CA SER D 497 -32.35 -28.14 34.42
C SER D 497 -33.23 -26.91 34.30
N TYR D 498 -33.70 -26.63 33.08
CA TYR D 498 -34.58 -25.50 32.87
C TYR D 498 -35.97 -25.75 33.44
N GLY D 499 -36.62 -26.82 33.00
CA GLY D 499 -37.98 -27.10 33.43
C GLY D 499 -38.98 -26.20 32.75
N PHE D 500 -39.06 -26.28 31.43
CA PHE D 500 -39.95 -25.41 30.67
C PHE D 500 -41.40 -25.73 30.95
N ARG D 501 -42.22 -24.68 31.11
CA ARG D 501 -43.65 -24.81 31.31
C ARG D 501 -44.38 -23.85 30.37
N PRO D 502 -45.56 -24.24 29.88
CA PRO D 502 -46.28 -23.38 28.93
C PRO D 502 -46.83 -22.10 29.55
N THR D 503 -46.89 -22.01 30.87
CA THR D 503 -47.43 -20.84 31.55
C THR D 503 -46.34 -19.85 31.95
N TYR D 504 -45.14 -19.97 31.41
CA TYR D 504 -44.06 -19.04 31.73
C TYR D 504 -44.22 -17.75 30.95
N GLY D 505 -43.44 -16.74 31.37
CA GLY D 505 -43.41 -15.47 30.68
C GLY D 505 -42.65 -15.53 29.38
N VAL D 506 -42.67 -14.40 28.66
CA VAL D 506 -42.00 -14.33 27.37
C VAL D 506 -40.49 -14.47 27.52
N GLY D 507 -39.95 -14.06 28.67
CA GLY D 507 -38.52 -14.15 28.90
C GLY D 507 -38.02 -15.53 29.29
N HIS D 508 -38.92 -16.47 29.59
CA HIS D 508 -38.53 -17.81 30.00
C HIS D 508 -39.00 -18.90 29.04
N GLN D 509 -39.62 -18.54 27.92
CA GLN D 509 -40.05 -19.54 26.96
C GLN D 509 -38.84 -20.16 26.27
N PRO D 510 -38.96 -21.42 25.84
CA PRO D 510 -37.84 -22.05 25.12
C PRO D 510 -37.68 -21.47 23.73
N TYR D 511 -36.44 -21.14 23.38
CA TYR D 511 -36.10 -20.58 22.07
C TYR D 511 -35.06 -21.47 21.41
N ARG D 512 -35.43 -22.06 20.28
CA ARG D 512 -34.50 -22.88 19.51
C ARG D 512 -33.63 -21.98 18.63
N VAL D 513 -32.31 -22.10 18.79
CA VAL D 513 -31.35 -21.26 18.09
C VAL D 513 -30.55 -22.14 17.14
N VAL D 514 -30.42 -21.72 15.89
CA VAL D 514 -29.63 -22.40 14.88
C VAL D 514 -28.59 -21.41 14.36
N VAL D 515 -27.33 -21.66 14.69
CA VAL D 515 -26.23 -20.79 14.30
C VAL D 515 -25.61 -21.34 13.03
N LEU D 516 -25.56 -20.51 11.99
CA LEU D 516 -24.99 -20.91 10.70
C LEU D 516 -23.53 -20.50 10.66
N SER D 517 -22.64 -21.49 10.68
CA SER D 517 -21.20 -21.26 10.63
C SER D 517 -20.69 -21.60 9.24
N PHE D 518 -20.03 -20.64 8.59
CA PHE D 518 -19.50 -20.82 7.25
C PHE D 518 -17.98 -20.89 7.29
N GLU D 519 -17.42 -21.61 6.31
CA GLU D 519 -15.98 -21.78 6.20
C GLU D 519 -15.53 -21.41 4.79
N LEU D 520 -14.39 -20.72 4.70
CA LEU D 520 -13.84 -20.26 3.44
C LEU D 520 -12.40 -20.76 3.29
N LEU D 521 -12.18 -22.04 3.58
CA LEU D 521 -10.86 -22.63 3.46
C LEU D 521 -10.50 -22.80 1.99
N HIS D 522 -9.20 -22.99 1.75
CA HIS D 522 -8.66 -23.16 0.40
C HIS D 522 -9.07 -24.53 -0.12
N ALA D 523 -10.29 -24.60 -0.66
CA ALA D 523 -10.86 -25.84 -1.17
C ALA D 523 -11.95 -25.50 -2.17
N PRO D 524 -12.28 -26.41 -3.07
CA PRO D 524 -13.36 -26.13 -4.02
C PRO D 524 -14.68 -25.87 -3.31
N ALA D 525 -15.36 -24.80 -3.72
CA ALA D 525 -16.62 -24.40 -3.10
C ALA D 525 -17.71 -25.40 -3.46
N THR D 526 -18.17 -26.17 -2.48
CA THR D 526 -19.21 -27.17 -2.70
C THR D 526 -20.60 -26.66 -2.36
N VAL D 527 -20.71 -25.52 -1.65
CA VAL D 527 -21.99 -24.95 -1.26
C VAL D 527 -22.13 -23.60 -1.93
N CYS D 528 -23.27 -23.37 -2.57
CA CYS D 528 -23.58 -22.10 -3.21
C CYS D 528 -25.06 -21.80 -3.05
N GLY D 529 -25.44 -20.58 -3.41
CA GLY D 529 -26.83 -20.17 -3.35
C GLY D 529 -27.60 -20.67 -4.54
N PRO D 530 -28.93 -20.54 -4.46
CA PRO D 530 -29.79 -20.99 -5.56
C PRO D 530 -29.67 -20.07 -6.77
N LYS D 531 -29.75 -20.67 -7.96
CA LYS D 531 -29.66 -19.95 -9.21
C LYS D 531 -31.01 -19.92 -9.90
N LYS D 532 -31.39 -18.75 -10.40
CA LYS D 532 -32.67 -18.58 -11.09
C LYS D 532 -32.52 -18.90 -12.57
N SER D 533 -33.54 -19.54 -13.13
CA SER D 533 -33.55 -19.96 -14.52
C SER D 533 -34.61 -19.21 -15.30
N THR D 534 -34.30 -18.84 -16.54
CA THR D 534 -35.20 -18.17 -17.43
C THR D 534 -35.55 -19.08 -18.60
N ASN D 535 -36.76 -18.92 -19.14
CA ASN D 535 -37.21 -19.76 -20.24
C ASN D 535 -36.32 -19.60 -21.46
N LEU D 536 -36.33 -20.63 -22.31
CA LEU D 536 -35.48 -20.67 -23.48
C LEU D 536 -36.16 -19.98 -24.66
N VAL D 537 -35.41 -19.12 -25.35
CA VAL D 537 -35.89 -18.43 -26.54
C VAL D 537 -34.95 -18.76 -27.68
N LYS D 538 -35.52 -19.16 -28.82
CA LYS D 538 -34.74 -19.55 -29.99
C LYS D 538 -35.10 -18.66 -31.16
N ASN D 539 -34.21 -18.66 -32.16
CA ASN D 539 -34.38 -17.87 -33.39
C ASN D 539 -34.54 -16.38 -33.08
N LYS D 540 -33.72 -15.89 -32.13
CA LYS D 540 -33.80 -14.51 -31.71
C LYS D 540 -32.48 -14.11 -31.06
N CYS D 541 -31.99 -12.92 -31.39
CA CYS D 541 -30.75 -12.42 -30.82
C CYS D 541 -30.98 -12.05 -29.36
N VAL D 542 -30.41 -12.83 -28.45
CA VAL D 542 -30.56 -12.62 -27.02
C VAL D 542 -29.23 -12.83 -26.32
N ASN D 543 -29.12 -12.31 -25.11
CA ASN D 543 -27.97 -12.55 -24.25
C ASN D 543 -28.21 -13.82 -23.44
N PHE D 544 -27.38 -14.82 -23.67
CA PHE D 544 -27.55 -16.12 -23.04
C PHE D 544 -26.49 -16.36 -21.98
N ASN D 545 -26.81 -17.23 -21.02
CA ASN D 545 -25.90 -17.60 -19.94
C ASN D 545 -26.17 -19.07 -19.62
N PHE D 546 -25.35 -19.96 -20.17
CA PHE D 546 -25.51 -21.40 -20.00
C PHE D 546 -24.46 -21.88 -19.01
N ASN D 547 -24.84 -21.92 -17.73
CA ASN D 547 -23.99 -22.44 -16.66
C ASN D 547 -22.64 -21.71 -16.63
N GLY D 548 -22.70 -20.38 -16.65
CA GLY D 548 -21.51 -19.55 -16.58
C GLY D 548 -20.97 -19.12 -17.93
N LEU D 549 -21.37 -19.77 -19.01
CA LEU D 549 -20.90 -19.40 -20.34
C LEU D 549 -21.78 -18.27 -20.87
N THR D 550 -21.22 -17.07 -20.91
CA THR D 550 -21.96 -15.88 -21.30
C THR D 550 -21.64 -15.50 -22.74
N GLY D 551 -22.58 -14.79 -23.36
CA GLY D 551 -22.39 -14.34 -24.73
C GLY D 551 -23.70 -13.85 -25.31
N THR D 552 -23.63 -13.52 -26.60
CA THR D 552 -24.80 -13.05 -27.34
C THR D 552 -24.85 -13.75 -28.68
N GLY D 553 -26.05 -14.11 -29.12
CA GLY D 553 -26.20 -14.79 -30.38
C GLY D 553 -27.61 -15.33 -30.55
N VAL D 554 -27.82 -16.00 -31.68
CA VAL D 554 -29.10 -16.61 -32.02
C VAL D 554 -29.02 -18.10 -31.75
N LEU D 555 -30.00 -18.62 -31.01
CA LEU D 555 -30.05 -20.03 -30.67
C LEU D 555 -30.98 -20.75 -31.63
N THR D 556 -30.49 -21.84 -32.22
CA THR D 556 -31.27 -22.64 -33.16
C THR D 556 -31.08 -24.11 -32.86
N LYS D 557 -31.94 -24.94 -33.45
CA LYS D 557 -31.85 -26.38 -33.29
C LYS D 557 -30.69 -26.92 -34.13
N SER D 558 -29.83 -27.72 -33.50
CA SER D 558 -28.63 -28.23 -34.15
C SER D 558 -28.76 -29.73 -34.40
N ASN D 559 -28.04 -30.20 -35.42
CA ASN D 559 -27.97 -31.61 -35.75
C ASN D 559 -26.70 -32.26 -35.22
N LYS D 560 -25.96 -31.58 -34.35
CA LYS D 560 -24.72 -32.11 -33.82
C LYS D 560 -25.01 -33.13 -32.71
N LYS D 561 -24.37 -34.29 -32.80
CA LYS D 561 -24.55 -35.36 -31.84
C LYS D 561 -23.45 -35.26 -30.79
N PHE D 562 -23.74 -34.53 -29.70
CA PHE D 562 -22.78 -34.39 -28.63
C PHE D 562 -22.65 -35.68 -27.82
N LEU D 563 -21.60 -35.75 -27.02
CA LEU D 563 -21.39 -36.84 -26.08
C LEU D 563 -21.87 -36.42 -24.70
N PRO D 564 -22.27 -37.39 -23.86
CA PRO D 564 -22.88 -37.02 -22.57
C PRO D 564 -21.99 -36.19 -21.66
N PHE D 565 -20.67 -36.35 -21.74
CA PHE D 565 -19.78 -35.63 -20.82
C PHE D 565 -19.44 -34.22 -21.30
N GLN D 566 -19.42 -34.00 -22.62
CA GLN D 566 -19.10 -32.67 -23.15
C GLN D 566 -20.36 -31.84 -23.28
N GLN D 567 -20.25 -30.56 -22.93
CA GLN D 567 -21.40 -29.67 -22.85
C GLN D 567 -21.48 -28.69 -24.01
N PHE D 568 -20.42 -27.91 -24.25
CA PHE D 568 -20.42 -26.91 -25.30
C PHE D 568 -19.38 -27.28 -26.35
N GLY D 569 -19.60 -26.77 -27.57
CA GLY D 569 -18.73 -27.06 -28.70
C GLY D 569 -18.00 -25.83 -29.17
N ARG D 570 -16.85 -26.05 -29.82
CA ARG D 570 -16.04 -24.98 -30.39
C ARG D 570 -15.59 -25.38 -31.78
N ASP D 571 -15.42 -24.37 -32.63
CA ASP D 571 -14.95 -24.59 -34.00
C ASP D 571 -13.42 -24.54 -34.03
N ILE D 572 -12.86 -24.46 -35.23
CA ILE D 572 -11.41 -24.48 -35.38
C ILE D 572 -10.78 -23.23 -34.78
N VAL D 573 -11.51 -22.11 -34.78
CA VAL D 573 -10.97 -20.85 -34.29
C VAL D 573 -11.27 -20.68 -32.81
N ASP D 574 -11.71 -21.77 -32.17
CA ASP D 574 -11.94 -21.82 -30.73
C ASP D 574 -13.01 -20.84 -30.27
N THR D 575 -14.09 -20.71 -31.05
CA THR D 575 -15.23 -19.90 -30.67
C THR D 575 -16.43 -20.80 -30.41
N THR D 576 -17.20 -20.46 -29.38
CA THR D 576 -18.35 -21.27 -28.98
C THR D 576 -19.44 -21.18 -30.06
N ASP D 577 -19.71 -22.31 -30.71
CA ASP D 577 -20.72 -22.37 -31.75
C ASP D 577 -21.91 -23.26 -31.41
N ALA D 578 -21.84 -24.03 -30.31
CA ALA D 578 -22.94 -24.89 -29.92
C ALA D 578 -22.85 -25.15 -28.42
N VAL D 579 -24.02 -25.23 -27.78
CA VAL D 579 -24.12 -25.50 -26.35
C VAL D 579 -25.29 -26.45 -26.11
N ARG D 580 -25.33 -27.02 -24.92
CA ARG D 580 -26.43 -27.87 -24.49
C ARG D 580 -27.22 -27.19 -23.38
N ASP D 581 -28.52 -27.46 -23.35
CA ASP D 581 -29.38 -26.91 -22.31
C ASP D 581 -29.14 -27.66 -21.01
N PRO D 582 -28.72 -26.98 -19.93
CA PRO D 582 -28.47 -27.68 -18.66
C PRO D 582 -29.69 -28.39 -18.09
N GLN D 583 -30.88 -28.14 -18.61
CA GLN D 583 -32.11 -28.79 -18.14
C GLN D 583 -32.72 -29.72 -19.18
N THR D 584 -32.91 -29.23 -20.41
CA THR D 584 -33.51 -30.05 -21.46
C THR D 584 -32.50 -30.97 -22.13
N LEU D 585 -31.21 -30.72 -21.96
CA LEU D 585 -30.13 -31.50 -22.58
C LEU D 585 -30.23 -31.48 -24.10
N GLU D 586 -30.71 -30.38 -24.66
CA GLU D 586 -30.83 -30.21 -26.10
C GLU D 586 -29.66 -29.38 -26.62
N ILE D 587 -29.10 -29.81 -27.74
CA ILE D 587 -27.95 -29.13 -28.32
C ILE D 587 -28.45 -27.97 -29.18
N LEU D 588 -27.97 -26.77 -28.88
CA LEU D 588 -28.40 -25.55 -29.55
C LEU D 588 -27.22 -24.88 -30.24
N ASP D 589 -27.37 -24.59 -31.52
CA ASP D 589 -26.35 -23.87 -32.26
C ASP D 589 -26.33 -22.40 -31.87
N ILE D 590 -25.14 -21.85 -31.69
CA ILE D 590 -24.96 -20.45 -31.37
C ILE D 590 -24.52 -19.73 -32.64
N THR D 591 -25.40 -18.89 -33.18
CA THR D 591 -25.10 -18.09 -34.35
C THR D 591 -24.96 -16.64 -33.94
N PRO D 592 -23.85 -15.97 -34.26
CA PRO D 592 -23.69 -14.57 -33.87
C PRO D 592 -24.74 -13.70 -34.53
N CYS D 593 -25.18 -12.68 -33.80
CA CYS D 593 -26.20 -11.78 -34.32
C CYS D 593 -25.68 -11.02 -35.52
N SER D 594 -26.60 -10.61 -36.40
CA SER D 594 -26.23 -10.03 -37.67
C SER D 594 -25.47 -8.72 -37.50
N PHE D 595 -24.38 -8.57 -38.24
CA PHE D 595 -23.60 -7.35 -38.26
C PHE D 595 -22.96 -7.20 -39.62
N GLY D 596 -22.41 -6.02 -39.87
CA GLY D 596 -21.76 -5.75 -41.13
C GLY D 596 -21.60 -4.26 -41.35
N GLY D 597 -20.96 -3.92 -42.46
CA GLY D 597 -20.73 -2.53 -42.78
C GLY D 597 -21.95 -1.85 -43.37
N VAL D 598 -22.02 -0.54 -43.13
CA VAL D 598 -23.09 0.30 -43.66
C VAL D 598 -22.47 1.25 -44.68
N SER D 599 -22.93 1.15 -45.93
CA SER D 599 -22.44 2.00 -47.01
C SER D 599 -23.55 2.90 -47.51
N VAL D 600 -23.22 4.16 -47.75
CA VAL D 600 -24.17 5.16 -48.23
C VAL D 600 -23.84 5.49 -49.67
N ILE D 601 -24.83 5.38 -50.54
CA ILE D 601 -24.69 5.70 -51.96
C ILE D 601 -25.34 7.06 -52.20
N THR D 602 -24.55 8.01 -52.68
CA THR D 602 -25.02 9.37 -52.91
C THR D 602 -24.54 9.89 -54.26
N PRO D 603 -25.43 10.52 -55.02
CA PRO D 603 -25.00 11.13 -56.30
C PRO D 603 -24.19 12.41 -56.13
N GLY D 604 -24.03 12.91 -54.91
CA GLY D 604 -23.32 14.14 -54.66
C GLY D 604 -24.27 15.23 -54.19
N THR D 605 -23.78 16.07 -53.27
CA THR D 605 -24.60 17.16 -52.75
C THR D 605 -25.00 18.14 -53.85
N ASN D 606 -24.13 18.35 -54.83
CA ASN D 606 -24.44 19.27 -55.92
C ASN D 606 -25.60 18.79 -56.76
N THR D 607 -25.85 17.48 -56.78
CA THR D 607 -26.93 16.91 -57.57
C THR D 607 -28.22 16.77 -56.76
N SER D 608 -28.17 16.01 -55.67
CA SER D 608 -29.36 15.77 -54.86
C SER D 608 -28.94 15.30 -53.49
N ASN D 609 -29.89 15.38 -52.55
CA ASN D 609 -29.68 14.91 -51.19
C ASN D 609 -30.21 13.50 -50.95
N GLN D 610 -30.79 12.86 -51.97
CA GLN D 610 -31.27 11.51 -51.82
C GLN D 610 -30.10 10.54 -51.74
N VAL D 611 -30.20 9.58 -50.81
CA VAL D 611 -29.13 8.60 -50.59
C VAL D 611 -29.74 7.21 -50.52
N ALA D 612 -28.90 6.21 -50.78
CA ALA D 612 -29.25 4.81 -50.64
C ALA D 612 -28.28 4.15 -49.66
N VAL D 613 -28.78 3.21 -48.87
CA VAL D 613 -28.01 2.56 -47.82
C VAL D 613 -27.84 1.10 -48.17
N LEU D 614 -26.60 0.61 -48.09
CA LEU D 614 -26.28 -0.78 -48.35
C LEU D 614 -25.86 -1.44 -47.04
N TYR D 615 -26.70 -2.35 -46.55
CA TYR D 615 -26.37 -3.15 -45.37
C TYR D 615 -25.59 -4.38 -45.84
N GLN D 616 -24.27 -4.33 -45.67
CA GLN D 616 -23.40 -5.35 -46.25
C GLN D 616 -23.53 -6.67 -45.50
N GLY D 617 -23.67 -7.75 -46.27
CA GLY D 617 -23.66 -9.09 -45.72
C GLY D 617 -24.83 -9.43 -44.83
N VAL D 618 -26.06 -9.20 -45.30
CA VAL D 618 -27.25 -9.50 -44.51
C VAL D 618 -28.43 -9.61 -45.47
N ASN D 619 -29.36 -10.52 -45.13
CA ASN D 619 -30.59 -10.65 -45.90
C ASN D 619 -31.52 -9.48 -45.58
N CYS D 620 -32.34 -9.11 -46.58
CA CYS D 620 -33.28 -8.01 -46.37
C CYS D 620 -34.34 -8.36 -45.34
N THR D 621 -34.63 -9.65 -45.15
CA THR D 621 -35.62 -10.04 -44.16
C THR D 621 -35.15 -9.72 -42.75
N GLU D 622 -33.88 -9.97 -42.45
CA GLU D 622 -33.34 -9.65 -41.14
C GLU D 622 -33.35 -8.15 -40.89
N VAL D 623 -33.05 -7.35 -41.92
CA VAL D 623 -33.09 -5.90 -41.77
C VAL D 623 -34.52 -5.44 -41.54
N SER D 624 -35.49 -6.03 -42.25
CA SER D 624 -36.89 -5.66 -42.05
C SER D 624 -37.34 -6.01 -40.64
N VAL D 625 -36.91 -7.16 -40.12
CA VAL D 625 -37.27 -7.55 -38.77
C VAL D 625 -36.64 -6.61 -37.74
N ALA D 626 -35.38 -6.25 -37.95
CA ALA D 626 -34.68 -5.35 -37.04
C ALA D 626 -35.12 -3.90 -37.18
N ILE D 627 -35.86 -3.56 -38.23
CA ILE D 627 -36.44 -2.22 -38.36
C ILE D 627 -37.85 -2.17 -37.79
N HIS D 628 -38.64 -3.22 -38.03
CA HIS D 628 -40.00 -3.26 -37.48
C HIS D 628 -39.98 -3.22 -35.97
N ALA D 629 -39.18 -4.07 -35.34
CA ALA D 629 -38.88 -3.99 -33.92
C ALA D 629 -37.57 -3.25 -33.74
N ASP D 630 -37.53 -2.31 -32.79
CA ASP D 630 -36.38 -1.42 -32.66
C ASP D 630 -35.18 -2.18 -32.12
N GLN D 631 -34.41 -2.79 -33.02
CA GLN D 631 -33.24 -3.57 -32.64
C GLN D 631 -31.97 -3.21 -33.41
N LEU D 632 -32.07 -2.39 -34.46
CA LEU D 632 -30.90 -2.07 -35.28
C LEU D 632 -30.09 -0.95 -34.63
N THR D 633 -28.77 -1.08 -34.69
CA THR D 633 -27.90 -0.11 -34.02
C THR D 633 -28.00 1.29 -34.61
N PRO D 634 -27.91 1.50 -35.93
CA PRO D 634 -28.10 2.87 -36.45
C PRO D 634 -29.51 3.35 -36.21
N THR D 635 -29.63 4.43 -35.44
CA THR D 635 -30.94 4.94 -35.06
C THR D 635 -31.73 5.43 -36.28
N TRP D 636 -31.06 5.95 -37.29
CA TRP D 636 -31.75 6.42 -38.48
C TRP D 636 -32.29 5.23 -39.27
N ARG D 637 -33.46 5.42 -39.88
CA ARG D 637 -34.13 4.37 -40.65
C ARG D 637 -34.58 4.96 -41.97
N VAL D 638 -34.27 4.26 -43.06
CA VAL D 638 -34.69 4.70 -44.39
C VAL D 638 -36.12 4.26 -44.64
N TYR D 639 -36.92 5.16 -45.20
CA TYR D 639 -38.32 4.88 -45.45
C TYR D 639 -38.47 3.84 -46.55
N SER D 640 -39.05 2.68 -46.21
CA SER D 640 -39.29 1.62 -47.18
C SER D 640 -40.63 1.89 -47.85
N THR D 641 -40.58 2.52 -49.02
CA THR D 641 -41.77 2.88 -49.77
C THR D 641 -42.30 1.75 -50.63
N GLY D 642 -41.67 0.58 -50.60
CA GLY D 642 -42.06 -0.52 -51.46
C GLY D 642 -41.32 -0.49 -52.77
N SER D 643 -40.88 -1.66 -53.23
CA SER D 643 -40.07 -1.81 -54.45
C SER D 643 -38.77 -1.04 -54.39
N ASN D 644 -38.35 -0.60 -53.21
CA ASN D 644 -37.07 0.09 -53.03
C ASN D 644 -36.11 -0.70 -52.17
N VAL D 645 -36.52 -1.85 -51.65
CA VAL D 645 -35.66 -2.74 -50.85
C VAL D 645 -35.31 -3.93 -51.72
N PHE D 646 -34.06 -3.98 -52.19
CA PHE D 646 -33.59 -5.02 -53.09
C PHE D 646 -32.46 -5.80 -52.44
N GLN D 647 -32.48 -7.12 -52.62
CA GLN D 647 -31.48 -8.00 -52.03
C GLN D 647 -30.40 -8.30 -53.07
N THR D 648 -29.19 -7.87 -52.79
CA THR D 648 -28.02 -8.16 -53.62
C THR D 648 -27.13 -9.17 -52.90
N ARG D 649 -26.18 -9.73 -53.67
CA ARG D 649 -25.22 -10.65 -53.07
C ARG D 649 -24.23 -9.93 -52.16
N ALA D 650 -24.11 -8.61 -52.30
CA ALA D 650 -23.28 -7.83 -51.39
C ALA D 650 -24.01 -7.40 -50.13
N GLY D 651 -25.33 -7.44 -50.14
CA GLY D 651 -26.11 -7.06 -48.99
C GLY D 651 -27.47 -6.54 -49.41
N CYS D 652 -28.22 -6.04 -48.43
CA CYS D 652 -29.54 -5.48 -48.67
C CYS D 652 -29.41 -4.00 -49.03
N LEU D 653 -30.03 -3.62 -50.14
CA LEU D 653 -29.97 -2.25 -50.64
C LEU D 653 -31.33 -1.60 -50.41
N ILE D 654 -31.33 -0.51 -49.64
CA ILE D 654 -32.54 0.23 -49.31
C ILE D 654 -32.36 1.67 -49.78
N GLY D 655 -33.34 2.18 -50.52
CA GLY D 655 -33.30 3.53 -51.04
C GLY D 655 -33.17 3.63 -52.54
N ALA D 656 -32.96 2.51 -53.23
CA ALA D 656 -32.82 2.50 -54.68
C ALA D 656 -33.69 1.39 -55.27
N GLU D 657 -34.25 1.66 -56.45
CA GLU D 657 -35.07 0.68 -57.16
C GLU D 657 -34.23 -0.06 -58.18
N TYR D 658 -34.50 -1.35 -58.32
CA TYR D 658 -33.76 -2.21 -59.24
C TYR D 658 -34.49 -2.27 -60.58
N VAL D 659 -33.80 -1.86 -61.64
CA VAL D 659 -34.34 -1.89 -62.99
C VAL D 659 -33.71 -3.05 -63.74
N ASN D 660 -34.42 -3.55 -64.75
CA ASN D 660 -33.93 -4.64 -65.57
C ASN D 660 -33.02 -4.18 -66.70
N ASN D 661 -32.91 -2.88 -66.95
CA ASN D 661 -32.05 -2.36 -68.00
C ASN D 661 -30.61 -2.28 -67.50
N SER D 662 -29.68 -2.72 -68.35
CA SER D 662 -28.26 -2.70 -68.01
C SER D 662 -27.63 -1.42 -68.54
N TYR D 663 -26.82 -0.77 -67.70
CA TYR D 663 -26.11 0.44 -68.05
C TYR D 663 -24.65 0.30 -67.64
N GLU D 664 -23.85 1.33 -67.95
CA GLU D 664 -22.47 1.35 -67.51
C GLU D 664 -22.40 1.63 -66.00
N CYS D 665 -21.47 0.97 -65.33
CA CYS D 665 -21.36 1.09 -63.88
C CYS D 665 -20.94 2.51 -63.50
N ASP D 666 -21.77 3.19 -62.71
CA ASP D 666 -21.47 4.53 -62.22
C ASP D 666 -20.96 4.49 -60.78
N ILE D 667 -21.75 3.92 -59.88
CA ILE D 667 -21.34 3.78 -58.48
C ILE D 667 -21.27 2.29 -58.16
N PRO D 668 -20.07 1.74 -57.98
CA PRO D 668 -19.94 0.28 -57.74
C PRO D 668 -20.48 -0.10 -56.37
N ILE D 669 -21.48 -0.99 -56.36
CA ILE D 669 -22.04 -1.51 -55.13
C ILE D 669 -21.41 -2.85 -54.76
N GLY D 670 -21.32 -3.76 -55.71
CA GLY D 670 -20.72 -5.07 -55.49
C GLY D 670 -21.53 -6.17 -56.14
N ALA D 671 -20.84 -7.27 -56.47
CA ALA D 671 -21.47 -8.45 -57.08
C ALA D 671 -22.17 -8.10 -58.39
N GLY D 672 -21.54 -7.24 -59.19
CA GLY D 672 -22.07 -6.88 -60.48
C GLY D 672 -23.18 -5.87 -60.48
N VAL D 673 -23.59 -5.38 -59.31
CA VAL D 673 -24.66 -4.39 -59.20
C VAL D 673 -24.02 -3.01 -59.01
N CYS D 674 -24.52 -2.02 -59.75
CA CYS D 674 -24.07 -0.65 -59.60
C CYS D 674 -25.27 0.27 -59.53
N ALA D 675 -25.06 1.48 -59.01
CA ALA D 675 -26.11 2.45 -58.81
C ALA D 675 -25.85 3.69 -59.66
N SER D 676 -26.93 4.40 -59.96
CA SER D 676 -26.85 5.63 -60.76
C SER D 676 -28.04 6.50 -60.42
N TYR D 677 -27.93 7.77 -60.79
CA TYR D 677 -28.97 8.77 -60.56
C TYR D 677 -29.53 9.19 -61.92
N GLN D 678 -30.63 8.57 -62.31
CA GLN D 678 -31.21 8.79 -63.63
C GLN D 678 -32.68 9.21 -63.49
N THR D 679 -33.21 9.80 -64.56
CA THR D 679 -34.58 10.23 -64.58
C THR D 679 -35.51 9.07 -64.93
N GLN D 680 -36.71 9.10 -64.37
CA GLN D 680 -37.70 8.05 -64.62
C GLN D 680 -39.02 8.65 -65.10
N SER D 692 -39.69 12.18 -62.62
CA SER D 692 -38.92 12.21 -61.39
C SER D 692 -37.54 11.57 -61.59
N GLN D 693 -36.55 12.07 -60.86
CA GLN D 693 -35.18 11.58 -60.94
C GLN D 693 -34.77 11.03 -59.58
N SER D 694 -34.43 9.75 -59.53
CA SER D 694 -34.09 9.08 -58.28
C SER D 694 -32.89 8.17 -58.50
N ILE D 695 -32.50 7.46 -57.45
CA ILE D 695 -31.37 6.54 -57.49
C ILE D 695 -31.88 5.18 -57.92
N ILE D 696 -31.29 4.62 -58.98
CA ILE D 696 -31.70 3.33 -59.50
C ILE D 696 -30.55 2.34 -59.37
N ALA D 697 -30.89 1.07 -59.23
CA ALA D 697 -29.92 -0.02 -59.16
C ALA D 697 -30.09 -0.91 -60.39
N TYR D 698 -28.97 -1.45 -60.87
CA TYR D 698 -28.98 -2.25 -62.07
C TYR D 698 -27.74 -3.13 -62.11
N THR D 699 -27.80 -4.15 -62.97
CA THR D 699 -26.63 -4.98 -63.23
C THR D 699 -25.78 -4.31 -64.30
N MET D 700 -24.50 -4.10 -63.99
CA MET D 700 -23.63 -3.37 -64.90
C MET D 700 -23.40 -4.16 -66.18
N SER D 701 -23.40 -3.46 -67.31
CA SER D 701 -23.14 -4.06 -68.60
C SER D 701 -21.65 -3.94 -68.94
N LEU D 702 -21.11 -5.00 -69.52
CA LEU D 702 -19.69 -5.02 -69.88
C LEU D 702 -19.41 -4.35 -71.22
N GLY D 703 -20.44 -3.95 -71.96
CA GLY D 703 -20.26 -3.33 -73.24
C GLY D 703 -21.26 -3.82 -74.27
N ALA D 704 -21.21 -3.26 -75.47
CA ALA D 704 -22.11 -3.66 -76.55
C ALA D 704 -21.53 -4.84 -77.32
N GLU D 705 -22.42 -5.72 -77.77
CA GLU D 705 -22.01 -6.88 -78.54
C GLU D 705 -21.73 -6.47 -79.99
N ASN D 706 -20.58 -6.89 -80.50
CA ASN D 706 -20.15 -6.54 -81.85
C ASN D 706 -20.50 -7.59 -82.89
N SER D 707 -20.29 -8.87 -82.58
CA SER D 707 -20.59 -9.98 -83.48
C SER D 707 -19.83 -9.82 -84.81
N VAL D 708 -18.50 -9.94 -84.70
CA VAL D 708 -17.64 -9.81 -85.87
C VAL D 708 -18.04 -10.83 -86.92
N ALA D 709 -18.21 -10.37 -88.16
CA ALA D 709 -18.65 -11.22 -89.26
C ALA D 709 -17.46 -12.04 -89.76
N TYR D 710 -17.23 -13.17 -89.10
CA TYR D 710 -16.15 -14.05 -89.50
C TYR D 710 -16.60 -14.95 -90.65
N SER D 711 -15.69 -15.18 -91.60
CA SER D 711 -15.97 -16.04 -92.74
C SER D 711 -14.67 -16.69 -93.20
N ASN D 712 -14.80 -17.61 -94.15
CA ASN D 712 -13.64 -18.34 -94.65
C ASN D 712 -12.80 -17.49 -95.61
N ASN D 713 -13.42 -16.52 -96.29
CA ASN D 713 -12.69 -15.72 -97.26
C ASN D 713 -13.07 -14.24 -97.18
N SER D 714 -13.40 -13.75 -95.99
CA SER D 714 -13.76 -12.36 -95.79
C SER D 714 -12.71 -11.67 -94.92
N ILE D 715 -12.30 -10.48 -95.33
CA ILE D 715 -11.31 -9.69 -94.60
C ILE D 715 -11.75 -8.23 -94.61
N ALA D 716 -11.37 -7.52 -93.54
CA ALA D 716 -11.66 -6.09 -93.40
C ALA D 716 -10.35 -5.33 -93.40
N ILE D 717 -10.24 -4.34 -94.28
CA ILE D 717 -9.05 -3.51 -94.41
C ILE D 717 -9.47 -2.06 -94.27
N PRO D 718 -8.82 -1.28 -93.41
CA PRO D 718 -9.21 0.13 -93.26
C PRO D 718 -8.78 0.97 -94.46
N THR D 719 -9.67 1.87 -94.88
CA THR D 719 -9.39 2.78 -95.97
C THR D 719 -8.89 4.14 -95.52
N ASN D 720 -9.04 4.47 -94.24
CA ASN D 720 -8.58 5.73 -93.69
C ASN D 720 -7.96 5.46 -92.33
N PHE D 721 -7.58 6.53 -91.63
CA PHE D 721 -6.96 6.41 -90.32
C PHE D 721 -7.27 7.65 -89.50
N THR D 722 -6.94 7.58 -88.21
CA THR D 722 -7.16 8.67 -87.28
C THR D 722 -5.95 8.78 -86.36
N ILE D 723 -5.38 9.98 -86.27
CA ILE D 723 -4.25 10.23 -85.37
C ILE D 723 -4.81 10.50 -83.98
N SER D 724 -4.51 9.60 -83.05
CA SER D 724 -5.03 9.68 -81.68
C SER D 724 -3.91 10.02 -80.72
N VAL D 725 -4.17 10.98 -79.84
CA VAL D 725 -3.23 11.37 -78.78
C VAL D 725 -3.91 11.13 -77.44
N THR D 726 -3.34 10.23 -76.65
CA THR D 726 -3.88 9.87 -75.34
C THR D 726 -2.89 10.26 -74.26
N THR D 727 -3.42 10.64 -73.10
CA THR D 727 -2.62 11.06 -71.97
C THR D 727 -2.43 9.91 -70.99
N GLU D 728 -1.25 9.86 -70.38
CA GLU D 728 -0.95 8.88 -69.34
C GLU D 728 -0.18 9.58 -68.23
N ILE D 729 -0.67 9.46 -67.00
CA ILE D 729 -0.09 10.13 -65.86
C ILE D 729 0.44 9.08 -64.88
N LEU D 730 1.69 9.25 -64.46
CA LEU D 730 2.32 8.31 -63.55
C LEU D 730 3.05 9.09 -62.45
N PRO D 731 2.85 8.75 -61.18
CA PRO D 731 3.62 9.41 -60.12
C PRO D 731 5.08 8.98 -60.15
N VAL D 732 5.97 9.94 -59.93
CA VAL D 732 7.41 9.69 -60.03
C VAL D 732 8.08 9.87 -58.68
N SER D 733 7.55 10.76 -57.86
CA SER D 733 8.22 11.11 -56.61
C SER D 733 7.18 11.43 -55.53
N MET D 734 7.66 11.44 -54.30
CA MET D 734 6.86 11.78 -53.12
C MET D 734 7.48 13.00 -52.44
N THR D 735 6.88 13.37 -51.30
CA THR D 735 7.42 14.45 -50.48
C THR D 735 8.44 13.87 -49.51
N LYS D 736 9.69 14.32 -49.62
CA LYS D 736 10.75 13.84 -48.74
C LYS D 736 10.56 14.43 -47.35
N THR D 737 10.27 13.57 -46.38
CA THR D 737 9.94 13.99 -45.02
C THR D 737 11.03 13.55 -44.06
N SER D 738 11.46 14.47 -43.20
CA SER D 738 12.41 14.18 -42.14
C SER D 738 11.72 14.41 -40.79
N VAL D 739 11.88 13.45 -39.89
CA VAL D 739 11.21 13.49 -38.59
C VAL D 739 12.27 13.47 -37.50
N ASP D 740 12.25 14.47 -36.63
CA ASP D 740 13.08 14.48 -35.43
C ASP D 740 12.33 13.69 -34.37
N CYS D 741 12.79 12.46 -34.14
CA CYS D 741 12.08 11.56 -33.22
C CYS D 741 12.04 12.13 -31.81
N THR D 742 13.14 12.74 -31.37
CA THR D 742 13.17 13.32 -30.03
C THR D 742 12.20 14.50 -29.92
N MET D 743 12.20 15.39 -30.91
CA MET D 743 11.30 16.53 -30.89
C MET D 743 9.84 16.11 -30.96
N TYR D 744 9.56 15.00 -31.65
CA TYR D 744 8.18 14.53 -31.77
C TYR D 744 7.70 13.84 -30.50
N ILE D 745 8.51 12.92 -29.97
CA ILE D 745 8.07 12.13 -28.81
C ILE D 745 8.12 12.97 -27.54
N CYS D 746 9.13 13.82 -27.39
CA CYS D 746 9.32 14.58 -26.15
C CYS D 746 9.23 16.08 -26.33
N GLY D 747 9.83 16.64 -27.38
CA GLY D 747 9.85 18.08 -27.54
C GLY D 747 11.03 18.72 -26.85
N ASP D 748 10.78 19.32 -25.69
CA ASP D 748 11.83 19.97 -24.91
C ASP D 748 12.00 19.36 -23.52
N SER D 749 11.38 18.21 -23.26
CA SER D 749 11.48 17.58 -21.95
C SER D 749 12.75 16.74 -21.87
N THR D 750 13.51 16.90 -20.79
CA THR D 750 14.75 16.17 -20.61
C THR D 750 14.54 14.79 -20.00
N GLU D 751 13.59 14.67 -19.06
CA GLU D 751 13.29 13.37 -18.48
C GLU D 751 12.73 12.41 -19.54
N CYS D 752 11.86 12.93 -20.41
CA CYS D 752 11.33 12.12 -21.50
C CYS D 752 12.44 11.65 -22.42
N SER D 753 13.43 12.52 -22.69
CA SER D 753 14.54 12.12 -23.54
C SER D 753 15.40 11.05 -22.86
N ASN D 754 15.66 11.21 -21.56
CA ASN D 754 16.43 10.21 -20.83
C ASN D 754 15.70 8.86 -20.79
N LEU D 755 14.37 8.88 -20.74
CA LEU D 755 13.63 7.63 -20.77
C LEU D 755 13.59 7.03 -22.17
N LEU D 756 13.54 7.88 -23.20
CA LEU D 756 13.56 7.40 -24.57
C LEU D 756 14.91 6.80 -24.94
N LEU D 757 15.98 7.27 -24.29
CA LEU D 757 17.30 6.69 -24.55
C LEU D 757 17.37 5.21 -24.18
N GLN D 758 16.46 4.72 -23.34
CA GLN D 758 16.46 3.32 -22.93
C GLN D 758 15.73 2.41 -23.91
N TYR D 759 15.21 2.93 -25.01
CA TYR D 759 14.47 2.13 -25.98
C TYR D 759 15.33 1.64 -27.13
N GLY D 760 16.63 1.97 -27.14
CA GLY D 760 17.52 1.47 -28.18
C GLY D 760 17.71 2.41 -29.34
N SER D 761 17.92 1.86 -30.53
CA SER D 761 18.19 2.64 -31.73
C SER D 761 16.98 2.70 -32.66
N PHE D 762 15.76 2.76 -32.11
CA PHE D 762 14.57 2.89 -32.94
C PHE D 762 14.56 4.22 -33.68
N CYS D 763 14.96 5.29 -33.00
CA CYS D 763 15.02 6.60 -33.66
C CYS D 763 16.04 6.59 -34.78
N THR D 764 17.18 5.92 -34.58
CA THR D 764 18.18 5.81 -35.64
C THR D 764 17.63 5.04 -36.83
N GLN D 765 16.91 3.94 -36.58
CA GLN D 765 16.30 3.19 -37.68
C GLN D 765 15.29 4.04 -38.43
N LEU D 766 14.46 4.81 -37.71
CA LEU D 766 13.47 5.65 -38.36
C LEU D 766 14.14 6.72 -39.23
N LYS D 767 15.17 7.37 -38.68
CA LYS D 767 15.88 8.40 -39.44
C LYS D 767 16.55 7.80 -40.68
N ARG D 768 17.15 6.62 -40.54
CA ARG D 768 17.79 5.97 -41.66
C ARG D 768 16.78 5.60 -42.74
N ALA D 769 15.61 5.10 -42.33
CA ALA D 769 14.58 4.75 -43.30
C ALA D 769 14.07 5.98 -44.03
N LEU D 770 13.87 7.10 -43.31
CA LEU D 770 13.40 8.31 -43.97
C LEU D 770 14.45 8.86 -44.93
N THR D 771 15.73 8.82 -44.53
CA THR D 771 16.78 9.28 -45.43
C THR D 771 16.85 8.40 -46.68
N GLY D 772 16.70 7.08 -46.50
CA GLY D 772 16.67 6.19 -47.66
C GLY D 772 15.50 6.49 -48.58
N ILE D 773 14.33 6.79 -48.00
CA ILE D 773 13.17 7.13 -48.82
C ILE D 773 13.43 8.40 -49.61
N ALA D 774 14.03 9.42 -48.97
CA ALA D 774 14.31 10.67 -49.68
C ALA D 774 15.31 10.45 -50.81
N VAL D 775 16.39 9.72 -50.54
CA VAL D 775 17.38 9.44 -51.57
C VAL D 775 16.75 8.64 -52.70
N GLU D 776 15.83 7.73 -52.37
CA GLU D 776 15.15 6.94 -53.39
C GLU D 776 14.24 7.80 -54.26
N GLN D 777 13.55 8.77 -53.67
CA GLN D 777 12.73 9.68 -54.46
C GLN D 777 13.58 10.50 -55.41
N ASP D 778 14.71 11.01 -54.91
CA ASP D 778 15.63 11.76 -55.77
C ASP D 778 16.15 10.88 -56.91
N LYS D 779 16.51 9.63 -56.60
CA LYS D 779 17.03 8.72 -57.62
C LYS D 779 15.96 8.39 -58.65
N ASN D 780 14.70 8.24 -58.21
CA ASN D 780 13.62 7.99 -59.15
C ASN D 780 13.41 9.17 -60.09
N THR D 781 13.40 10.38 -59.54
CA THR D 781 13.27 11.56 -60.39
C THR D 781 14.41 11.64 -61.40
N GLN D 782 15.63 11.36 -60.96
CA GLN D 782 16.78 11.41 -61.86
C GLN D 782 16.67 10.35 -62.95
N GLU D 783 16.28 9.13 -62.59
CA GLU D 783 16.17 8.06 -63.58
C GLU D 783 15.03 8.31 -64.56
N VAL D 784 13.98 9.01 -64.14
CA VAL D 784 12.87 9.26 -65.04
C VAL D 784 13.17 10.42 -65.98
N PHE D 785 13.66 11.54 -65.45
CA PHE D 785 13.82 12.74 -66.26
C PHE D 785 15.22 12.94 -66.81
N ALA D 786 16.26 12.56 -66.07
CA ALA D 786 17.63 12.77 -66.53
C ALA D 786 18.14 11.55 -67.31
N GLN D 787 17.58 11.38 -68.51
CA GLN D 787 17.96 10.30 -69.40
C GLN D 787 18.78 10.77 -70.60
N VAL D 788 18.98 12.07 -70.74
CA VAL D 788 19.79 12.64 -71.81
C VAL D 788 21.01 13.31 -71.20
N LYS D 789 22.14 13.22 -71.89
CA LYS D 789 23.38 13.83 -71.42
C LYS D 789 23.52 15.28 -71.87
N GLN D 790 22.86 15.66 -72.96
CA GLN D 790 22.93 17.02 -73.49
C GLN D 790 21.54 17.64 -73.51
N ILE D 791 21.51 18.95 -73.33
CA ILE D 791 20.26 19.72 -73.31
C ILE D 791 20.02 20.21 -74.74
N TYR D 792 19.20 19.48 -75.49
CA TYR D 792 18.91 19.84 -76.87
C TYR D 792 17.95 21.02 -76.93
N LYS D 793 18.20 21.92 -77.87
CA LYS D 793 17.40 23.12 -78.04
C LYS D 793 16.69 23.09 -79.38
N THR D 794 15.48 23.66 -79.40
CA THR D 794 14.71 23.75 -80.63
C THR D 794 15.27 24.84 -81.53
N PRO D 795 15.17 24.67 -82.85
CA PRO D 795 15.65 25.71 -83.78
C PRO D 795 14.80 26.96 -83.67
N PRO D 796 15.32 28.11 -84.10
CA PRO D 796 14.53 29.34 -84.01
C PRO D 796 13.25 29.31 -84.84
N ILE D 797 13.26 28.58 -85.96
CA ILE D 797 12.07 28.42 -86.78
C ILE D 797 11.34 27.15 -86.33
N LYS D 798 10.05 27.30 -86.01
CA LYS D 798 9.25 26.21 -85.47
C LYS D 798 8.40 25.53 -86.52
N TYR D 799 8.88 25.47 -87.76
CA TYR D 799 8.17 24.76 -88.82
C TYR D 799 8.66 23.32 -88.88
N PHE D 800 7.75 22.38 -88.68
CA PHE D 800 8.06 20.95 -88.69
C PHE D 800 7.13 20.21 -89.64
N GLY D 801 6.93 20.77 -90.82
CA GLY D 801 6.09 20.15 -91.82
C GLY D 801 4.61 20.30 -91.58
N GLY D 802 4.19 21.30 -90.81
CA GLY D 802 2.79 21.49 -90.50
C GLY D 802 2.38 21.05 -89.11
N PHE D 803 3.21 20.30 -88.42
CA PHE D 803 2.91 19.84 -87.07
C PHE D 803 3.18 20.97 -86.09
N ASN D 804 2.18 21.32 -85.29
CA ASN D 804 2.27 22.42 -84.33
C ASN D 804 2.58 21.85 -82.96
N PHE D 805 3.75 22.20 -82.43
CA PHE D 805 4.17 21.75 -81.10
C PHE D 805 4.17 22.89 -80.08
N SER D 806 3.52 24.01 -80.40
CA SER D 806 3.55 25.17 -79.51
C SER D 806 2.91 24.86 -78.16
N GLN D 807 1.96 23.94 -78.12
CA GLN D 807 1.30 23.60 -76.88
C GLN D 807 2.17 22.73 -75.97
N ILE D 808 3.17 22.05 -76.53
CA ILE D 808 4.07 21.23 -75.74
C ILE D 808 5.48 21.81 -75.62
N LEU D 809 5.86 22.72 -76.52
CA LEU D 809 7.16 23.36 -76.42
C LEU D 809 7.16 24.43 -75.34
N PRO D 810 8.31 24.72 -74.73
CA PRO D 810 8.36 25.72 -73.67
C PRO D 810 8.01 27.10 -74.19
N ASP D 811 7.20 27.83 -73.41
CA ASP D 811 6.79 29.18 -73.78
C ASP D 811 7.73 30.18 -73.14
N PRO D 812 8.55 30.90 -73.92
CA PRO D 812 9.48 31.85 -73.32
C PRO D 812 8.82 33.12 -72.79
N SER D 813 7.53 33.33 -73.06
CA SER D 813 6.85 34.52 -72.58
C SER D 813 6.71 34.51 -71.07
N LYS D 814 6.29 33.38 -70.50
CA LYS D 814 6.13 33.28 -69.06
C LYS D 814 7.48 33.05 -68.39
N PRO D 815 7.62 33.48 -67.13
CA PRO D 815 8.91 33.30 -66.44
C PRO D 815 9.35 31.85 -66.35
N SER D 816 8.46 30.97 -65.90
CA SER D 816 8.78 29.54 -65.89
C SER D 816 8.76 29.00 -67.31
N LYS D 817 9.88 28.42 -67.74
CA LYS D 817 10.03 27.94 -69.11
C LYS D 817 9.27 26.61 -69.30
N ARG D 818 7.96 26.68 -69.09
CA ARG D 818 7.08 25.54 -69.25
C ARG D 818 6.12 25.77 -70.42
N SER D 819 5.58 24.66 -70.93
CA SER D 819 4.62 24.72 -72.00
C SER D 819 3.24 25.08 -71.46
N PRO D 820 2.31 25.49 -72.33
CA PRO D 820 0.93 25.72 -71.86
C PRO D 820 0.32 24.49 -71.19
N ILE D 821 0.57 23.30 -71.75
CA ILE D 821 0.06 22.08 -71.12
C ILE D 821 0.72 21.87 -69.77
N GLU D 822 2.04 22.09 -69.68
CA GLU D 822 2.72 21.97 -68.40
C GLU D 822 2.22 22.99 -67.39
N ASP D 823 1.91 24.20 -67.87
CA ASP D 823 1.36 25.22 -66.96
C ASP D 823 -0.02 24.81 -66.45
N LEU D 824 -0.85 24.26 -67.32
CA LEU D 824 -2.16 23.78 -66.88
C LEU D 824 -2.02 22.64 -65.88
N LEU D 825 -1.08 21.73 -66.12
CA LEU D 825 -0.86 20.62 -65.19
C LEU D 825 -0.36 21.13 -63.84
N PHE D 826 0.51 22.13 -63.85
CA PHE D 826 1.01 22.71 -62.61
C PHE D 826 -0.08 23.44 -61.86
N ASN D 827 -1.01 24.08 -62.58
CA ASN D 827 -2.12 24.79 -61.92
C ASN D 827 -3.17 23.83 -61.39
N LYS D 828 -3.38 22.69 -62.06
CA LYS D 828 -4.43 21.76 -61.62
C LYS D 828 -4.05 21.05 -60.33
N VAL D 829 -2.75 20.86 -60.08
CA VAL D 829 -2.29 20.18 -58.87
C VAL D 829 -2.18 21.19 -57.75
N THR D 830 -2.92 20.96 -56.67
CA THR D 830 -2.90 21.86 -55.52
C THR D 830 -2.50 21.12 -54.26
N PHE D 858 3.66 19.76 -37.33
CA PHE D 858 4.94 20.44 -37.50
C PHE D 858 5.75 20.40 -36.21
N ASN D 859 5.52 19.35 -35.42
CA ASN D 859 6.25 19.14 -34.17
C ASN D 859 7.43 18.20 -34.40
N GLY D 860 8.42 18.73 -35.11
CA GLY D 860 9.60 17.96 -35.49
C GLY D 860 9.54 17.35 -36.86
N LEU D 861 8.48 17.61 -37.63
CA LEU D 861 8.35 17.07 -38.98
C LEU D 861 8.86 18.09 -39.98
N THR D 862 9.85 17.71 -40.77
CA THR D 862 10.48 18.58 -41.75
C THR D 862 10.29 18.01 -43.15
N VAL D 863 9.89 18.85 -44.10
CA VAL D 863 9.73 18.46 -45.48
C VAL D 863 10.98 18.89 -46.25
N LEU D 864 11.64 17.94 -46.89
CA LEU D 864 12.86 18.24 -47.62
C LEU D 864 12.54 18.59 -49.06
N PRO D 865 13.10 19.68 -49.60
CA PRO D 865 12.81 20.02 -50.99
C PRO D 865 13.55 19.09 -51.93
N PRO D 866 12.98 18.83 -53.11
CA PRO D 866 13.66 17.94 -54.06
C PRO D 866 14.97 18.55 -54.57
N LEU D 867 15.85 17.67 -55.04
CA LEU D 867 17.12 18.12 -55.59
C LEU D 867 16.91 18.89 -56.89
N LEU D 868 16.18 18.30 -57.84
CA LEU D 868 15.86 18.97 -59.10
C LEU D 868 14.62 19.82 -58.91
N THR D 869 14.74 21.11 -59.22
CA THR D 869 13.60 22.01 -59.13
C THR D 869 12.64 21.78 -60.31
N ASP D 870 11.46 22.40 -60.22
CA ASP D 870 10.50 22.30 -61.31
C ASP D 870 11.05 22.90 -62.59
N GLU D 871 11.87 23.95 -62.48
CA GLU D 871 12.49 24.54 -63.66
C GLU D 871 13.45 23.56 -64.33
N MET D 872 14.23 22.83 -63.52
CA MET D 872 15.17 21.86 -64.10
C MET D 872 14.44 20.68 -64.72
N ILE D 873 13.33 20.25 -64.11
CA ILE D 873 12.54 19.18 -64.69
C ILE D 873 11.91 19.63 -66.00
N ALA D 874 11.41 20.86 -66.04
CA ALA D 874 10.87 21.40 -67.28
C ALA D 874 11.94 21.53 -68.35
N GLN D 875 13.18 21.86 -67.95
CA GLN D 875 14.27 21.95 -68.91
C GLN D 875 14.64 20.58 -69.46
N TYR D 876 14.65 19.57 -68.59
CA TYR D 876 14.87 18.19 -69.05
C TYR D 876 13.78 17.76 -70.02
N THR D 877 12.52 18.09 -69.71
CA THR D 877 11.42 17.73 -70.60
C THR D 877 11.54 18.45 -71.94
N SER D 878 11.92 19.73 -71.92
CA SER D 878 12.10 20.48 -73.16
C SER D 878 13.24 19.92 -73.99
N ALA D 879 14.32 19.48 -73.33
CA ALA D 879 15.42 18.85 -74.05
C ALA D 879 14.99 17.54 -74.69
N LEU D 880 14.21 16.73 -73.95
CA LEU D 880 13.67 15.50 -74.51
C LEU D 880 12.81 15.79 -75.73
N LEU D 881 11.93 16.79 -75.63
CA LEU D 881 11.05 17.13 -76.74
C LEU D 881 11.84 17.63 -77.94
N ALA D 882 12.85 18.47 -77.71
CA ALA D 882 13.66 18.98 -78.81
C ALA D 882 14.42 17.85 -79.49
N GLY D 883 15.02 16.95 -78.71
CA GLY D 883 15.70 15.81 -79.30
C GLY D 883 14.77 14.93 -80.10
N THR D 884 13.55 14.72 -79.58
CA THR D 884 12.60 13.87 -80.29
C THR D 884 12.12 14.51 -81.59
N ILE D 885 11.90 15.83 -81.59
CA ILE D 885 11.39 16.47 -82.79
C ILE D 885 12.49 16.80 -83.80
N THR D 886 13.75 16.84 -83.38
CA THR D 886 14.84 17.15 -84.31
C THR D 886 15.60 15.92 -84.79
N SER D 887 15.72 14.88 -83.95
CA SER D 887 16.49 13.69 -84.30
C SER D 887 15.68 12.41 -84.24
N GLY D 888 14.49 12.42 -83.65
CA GLY D 888 13.67 11.23 -83.58
C GLY D 888 14.08 10.26 -82.49
N TRP D 889 14.68 9.14 -82.88
CA TRP D 889 15.11 8.10 -81.96
C TRP D 889 16.62 7.96 -81.91
N THR D 890 17.36 8.77 -82.66
CA THR D 890 18.82 8.60 -82.73
C THR D 890 19.51 9.16 -81.50
N PHE D 891 18.95 10.19 -80.87
CA PHE D 891 19.59 10.78 -79.71
C PHE D 891 19.52 9.88 -78.49
N GLY D 892 18.63 8.88 -78.49
CA GLY D 892 18.55 7.96 -77.38
C GLY D 892 19.58 6.83 -77.45
N ALA D 893 19.99 6.46 -78.65
CA ALA D 893 20.97 5.39 -78.82
C ALA D 893 22.39 5.91 -78.96
N GLY D 894 22.57 7.15 -79.40
CA GLY D 894 23.88 7.72 -79.58
C GLY D 894 23.82 9.21 -79.84
N PRO D 895 24.64 9.68 -80.77
CA PRO D 895 24.63 11.11 -81.11
C PRO D 895 23.33 11.50 -81.82
N ALA D 896 22.93 12.75 -81.61
CA ALA D 896 21.70 13.25 -82.22
C ALA D 896 21.92 13.49 -83.70
N LEU D 897 21.14 12.80 -84.53
CA LEU D 897 21.21 12.92 -85.98
C LEU D 897 19.96 13.63 -86.46
N GLN D 898 20.13 14.86 -86.96
CA GLN D 898 18.98 15.65 -87.38
C GLN D 898 18.27 15.00 -88.55
N ILE D 899 16.94 15.07 -88.51
CA ILE D 899 16.10 14.46 -89.55
C ILE D 899 14.85 15.32 -89.71
N PRO D 900 14.40 15.58 -90.94
CA PRO D 900 13.14 16.31 -91.11
C PRO D 900 11.98 15.54 -90.49
N PHE D 901 11.13 16.27 -89.75
CA PHE D 901 10.04 15.62 -89.05
C PHE D 901 9.06 14.89 -89.95
N PRO D 902 8.69 15.39 -91.14
CA PRO D 902 7.87 14.56 -92.04
C PRO D 902 8.52 13.23 -92.38
N MET D 903 9.85 13.20 -92.54
CA MET D 903 10.54 11.94 -92.80
C MET D 903 10.59 11.07 -91.55
N GLN D 904 10.74 11.69 -90.37
CA GLN D 904 10.73 10.93 -89.13
C GLN D 904 9.38 10.26 -88.91
N MET D 905 8.29 11.01 -89.11
CA MET D 905 6.97 10.41 -88.98
C MET D 905 6.70 9.38 -90.07
N ALA D 906 7.31 9.56 -91.25
CA ALA D 906 7.21 8.55 -92.29
C ALA D 906 7.88 7.25 -91.87
N TYR D 907 9.07 7.35 -91.27
CA TYR D 907 9.74 6.15 -90.80
C TYR D 907 8.98 5.51 -89.64
N ARG D 908 8.35 6.31 -88.79
CA ARG D 908 7.51 5.75 -87.73
C ARG D 908 6.27 5.07 -88.30
N PHE D 909 5.73 5.60 -89.40
CA PHE D 909 4.67 4.90 -90.12
C PHE D 909 5.18 3.59 -90.69
N ASN D 910 6.44 3.56 -91.14
CA ASN D 910 7.03 2.32 -91.63
C ASN D 910 7.18 1.28 -90.52
N GLY D 911 7.29 1.72 -89.26
CA GLY D 911 7.45 0.79 -88.16
C GLY D 911 6.17 0.08 -87.74
N ILE D 912 5.01 0.58 -88.16
CA ILE D 912 3.73 -0.02 -87.82
C ILE D 912 3.14 -0.81 -88.99
N GLY D 913 3.90 -0.99 -90.06
CA GLY D 913 3.44 -1.73 -91.21
C GLY D 913 2.75 -0.91 -92.28
N VAL D 914 2.88 0.40 -92.25
CA VAL D 914 2.28 1.29 -93.24
C VAL D 914 3.40 1.91 -94.06
N THR D 915 3.24 1.89 -95.39
CA THR D 915 4.25 2.46 -96.26
C THR D 915 4.29 3.98 -96.12
N GLN D 916 5.48 4.55 -96.37
CA GLN D 916 5.68 5.98 -96.17
C GLN D 916 4.97 6.82 -97.21
N ASN D 917 4.55 6.23 -98.33
CA ASN D 917 3.80 6.98 -99.34
C ASN D 917 2.46 7.45 -98.79
N VAL D 918 1.86 6.66 -97.89
CA VAL D 918 0.59 7.06 -97.29
C VAL D 918 0.74 8.36 -96.52
N LEU D 919 1.87 8.52 -95.82
CA LEU D 919 2.12 9.75 -95.09
C LEU D 919 2.53 10.89 -96.02
N TYR D 920 3.41 10.62 -96.98
CA TYR D 920 3.87 11.67 -97.88
C TYR D 920 2.76 12.18 -98.79
N GLU D 921 1.70 11.39 -99.01
CA GLU D 921 0.58 11.84 -99.82
C GLU D 921 -0.56 12.42 -99.00
N ASN D 922 -0.57 12.19 -97.69
CA ASN D 922 -1.57 12.72 -96.78
C ASN D 922 -0.93 13.49 -95.63
N GLN D 923 0.15 14.22 -95.94
CA GLN D 923 0.89 14.91 -94.89
C GLN D 923 0.07 16.02 -94.24
N LYS D 924 -0.65 16.79 -95.05
CA LYS D 924 -1.46 17.88 -94.51
C LYS D 924 -2.58 17.35 -93.62
N LEU D 925 -3.23 16.26 -94.05
CA LEU D 925 -4.30 15.67 -93.24
C LEU D 925 -3.75 15.15 -91.90
N ILE D 926 -2.60 14.49 -91.93
CA ILE D 926 -2.01 13.97 -90.70
C ILE D 926 -1.62 15.11 -89.77
N ALA D 927 -1.05 16.18 -90.34
CA ALA D 927 -0.68 17.33 -89.52
C ALA D 927 -1.92 17.98 -88.90
N ASN D 928 -3.00 18.11 -89.67
CA ASN D 928 -4.22 18.70 -89.13
C ASN D 928 -4.81 17.83 -88.03
N GLN D 929 -4.81 16.51 -88.22
CA GLN D 929 -5.31 15.61 -87.19
C GLN D 929 -4.47 15.69 -85.92
N PHE D 930 -3.15 15.75 -86.08
CA PHE D 930 -2.27 15.86 -84.91
C PHE D 930 -2.51 17.17 -84.17
N ASN D 931 -2.66 18.27 -84.91
CA ASN D 931 -2.92 19.56 -84.27
C ASN D 931 -4.27 19.56 -83.55
N SER D 932 -5.28 18.97 -84.17
CA SER D 932 -6.59 18.89 -83.53
C SER D 932 -6.54 18.06 -82.26
N ALA D 933 -5.79 16.95 -82.28
CA ALA D 933 -5.68 16.12 -81.10
C ALA D 933 -4.91 16.83 -79.98
N ILE D 934 -3.84 17.55 -80.34
CA ILE D 934 -3.10 18.31 -79.34
C ILE D 934 -3.98 19.39 -78.74
N GLY D 935 -4.81 20.03 -79.56
CA GLY D 935 -5.74 21.03 -79.04
C GLY D 935 -6.79 20.43 -78.11
N LYS D 936 -7.31 19.25 -78.48
CA LYS D 936 -8.31 18.60 -77.64
C LYS D 936 -7.72 18.06 -76.34
N ILE D 937 -6.41 17.79 -76.32
CA ILE D 937 -5.78 17.33 -75.08
C ILE D 937 -5.91 18.38 -73.98
N GLN D 938 -5.70 19.66 -74.34
CA GLN D 938 -5.82 20.73 -73.35
C GLN D 938 -7.24 20.82 -72.81
N ASP D 939 -8.24 20.68 -73.68
CA ASP D 939 -9.62 20.71 -73.23
C ASP D 939 -9.94 19.52 -72.33
N SER D 940 -9.39 18.34 -72.67
CA SER D 940 -9.62 17.16 -71.86
C SER D 940 -8.96 17.28 -70.49
N LEU D 941 -7.84 18.01 -70.41
CA LEU D 941 -7.18 18.22 -69.13
C LEU D 941 -7.72 19.42 -68.36
N PHE D 942 -8.22 20.44 -69.06
CA PHE D 942 -8.71 21.64 -68.38
C PHE D 942 -10.13 21.44 -67.86
N SER D 943 -10.95 20.68 -68.57
CA SER D 943 -12.34 20.49 -68.18
C SER D 943 -12.52 19.37 -67.17
N THR D 944 -11.81 18.25 -67.35
CA THR D 944 -11.95 17.11 -66.46
C THR D 944 -11.02 17.26 -65.27
N PRO D 945 -11.53 17.44 -64.05
CA PRO D 945 -10.62 17.59 -62.89
C PRO D 945 -10.05 16.28 -62.39
N SER D 946 -10.70 15.16 -62.66
CA SER D 946 -10.25 13.85 -62.18
C SER D 946 -9.20 13.21 -63.09
N ALA D 947 -8.68 13.96 -64.08
CA ALA D 947 -7.67 13.38 -64.96
C ALA D 947 -6.34 13.22 -64.24
N LEU D 948 -5.97 14.18 -63.39
CA LEU D 948 -4.74 14.13 -62.64
C LEU D 948 -4.92 13.53 -61.24
N GLY D 949 -5.84 12.58 -61.09
CA GLY D 949 -6.19 12.05 -59.79
C GLY D 949 -5.07 11.30 -59.10
N LYS D 950 -4.10 10.78 -59.85
CA LYS D 950 -3.05 9.97 -59.24
C LYS D 950 -2.08 10.83 -58.43
N LEU D 951 -1.57 11.91 -59.03
CA LEU D 951 -0.67 12.80 -58.31
C LEU D 951 -1.37 13.45 -57.13
N GLN D 952 -2.61 13.89 -57.33
CA GLN D 952 -3.38 14.49 -56.24
C GLN D 952 -3.62 13.49 -55.12
N ASP D 953 -3.87 12.22 -55.48
CA ASP D 953 -4.07 11.21 -54.46
C ASP D 953 -2.78 10.95 -53.68
N VAL D 954 -1.64 10.96 -54.36
CA VAL D 954 -0.37 10.79 -53.66
C VAL D 954 -0.14 11.94 -52.68
N VAL D 955 -0.36 13.18 -53.15
CA VAL D 955 -0.18 14.35 -52.29
C VAL D 955 -1.13 14.29 -51.10
N ASN D 956 -2.38 13.89 -51.34
CA ASN D 956 -3.36 13.83 -50.27
C ASN D 956 -3.02 12.73 -49.27
N HIS D 957 -2.52 11.60 -49.75
CA HIS D 957 -2.10 10.53 -48.83
C HIS D 957 -0.95 10.98 -47.96
N ASN D 958 0.04 11.65 -48.54
CA ASN D 958 1.16 12.15 -47.74
C ASN D 958 0.69 13.17 -46.72
N ALA D 959 -0.16 14.12 -47.14
CA ALA D 959 -0.65 15.14 -46.23
C ALA D 959 -1.50 14.53 -45.11
N GLN D 960 -2.31 13.53 -45.43
CA GLN D 960 -3.15 12.90 -44.42
C GLN D 960 -2.31 12.10 -43.44
N ALA D 961 -1.26 11.43 -43.93
CA ALA D 961 -0.35 10.73 -43.02
C ALA D 961 0.33 11.72 -42.07
N LEU D 962 0.77 12.86 -42.60
CA LEU D 962 1.39 13.87 -41.74
C LEU D 962 0.40 14.40 -40.71
N ASN D 963 -0.83 14.69 -41.14
CA ASN D 963 -1.83 15.22 -40.22
C ASN D 963 -2.19 14.21 -39.14
N THR D 964 -2.26 12.92 -39.52
CA THR D 964 -2.54 11.88 -38.53
C THR D 964 -1.38 11.75 -37.54
N LEU D 965 -0.15 11.82 -38.03
CA LEU D 965 1.01 11.75 -37.14
C LEU D 965 1.02 12.92 -36.17
N VAL D 966 0.60 14.10 -36.63
CA VAL D 966 0.55 15.27 -35.75
C VAL D 966 -0.57 15.13 -34.74
N LYS D 967 -1.74 14.65 -35.17
CA LYS D 967 -2.88 14.50 -34.26
C LYS D 967 -2.67 13.38 -33.26
N GLN D 968 -1.79 12.42 -33.55
CA GLN D 968 -1.49 11.37 -32.57
C GLN D 968 -0.82 11.93 -31.31
N LEU D 969 -0.29 13.14 -31.37
CA LEU D 969 0.30 13.76 -30.19
C LEU D 969 -0.77 14.17 -29.17
N SER D 970 -2.00 14.41 -29.61
CA SER D 970 -3.08 14.76 -28.71
C SER D 970 -3.66 13.56 -27.98
N SER D 971 -3.30 12.34 -28.36
CA SER D 971 -3.82 11.15 -27.72
C SER D 971 -3.10 10.91 -26.39
N LYS D 972 -3.84 10.32 -25.45
CA LYS D 972 -3.31 10.04 -24.12
C LYS D 972 -2.64 8.67 -24.03
N PHE D 973 -3.08 7.71 -24.85
CA PHE D 973 -2.53 6.36 -24.86
C PHE D 973 -2.63 5.71 -23.49
N GLY D 974 -3.73 5.97 -22.79
CA GLY D 974 -3.96 5.44 -21.46
C GLY D 974 -3.47 6.31 -20.33
N ALA D 975 -2.66 7.33 -20.61
CA ALA D 975 -2.16 8.21 -19.57
C ALA D 975 -3.25 9.20 -19.14
N ILE D 976 -2.96 9.93 -18.06
CA ILE D 976 -3.93 10.89 -17.54
C ILE D 976 -4.00 12.14 -18.43
N SER D 977 -2.92 12.47 -19.12
CA SER D 977 -2.90 13.63 -19.99
C SER D 977 -1.88 13.41 -21.10
N SER D 978 -2.05 14.17 -22.19
CA SER D 978 -1.13 14.11 -23.32
C SER D 978 -0.05 15.17 -23.26
N VAL D 979 -0.13 16.10 -22.31
CA VAL D 979 0.87 17.15 -22.16
C VAL D 979 1.93 16.67 -21.18
N LEU D 980 3.20 16.73 -21.59
CA LEU D 980 4.28 16.27 -20.73
C LEU D 980 4.49 17.22 -19.56
N ASN D 981 4.42 18.52 -19.80
CA ASN D 981 4.62 19.49 -18.71
C ASN D 981 3.52 19.39 -17.68
N ASP D 982 2.29 19.10 -18.11
CA ASP D 982 1.18 18.98 -17.18
C ASP D 982 1.38 17.81 -16.22
N ILE D 983 1.68 16.63 -16.76
CA ILE D 983 1.90 15.47 -15.91
C ILE D 983 3.21 15.57 -15.13
N LEU D 984 4.17 16.38 -15.60
CA LEU D 984 5.38 16.62 -14.83
C LEU D 984 5.10 17.53 -13.63
N SER D 985 4.22 18.51 -13.79
CA SER D 985 3.89 19.44 -12.73
C SER D 985 2.82 18.91 -11.78
N ARG D 986 2.05 17.91 -12.19
CA ARG D 986 1.00 17.37 -11.35
C ARG D 986 1.38 16.09 -10.60
N LEU D 987 2.38 15.36 -11.06
CA LEU D 987 2.77 14.10 -10.45
C LEU D 987 4.25 14.12 -10.06
N ASP D 988 4.61 13.20 -9.17
CA ASP D 988 5.99 13.04 -8.74
C ASP D 988 6.81 12.31 -9.81
N PRO D 989 8.12 12.54 -9.84
CA PRO D 989 8.97 11.87 -10.84
C PRO D 989 8.83 10.35 -10.81
N PRO D 990 8.76 9.70 -9.63
CA PRO D 990 8.57 8.24 -9.65
C PRO D 990 7.24 7.79 -10.23
N GLU D 991 6.16 8.53 -10.00
CA GLU D 991 4.83 8.14 -10.48
C GLU D 991 4.50 8.69 -11.85
N ALA D 992 5.12 9.81 -12.25
CA ALA D 992 4.92 10.30 -13.61
C ALA D 992 5.78 9.52 -14.60
N GLU D 993 6.66 8.67 -14.09
CA GLU D 993 7.55 7.87 -14.93
C GLU D 993 6.76 6.94 -15.83
N VAL D 994 5.73 6.27 -15.27
CA VAL D 994 4.94 5.33 -16.06
C VAL D 994 4.10 6.07 -17.09
N GLN D 995 3.62 7.26 -16.75
CA GLN D 995 2.88 8.06 -17.72
C GLN D 995 3.77 8.49 -18.88
N ILE D 996 4.98 8.96 -18.56
CA ILE D 996 5.94 9.30 -19.62
C ILE D 996 6.25 8.08 -20.46
N ASP D 997 6.40 6.93 -19.83
CA ASP D 997 6.74 5.71 -20.56
C ASP D 997 5.63 5.30 -21.52
N ARG D 998 4.38 5.37 -21.07
CA ARG D 998 3.29 4.98 -21.95
C ARG D 998 3.06 6.01 -23.06
N LEU D 999 3.26 7.30 -22.77
CA LEU D 999 3.21 8.29 -23.84
C LEU D 999 4.31 8.05 -24.87
N ILE D 1000 5.52 7.75 -24.42
CA ILE D 1000 6.62 7.45 -25.32
C ILE D 1000 6.31 6.22 -26.16
N THR D 1001 5.73 5.19 -25.54
CA THR D 1001 5.38 3.99 -26.27
C THR D 1001 4.34 4.28 -27.35
N GLY D 1002 3.29 5.03 -27.01
CA GLY D 1002 2.28 5.38 -27.99
C GLY D 1002 2.84 6.18 -29.15
N ARG D 1003 3.65 7.20 -28.84
CA ARG D 1003 4.21 8.04 -29.90
C ARG D 1003 5.21 7.26 -30.74
N LEU D 1004 5.96 6.34 -30.14
CA LEU D 1004 6.90 5.53 -30.91
C LEU D 1004 6.16 4.55 -31.82
N GLN D 1005 5.04 3.99 -31.34
CA GLN D 1005 4.23 3.15 -32.20
C GLN D 1005 3.64 3.94 -33.36
N SER D 1006 3.21 5.17 -33.10
CA SER D 1006 2.71 6.04 -34.17
C SER D 1006 3.80 6.32 -35.19
N LEU D 1007 5.01 6.63 -34.72
CA LEU D 1007 6.12 6.89 -35.65
C LEU D 1007 6.47 5.65 -36.46
N GLN D 1008 6.45 4.47 -35.82
CA GLN D 1008 6.77 3.24 -36.53
C GLN D 1008 5.72 2.94 -37.59
N THR D 1009 4.44 3.16 -37.27
CA THR D 1009 3.38 2.97 -38.25
C THR D 1009 3.53 3.93 -39.41
N TYR D 1010 3.84 5.20 -39.11
CA TYR D 1010 4.06 6.17 -40.17
C TYR D 1010 5.22 5.76 -41.07
N VAL D 1011 6.32 5.30 -40.48
CA VAL D 1011 7.48 4.92 -41.28
C VAL D 1011 7.19 3.69 -42.12
N THR D 1012 6.42 2.74 -41.58
CA THR D 1012 6.07 1.56 -42.36
C THR D 1012 5.17 1.92 -43.53
N GLN D 1013 4.17 2.76 -43.29
CA GLN D 1013 3.30 3.21 -44.38
C GLN D 1013 4.08 4.00 -45.43
N GLN D 1014 5.04 4.81 -44.98
CA GLN D 1014 5.86 5.57 -45.92
C GLN D 1014 6.75 4.64 -46.74
N LEU D 1015 7.27 3.58 -46.13
CA LEU D 1015 8.06 2.61 -46.87
C LEU D 1015 7.22 1.89 -47.92
N ILE D 1016 5.99 1.52 -47.57
CA ILE D 1016 5.12 0.83 -48.51
C ILE D 1016 4.77 1.76 -49.68
N ARG D 1017 4.39 3.00 -49.37
CA ARG D 1017 4.09 3.96 -50.44
C ARG D 1017 5.32 4.30 -51.26
N ALA D 1018 6.50 4.29 -50.65
CA ALA D 1018 7.72 4.56 -51.40
C ALA D 1018 8.05 3.41 -52.33
N ALA D 1019 7.78 2.18 -51.92
CA ALA D 1019 7.96 1.04 -52.82
C ALA D 1019 6.98 1.13 -53.99
N GLU D 1020 5.74 1.49 -53.72
CA GLU D 1020 4.76 1.66 -54.80
C GLU D 1020 5.20 2.76 -55.76
N ILE D 1021 5.65 3.89 -55.23
CA ILE D 1021 6.08 5.00 -56.08
C ILE D 1021 7.36 4.65 -56.83
N ARG D 1022 8.22 3.82 -56.24
CA ARG D 1022 9.42 3.37 -56.96
C ARG D 1022 9.05 2.47 -58.13
N ALA D 1023 8.08 1.58 -57.93
CA ALA D 1023 7.59 0.78 -59.04
C ALA D 1023 6.99 1.66 -60.13
N SER D 1024 6.19 2.65 -59.73
CA SER D 1024 5.60 3.56 -60.70
C SER D 1024 6.65 4.35 -61.45
N ALA D 1025 7.73 4.75 -60.76
CA ALA D 1025 8.78 5.54 -61.39
C ALA D 1025 9.62 4.68 -62.33
N ASN D 1026 9.86 3.41 -61.96
CA ASN D 1026 10.52 2.50 -62.89
C ASN D 1026 9.69 2.30 -64.13
N LEU D 1027 8.37 2.14 -63.97
CA LEU D 1027 7.49 2.03 -65.13
C LEU D 1027 7.53 3.30 -65.97
N ALA D 1028 7.55 4.47 -65.33
CA ALA D 1028 7.58 5.73 -66.06
C ALA D 1028 8.88 5.88 -66.84
N ALA D 1029 10.01 5.50 -66.24
CA ALA D 1029 11.29 5.59 -66.93
C ALA D 1029 11.34 4.60 -68.09
N THR D 1030 10.80 3.40 -67.90
CA THR D 1030 10.74 2.44 -68.99
C THR D 1030 9.89 2.97 -70.15
N LYS D 1031 8.74 3.55 -69.82
CA LYS D 1031 7.87 4.10 -70.88
C LYS D 1031 8.53 5.30 -71.55
N MET D 1032 9.24 6.13 -70.80
CA MET D 1032 10.01 7.21 -71.41
C MET D 1032 11.00 6.67 -72.42
N SER D 1033 11.83 5.71 -72.00
CA SER D 1033 12.86 5.17 -72.88
C SER D 1033 12.26 4.48 -74.10
N GLU D 1034 11.12 3.80 -73.94
CA GLU D 1034 10.59 2.97 -75.01
C GLU D 1034 9.54 3.66 -75.88
N CYS D 1035 9.03 4.81 -75.48
CA CYS D 1035 8.05 5.55 -76.28
C CYS D 1035 8.57 6.90 -76.75
N VAL D 1036 9.37 7.60 -75.95
CA VAL D 1036 9.90 8.89 -76.34
C VAL D 1036 11.21 8.76 -77.09
N LEU D 1037 12.12 7.93 -76.56
CA LEU D 1037 13.41 7.72 -77.20
C LEU D 1037 13.36 6.70 -78.33
N GLY D 1038 12.21 6.07 -78.56
CA GLY D 1038 12.09 5.11 -79.65
C GLY D 1038 10.65 4.76 -79.88
N GLN D 1039 10.44 3.88 -80.86
CA GLN D 1039 9.12 3.39 -81.23
C GLN D 1039 8.97 1.96 -80.71
N SER D 1040 7.94 1.73 -79.90
CA SER D 1040 7.74 0.44 -79.24
C SER D 1040 6.76 -0.42 -80.01
N LYS D 1041 7.07 -1.71 -80.09
CA LYS D 1041 6.18 -2.71 -80.68
C LYS D 1041 5.22 -3.30 -79.65
N ARG D 1042 5.36 -2.96 -78.38
CA ARG D 1042 4.51 -3.52 -77.34
C ARG D 1042 3.12 -2.92 -77.40
N VAL D 1043 2.10 -3.78 -77.45
CA VAL D 1043 0.73 -3.32 -77.57
C VAL D 1043 0.27 -2.72 -76.25
N ASP D 1044 -0.43 -1.58 -76.33
CA ASP D 1044 -1.02 -0.89 -75.19
C ASP D 1044 0.02 -0.43 -74.19
N PHE D 1045 1.30 -0.40 -74.57
CA PHE D 1045 2.36 0.09 -73.70
C PHE D 1045 2.62 1.58 -73.88
N CYS D 1046 2.48 2.08 -75.11
CA CYS D 1046 2.63 3.50 -75.38
C CYS D 1046 1.33 4.07 -75.94
N GLY D 1047 0.22 3.73 -75.31
CA GLY D 1047 -1.09 4.20 -75.74
C GLY D 1047 -1.89 3.13 -76.46
N LYS D 1048 -3.16 3.45 -76.68
CA LYS D 1048 -4.09 2.55 -77.36
C LYS D 1048 -3.95 2.76 -78.87
N GLY D 1049 -3.47 1.73 -79.56
CA GLY D 1049 -3.29 1.77 -81.00
C GLY D 1049 -1.84 1.51 -81.37
N TYR D 1050 -1.54 1.73 -82.65
CA TYR D 1050 -0.18 1.55 -83.17
C TYR D 1050 0.64 2.78 -82.78
N HIS D 1051 1.60 2.59 -81.88
CA HIS D 1051 2.37 3.70 -81.34
C HIS D 1051 3.27 4.31 -82.40
N LEU D 1052 3.12 5.62 -82.62
CA LEU D 1052 4.02 6.38 -83.48
C LEU D 1052 5.13 7.05 -82.69
N MET D 1053 4.77 7.91 -81.74
CA MET D 1053 5.73 8.60 -80.89
C MET D 1053 5.00 9.15 -79.68
N SER D 1054 5.78 9.50 -78.66
CA SER D 1054 5.23 10.03 -77.42
C SER D 1054 5.99 11.29 -77.03
N PHE D 1055 5.28 12.19 -76.33
CA PHE D 1055 5.85 13.45 -75.88
C PHE D 1055 5.70 13.55 -74.36
N PRO D 1056 6.80 13.67 -73.62
CA PRO D 1056 6.69 13.81 -72.17
C PRO D 1056 6.31 15.22 -71.75
N GLN D 1057 5.66 15.31 -70.59
CA GLN D 1057 5.28 16.59 -70.01
C GLN D 1057 5.52 16.54 -68.52
N SER D 1058 6.19 17.56 -67.98
CA SER D 1058 6.51 17.59 -66.56
C SER D 1058 5.25 17.91 -65.76
N ALA D 1059 5.10 17.21 -64.64
CA ALA D 1059 3.96 17.37 -63.75
C ALA D 1059 4.46 17.36 -62.30
N PRO D 1060 3.72 17.99 -61.38
CA PRO D 1060 4.13 17.97 -59.97
C PRO D 1060 4.16 16.55 -59.43
N HIS D 1061 5.36 16.11 -59.06
CA HIS D 1061 5.59 14.75 -58.54
C HIS D 1061 5.15 13.67 -59.52
N GLY D 1062 5.27 13.95 -60.81
CA GLY D 1062 4.86 12.97 -61.80
C GLY D 1062 5.30 13.39 -63.19
N VAL D 1063 4.83 12.63 -64.18
CA VAL D 1063 5.13 12.87 -65.58
C VAL D 1063 3.91 12.50 -66.41
N VAL D 1064 3.65 13.26 -67.47
CA VAL D 1064 2.53 13.03 -68.37
C VAL D 1064 3.08 12.73 -69.75
N PHE D 1065 2.63 11.62 -70.33
CA PHE D 1065 3.04 11.20 -71.67
C PHE D 1065 1.89 11.44 -72.64
N LEU D 1066 2.20 12.10 -73.75
CA LEU D 1066 1.23 12.32 -74.83
C LEU D 1066 1.52 11.29 -75.91
N HIS D 1067 0.83 10.16 -75.84
CA HIS D 1067 1.06 9.04 -76.74
C HIS D 1067 0.32 9.27 -78.05
N VAL D 1068 1.07 9.49 -79.12
CA VAL D 1068 0.49 9.64 -80.46
C VAL D 1068 0.40 8.25 -81.08
N THR D 1069 -0.82 7.78 -81.31
CA THR D 1069 -1.06 6.43 -81.81
C THR D 1069 -1.76 6.47 -83.16
N TYR D 1070 -1.61 5.38 -83.90
CA TYR D 1070 -2.23 5.21 -85.20
C TYR D 1070 -3.46 4.32 -85.04
N VAL D 1071 -4.63 4.87 -85.35
CA VAL D 1071 -5.89 4.16 -85.20
C VAL D 1071 -6.52 4.00 -86.58
N PRO D 1072 -6.71 2.77 -87.06
CA PRO D 1072 -7.38 2.58 -88.35
C PRO D 1072 -8.86 2.95 -88.28
N ALA D 1073 -9.39 3.37 -89.40
CA ALA D 1073 -10.79 3.78 -89.48
C ALA D 1073 -11.32 3.53 -90.88
N GLN D 1074 -12.65 3.57 -91.01
CA GLN D 1074 -13.35 3.40 -92.28
C GLN D 1074 -12.99 2.05 -92.92
N GLU D 1075 -13.40 1.00 -92.23
CA GLU D 1075 -13.11 -0.36 -92.68
C GLU D 1075 -14.07 -0.78 -93.79
N LYS D 1076 -13.56 -1.59 -94.71
CA LYS D 1076 -14.35 -2.16 -95.79
C LYS D 1076 -14.08 -3.65 -95.88
N ASN D 1077 -15.12 -4.41 -96.20
CA ASN D 1077 -15.01 -5.86 -96.32
C ASN D 1077 -14.62 -6.24 -97.75
N PHE D 1078 -13.72 -7.22 -97.87
CA PHE D 1078 -13.26 -7.69 -99.16
C PHE D 1078 -13.20 -9.21 -99.14
N THR D 1079 -13.17 -9.79 -100.34
CA THR D 1079 -12.97 -11.22 -100.50
C THR D 1079 -11.47 -11.51 -100.61
N THR D 1080 -10.98 -12.38 -99.74
CA THR D 1080 -9.55 -12.67 -99.66
C THR D 1080 -9.28 -14.12 -100.02
N ALA D 1081 -8.03 -14.39 -100.36
CA ALA D 1081 -7.56 -15.73 -100.69
C ALA D 1081 -6.16 -15.91 -100.12
N PRO D 1082 -5.82 -17.13 -99.66
CA PRO D 1082 -4.47 -17.34 -99.12
C PRO D 1082 -3.39 -17.33 -100.18
N ALA D 1083 -3.70 -17.68 -101.42
CA ALA D 1083 -2.72 -17.71 -102.49
C ALA D 1083 -3.42 -17.59 -103.83
N ILE D 1084 -2.64 -17.22 -104.84
CA ILE D 1084 -3.13 -17.09 -106.22
C ILE D 1084 -2.49 -18.18 -107.05
N CYS D 1085 -3.32 -18.90 -107.82
CA CYS D 1085 -2.85 -19.97 -108.69
C CYS D 1085 -2.66 -19.42 -110.11
N HIS D 1086 -1.46 -19.58 -110.64
CA HIS D 1086 -1.17 -19.16 -112.00
C HIS D 1086 -0.11 -20.09 -112.58
N ASP D 1087 -0.38 -20.62 -113.77
CA ASP D 1087 0.51 -21.57 -114.45
C ASP D 1087 0.79 -22.79 -113.58
N GLY D 1088 -0.22 -23.21 -112.80
CA GLY D 1088 -0.07 -24.35 -111.94
C GLY D 1088 0.81 -24.14 -110.73
N LYS D 1089 1.26 -22.90 -110.48
CA LYS D 1089 2.13 -22.59 -109.36
C LYS D 1089 1.39 -21.70 -108.37
N ALA D 1090 1.65 -21.92 -107.08
CA ALA D 1090 1.02 -21.15 -106.02
C ALA D 1090 1.85 -19.90 -105.74
N HIS D 1091 1.19 -18.74 -105.80
CA HIS D 1091 1.84 -17.45 -105.57
C HIS D 1091 1.39 -16.91 -104.23
N PHE D 1092 2.35 -16.59 -103.36
CA PHE D 1092 2.09 -16.03 -102.04
C PHE D 1092 2.59 -14.59 -101.97
N PRO D 1093 1.87 -13.70 -101.30
CA PRO D 1093 2.29 -12.29 -101.27
C PRO D 1093 3.48 -12.09 -100.34
N ARG D 1094 4.44 -11.29 -100.80
CA ARG D 1094 5.60 -10.96 -99.99
C ARG D 1094 5.19 -10.11 -98.79
N GLU D 1095 4.63 -8.93 -99.07
CA GLU D 1095 4.12 -8.04 -98.04
C GLU D 1095 2.76 -7.52 -98.47
N GLY D 1096 1.71 -8.01 -97.82
CA GLY D 1096 0.36 -7.61 -98.17
C GLY D 1096 -0.65 -8.74 -98.08
N VAL D 1097 -1.80 -8.55 -98.70
CA VAL D 1097 -2.89 -9.53 -98.65
C VAL D 1097 -3.66 -9.46 -99.96
N PHE D 1098 -4.00 -10.64 -100.50
CA PHE D 1098 -4.81 -10.72 -101.70
C PHE D 1098 -6.26 -10.39 -101.36
N VAL D 1099 -6.82 -9.39 -102.03
CA VAL D 1099 -8.20 -8.97 -101.82
C VAL D 1099 -8.89 -8.82 -103.15
N SER D 1100 -10.21 -8.95 -103.14
CA SER D 1100 -11.04 -8.84 -104.33
C SER D 1100 -12.23 -7.94 -104.04
N ASN D 1101 -12.49 -7.00 -104.95
CA ASN D 1101 -13.66 -6.14 -104.87
C ASN D 1101 -14.91 -6.78 -105.46
N GLY D 1102 -14.82 -8.05 -105.85
CA GLY D 1102 -15.95 -8.73 -106.46
C GLY D 1102 -15.61 -9.34 -107.80
N THR D 1103 -14.78 -8.65 -108.57
CA THR D 1103 -14.40 -9.12 -109.90
C THR D 1103 -12.90 -9.22 -110.10
N HIS D 1104 -12.13 -8.26 -109.58
CA HIS D 1104 -10.69 -8.22 -109.78
C HIS D 1104 -9.96 -8.42 -108.45
N TRP D 1105 -8.80 -9.05 -108.52
CA TRP D 1105 -7.96 -9.30 -107.36
C TRP D 1105 -6.79 -8.33 -107.34
N PHE D 1106 -6.50 -7.80 -106.14
CA PHE D 1106 -5.43 -6.83 -105.95
C PHE D 1106 -4.59 -7.22 -104.75
N LEU D 1107 -3.44 -6.55 -104.62
CA LEU D 1107 -2.53 -6.75 -103.51
C LEU D 1107 -2.41 -5.43 -102.75
N THR D 1108 -2.60 -5.49 -101.43
CA THR D 1108 -2.54 -4.30 -100.60
C THR D 1108 -2.05 -4.68 -99.21
N GLN D 1109 -1.48 -3.70 -98.51
CA GLN D 1109 -1.03 -3.91 -97.15
C GLN D 1109 -2.23 -4.04 -96.21
N ARG D 1110 -2.02 -4.73 -95.09
CA ARG D 1110 -3.12 -5.05 -94.19
C ARG D 1110 -3.59 -3.85 -93.38
N ASN D 1111 -2.78 -2.80 -93.27
CA ASN D 1111 -3.11 -1.65 -92.44
C ASN D 1111 -3.67 -0.47 -93.23
N PHE D 1112 -3.68 -0.54 -94.56
CA PHE D 1112 -4.19 0.54 -95.38
C PHE D 1112 -4.55 -0.01 -96.74
N TYR D 1113 -5.74 0.34 -97.24
CA TYR D 1113 -6.23 -0.19 -98.51
C TYR D 1113 -5.58 0.58 -99.65
N GLU D 1114 -4.57 -0.03 -100.27
CA GLU D 1114 -3.90 0.53 -101.45
C GLU D 1114 -3.82 -0.59 -102.48
N PRO D 1115 -4.85 -0.74 -103.31
CA PRO D 1115 -4.89 -1.88 -104.25
C PRO D 1115 -3.82 -1.74 -105.33
N GLN D 1116 -3.02 -2.81 -105.48
CA GLN D 1116 -1.98 -2.87 -106.49
C GLN D 1116 -2.15 -4.14 -107.31
N ILE D 1117 -1.66 -4.07 -108.56
CA ILE D 1117 -1.78 -5.21 -109.46
C ILE D 1117 -0.87 -6.34 -108.99
N ILE D 1118 -1.42 -7.55 -108.97
CA ILE D 1118 -0.66 -8.72 -108.53
C ILE D 1118 0.37 -9.07 -109.60
N THR D 1119 1.64 -8.78 -109.32
CA THR D 1119 2.74 -9.04 -110.25
C THR D 1119 3.72 -10.02 -109.62
N THR D 1120 4.70 -10.43 -110.43
CA THR D 1120 5.74 -11.32 -109.94
C THR D 1120 6.63 -10.64 -108.91
N ASP D 1121 6.80 -9.32 -109.02
CA ASP D 1121 7.63 -8.58 -108.07
C ASP D 1121 7.01 -8.50 -106.69
N ASN D 1122 5.69 -8.68 -106.58
CA ASN D 1122 5.00 -8.60 -105.29
C ASN D 1122 4.76 -9.95 -104.66
N THR D 1123 4.93 -11.05 -105.40
CA THR D 1123 4.64 -12.38 -104.90
C THR D 1123 5.85 -13.28 -105.09
N PHE D 1124 5.80 -14.45 -104.45
CA PHE D 1124 6.81 -15.47 -104.60
C PHE D 1124 6.15 -16.83 -104.76
N VAL D 1125 6.81 -17.72 -105.48
CA VAL D 1125 6.26 -19.03 -105.82
C VAL D 1125 6.73 -20.06 -104.79
N SER D 1126 5.81 -20.94 -104.39
CA SER D 1126 6.13 -22.00 -103.43
C SER D 1126 5.17 -23.16 -103.68
N GLY D 1127 5.66 -24.20 -104.35
CA GLY D 1127 4.86 -25.39 -104.60
C GLY D 1127 3.80 -25.17 -105.66
N ASN D 1128 2.90 -26.15 -105.73
CA ASN D 1128 1.80 -26.13 -106.68
C ASN D 1128 0.51 -25.69 -105.99
N CYS D 1129 -0.59 -25.70 -106.74
CA CYS D 1129 -1.88 -25.22 -106.24
C CYS D 1129 -2.70 -26.30 -105.56
N ASP D 1130 -2.20 -27.54 -105.49
CA ASP D 1130 -2.98 -28.64 -104.94
C ASP D 1130 -2.88 -28.75 -103.42
N VAL D 1131 -1.95 -28.05 -102.79
CA VAL D 1131 -1.72 -28.20 -101.36
C VAL D 1131 -2.40 -27.06 -100.59
N VAL D 1132 -2.55 -25.91 -101.24
CA VAL D 1132 -3.11 -24.74 -100.58
C VAL D 1132 -4.63 -24.88 -100.52
N ILE D 1133 -5.19 -24.73 -99.33
CA ILE D 1133 -6.63 -24.83 -99.13
C ILE D 1133 -7.24 -23.44 -99.30
N GLY D 1134 -8.14 -23.30 -100.27
CA GLY D 1134 -8.77 -22.04 -100.54
C GLY D 1134 -8.09 -21.19 -101.60
N ILE D 1135 -7.19 -21.76 -102.39
CA ILE D 1135 -6.48 -21.02 -103.41
C ILE D 1135 -7.40 -20.78 -104.60
N VAL D 1136 -7.33 -19.59 -105.18
CA VAL D 1136 -8.19 -19.22 -106.29
C VAL D 1136 -7.33 -19.01 -107.54
N ASN D 1137 -7.96 -19.15 -108.70
CA ASN D 1137 -7.29 -19.01 -109.98
C ASN D 1137 -7.37 -17.55 -110.43
N ASN D 1138 -6.21 -16.92 -110.58
CA ASN D 1138 -6.13 -15.54 -111.04
C ASN D 1138 -4.82 -15.35 -111.78
N THR D 1139 -4.81 -14.40 -112.71
CA THR D 1139 -3.63 -14.15 -113.53
C THR D 1139 -2.61 -13.32 -112.77
N VAL D 1140 -1.33 -13.71 -112.90
CA VAL D 1140 -0.22 -12.98 -112.32
C VAL D 1140 0.58 -12.38 -113.46
N TYR D 1141 0.57 -11.06 -113.57
CA TYR D 1141 1.23 -10.38 -114.68
C TYR D 1141 2.73 -10.30 -114.42
N ASP D 1142 3.53 -10.79 -115.36
CA ASP D 1142 4.97 -10.75 -115.25
C ASP D 1142 5.50 -9.55 -116.02
N PRO D 1143 6.09 -8.56 -115.37
CA PRO D 1143 6.61 -7.40 -116.13
C PRO D 1143 7.69 -7.77 -117.12
N LEU D 1144 8.53 -8.75 -116.80
CA LEU D 1144 9.57 -9.17 -117.73
C LEU D 1144 8.96 -9.75 -119.00
N GLN D 1145 7.94 -10.61 -118.85
CA GLN D 1145 7.28 -11.17 -120.02
C GLN D 1145 6.54 -10.11 -120.83
N LEU D 1146 5.96 -9.12 -120.15
CA LEU D 1146 5.29 -8.04 -120.87
C LEU D 1146 6.28 -7.19 -121.66
N GLU D 1147 7.45 -6.93 -121.08
CA GLU D 1147 8.48 -6.18 -121.80
C GLU D 1147 9.08 -6.99 -122.94
N LEU D 1148 9.15 -8.32 -122.78
CA LEU D 1148 9.63 -9.17 -123.87
C LEU D 1148 8.57 -9.42 -124.93
N ASP D 1149 7.31 -9.13 -124.63
CA ASP D 1149 6.26 -9.23 -125.65
C ASP D 1149 6.53 -8.27 -126.80
N SER D 1150 6.90 -7.03 -126.48
CA SER D 1150 7.34 -6.09 -127.49
C SER D 1150 8.80 -6.36 -127.86
N PHE D 1151 9.32 -5.59 -128.82
CA PHE D 1151 10.69 -5.75 -129.31
C PHE D 1151 10.92 -7.19 -129.78
N LYS D 1152 9.96 -7.72 -130.55
CA LYS D 1152 10.01 -9.08 -131.05
C LYS D 1152 10.22 -9.09 -132.55
N GLU D 1153 10.83 -10.16 -133.04
CA GLU D 1153 11.17 -10.37 -134.45
C GLU D 1153 11.65 -9.10 -135.16
N GLN E 25 -1.97 -57.65 7.37
CA GLN E 25 -2.24 -59.06 7.07
C GLN E 25 -1.75 -59.42 5.68
N CYS E 26 -0.54 -60.00 5.60
CA CYS E 26 0.06 -60.38 4.33
C CYS E 26 -0.62 -61.63 3.81
N VAL E 27 -1.38 -61.51 2.72
CA VAL E 27 -2.07 -62.63 2.11
C VAL E 27 -1.80 -62.75 0.61
N ASN E 28 -0.92 -61.92 0.06
CA ASN E 28 -0.65 -61.96 -1.38
C ASN E 28 0.74 -61.39 -1.64
N LEU E 29 1.28 -61.71 -2.81
CA LEU E 29 2.58 -61.23 -3.23
C LEU E 29 2.51 -60.87 -4.72
N ILE E 30 3.27 -59.84 -5.10
CA ILE E 30 3.28 -59.34 -6.46
C ILE E 30 4.68 -59.42 -7.03
N THR E 31 4.77 -59.33 -8.34
CA THR E 31 6.04 -59.30 -9.06
C THR E 31 6.05 -58.09 -9.98
N THR E 32 7.19 -57.40 -10.01
CA THR E 32 7.34 -56.17 -10.77
C THR E 32 7.98 -56.47 -12.12
N THR E 33 7.23 -56.23 -13.20
CA THR E 33 7.72 -56.36 -14.57
C THR E 33 7.79 -54.96 -15.17
N GLN E 34 8.99 -54.36 -15.14
CA GLN E 34 9.14 -52.98 -15.57
C GLN E 34 9.17 -52.84 -17.08
N SER E 35 9.69 -53.84 -17.80
CA SER E 35 9.83 -53.78 -19.25
C SER E 35 8.57 -54.34 -19.90
N TYR E 36 7.77 -53.46 -20.49
CA TYR E 36 6.57 -53.86 -21.21
C TYR E 36 6.13 -52.69 -22.09
N THR E 37 5.04 -52.90 -22.84
CA THR E 37 4.46 -51.91 -23.74
C THR E 37 5.46 -51.45 -24.79
N ASN E 38 5.89 -52.40 -25.63
CA ASN E 38 6.73 -52.05 -26.76
C ASN E 38 5.96 -51.29 -27.83
N SER E 39 4.65 -51.54 -27.94
CA SER E 39 3.76 -50.82 -28.84
C SER E 39 2.56 -50.36 -28.00
N PHE E 40 2.54 -49.08 -27.65
CA PHE E 40 1.56 -48.55 -26.71
C PHE E 40 1.08 -47.19 -27.18
N THR E 41 -0.21 -47.09 -27.49
CA THR E 41 -0.88 -45.83 -27.82
C THR E 41 -2.22 -45.75 -27.11
N ARG E 42 -2.25 -46.16 -25.85
CA ARG E 42 -3.49 -46.24 -25.08
C ARG E 42 -3.72 -45.06 -24.15
N GLY E 43 -2.67 -44.37 -23.73
CA GLY E 43 -2.82 -43.29 -22.77
C GLY E 43 -3.37 -42.01 -23.36
N VAL E 44 -4.62 -42.05 -23.82
CA VAL E 44 -5.31 -40.89 -24.40
C VAL E 44 -6.67 -40.76 -23.74
N TYR E 45 -6.99 -39.56 -23.28
CA TYR E 45 -8.28 -39.27 -22.67
C TYR E 45 -8.75 -37.89 -23.12
N TYR E 46 -10.02 -37.62 -22.89
CA TYR E 46 -10.59 -36.31 -23.23
C TYR E 46 -10.09 -35.26 -22.24
N PRO E 47 -9.34 -34.25 -22.70
CA PRO E 47 -8.80 -33.28 -21.74
C PRO E 47 -9.84 -32.30 -21.22
N ASP E 48 -10.91 -32.05 -21.97
CA ASP E 48 -11.94 -31.10 -21.56
C ASP E 48 -13.28 -31.58 -22.06
N LYS E 49 -14.32 -30.80 -21.77
CA LYS E 49 -15.70 -31.11 -22.15
C LYS E 49 -16.14 -30.32 -23.38
N VAL E 50 -15.24 -30.08 -24.32
CA VAL E 50 -15.51 -29.27 -25.50
C VAL E 50 -15.76 -30.20 -26.68
N PHE E 51 -16.87 -29.96 -27.38
CA PHE E 51 -17.17 -30.71 -28.59
C PHE E 51 -16.41 -30.14 -29.78
N ARG E 52 -15.86 -31.02 -30.60
CA ARG E 52 -15.13 -30.63 -31.80
C ARG E 52 -15.48 -31.59 -32.92
N SER E 53 -15.82 -31.05 -34.09
CA SER E 53 -16.25 -31.83 -35.24
C SER E 53 -15.24 -31.66 -36.37
N SER E 54 -14.53 -32.75 -36.69
CA SER E 54 -13.54 -32.75 -37.77
C SER E 54 -12.48 -31.67 -37.55
N VAL E 55 -11.96 -31.61 -36.33
CA VAL E 55 -10.97 -30.61 -35.94
C VAL E 55 -9.75 -31.33 -35.37
N LEU E 56 -8.57 -30.97 -35.86
CA LEU E 56 -7.31 -31.48 -35.33
C LEU E 56 -6.83 -30.51 -34.25
N HIS E 57 -7.11 -30.83 -32.99
CA HIS E 57 -6.83 -29.94 -31.88
C HIS E 57 -5.50 -30.30 -31.23
N LEU E 58 -4.71 -29.26 -30.93
CA LEU E 58 -3.42 -29.42 -30.27
C LEU E 58 -3.61 -29.17 -28.78
N THR E 59 -3.33 -30.18 -27.96
CA THR E 59 -3.60 -30.14 -26.53
C THR E 59 -2.31 -30.30 -25.75
N GLN E 60 -2.09 -29.40 -24.79
CA GLN E 60 -0.98 -29.47 -23.85
C GLN E 60 -1.56 -29.80 -22.48
N ASP E 61 -1.37 -31.04 -22.04
CA ASP E 61 -1.94 -31.50 -20.77
C ASP E 61 -1.08 -32.66 -20.26
N LEU E 62 -1.55 -33.29 -19.18
CA LEU E 62 -0.85 -34.41 -18.57
C LEU E 62 -1.29 -35.70 -19.25
N PHE E 63 -0.57 -36.09 -20.28
CA PHE E 63 -0.86 -37.31 -21.03
C PHE E 63 0.15 -38.39 -20.69
N LEU E 64 -0.15 -39.61 -21.15
CA LEU E 64 0.75 -40.73 -21.00
C LEU E 64 1.59 -40.87 -22.26
N PRO E 65 2.91 -40.81 -22.17
CA PRO E 65 3.74 -40.86 -23.38
C PRO E 65 3.55 -42.17 -24.14
N PHE E 66 3.52 -42.07 -25.46
CA PHE E 66 3.42 -43.25 -26.30
C PHE E 66 4.69 -44.08 -26.22
N PHE E 67 4.53 -45.40 -26.21
CA PHE E 67 5.65 -46.34 -26.16
C PHE E 67 6.51 -46.10 -24.92
N SER E 68 5.86 -45.81 -23.80
CA SER E 68 6.54 -45.58 -22.54
C SER E 68 6.70 -46.89 -21.77
N ASN E 69 7.55 -46.85 -20.74
CA ASN E 69 7.81 -48.02 -19.90
C ASN E 69 6.74 -48.08 -18.81
N VAL E 70 5.74 -48.92 -19.03
CA VAL E 70 4.65 -49.11 -18.07
C VAL E 70 4.97 -50.32 -17.21
N THR E 71 4.89 -50.16 -15.90
CA THR E 71 5.20 -51.23 -14.97
C THR E 71 4.05 -52.24 -14.94
N TRP E 72 4.39 -53.51 -15.14
CA TRP E 72 3.41 -54.59 -15.12
C TRP E 72 3.52 -55.35 -13.80
N PHE E 73 2.42 -55.47 -13.09
CA PHE E 73 2.37 -56.16 -11.81
C PHE E 73 1.62 -57.48 -11.98
N HIS E 74 2.29 -58.58 -11.69
CA HIS E 74 1.69 -59.92 -11.73
C HIS E 74 1.60 -60.44 -10.30
N ALA E 75 0.40 -60.37 -9.74
CA ALA E 75 0.16 -60.77 -8.35
C ALA E 75 -0.41 -62.18 -8.31
N ILE E 76 0.02 -62.95 -7.32
CA ILE E 76 -0.45 -64.31 -7.14
C ILE E 76 -1.31 -64.42 -5.89
N ASN E 87 -0.71 -54.14 -4.42
CA ASN E 87 -0.38 -54.34 -3.01
C ASN E 87 0.64 -53.32 -2.46
N PRO E 88 1.78 -53.13 -3.12
CA PRO E 88 2.76 -52.16 -2.62
C PRO E 88 2.32 -50.73 -2.89
N VAL E 89 2.91 -49.81 -2.13
CA VAL E 89 2.62 -48.40 -2.27
C VAL E 89 3.36 -47.85 -3.49
N LEU E 90 2.66 -47.06 -4.30
CA LEU E 90 3.24 -46.46 -5.49
C LEU E 90 3.01 -44.96 -5.48
N PRO E 91 3.98 -44.17 -5.92
CA PRO E 91 3.80 -42.71 -5.92
C PRO E 91 2.82 -42.26 -6.99
N PHE E 92 2.15 -41.15 -6.71
CA PHE E 92 1.18 -40.58 -7.64
C PHE E 92 1.86 -39.67 -8.66
N ASN E 93 2.72 -38.77 -8.19
CA ASN E 93 3.53 -37.87 -9.01
C ASN E 93 2.75 -37.28 -10.19
N ASP E 94 1.69 -36.55 -9.84
CA ASP E 94 0.91 -35.77 -10.81
C ASP E 94 0.33 -36.64 -11.92
N GLY E 95 -0.55 -37.57 -11.56
CA GLY E 95 -1.25 -38.37 -12.54
C GLY E 95 -0.74 -39.79 -12.62
N VAL E 96 -1.66 -40.72 -12.86
CA VAL E 96 -1.32 -42.13 -12.97
C VAL E 96 -2.32 -42.81 -13.90
N TYR E 97 -1.83 -43.75 -14.70
CA TYR E 97 -2.66 -44.54 -15.61
C TYR E 97 -2.78 -45.96 -15.06
N PHE E 98 -3.99 -46.52 -15.15
CA PHE E 98 -4.27 -47.84 -14.63
C PHE E 98 -5.01 -48.66 -15.68
N ALA E 99 -4.57 -49.90 -15.87
CA ALA E 99 -5.21 -50.82 -16.79
C ALA E 99 -5.28 -52.20 -16.15
N SER E 100 -6.41 -52.87 -16.37
CA SER E 100 -6.66 -54.18 -15.77
C SER E 100 -7.09 -55.17 -16.84
N THR E 101 -6.83 -56.44 -16.57
CA THR E 101 -7.18 -57.52 -17.48
C THR E 101 -8.65 -57.88 -17.28
N GLU E 102 -9.07 -59.02 -17.83
CA GLU E 102 -10.46 -59.47 -17.75
C GLU E 102 -10.80 -60.13 -16.42
N LYS E 103 -9.97 -59.93 -15.38
CA LYS E 103 -10.26 -60.45 -14.05
C LYS E 103 -11.38 -59.61 -13.42
N SER E 104 -12.61 -59.99 -13.73
CA SER E 104 -13.77 -59.26 -13.24
C SER E 104 -13.90 -59.42 -11.73
N ASN E 105 -14.29 -58.32 -11.06
CA ASN E 105 -14.51 -58.27 -9.62
C ASN E 105 -13.26 -58.61 -8.82
N ILE E 106 -12.07 -58.52 -9.42
CA ILE E 106 -10.83 -58.77 -8.71
C ILE E 106 -10.17 -57.44 -8.37
N ILE E 107 -9.83 -56.66 -9.39
CA ILE E 107 -9.24 -55.33 -9.20
C ILE E 107 -10.41 -54.36 -9.11
N ARG E 108 -10.90 -54.13 -7.89
CA ARG E 108 -12.09 -53.32 -7.66
C ARG E 108 -11.88 -52.38 -6.48
N GLY E 109 -10.67 -51.88 -6.29
CA GLY E 109 -10.40 -50.98 -5.19
C GLY E 109 -9.18 -50.13 -5.46
N TRP E 110 -9.19 -48.90 -4.93
CA TRP E 110 -8.07 -47.99 -5.07
C TRP E 110 -8.00 -47.11 -3.83
N ILE E 111 -6.79 -46.84 -3.38
CA ILE E 111 -6.53 -46.01 -2.20
C ILE E 111 -5.65 -44.85 -2.63
N PHE E 112 -5.93 -43.66 -2.10
CA PHE E 112 -5.16 -42.47 -2.42
C PHE E 112 -4.94 -41.65 -1.15
N GLY E 113 -3.80 -40.98 -1.10
CA GLY E 113 -3.46 -40.15 0.04
C GLY E 113 -1.97 -40.01 0.18
N THR E 114 -1.58 -38.92 0.85
CA THR E 114 -0.17 -38.65 1.07
C THR E 114 0.47 -39.63 2.06
N THR E 115 -0.33 -40.26 2.91
CA THR E 115 0.19 -41.24 3.86
C THR E 115 -0.95 -42.17 4.26
N LEU E 116 -0.61 -43.42 4.57
CA LEU E 116 -1.61 -44.44 4.90
C LEU E 116 -1.73 -44.52 6.43
N ASP E 117 -2.38 -43.52 7.00
CA ASP E 117 -2.62 -43.46 8.44
C ASP E 117 -3.76 -42.48 8.70
N SER E 118 -4.12 -42.33 9.97
CA SER E 118 -5.20 -41.45 10.35
C SER E 118 -4.75 -40.01 10.62
N LYS E 119 -3.44 -39.74 10.56
CA LYS E 119 -2.96 -38.39 10.81
C LYS E 119 -3.29 -37.43 9.67
N THR E 120 -3.56 -37.95 8.47
CA THR E 120 -3.89 -37.12 7.33
C THR E 120 -5.02 -37.76 6.56
N GLN E 121 -5.77 -36.92 5.83
CA GLN E 121 -6.92 -37.41 5.07
C GLN E 121 -6.46 -38.32 3.94
N SER E 122 -7.33 -39.29 3.60
CA SER E 122 -7.01 -40.26 2.57
C SER E 122 -8.29 -40.63 1.83
N LEU E 123 -8.12 -41.08 0.59
CA LEU E 123 -9.23 -41.46 -0.26
C LEU E 123 -9.50 -42.96 -0.16
N LEU E 124 -10.65 -43.37 -0.71
CA LEU E 124 -11.03 -44.77 -0.75
C LEU E 124 -12.07 -44.95 -1.85
N ILE E 125 -11.76 -45.79 -2.83
CA ILE E 125 -12.64 -46.03 -3.97
C ILE E 125 -12.87 -47.52 -4.10
N VAL E 126 -14.13 -47.93 -4.28
CA VAL E 126 -14.49 -49.33 -4.45
C VAL E 126 -15.54 -49.42 -5.56
N ASN E 127 -15.56 -50.58 -6.23
CA ASN E 127 -16.47 -50.80 -7.34
C ASN E 127 -17.01 -52.23 -7.28
N ASN E 128 -18.25 -52.40 -7.71
CA ASN E 128 -18.91 -53.70 -7.72
C ASN E 128 -19.39 -54.07 -9.13
N ALA E 129 -18.67 -53.61 -10.15
CA ALA E 129 -18.92 -53.86 -11.57
C ALA E 129 -20.19 -53.18 -12.06
N THR E 130 -20.96 -52.52 -11.20
CA THR E 130 -22.15 -51.79 -11.59
C THR E 130 -22.13 -50.33 -11.18
N ASN E 131 -21.63 -50.03 -9.98
CA ASN E 131 -21.57 -48.67 -9.47
C ASN E 131 -20.23 -48.45 -8.78
N PHE E 132 -19.93 -47.18 -8.51
CA PHE E 132 -18.71 -46.79 -7.81
C PHE E 132 -19.07 -46.09 -6.52
N VAL E 133 -18.39 -46.47 -5.43
CA VAL E 133 -18.60 -45.87 -4.12
C VAL E 133 -17.29 -45.22 -3.70
N ILE E 134 -17.31 -43.91 -3.50
CA ILE E 134 -16.12 -43.14 -3.17
C ILE E 134 -16.37 -42.41 -1.85
N LYS E 135 -15.45 -42.60 -0.90
CA LYS E 135 -15.50 -41.89 0.37
C LYS E 135 -14.09 -41.53 0.79
N VAL E 136 -13.92 -40.33 1.34
CA VAL E 136 -12.62 -39.82 1.76
C VAL E 136 -12.68 -39.58 3.26
N CYS E 137 -11.75 -40.20 3.99
CA CYS E 137 -11.74 -40.12 5.44
C CYS E 137 -10.32 -40.41 5.93
N GLU E 138 -10.12 -40.24 7.23
CA GLU E 138 -8.84 -40.52 7.87
C GLU E 138 -8.76 -42.00 8.28
N PHE E 139 -8.77 -42.87 7.27
CA PHE E 139 -8.73 -44.30 7.52
C PHE E 139 -7.39 -44.71 8.12
N GLN E 140 -7.43 -45.73 8.97
CA GLN E 140 -6.22 -46.33 9.54
C GLN E 140 -5.95 -47.62 8.77
N PHE E 141 -5.20 -47.50 7.69
CA PHE E 141 -4.95 -48.64 6.82
C PHE E 141 -3.99 -49.64 7.48
N CYS E 142 -4.21 -50.91 7.18
CA CYS E 142 -3.36 -51.97 7.70
C CYS E 142 -2.09 -52.07 6.83
N ASN E 143 -1.32 -53.14 7.04
CA ASN E 143 -0.09 -53.31 6.25
C ASN E 143 -0.41 -53.63 4.80
N ASP E 144 -1.26 -54.62 4.56
CA ASP E 144 -1.64 -55.02 3.19
C ASP E 144 -3.15 -55.18 3.13
N PRO E 145 -3.86 -54.11 2.78
CA PRO E 145 -5.33 -54.22 2.65
C PRO E 145 -5.71 -55.15 1.50
N PHE E 146 -6.71 -56.00 1.76
CA PHE E 146 -7.17 -56.96 0.77
C PHE E 146 -8.68 -57.00 0.60
N LEU E 147 -9.42 -56.08 1.21
CA LEU E 147 -10.88 -56.03 1.11
C LEU E 147 -11.53 -57.34 1.54
N GLU E 161 -15.15 -51.31 4.34
CA GLU E 161 -14.97 -52.67 4.84
C GLU E 161 -13.85 -52.71 5.87
N SER E 162 -13.98 -53.61 6.84
CA SER E 162 -12.97 -53.73 7.90
C SER E 162 -11.66 -54.30 7.38
N GLY E 163 -11.66 -54.94 6.22
CA GLY E 163 -10.45 -55.52 5.66
C GLY E 163 -9.45 -54.51 5.15
N VAL E 164 -9.84 -53.24 5.03
CA VAL E 164 -8.96 -52.18 4.56
C VAL E 164 -8.59 -51.21 5.67
N TYR E 165 -9.58 -50.74 6.43
CA TYR E 165 -9.36 -49.80 7.52
C TYR E 165 -9.88 -50.39 8.82
N SER E 166 -9.35 -49.88 9.93
CA SER E 166 -9.73 -50.34 11.26
C SER E 166 -10.46 -49.28 12.07
N SER E 167 -10.57 -48.06 11.58
CA SER E 167 -11.24 -47.00 12.31
C SER E 167 -11.92 -46.06 11.33
N ALA E 168 -12.77 -45.18 11.86
CA ALA E 168 -13.50 -44.20 11.07
C ALA E 168 -13.45 -42.86 11.81
N ASN E 169 -12.54 -41.99 11.37
CA ASN E 169 -12.37 -40.68 11.99
C ASN E 169 -13.35 -39.69 11.36
N ASN E 170 -13.16 -38.40 11.61
CA ASN E 170 -14.04 -37.37 11.08
C ASN E 170 -13.87 -37.22 9.57
N CYS E 171 -14.79 -37.80 8.80
CA CYS E 171 -14.71 -37.72 7.35
C CYS E 171 -15.16 -36.34 6.86
N THR E 172 -15.04 -36.13 5.56
CA THR E 172 -15.35 -34.84 4.97
C THR E 172 -16.28 -34.94 3.77
N PHE E 173 -16.27 -36.08 3.08
CA PHE E 173 -17.04 -36.20 1.85
C PHE E 173 -17.25 -37.67 1.52
N GLU E 174 -18.39 -37.96 0.87
CA GLU E 174 -18.71 -39.29 0.41
C GLU E 174 -19.58 -39.17 -0.84
N TYR E 175 -19.37 -40.07 -1.80
CA TYR E 175 -20.06 -39.99 -3.07
C TYR E 175 -20.32 -41.39 -3.60
N VAL E 176 -21.38 -41.51 -4.40
CA VAL E 176 -21.72 -42.75 -5.09
C VAL E 176 -22.01 -42.41 -6.54
N SER E 177 -21.44 -43.18 -7.46
CA SER E 177 -21.58 -42.91 -8.88
C SER E 177 -22.81 -43.59 -9.46
N GLN E 178 -23.19 -43.15 -10.67
CA GLN E 178 -24.35 -43.68 -11.35
C GLN E 178 -24.00 -45.00 -12.05
N PRO E 179 -24.98 -45.88 -12.24
CA PRO E 179 -24.72 -47.15 -12.94
C PRO E 179 -24.45 -46.92 -14.42
N PHE E 180 -23.85 -47.93 -15.03
CA PHE E 180 -23.51 -47.88 -16.45
C PHE E 180 -24.76 -48.00 -17.32
N LYS E 192 -13.94 -61.42 -22.66
CA LYS E 192 -12.91 -60.62 -22.00
C LYS E 192 -13.12 -59.13 -22.27
N ASN E 193 -12.78 -58.30 -21.28
CA ASN E 193 -12.93 -56.86 -21.39
C ASN E 193 -11.70 -56.17 -20.82
N LEU E 194 -11.47 -54.95 -21.29
CA LEU E 194 -10.34 -54.14 -20.87
C LEU E 194 -10.84 -52.93 -20.11
N ARG E 195 -10.27 -52.69 -18.93
CA ARG E 195 -10.67 -51.58 -18.06
C ARG E 195 -9.47 -50.66 -17.87
N GLU E 196 -9.55 -49.45 -18.41
CA GLU E 196 -8.50 -48.46 -18.30
C GLU E 196 -8.95 -47.32 -17.39
N PHE E 197 -8.02 -46.80 -16.59
CA PHE E 197 -8.33 -45.74 -15.64
C PHE E 197 -7.19 -44.74 -15.60
N VAL E 198 -7.55 -43.47 -15.40
CA VAL E 198 -6.60 -42.38 -15.28
C VAL E 198 -7.04 -41.50 -14.12
N PHE E 199 -6.13 -41.22 -13.19
CA PHE E 199 -6.42 -40.44 -12.00
C PHE E 199 -5.60 -39.16 -12.03
N LYS E 200 -6.25 -38.03 -11.71
CA LYS E 200 -5.59 -36.73 -11.69
C LYS E 200 -6.05 -35.96 -10.46
N ASN E 201 -5.16 -35.11 -9.96
CA ASN E 201 -5.41 -34.30 -8.76
C ASN E 201 -4.98 -32.86 -8.99
N ILE E 202 -5.41 -32.29 -10.11
CA ILE E 202 -5.05 -30.93 -10.49
C ILE E 202 -6.10 -29.97 -9.93
N ASP E 203 -5.62 -28.93 -9.23
CA ASP E 203 -6.48 -27.88 -8.68
C ASP E 203 -7.53 -28.43 -7.72
N GLY E 204 -7.14 -29.44 -6.95
CA GLY E 204 -8.00 -30.03 -5.95
C GLY E 204 -9.08 -30.95 -6.47
N TYR E 205 -9.48 -30.81 -7.74
CA TYR E 205 -10.51 -31.67 -8.31
C TYR E 205 -9.90 -33.01 -8.68
N PHE E 206 -10.47 -34.09 -8.15
CA PHE E 206 -10.00 -35.44 -8.45
C PHE E 206 -10.78 -35.96 -9.65
N LYS E 207 -10.11 -36.08 -10.79
CA LYS E 207 -10.73 -36.53 -12.02
C LYS E 207 -10.41 -37.99 -12.28
N ILE E 208 -11.40 -38.72 -12.79
CA ILE E 208 -11.24 -40.14 -13.12
C ILE E 208 -11.81 -40.37 -14.51
N TYR E 209 -11.01 -40.97 -15.38
CA TYR E 209 -11.41 -41.30 -16.74
C TYR E 209 -11.42 -42.81 -16.91
N SER E 210 -12.41 -43.31 -17.64
CA SER E 210 -12.55 -44.75 -17.80
C SER E 210 -13.24 -45.06 -19.12
N LYS E 211 -12.97 -46.26 -19.64
CA LYS E 211 -13.60 -46.74 -20.86
C LYS E 211 -13.40 -48.25 -20.94
N HIS E 212 -14.49 -48.97 -21.20
CA HIS E 212 -14.46 -50.43 -21.28
C HIS E 212 -14.52 -50.85 -22.74
N THR E 213 -13.68 -51.82 -23.11
CA THR E 213 -13.61 -52.32 -24.48
C THR E 213 -13.28 -53.80 -24.43
N PRO E 214 -13.85 -54.60 -25.34
CA PRO E 214 -13.53 -56.04 -25.35
C PRO E 214 -12.12 -56.29 -25.85
N ILE E 215 -11.70 -57.54 -25.69
CA ILE E 215 -10.36 -57.99 -26.09
C ILE E 215 -9.27 -57.15 -25.42
N PHE E 220 -4.84 -55.75 -26.07
CA PHE E 220 -4.49 -54.54 -25.31
C PHE E 220 -3.74 -53.49 -26.15
N PRO E 221 -2.71 -53.88 -26.92
CA PRO E 221 -2.04 -52.91 -27.78
C PRO E 221 -2.55 -52.83 -29.21
N GLN E 222 -3.55 -53.64 -29.57
CA GLN E 222 -4.05 -53.71 -30.94
C GLN E 222 -5.26 -52.81 -31.17
N GLY E 223 -5.37 -51.71 -30.43
CA GLY E 223 -6.50 -50.82 -30.61
C GLY E 223 -6.22 -49.45 -30.03
N PHE E 224 -7.15 -48.53 -30.30
CA PHE E 224 -7.07 -47.17 -29.80
C PHE E 224 -8.45 -46.76 -29.28
N SER E 225 -8.48 -46.17 -28.09
CA SER E 225 -9.72 -45.73 -27.50
C SER E 225 -9.42 -44.62 -26.50
N ALA E 226 -10.23 -43.56 -26.53
CA ALA E 226 -10.09 -42.45 -25.61
C ALA E 226 -10.90 -42.69 -24.35
N LEU E 227 -10.38 -42.23 -23.22
CA LEU E 227 -11.02 -42.43 -21.93
C LEU E 227 -11.91 -41.23 -21.62
N GLU E 228 -13.19 -41.50 -21.37
CA GLU E 228 -14.18 -40.47 -21.09
C GLU E 228 -14.24 -40.19 -19.58
N PRO E 229 -14.49 -38.94 -19.19
CA PRO E 229 -14.56 -38.61 -17.77
C PRO E 229 -15.81 -39.23 -17.13
N LEU E 230 -15.66 -39.66 -15.88
CA LEU E 230 -16.75 -40.23 -15.12
C LEU E 230 -17.14 -39.36 -13.93
N VAL E 231 -16.20 -39.08 -13.03
CA VAL E 231 -16.47 -38.28 -11.84
C VAL E 231 -15.44 -37.16 -11.74
N ASP E 232 -15.85 -36.07 -11.11
CA ASP E 232 -15.01 -34.88 -10.93
C ASP E 232 -15.01 -34.46 -9.46
N LEU E 233 -14.74 -35.42 -8.58
CA LEU E 233 -14.79 -35.25 -7.14
C LEU E 233 -13.98 -34.04 -6.69
N PRO E 234 -14.62 -33.01 -6.11
CA PRO E 234 -13.88 -31.84 -5.58
C PRO E 234 -13.46 -32.05 -4.13
N ILE E 235 -12.51 -32.97 -3.92
CA ILE E 235 -12.09 -33.29 -2.55
C ILE E 235 -11.03 -32.32 -2.06
N GLY E 236 -10.07 -31.96 -2.92
CA GLY E 236 -9.04 -31.02 -2.55
C GLY E 236 -7.96 -31.56 -1.63
N ILE E 237 -7.88 -32.88 -1.45
CA ILE E 237 -6.87 -33.44 -0.58
C ILE E 237 -5.58 -33.64 -1.35
N ASN E 238 -4.46 -33.66 -0.61
CA ASN E 238 -3.15 -33.87 -1.21
C ASN E 238 -2.90 -35.37 -1.40
N ILE E 239 -2.68 -35.78 -2.64
CA ILE E 239 -2.43 -37.19 -2.97
C ILE E 239 -1.00 -37.29 -3.51
N THR E 240 -0.21 -38.16 -2.89
CA THR E 240 1.17 -38.35 -3.30
C THR E 240 1.44 -39.82 -3.58
N ARG E 241 0.76 -40.71 -2.85
CA ARG E 241 0.93 -42.15 -2.99
C ARG E 241 -0.42 -42.80 -3.18
N PHE E 242 -0.43 -43.95 -3.85
CA PHE E 242 -1.66 -44.70 -4.08
C PHE E 242 -1.39 -46.18 -3.96
N GLN E 243 -2.47 -46.95 -3.85
CA GLN E 243 -2.38 -48.40 -3.69
C GLN E 243 -3.64 -49.04 -4.23
N THR E 244 -3.50 -50.23 -4.80
CA THR E 244 -4.61 -50.97 -5.37
C THR E 244 -5.07 -52.08 -4.43
N LEU E 245 -6.30 -52.53 -4.64
CA LEU E 245 -6.90 -53.58 -3.84
C LEU E 245 -7.21 -54.77 -4.75
N LEU E 246 -6.67 -55.93 -4.40
CA LEU E 246 -6.82 -57.13 -5.20
C LEU E 246 -8.07 -57.93 -4.84
N ALA E 247 -8.70 -57.63 -3.71
CA ALA E 247 -9.93 -58.30 -3.28
C ALA E 247 -9.75 -59.82 -3.22
N LEU E 248 -8.84 -60.24 -2.34
CA LEU E 248 -8.56 -61.66 -2.18
C LEU E 248 -9.75 -62.37 -1.53
N ASN E 249 -9.94 -63.63 -1.92
CA ASN E 249 -11.03 -64.42 -1.37
C ASN E 249 -10.76 -64.77 0.08
N ARG E 250 -11.80 -64.74 0.90
CA ARG E 250 -11.67 -65.06 2.31
C ARG E 250 -11.39 -66.55 2.50
N SER E 251 -10.42 -66.87 3.35
CA SER E 251 -10.05 -68.25 3.61
C SER E 251 -10.92 -68.84 4.72
N GLY E 265 -3.71 -66.31 -6.99
CA GLY E 265 -4.48 -65.55 -7.95
C GLY E 265 -3.72 -65.22 -9.22
N ALA E 266 -4.39 -64.53 -10.14
CA ALA E 266 -3.77 -64.13 -11.41
C ALA E 266 -4.15 -62.69 -11.74
N ALA E 267 -4.09 -61.81 -10.74
CA ALA E 267 -4.43 -60.41 -10.94
C ALA E 267 -3.26 -59.70 -11.61
N ASP E 268 -3.49 -59.16 -12.80
CA ASP E 268 -2.47 -58.45 -13.57
C ASP E 268 -2.98 -57.05 -13.87
N TYR E 269 -2.22 -56.03 -13.45
CA TYR E 269 -2.58 -54.64 -13.69
C TYR E 269 -1.35 -53.85 -14.07
N TYR E 270 -1.55 -52.84 -14.92
CA TYR E 270 -0.48 -51.98 -15.41
C TYR E 270 -0.59 -50.61 -14.75
N VAL E 271 0.56 -50.00 -14.49
CA VAL E 271 0.63 -48.69 -13.85
C VAL E 271 1.54 -47.79 -14.68
N GLY E 272 0.98 -46.70 -15.19
CA GLY E 272 1.75 -45.73 -15.95
C GLY E 272 1.56 -44.34 -15.38
N TYR E 273 2.61 -43.53 -15.52
CA TYR E 273 2.65 -42.19 -14.95
C TYR E 273 2.51 -41.14 -16.05
N LEU E 274 1.68 -40.13 -15.80
CA LEU E 274 1.46 -39.07 -16.77
C LEU E 274 2.56 -38.02 -16.69
N GLN E 275 2.81 -37.39 -17.83
CA GLN E 275 3.85 -36.38 -17.95
C GLN E 275 3.32 -35.21 -18.77
N PRO E 276 3.85 -33.99 -18.54
CA PRO E 276 3.42 -32.84 -19.33
C PRO E 276 3.92 -32.90 -20.76
N ARG E 277 3.02 -33.21 -21.71
CA ARG E 277 3.39 -33.33 -23.11
C ARG E 277 2.30 -32.71 -23.97
N THR E 278 2.65 -32.45 -25.23
CA THR E 278 1.72 -31.89 -26.20
C THR E 278 1.26 -32.98 -27.15
N PHE E 279 -0.05 -33.07 -27.36
CA PHE E 279 -0.66 -34.08 -28.21
C PHE E 279 -1.55 -33.44 -29.24
N LEU E 280 -1.65 -34.09 -30.40
CA LEU E 280 -2.52 -33.65 -31.50
C LEU E 280 -3.70 -34.61 -31.57
N LEU E 281 -4.86 -34.15 -31.13
CA LEU E 281 -6.05 -34.98 -31.08
C LEU E 281 -6.87 -34.85 -32.35
N LYS E 282 -7.36 -35.98 -32.86
CA LYS E 282 -8.16 -36.04 -34.07
C LYS E 282 -9.60 -36.31 -33.70
N TYR E 283 -10.49 -35.36 -33.99
CA TYR E 283 -11.91 -35.50 -33.74
C TYR E 283 -12.64 -35.81 -35.04
N ASN E 284 -13.61 -36.71 -34.97
CA ASN E 284 -14.42 -37.07 -36.13
C ASN E 284 -15.63 -36.15 -36.21
N GLU E 285 -16.58 -36.50 -37.09
CA GLU E 285 -17.78 -35.68 -37.24
C GLU E 285 -18.67 -35.75 -35.99
N ASN E 286 -18.67 -36.88 -35.30
CA ASN E 286 -19.49 -37.08 -34.11
C ASN E 286 -18.82 -36.59 -32.84
N GLY E 287 -17.61 -36.03 -32.92
CA GLY E 287 -16.94 -35.52 -31.74
C GLY E 287 -16.22 -36.55 -30.91
N THR E 288 -15.74 -37.63 -31.53
CA THR E 288 -15.02 -38.68 -30.83
C THR E 288 -13.55 -38.66 -31.26
N ILE E 289 -12.66 -38.80 -30.28
CA ILE E 289 -11.22 -38.84 -30.57
C ILE E 289 -10.90 -40.13 -31.30
N THR E 290 -10.46 -40.01 -32.55
CA THR E 290 -10.15 -41.16 -33.39
C THR E 290 -8.67 -41.52 -33.36
N ASP E 291 -7.78 -40.54 -33.34
CA ASP E 291 -6.35 -40.80 -33.34
C ASP E 291 -5.63 -39.68 -32.60
N ALA E 292 -4.39 -39.94 -32.22
CA ALA E 292 -3.58 -38.98 -31.48
C ALA E 292 -2.13 -39.06 -31.96
N VAL E 293 -1.41 -37.96 -31.77
CA VAL E 293 -0.01 -37.85 -32.16
C VAL E 293 0.75 -37.18 -31.02
N ASP E 294 1.82 -37.82 -30.56
CA ASP E 294 2.68 -37.26 -29.53
C ASP E 294 3.71 -36.34 -30.18
N CYS E 295 3.69 -35.07 -29.81
CA CYS E 295 4.54 -34.08 -30.46
C CYS E 295 6.03 -34.33 -30.22
N ALA E 296 6.39 -35.06 -29.17
CA ALA E 296 7.79 -35.30 -28.84
C ALA E 296 8.17 -36.77 -28.94
N LEU E 297 7.47 -37.54 -29.77
CA LEU E 297 7.79 -38.96 -29.92
C LEU E 297 8.94 -39.15 -30.91
N ASP E 298 8.73 -38.73 -32.16
CA ASP E 298 9.72 -38.90 -33.22
C ASP E 298 9.62 -37.70 -34.15
N PRO E 299 10.63 -37.48 -35.00
CA PRO E 299 10.56 -36.33 -35.91
C PRO E 299 9.35 -36.34 -36.83
N LEU E 300 8.86 -37.51 -37.23
CA LEU E 300 7.65 -37.57 -38.05
C LEU E 300 6.45 -37.04 -37.28
N SER E 301 6.28 -37.50 -36.04
CA SER E 301 5.19 -36.99 -35.21
C SER E 301 5.38 -35.50 -34.91
N GLU E 302 6.63 -35.05 -34.81
CA GLU E 302 6.86 -33.62 -34.61
C GLU E 302 6.45 -32.81 -35.83
N THR E 303 6.71 -33.33 -37.03
CA THR E 303 6.21 -32.67 -38.24
C THR E 303 4.69 -32.66 -38.29
N LYS E 304 4.07 -33.78 -37.93
CA LYS E 304 2.61 -33.84 -37.92
C LYS E 304 2.03 -32.84 -36.92
N CYS E 305 2.70 -32.66 -35.78
CA CYS E 305 2.23 -31.76 -34.74
C CYS E 305 2.48 -30.30 -35.09
N THR E 306 3.56 -30.01 -35.80
CA THR E 306 3.81 -28.63 -36.24
C THR E 306 2.87 -28.23 -37.36
N LEU E 307 2.65 -29.13 -38.34
CA LEU E 307 1.75 -28.85 -39.44
C LEU E 307 0.28 -29.02 -39.06
N LYS E 308 -0.01 -29.59 -37.90
CA LYS E 308 -1.38 -29.86 -37.46
C LYS E 308 -2.14 -30.69 -38.49
N SER E 309 -1.50 -31.78 -38.93
CA SER E 309 -2.10 -32.67 -39.92
C SER E 309 -1.50 -34.06 -39.76
N PHE E 310 -2.33 -35.08 -39.97
CA PHE E 310 -1.86 -36.45 -39.91
C PHE E 310 -1.19 -36.90 -41.20
N THR E 311 -1.47 -36.23 -42.32
CA THR E 311 -0.86 -36.52 -43.60
C THR E 311 0.17 -35.44 -43.91
N VAL E 312 1.43 -35.85 -44.07
CA VAL E 312 2.53 -34.92 -44.34
C VAL E 312 2.88 -35.03 -45.82
N GLU E 313 3.06 -33.88 -46.47
CA GLU E 313 3.44 -33.86 -47.87
C GLU E 313 4.95 -33.97 -48.01
N LYS E 314 5.39 -34.39 -49.20
CA LYS E 314 6.81 -34.55 -49.47
C LYS E 314 7.51 -33.20 -49.43
N GLY E 315 8.58 -33.11 -48.67
CA GLY E 315 9.35 -31.89 -48.57
C GLY E 315 10.16 -31.86 -47.29
N ILE E 316 10.67 -30.67 -46.98
CA ILE E 316 11.47 -30.42 -45.79
C ILE E 316 10.73 -29.39 -44.93
N TYR E 317 10.62 -29.68 -43.64
CA TYR E 317 9.84 -28.84 -42.73
C TYR E 317 10.67 -28.49 -41.51
N GLN E 318 10.59 -27.24 -41.08
CA GLN E 318 11.25 -26.77 -39.87
C GLN E 318 10.33 -26.99 -38.69
N THR E 319 10.75 -27.82 -37.74
CA THR E 319 9.93 -28.20 -36.60
C THR E 319 10.33 -27.50 -35.31
N SER E 320 11.59 -27.62 -34.91
CA SER E 320 12.06 -27.03 -33.67
C SER E 320 13.52 -26.63 -33.83
N ASN E 321 14.17 -26.36 -32.71
CA ASN E 321 15.58 -25.97 -32.69
C ASN E 321 16.31 -26.79 -31.64
N PHE E 322 17.45 -27.36 -32.02
CA PHE E 322 18.25 -28.12 -31.08
C PHE E 322 19.12 -27.18 -30.24
N ARG E 323 19.42 -27.62 -29.03
CA ARG E 323 20.20 -26.80 -28.10
C ARG E 323 20.99 -27.71 -27.19
N VAL E 324 22.31 -27.50 -27.16
CA VAL E 324 23.20 -28.27 -26.29
C VAL E 324 23.03 -27.75 -24.87
N GLN E 325 22.51 -28.58 -23.99
CA GLN E 325 22.27 -28.17 -22.61
C GLN E 325 23.56 -28.25 -21.79
N PRO E 326 23.73 -27.34 -20.82
CA PRO E 326 24.94 -27.38 -19.99
C PRO E 326 24.95 -28.59 -19.07
N THR E 327 26.10 -29.25 -19.01
CA THR E 327 26.26 -30.43 -18.16
C THR E 327 26.68 -30.07 -16.74
N GLU E 328 27.51 -29.04 -16.58
CA GLU E 328 28.02 -28.64 -15.28
C GLU E 328 27.73 -27.17 -15.04
N SER E 329 27.88 -26.75 -13.79
CA SER E 329 27.73 -25.35 -13.39
C SER E 329 28.93 -24.98 -12.52
N ILE E 330 29.70 -24.00 -12.98
CA ILE E 330 30.91 -23.58 -12.29
C ILE E 330 30.75 -22.14 -11.83
N VAL E 331 31.37 -21.83 -10.69
CA VAL E 331 31.36 -20.50 -10.10
C VAL E 331 32.80 -20.11 -9.81
N ARG E 332 33.28 -19.06 -10.46
CA ARG E 332 34.67 -18.61 -10.34
C ARG E 332 34.71 -17.27 -9.62
N PHE E 333 35.40 -17.23 -8.49
CA PHE E 333 35.63 -16.03 -7.72
C PHE E 333 37.11 -15.93 -7.37
N PRO E 334 37.62 -14.74 -7.12
CA PRO E 334 39.04 -14.58 -6.80
C PRO E 334 39.37 -15.24 -5.46
N ASN E 335 40.67 -15.26 -5.17
CA ASN E 335 41.14 -15.87 -3.92
C ASN E 335 40.59 -15.12 -2.72
N VAL E 336 40.23 -15.88 -1.68
CA VAL E 336 39.64 -15.32 -0.47
C VAL E 336 40.80 -14.92 0.43
N THR E 337 41.31 -13.70 0.22
CA THR E 337 42.41 -13.15 0.99
C THR E 337 41.89 -11.99 1.85
N ASN E 338 42.82 -11.37 2.57
CA ASN E 338 42.50 -10.25 3.47
C ASN E 338 41.45 -10.65 4.50
N LEU E 339 41.82 -11.62 5.34
CA LEU E 339 40.91 -12.12 6.36
C LEU E 339 40.62 -11.04 7.40
N CYS E 340 39.42 -11.10 7.96
CA CYS E 340 39.01 -10.13 8.96
C CYS E 340 39.77 -10.34 10.27
N PRO E 341 39.87 -9.29 11.09
CA PRO E 341 40.62 -9.41 12.36
C PRO E 341 39.90 -10.18 13.45
N PHE E 342 38.83 -10.93 13.14
CA PHE E 342 38.16 -11.73 14.15
C PHE E 342 39.09 -12.76 14.78
N HIS E 343 40.14 -13.18 14.04
CA HIS E 343 41.10 -14.11 14.60
C HIS E 343 41.86 -13.47 15.76
N GLU E 344 42.16 -12.18 15.67
CA GLU E 344 42.82 -11.46 16.75
C GLU E 344 41.86 -11.01 17.84
N VAL E 345 40.56 -11.25 17.68
CA VAL E 345 39.57 -10.84 18.68
C VAL E 345 39.15 -12.06 19.49
N PHE E 346 38.75 -13.13 18.81
CA PHE E 346 38.31 -14.33 19.52
C PHE E 346 39.48 -15.07 20.16
N ASN E 347 40.69 -14.89 19.63
CA ASN E 347 41.88 -15.52 20.18
C ASN E 347 42.83 -14.50 20.80
N ALA E 348 42.28 -13.49 21.47
CA ALA E 348 43.10 -12.48 22.10
C ALA E 348 43.65 -12.98 23.43
N THR E 349 44.78 -12.39 23.85
CA THR E 349 45.39 -12.78 25.11
C THR E 349 44.62 -12.22 26.30
N THR E 350 44.39 -10.91 26.32
CA THR E 350 43.65 -10.27 27.40
C THR E 350 42.47 -9.50 26.82
N PHE E 351 41.39 -9.45 27.58
CA PHE E 351 40.17 -8.77 27.18
C PHE E 351 39.86 -7.63 28.16
N ALA E 352 38.94 -6.77 27.73
CA ALA E 352 38.53 -5.62 28.53
C ALA E 352 37.33 -5.98 29.40
N SER E 353 37.09 -5.13 30.40
CA SER E 353 35.97 -5.34 31.31
C SER E 353 34.64 -5.02 30.61
N VAL E 354 33.55 -5.30 31.31
CA VAL E 354 32.23 -5.09 30.74
C VAL E 354 31.88 -3.60 30.72
N TYR E 355 32.38 -2.84 31.70
CA TYR E 355 32.10 -1.41 31.75
C TYR E 355 33.05 -0.60 30.88
N ALA E 356 34.16 -1.18 30.44
CA ALA E 356 35.14 -0.52 29.59
C ALA E 356 35.44 -1.37 28.36
N TRP E 357 34.37 -1.87 27.73
CA TRP E 357 34.54 -2.73 26.57
C TRP E 357 35.10 -1.94 25.39
N ASN E 358 36.05 -2.56 24.68
CA ASN E 358 36.69 -1.95 23.52
C ASN E 358 36.06 -2.51 22.25
N ARG E 359 35.51 -1.62 21.44
CA ARG E 359 34.87 -2.01 20.19
C ARG E 359 35.89 -2.12 19.07
N THR E 360 35.90 -3.26 18.40
CA THR E 360 36.78 -3.49 17.26
C THR E 360 35.98 -3.37 15.97
N ARG E 361 36.44 -2.49 15.08
CA ARG E 361 35.75 -2.25 13.82
C ARG E 361 36.27 -3.20 12.75
N ILE E 362 35.36 -3.86 12.06
CA ILE E 362 35.68 -4.81 11.01
C ILE E 362 35.19 -4.24 9.68
N SER E 363 36.12 -4.02 8.75
CA SER E 363 35.78 -3.45 7.45
C SER E 363 36.85 -3.82 6.45
N ASN E 364 36.45 -3.88 5.18
CA ASN E 364 37.35 -4.17 4.06
C ASN E 364 38.04 -5.52 4.24
N CYS E 365 37.21 -6.56 4.42
CA CYS E 365 37.70 -7.91 4.61
C CYS E 365 36.54 -8.88 4.41
N VAL E 366 36.88 -10.13 4.15
CA VAL E 366 35.90 -11.18 3.93
C VAL E 366 35.59 -11.82 5.29
N ALA E 367 34.36 -11.66 5.76
CA ALA E 367 33.94 -12.18 7.05
C ALA E 367 33.67 -13.67 6.91
N ASP E 368 34.70 -14.47 7.11
CA ASP E 368 34.58 -15.93 7.02
C ASP E 368 34.13 -16.46 8.38
N TYR E 369 32.81 -16.66 8.52
CA TYR E 369 32.26 -17.16 9.77
C TYR E 369 32.46 -18.65 9.96
N SER E 370 32.96 -19.35 8.94
CA SER E 370 33.16 -20.80 9.06
C SER E 370 34.37 -21.12 9.93
N VAL E 371 35.42 -20.29 9.88
CA VAL E 371 36.62 -20.53 10.68
C VAL E 371 36.45 -20.09 12.12
N LEU E 372 35.29 -19.58 12.51
CA LEU E 372 35.07 -19.18 13.90
C LEU E 372 34.87 -20.37 14.83
N TYR E 373 34.73 -21.58 14.28
CA TYR E 373 34.52 -22.77 15.08
C TYR E 373 35.81 -23.50 15.42
N ASN E 374 36.96 -23.00 14.97
CA ASN E 374 38.23 -23.64 15.28
C ASN E 374 38.69 -23.40 16.71
N PHE E 375 38.02 -22.50 17.43
CA PHE E 375 38.36 -22.24 18.83
C PHE E 375 37.72 -23.30 19.71
N ALA E 376 37.75 -23.08 21.03
CA ALA E 376 37.17 -24.04 21.96
C ALA E 376 35.68 -24.21 21.69
N PRO E 377 35.14 -25.43 21.77
CA PRO E 377 33.75 -25.67 21.38
C PRO E 377 32.71 -25.22 22.38
N PHE E 378 33.08 -24.40 23.38
CA PHE E 378 32.15 -23.93 24.39
C PHE E 378 31.32 -22.73 23.91
N PHE E 379 31.26 -22.49 22.60
CA PHE E 379 30.51 -21.36 22.07
C PHE E 379 29.01 -21.54 22.33
N ALA E 380 28.34 -20.42 22.55
CA ALA E 380 26.89 -20.38 22.74
C ALA E 380 26.33 -19.31 21.82
N PHE E 381 25.72 -19.73 20.71
CA PHE E 381 25.21 -18.81 19.70
C PHE E 381 23.76 -18.47 19.99
N LYS E 382 23.43 -17.19 19.90
CA LYS E 382 22.04 -16.73 20.07
C LYS E 382 21.88 -15.48 19.22
N CYS E 383 21.34 -15.66 18.01
CA CYS E 383 21.19 -14.57 17.06
C CYS E 383 19.78 -13.98 17.13
N TYR E 384 19.64 -12.79 16.56
CA TYR E 384 18.34 -12.10 16.51
C TYR E 384 18.21 -11.42 15.16
N GLY E 385 17.17 -11.79 14.40
CA GLY E 385 16.90 -11.17 13.13
C GLY E 385 17.74 -11.67 11.97
N VAL E 386 18.69 -12.57 12.21
CA VAL E 386 19.56 -13.08 11.15
C VAL E 386 19.97 -14.51 11.52
N SER E 387 20.21 -15.33 10.50
CA SER E 387 20.62 -16.71 10.71
C SER E 387 22.13 -16.84 10.59
N PRO E 388 22.76 -17.62 11.47
CA PRO E 388 24.23 -17.78 11.37
C PRO E 388 24.67 -18.56 10.15
N THR E 389 23.81 -19.44 9.62
CA THR E 389 24.19 -20.21 8.44
C THR E 389 24.10 -19.37 7.17
N LYS E 390 23.02 -18.61 7.00
CA LYS E 390 22.86 -17.74 5.84
C LYS E 390 23.64 -16.43 5.97
N LEU E 391 24.36 -16.23 7.07
CA LEU E 391 25.11 -14.99 7.24
C LEU E 391 26.30 -14.93 6.29
N ASN E 392 26.82 -16.08 5.87
CA ASN E 392 27.96 -16.14 4.97
C ASN E 392 27.62 -15.78 3.53
N ASP E 393 26.36 -15.45 3.23
CA ASP E 393 25.94 -15.11 1.88
C ASP E 393 25.51 -13.66 1.74
N LEU E 394 25.57 -12.87 2.80
CA LEU E 394 25.14 -11.48 2.79
C LEU E 394 26.36 -10.56 2.90
N CYS E 395 26.13 -9.28 2.61
CA CYS E 395 27.14 -8.24 2.71
C CYS E 395 26.72 -7.20 3.73
N PHE E 396 27.71 -6.53 4.31
CA PHE E 396 27.48 -5.49 5.30
C PHE E 396 28.48 -4.37 5.11
N THR E 397 28.07 -3.15 5.48
CA THR E 397 28.96 -2.00 5.35
C THR E 397 30.06 -2.03 6.41
N ASN E 398 29.67 -2.01 7.68
CA ASN E 398 30.61 -2.02 8.80
C ASN E 398 30.16 -3.07 9.81
N VAL E 399 31.14 -3.77 10.38
CA VAL E 399 30.90 -4.79 11.39
C VAL E 399 31.67 -4.41 12.65
N TYR E 400 31.00 -4.47 13.79
CA TYR E 400 31.58 -4.11 15.08
C TYR E 400 31.43 -5.29 16.04
N ALA E 401 32.55 -5.70 16.64
CA ALA E 401 32.58 -6.82 17.58
C ALA E 401 32.93 -6.28 18.96
N ASP E 402 31.94 -6.25 19.85
CA ASP E 402 32.15 -5.79 21.21
C ASP E 402 32.51 -6.98 22.09
N SER E 403 33.69 -6.92 22.71
CA SER E 403 34.20 -8.00 23.54
C SER E 403 34.24 -7.59 25.00
N PHE E 404 33.81 -8.49 25.88
CA PHE E 404 33.83 -8.24 27.31
C PHE E 404 33.69 -9.57 28.03
N VAL E 405 34.12 -9.59 29.29
CA VAL E 405 34.12 -10.79 30.12
C VAL E 405 33.14 -10.58 31.26
N ILE E 406 32.19 -11.51 31.40
CA ILE E 406 31.20 -11.48 32.47
C ILE E 406 31.04 -12.88 33.03
N LYS E 407 30.36 -12.95 34.18
CA LYS E 407 30.12 -14.23 34.81
C LYS E 407 29.04 -15.01 34.06
N GLY E 408 28.84 -16.27 34.46
CA GLY E 408 27.89 -17.12 33.77
C GLY E 408 26.46 -16.72 33.98
N ASN E 409 26.14 -16.13 35.15
CA ASN E 409 24.77 -15.74 35.43
C ASN E 409 24.35 -14.52 34.63
N GLU E 410 25.30 -13.70 34.20
CA GLU E 410 25.01 -12.48 33.44
C GLU E 410 25.04 -12.70 31.93
N VAL E 411 25.22 -13.94 31.47
CA VAL E 411 25.26 -14.19 30.03
C VAL E 411 23.89 -13.97 29.42
N SER E 412 22.83 -14.38 30.11
CA SER E 412 21.47 -14.21 29.59
C SER E 412 21.03 -12.76 29.57
N GLN E 413 21.73 -11.88 30.29
CA GLN E 413 21.38 -10.47 30.32
C GLN E 413 21.82 -9.72 29.07
N ILE E 414 22.68 -10.31 28.25
CA ILE E 414 23.15 -9.65 27.02
C ILE E 414 22.16 -10.03 25.92
N ALA E 415 21.07 -9.27 25.86
CA ALA E 415 20.01 -9.48 24.87
C ALA E 415 19.10 -8.26 24.84
N PRO E 416 18.53 -7.92 23.68
CA PRO E 416 17.63 -6.77 23.61
C PRO E 416 16.36 -7.02 24.42
N GLY E 417 16.06 -6.09 25.33
CA GLY E 417 14.87 -6.17 26.16
C GLY E 417 15.09 -6.74 27.54
N GLN E 418 16.33 -7.01 27.94
CA GLN E 418 16.61 -7.56 29.25
C GLN E 418 16.69 -6.44 30.29
N THR E 419 16.64 -6.83 31.56
CA THR E 419 16.70 -5.90 32.68
C THR E 419 17.74 -6.41 33.68
N GLY E 420 18.62 -5.52 34.12
CA GLY E 420 19.64 -5.89 35.06
C GLY E 420 20.66 -4.79 35.21
N ASN E 421 21.57 -4.99 36.17
CA ASN E 421 22.61 -3.99 36.43
C ASN E 421 23.56 -3.87 35.25
N ILE E 422 23.98 -5.00 34.68
CA ILE E 422 24.88 -4.97 33.54
C ILE E 422 24.16 -4.45 32.29
N ALA E 423 22.90 -4.84 32.11
CA ALA E 423 22.13 -4.42 30.96
C ALA E 423 21.77 -2.95 30.98
N ASP E 424 22.06 -2.23 32.07
CA ASP E 424 21.72 -0.82 32.20
C ASP E 424 22.92 0.08 32.44
N TYR E 425 23.90 -0.36 33.24
CA TYR E 425 25.04 0.48 33.58
C TYR E 425 26.36 -0.01 32.99
N ASN E 426 26.36 -1.14 32.29
CA ASN E 426 27.57 -1.67 31.70
C ASN E 426 27.49 -1.79 30.18
N TYR E 427 26.43 -2.40 29.66
CA TYR E 427 26.28 -2.59 28.22
C TYR E 427 24.83 -2.89 27.91
N LYS E 428 24.26 -2.14 26.95
CA LYS E 428 22.86 -2.28 26.58
C LYS E 428 22.74 -2.37 25.06
N LEU E 429 21.85 -3.26 24.60
CA LEU E 429 21.57 -3.45 23.19
C LEU E 429 20.30 -2.70 22.78
N PRO E 430 20.27 -2.16 21.57
CA PRO E 430 19.06 -1.45 21.12
C PRO E 430 17.92 -2.41 20.82
N ASP E 431 16.73 -1.83 20.65
CA ASP E 431 15.55 -2.65 20.38
C ASP E 431 15.58 -3.23 18.98
N ASP E 432 16.18 -2.51 18.02
CA ASP E 432 16.27 -2.96 16.63
C ASP E 432 17.66 -3.47 16.29
N PHE E 433 18.32 -4.14 17.22
CA PHE E 433 19.66 -4.65 16.98
C PHE E 433 19.62 -5.80 15.97
N THR E 434 20.54 -5.76 15.01
CA THR E 434 20.66 -6.80 14.00
C THR E 434 22.04 -7.43 14.10
N GLY E 435 22.08 -8.73 14.39
CA GLY E 435 23.35 -9.43 14.53
C GLY E 435 23.16 -10.68 15.36
N CYS E 436 24.29 -11.14 15.92
CA CYS E 436 24.29 -12.33 16.75
C CYS E 436 25.20 -12.10 17.96
N VAL E 437 24.92 -12.83 19.03
CA VAL E 437 25.71 -12.78 20.26
C VAL E 437 26.48 -14.08 20.40
N ILE E 438 27.79 -13.97 20.61
CA ILE E 438 28.67 -15.12 20.75
C ILE E 438 29.31 -15.08 22.13
N ALA E 439 29.25 -16.20 22.85
CA ALA E 439 29.84 -16.30 24.18
C ALA E 439 30.33 -17.72 24.39
N TRP E 440 31.44 -17.84 25.12
CA TRP E 440 32.04 -19.14 25.40
C TRP E 440 32.71 -19.10 26.77
N ASN E 441 32.83 -20.29 27.37
CA ASN E 441 33.46 -20.39 28.67
C ASN E 441 34.97 -20.26 28.56
N SER E 442 35.56 -19.47 29.44
CA SER E 442 37.00 -19.22 29.47
C SER E 442 37.52 -19.32 30.89
N ASN E 443 37.11 -20.38 31.60
CA ASN E 443 37.55 -20.57 32.98
C ASN E 443 39.04 -20.88 33.05
N LYS E 444 39.52 -21.73 32.14
CA LYS E 444 40.93 -22.11 32.12
C LYS E 444 41.84 -21.04 31.51
N LEU E 445 41.31 -19.87 31.19
CA LEU E 445 42.09 -18.79 30.59
C LEU E 445 42.10 -17.53 31.42
N ASP E 446 40.98 -17.15 32.04
CA ASP E 446 40.88 -15.93 32.82
C ASP E 446 41.03 -16.18 34.32
N SER E 447 41.45 -17.37 34.72
CA SER E 447 41.60 -17.67 36.14
C SER E 447 42.95 -17.19 36.64
N LYS E 448 43.01 -16.95 37.96
CA LYS E 448 44.23 -16.51 38.61
C LYS E 448 44.20 -16.94 40.06
N HIS E 449 45.38 -17.25 40.60
CA HIS E 449 45.48 -17.68 41.99
C HIS E 449 45.05 -16.56 42.93
N SER E 450 44.36 -16.94 44.01
CA SER E 450 43.86 -16.01 45.02
C SER E 450 42.93 -14.95 44.45
N GLY E 451 42.27 -15.25 43.34
CA GLY E 451 41.32 -14.32 42.76
C GLY E 451 41.89 -13.50 41.61
N ASN E 452 41.10 -13.31 40.56
CA ASN E 452 41.49 -12.52 39.40
C ASN E 452 40.77 -11.18 39.48
N TYR E 453 41.38 -10.24 40.19
CA TYR E 453 40.79 -8.92 40.42
C TYR E 453 41.02 -7.95 39.26
N ASP E 454 41.45 -8.44 38.10
CA ASP E 454 41.71 -7.55 36.97
C ASP E 454 40.43 -7.11 36.28
N TYR E 455 39.32 -7.80 36.49
CA TYR E 455 38.05 -7.47 35.86
C TYR E 455 37.13 -6.78 36.85
N TRP E 456 36.46 -5.73 36.39
CA TRP E 456 35.54 -4.95 37.20
C TRP E 456 34.24 -4.74 36.45
N TYR E 457 33.19 -4.37 37.18
CA TYR E 457 31.90 -4.09 36.58
C TYR E 457 31.26 -2.90 37.30
N ARG E 458 30.44 -2.15 36.57
CA ARG E 458 29.76 -0.98 37.09
C ARG E 458 28.33 -1.38 37.50
N SER E 459 28.04 -1.31 38.79
CA SER E 459 26.73 -1.64 39.31
C SER E 459 25.91 -0.44 39.76
N LEU E 460 26.53 0.74 39.88
CA LEU E 460 25.85 1.95 40.32
C LEU E 460 26.16 3.09 39.37
N ARG E 461 25.14 3.88 39.04
CA ARG E 461 25.31 5.04 38.18
C ARG E 461 24.13 5.96 38.38
N LYS E 462 24.32 7.24 38.03
CA LYS E 462 23.26 8.22 38.20
C LYS E 462 22.09 7.95 37.24
N SER E 463 22.37 7.43 36.05
CA SER E 463 21.32 7.17 35.08
C SER E 463 21.74 5.99 34.21
N LYS E 464 20.77 5.45 33.48
CA LYS E 464 21.04 4.32 32.60
C LYS E 464 21.83 4.77 31.37
N LEU E 465 22.72 3.89 30.91
CA LEU E 465 23.55 4.20 29.76
C LEU E 465 22.78 4.02 28.45
N LYS E 466 23.11 4.86 27.48
CA LYS E 466 22.54 4.72 26.15
C LYS E 466 23.10 3.46 25.49
N PRO E 467 22.29 2.77 24.69
CA PRO E 467 22.81 1.61 23.95
C PRO E 467 24.01 1.98 23.09
N PHE E 468 25.00 1.09 23.07
CA PHE E 468 26.25 1.28 22.33
C PHE E 468 27.01 2.51 22.80
N GLU E 469 27.12 2.68 24.12
CA GLU E 469 27.87 3.78 24.72
C GLU E 469 28.85 3.24 25.75
N ARG E 470 29.99 3.91 25.88
CA ARG E 470 31.02 3.54 26.84
C ARG E 470 31.23 4.68 27.84
N ASP E 471 31.38 4.31 29.10
CA ASP E 471 31.59 5.29 30.16
C ASP E 471 32.57 4.69 31.17
N ILE E 472 33.74 5.31 31.30
CA ILE E 472 34.78 4.82 32.21
C ILE E 472 34.96 5.77 33.40
N SER E 473 33.91 6.52 33.74
CA SER E 473 33.99 7.45 34.87
C SER E 473 34.07 6.68 36.18
N THR E 474 35.01 7.08 37.04
CA THR E 474 35.21 6.45 38.34
C THR E 474 34.73 7.33 39.48
N GLU E 475 33.75 8.20 39.21
CA GLU E 475 33.22 9.08 40.25
C GLU E 475 32.39 8.28 41.25
N ILE E 476 32.52 8.63 42.52
CA ILE E 476 31.77 7.95 43.57
C ILE E 476 30.29 8.28 43.44
N TYR E 477 29.45 7.25 43.51
CA TYR E 477 28.02 7.45 43.36
C TYR E 477 27.44 8.09 44.62
N GLN E 478 26.75 9.21 44.45
CA GLN E 478 26.11 9.92 45.56
C GLN E 478 24.71 9.35 45.75
N ALA E 479 24.51 8.65 46.85
CA ALA E 479 23.23 8.01 47.14
C ALA E 479 22.33 8.86 48.04
N GLY E 480 22.77 10.05 48.43
CA GLY E 480 21.98 10.90 49.29
C GLY E 480 22.00 12.36 48.89
N ASN E 481 21.40 13.22 49.72
CA ASN E 481 21.38 14.65 49.43
C ASN E 481 22.66 15.35 49.85
N LYS E 482 23.48 14.73 50.69
CA LYS E 482 24.72 15.35 51.11
C LYS E 482 25.74 15.34 49.97
N PRO E 483 26.52 16.40 49.80
CA PRO E 483 27.51 16.42 48.73
C PRO E 483 28.60 15.38 48.97
N CYS E 484 28.97 14.68 47.89
CA CYS E 484 30.00 13.64 47.96
C CYS E 484 31.37 14.29 48.07
N LYS E 485 32.12 13.93 49.11
CA LYS E 485 33.46 14.48 49.31
C LYS E 485 34.46 13.43 49.76
N GLY E 486 34.12 12.15 49.62
CA GLY E 486 35.01 11.08 50.03
C GLY E 486 34.24 9.83 50.38
N LYS E 487 34.98 8.75 50.57
CA LYS E 487 34.38 7.47 50.92
C LYS E 487 33.79 7.52 52.32
N GLY E 488 32.53 7.12 52.45
CA GLY E 488 31.85 7.11 53.72
C GLY E 488 30.35 6.90 53.58
N PRO E 489 29.57 7.53 54.45
CA PRO E 489 28.12 7.37 54.38
C PRO E 489 27.56 7.97 53.10
N ASN E 490 26.64 7.23 52.47
CA ASN E 490 25.97 7.63 51.23
C ASN E 490 26.95 7.88 50.09
N CYS E 491 28.16 7.31 50.17
CA CYS E 491 29.17 7.47 49.13
C CYS E 491 29.88 6.12 48.98
N TYR E 492 29.43 5.33 48.01
CA TYR E 492 29.97 4.00 47.76
C TYR E 492 30.60 3.96 46.38
N PHE E 493 31.68 3.19 46.26
CA PHE E 493 32.39 3.06 45.00
C PHE E 493 31.52 2.29 44.01
N PRO E 494 31.23 2.83 42.82
CA PRO E 494 30.33 2.13 41.89
C PRO E 494 30.94 0.94 41.20
N LEU E 495 32.27 0.84 41.14
CA LEU E 495 32.94 -0.26 40.45
C LEU E 495 33.28 -1.37 41.44
N GLN E 496 32.91 -2.60 41.10
CA GLN E 496 33.20 -3.77 41.93
C GLN E 496 33.93 -4.79 41.08
N SER E 497 34.84 -5.53 41.71
CA SER E 497 35.66 -6.52 41.04
C SER E 497 35.04 -7.91 41.17
N TYR E 498 35.24 -8.72 40.13
CA TYR E 498 34.72 -10.08 40.15
C TYR E 498 35.59 -11.00 41.01
N GLY E 499 36.87 -11.10 40.67
CA GLY E 499 37.75 -12.01 41.37
C GLY E 499 37.53 -13.45 40.96
N PHE E 500 37.75 -13.75 39.68
CA PHE E 500 37.50 -15.09 39.16
C PHE E 500 38.50 -16.09 39.75
N ARG E 501 37.97 -17.23 40.20
CA ARG E 501 38.78 -18.32 40.72
C ARG E 501 38.42 -19.62 40.01
N PRO E 502 39.38 -20.52 39.81
CA PRO E 502 39.07 -21.77 39.09
C PRO E 502 38.19 -22.72 39.89
N THR E 503 38.05 -22.53 41.19
CA THR E 503 37.24 -23.41 42.03
C THR E 503 35.79 -22.95 42.14
N TYR E 504 35.36 -21.99 41.33
CA TYR E 504 33.99 -21.52 41.37
C TYR E 504 33.06 -22.50 40.67
N GLY E 505 31.75 -22.27 40.85
CA GLY E 505 30.75 -23.09 40.20
C GLY E 505 30.65 -22.79 38.72
N VAL E 506 29.74 -23.52 38.07
CA VAL E 506 29.55 -23.37 36.63
C VAL E 506 28.94 -22.01 36.30
N GLY E 507 28.19 -21.43 37.23
CA GLY E 507 27.55 -20.14 37.01
C GLY E 507 28.41 -18.93 37.31
N HIS E 508 29.58 -19.13 37.91
CA HIS E 508 30.46 -18.03 38.27
C HIS E 508 31.77 -18.02 37.48
N GLN E 509 31.95 -18.95 36.55
CA GLN E 509 33.15 -18.95 35.74
C GLN E 509 33.15 -17.77 34.78
N PRO E 510 34.34 -17.29 34.38
CA PRO E 510 34.39 -16.17 33.43
C PRO E 510 33.96 -16.61 32.04
N TYR E 511 33.09 -15.80 31.43
CA TYR E 511 32.58 -16.06 30.08
C TYR E 511 32.91 -14.85 29.20
N ARG E 512 33.68 -15.09 28.15
CA ARG E 512 34.01 -14.04 27.20
C ARG E 512 32.90 -13.94 26.16
N VAL E 513 32.24 -12.79 26.12
CA VAL E 513 31.10 -12.56 25.23
C VAL E 513 31.53 -11.60 24.13
N VAL E 514 31.23 -11.97 22.89
CA VAL E 514 31.52 -11.15 21.72
C VAL E 514 30.22 -10.93 20.96
N VAL E 515 29.79 -9.67 20.88
CA VAL E 515 28.54 -9.31 20.23
C VAL E 515 28.88 -8.77 18.84
N LEU E 516 28.34 -9.41 17.81
CA LEU E 516 28.58 -9.00 16.43
C LEU E 516 27.52 -7.98 16.02
N SER E 517 27.95 -6.72 15.88
CA SER E 517 27.06 -5.64 15.48
C SER E 517 27.28 -5.31 14.01
N PHE E 518 26.19 -5.23 13.26
CA PHE E 518 26.25 -4.93 11.84
C PHE E 518 25.59 -3.59 11.56
N GLU E 519 26.13 -2.87 10.58
CA GLU E 519 25.63 -1.55 10.19
C GLU E 519 25.38 -1.53 8.70
N LEU E 520 24.22 -1.01 8.30
CA LEU E 520 23.84 -0.90 6.90
C LEU E 520 23.40 0.53 6.62
N LEU E 521 24.04 1.17 5.65
CA LEU E 521 23.75 2.56 5.30
C LEU E 521 23.86 2.71 3.79
N HIS E 522 23.44 3.88 3.30
CA HIS E 522 23.50 4.16 1.87
C HIS E 522 24.94 4.45 1.45
N ALA E 523 25.77 3.41 1.41
CA ALA E 523 27.17 3.54 1.06
C ALA E 523 27.65 2.20 0.51
N PRO E 524 28.68 2.19 -0.33
CA PRO E 524 29.22 0.92 -0.84
C PRO E 524 29.72 0.04 0.29
N ALA E 525 29.20 -1.18 0.34
CA ALA E 525 29.57 -2.11 1.41
C ALA E 525 31.01 -2.57 1.24
N THR E 526 31.62 -2.96 2.36
CA THR E 526 33.01 -3.42 2.38
C THR E 526 33.19 -4.79 2.98
N VAL E 527 32.18 -5.35 3.66
CA VAL E 527 32.26 -6.65 4.29
C VAL E 527 31.24 -7.58 3.65
N CYS E 528 31.69 -8.77 3.25
CA CYS E 528 30.81 -9.77 2.68
C CYS E 528 31.25 -11.15 3.17
N GLY E 529 30.36 -12.12 3.02
CA GLY E 529 30.64 -13.48 3.40
C GLY E 529 31.56 -14.17 2.42
N PRO E 530 32.04 -15.35 2.80
CA PRO E 530 32.93 -16.10 1.91
C PRO E 530 32.17 -16.69 0.73
N LYS E 531 32.82 -16.69 -0.42
CA LYS E 531 32.24 -17.20 -1.66
C LYS E 531 33.06 -18.39 -2.15
N LYS E 532 32.39 -19.51 -2.40
CA LYS E 532 33.07 -20.72 -2.85
C LYS E 532 33.39 -20.63 -4.33
N SER E 533 34.48 -21.29 -4.72
CA SER E 533 34.96 -21.28 -6.09
C SER E 533 35.05 -22.73 -6.60
N THR E 534 34.34 -23.01 -7.68
CA THR E 534 34.35 -24.33 -8.30
C THR E 534 35.51 -24.45 -9.28
N ASN E 535 35.83 -25.69 -9.63
CA ASN E 535 36.93 -25.96 -10.55
C ASN E 535 36.58 -25.43 -11.95
N LEU E 536 37.63 -25.16 -12.74
CA LEU E 536 37.48 -24.61 -14.08
C LEU E 536 37.47 -25.74 -15.09
N VAL E 537 36.40 -25.85 -15.86
CA VAL E 537 36.26 -26.85 -16.91
C VAL E 537 36.26 -26.14 -18.26
N LYS E 538 37.00 -26.70 -19.21
CA LYS E 538 37.15 -26.10 -20.54
C LYS E 538 36.62 -27.07 -21.59
N ASN E 539 36.38 -26.52 -22.79
CA ASN E 539 35.93 -27.25 -23.96
C ASN E 539 34.61 -27.98 -23.73
N LYS E 540 33.81 -27.51 -22.78
CA LYS E 540 32.50 -28.10 -22.49
C LYS E 540 31.49 -27.00 -22.27
N CYS E 541 30.24 -27.27 -22.63
CA CYS E 541 29.14 -26.35 -22.43
C CYS E 541 28.72 -26.39 -20.97
N VAL E 542 29.05 -25.33 -20.22
CA VAL E 542 28.76 -25.26 -18.80
C VAL E 542 28.23 -23.88 -18.45
N ASN E 543 27.54 -23.79 -17.32
CA ASN E 543 27.10 -22.52 -16.78
C ASN E 543 28.21 -21.93 -15.91
N PHE E 544 28.66 -20.74 -16.27
CA PHE E 544 29.79 -20.11 -15.60
C PHE E 544 29.35 -18.85 -14.87
N ASN E 545 30.05 -18.53 -13.79
CA ASN E 545 29.81 -17.32 -12.99
C ASN E 545 31.19 -16.75 -12.64
N PHE E 546 31.67 -15.83 -13.47
CA PHE E 546 32.97 -15.22 -13.28
C PHE E 546 32.77 -13.87 -12.57
N ASN E 547 32.81 -13.92 -11.24
CA ASN E 547 32.69 -12.73 -10.40
C ASN E 547 31.41 -11.96 -10.70
N GLY E 548 30.28 -12.66 -10.64
CA GLY E 548 28.99 -12.07 -10.87
C GLY E 548 28.53 -12.06 -12.31
N LEU E 549 29.41 -12.39 -13.26
CA LEU E 549 29.06 -12.42 -14.67
C LEU E 549 28.56 -13.82 -15.01
N THR E 550 27.24 -13.98 -15.08
CA THR E 550 26.62 -15.26 -15.35
C THR E 550 26.44 -15.47 -16.85
N GLY E 551 26.32 -16.74 -17.23
CA GLY E 551 26.13 -17.08 -18.63
C GLY E 551 26.32 -18.56 -18.84
N THR E 552 26.26 -18.95 -20.12
CA THR E 552 26.45 -20.33 -20.52
C THR E 552 27.20 -20.37 -21.84
N GLY E 553 28.05 -21.37 -22.00
CA GLY E 553 28.80 -21.52 -23.23
C GLY E 553 30.05 -22.35 -23.01
N VAL E 554 30.79 -22.51 -24.09
CA VAL E 554 32.03 -23.28 -24.10
C VAL E 554 33.19 -22.36 -23.80
N LEU E 555 34.09 -22.80 -22.92
CA LEU E 555 35.26 -22.03 -22.51
C LEU E 555 36.50 -22.65 -23.13
N THR E 556 37.24 -21.85 -23.89
CA THR E 556 38.48 -22.30 -24.52
C THR E 556 39.54 -21.22 -24.34
N LYS E 557 40.80 -21.62 -24.52
CA LYS E 557 41.90 -20.68 -24.41
C LYS E 557 41.90 -19.71 -25.59
N SER E 558 42.33 -18.48 -25.32
CA SER E 558 42.29 -17.41 -26.32
C SER E 558 43.67 -16.80 -26.48
N ASN E 559 43.87 -16.14 -27.62
CA ASN E 559 45.09 -15.41 -27.91
C ASN E 559 44.95 -13.92 -27.67
N LYS E 560 43.83 -13.49 -27.08
CA LYS E 560 43.62 -12.07 -26.82
C LYS E 560 44.49 -11.61 -25.66
N LYS E 561 45.10 -10.43 -25.82
CA LYS E 561 46.00 -9.85 -24.82
C LYS E 561 45.23 -8.79 -24.05
N PHE E 562 44.60 -9.21 -22.95
CA PHE E 562 43.86 -8.27 -22.12
C PHE E 562 44.80 -7.36 -21.37
N LEU E 563 44.31 -6.18 -21.03
CA LEU E 563 45.06 -5.26 -20.18
C LEU E 563 44.90 -5.67 -18.71
N PRO E 564 45.89 -5.33 -17.86
CA PRO E 564 45.83 -5.78 -16.46
C PRO E 564 44.57 -5.37 -15.72
N PHE E 565 43.96 -4.24 -16.07
CA PHE E 565 42.75 -3.79 -15.40
C PHE E 565 41.48 -4.29 -16.05
N GLN E 566 41.53 -4.71 -17.32
CA GLN E 566 40.35 -5.19 -18.01
C GLN E 566 40.02 -6.61 -17.56
N GLN E 567 38.74 -6.86 -17.29
CA GLN E 567 38.28 -8.15 -16.79
C GLN E 567 37.68 -9.02 -17.88
N PHE E 568 36.65 -8.53 -18.56
CA PHE E 568 35.98 -9.29 -19.61
C PHE E 568 35.96 -8.49 -20.90
N GLY E 569 35.77 -9.19 -22.00
CA GLY E 569 35.77 -8.59 -23.33
C GLY E 569 34.40 -8.67 -23.98
N ARG E 570 34.11 -7.69 -24.85
CA ARG E 570 32.87 -7.65 -25.59
C ARG E 570 33.17 -7.40 -27.06
N ASP E 571 32.33 -7.99 -27.92
CA ASP E 571 32.50 -7.86 -29.36
C ASP E 571 31.80 -6.58 -29.85
N ILE E 572 31.63 -6.48 -31.17
CA ILE E 572 31.06 -5.27 -31.77
C ILE E 572 29.62 -5.08 -31.31
N VAL E 573 28.91 -6.16 -30.98
CA VAL E 573 27.50 -6.08 -30.63
C VAL E 573 27.30 -6.07 -29.12
N ASP E 574 28.37 -5.78 -28.35
CA ASP E 574 28.29 -5.64 -26.90
C ASP E 574 27.83 -6.92 -26.21
N THR E 575 28.31 -8.07 -26.68
CA THR E 575 28.07 -9.34 -26.04
C THR E 575 29.38 -9.90 -25.51
N THR E 576 29.32 -10.51 -24.32
CA THR E 576 30.53 -11.01 -23.67
C THR E 576 31.05 -12.23 -24.42
N ASP E 577 32.25 -12.09 -24.98
CA ASP E 577 32.88 -13.17 -25.73
C ASP E 577 34.19 -13.66 -25.12
N ALA E 578 34.69 -13.01 -24.07
CA ALA E 578 35.93 -13.43 -23.44
C ALA E 578 35.96 -12.91 -22.00
N VAL E 579 36.49 -13.73 -21.10
CA VAL E 579 36.64 -13.36 -19.69
C VAL E 579 37.99 -13.86 -19.20
N ARG E 580 38.42 -13.31 -18.06
CA ARG E 580 39.63 -13.76 -17.40
C ARG E 580 39.28 -14.51 -16.11
N ASP E 581 40.10 -15.50 -15.79
CA ASP E 581 39.91 -16.26 -14.56
C ASP E 581 40.30 -15.41 -13.37
N PRO E 582 39.41 -15.17 -12.41
CA PRO E 582 39.78 -14.34 -11.25
C PRO E 582 40.94 -14.91 -10.43
N GLN E 583 41.27 -16.18 -10.59
CA GLN E 583 42.38 -16.80 -9.88
C GLN E 583 43.60 -17.05 -10.76
N THR E 584 43.41 -17.75 -11.89
CA THR E 584 44.52 -18.05 -12.78
C THR E 584 44.95 -16.87 -13.64
N LEU E 585 44.07 -15.88 -13.81
CA LEU E 585 44.32 -14.69 -14.62
C LEU E 585 44.57 -15.02 -16.09
N GLU E 586 44.03 -16.14 -16.56
CA GLU E 586 44.12 -16.50 -17.97
C GLU E 586 42.86 -16.09 -18.70
N ILE E 587 43.01 -15.78 -19.98
CA ILE E 587 41.91 -15.30 -20.81
C ILE E 587 41.23 -16.48 -21.48
N LEU E 588 39.91 -16.57 -21.32
CA LEU E 588 39.12 -17.67 -21.84
C LEU E 588 38.06 -17.13 -22.78
N ASP E 589 37.97 -17.70 -23.98
CA ASP E 589 36.93 -17.33 -24.92
C ASP E 589 35.59 -17.90 -24.48
N ILE E 590 34.52 -17.16 -24.74
CA ILE E 590 33.16 -17.59 -24.45
C ILE E 590 32.49 -17.87 -25.79
N THR E 591 32.38 -19.16 -26.13
CA THR E 591 31.68 -19.58 -27.34
C THR E 591 30.25 -19.97 -26.99
N PRO E 592 29.26 -19.41 -27.68
CA PRO E 592 27.86 -19.72 -27.32
C PRO E 592 27.55 -21.20 -27.53
N CYS E 593 26.48 -21.64 -26.86
CA CYS E 593 26.07 -23.03 -26.96
C CYS E 593 25.65 -23.36 -28.39
N SER E 594 25.94 -24.58 -28.80
CA SER E 594 25.59 -25.01 -30.16
C SER E 594 24.09 -25.09 -30.32
N PHE E 595 23.55 -24.32 -31.26
CA PHE E 595 22.12 -24.31 -31.53
C PHE E 595 21.91 -24.19 -33.03
N GLY E 596 20.65 -24.22 -33.43
CA GLY E 596 20.30 -24.12 -34.83
C GLY E 596 18.96 -24.77 -35.10
N GLY E 597 18.51 -24.62 -36.34
CA GLY E 597 17.23 -25.18 -36.73
C GLY E 597 17.28 -26.68 -36.93
N VAL E 598 16.14 -27.32 -36.65
CA VAL E 598 15.98 -28.76 -36.86
C VAL E 598 14.98 -28.93 -38.00
N SER E 599 15.46 -29.48 -39.12
CA SER E 599 14.63 -29.71 -40.29
C SER E 599 14.47 -31.22 -40.51
N VAL E 600 13.24 -31.66 -40.72
CA VAL E 600 12.93 -33.07 -40.95
C VAL E 600 12.58 -33.24 -42.42
N ILE E 601 13.18 -34.24 -43.05
CA ILE E 601 12.99 -34.53 -44.47
C ILE E 601 12.18 -35.80 -44.58
N THR E 602 11.03 -35.72 -45.26
CA THR E 602 10.15 -36.86 -45.42
C THR E 602 9.64 -36.93 -46.87
N PRO E 603 9.53 -38.13 -47.43
CA PRO E 603 8.96 -38.28 -48.77
C PRO E 603 7.45 -38.23 -48.84
N GLY E 604 6.78 -37.98 -47.73
CA GLY E 604 5.32 -37.97 -47.69
C GLY E 604 4.80 -39.17 -46.90
N THR E 605 3.77 -38.93 -46.10
CA THR E 605 3.18 -40.01 -45.31
C THR E 605 2.58 -41.10 -46.20
N ASN E 606 2.08 -40.71 -47.38
CA ASN E 606 1.51 -41.71 -48.29
C ASN E 606 2.57 -42.65 -48.83
N THR E 607 3.82 -42.20 -48.94
CA THR E 607 4.88 -43.04 -49.48
C THR E 607 5.49 -43.93 -48.40
N SER E 608 6.02 -43.32 -47.34
CA SER E 608 6.68 -44.07 -46.29
C SER E 608 6.71 -43.22 -45.02
N ASN E 609 7.12 -43.86 -43.93
CA ASN E 609 7.27 -43.19 -42.64
C ASN E 609 8.72 -42.88 -42.29
N GLN E 610 9.67 -43.23 -43.16
CA GLN E 610 11.06 -42.93 -42.91
C GLN E 610 11.32 -41.43 -43.05
N VAL E 611 12.12 -40.89 -42.15
CA VAL E 611 12.44 -39.45 -42.15
C VAL E 611 13.92 -39.27 -41.93
N ALA E 612 14.45 -38.15 -42.42
CA ALA E 612 15.82 -37.73 -42.19
C ALA E 612 15.81 -36.40 -41.45
N VAL E 613 16.74 -36.23 -40.52
CA VAL E 613 16.81 -35.05 -39.66
C VAL E 613 18.03 -34.23 -40.08
N LEU E 614 17.83 -32.93 -40.22
CA LEU E 614 18.90 -32.00 -40.58
C LEU E 614 19.09 -31.02 -39.42
N TYR E 615 20.26 -31.09 -38.78
CA TYR E 615 20.62 -30.14 -37.72
C TYR E 615 21.36 -28.98 -38.38
N GLN E 616 20.66 -27.86 -38.54
CA GLN E 616 21.19 -26.76 -39.32
C GLN E 616 22.31 -26.04 -38.58
N GLY E 617 23.40 -25.78 -39.28
CA GLY E 617 24.50 -24.99 -38.75
C GLY E 617 25.25 -25.62 -37.59
N VAL E 618 25.70 -26.86 -37.75
CA VAL E 618 26.43 -27.55 -36.71
C VAL E 618 27.19 -28.71 -37.34
N ASN E 619 28.30 -29.09 -36.71
CA ASN E 619 29.09 -30.22 -37.18
C ASN E 619 28.49 -31.53 -36.66
N CYS E 620 28.72 -32.60 -37.42
CA CYS E 620 28.20 -33.91 -37.01
C CYS E 620 28.89 -34.42 -35.74
N THR E 621 30.14 -34.02 -35.52
CA THR E 621 30.84 -34.47 -34.32
C THR E 621 30.19 -33.92 -33.05
N GLU E 622 29.77 -32.65 -33.07
CA GLU E 622 29.11 -32.07 -31.91
C GLU E 622 27.78 -32.76 -31.64
N VAL E 623 27.03 -33.07 -32.70
CA VAL E 623 25.75 -33.76 -32.53
C VAL E 623 25.99 -35.16 -31.97
N SER E 624 27.02 -35.86 -32.46
CA SER E 624 27.32 -37.19 -31.96
C SER E 624 27.72 -37.14 -30.49
N VAL E 625 28.53 -36.16 -30.10
CA VAL E 625 28.92 -36.02 -28.70
C VAL E 625 27.73 -35.69 -27.83
N ALA E 626 26.81 -34.86 -28.32
CA ALA E 626 25.64 -34.49 -27.54
C ALA E 626 24.68 -35.66 -27.39
N ILE E 627 24.55 -36.48 -28.43
CA ILE E 627 23.69 -37.66 -28.33
C ILE E 627 24.31 -38.71 -27.41
N HIS E 628 25.63 -38.88 -27.49
CA HIS E 628 26.30 -39.84 -26.63
C HIS E 628 26.25 -39.41 -25.17
N ALA E 629 26.26 -38.11 -24.90
CA ALA E 629 26.21 -37.58 -23.54
C ALA E 629 24.80 -37.22 -23.09
N ASP E 630 23.82 -37.28 -24.00
CA ASP E 630 22.41 -36.97 -23.70
C ASP E 630 22.28 -35.54 -23.18
N GLN E 631 22.74 -34.59 -23.99
CA GLN E 631 22.68 -33.18 -23.67
C GLN E 631 22.13 -32.38 -24.85
N LEU E 632 21.19 -32.97 -25.58
CA LEU E 632 20.54 -32.32 -26.72
C LEU E 632 19.05 -32.20 -26.46
N THR E 633 18.48 -31.05 -26.80
CA THR E 633 17.07 -30.80 -26.51
C THR E 633 16.14 -31.74 -27.27
N PRO E 634 16.28 -31.95 -28.58
CA PRO E 634 15.47 -32.99 -29.24
C PRO E 634 15.82 -34.37 -28.68
N THR E 635 14.82 -35.01 -28.08
CA THR E 635 15.04 -36.25 -27.35
C THR E 635 14.56 -37.49 -28.10
N TRP E 636 14.23 -37.37 -29.38
CA TRP E 636 13.82 -38.56 -30.12
C TRP E 636 15.02 -39.44 -30.45
N ARG E 637 16.20 -38.85 -30.66
CA ARG E 637 17.44 -39.59 -30.87
C ARG E 637 17.32 -40.54 -32.06
N VAL E 638 17.12 -39.95 -33.24
CA VAL E 638 17.05 -40.73 -34.47
C VAL E 638 18.32 -41.56 -34.61
N TYR E 639 18.15 -42.79 -35.10
CA TYR E 639 19.24 -43.76 -35.11
C TYR E 639 20.37 -43.31 -36.03
N SER E 640 21.60 -43.54 -35.58
CA SER E 640 22.77 -43.09 -36.32
C SER E 640 23.06 -44.00 -37.52
N THR E 641 23.09 -45.32 -37.28
CA THR E 641 23.31 -46.33 -38.30
C THR E 641 24.70 -46.21 -38.94
N GLY E 642 25.51 -45.29 -38.44
CA GLY E 642 26.87 -45.12 -38.94
C GLY E 642 26.93 -44.43 -40.29
N SER E 643 26.44 -45.08 -41.33
CA SER E 643 26.51 -44.52 -42.67
C SER E 643 25.46 -43.43 -42.92
N ASN E 644 24.44 -43.35 -42.07
CA ASN E 644 23.38 -42.36 -42.25
C ASN E 644 23.76 -40.98 -41.75
N VAL E 645 24.98 -40.79 -41.25
CA VAL E 645 25.44 -39.51 -40.75
C VAL E 645 26.34 -38.89 -41.81
N PHE E 646 25.92 -37.74 -42.35
CA PHE E 646 26.68 -37.03 -43.37
C PHE E 646 26.72 -35.55 -43.03
N GLN E 647 27.87 -34.93 -43.29
CA GLN E 647 28.10 -33.52 -42.96
C GLN E 647 27.96 -32.69 -44.23
N THR E 648 26.92 -31.87 -44.27
CA THR E 648 26.72 -30.91 -45.35
C THR E 648 27.13 -29.51 -44.88
N ARG E 649 27.23 -28.59 -45.84
CA ARG E 649 27.54 -27.21 -45.49
C ARG E 649 26.35 -26.51 -44.84
N ALA E 650 25.15 -27.09 -44.94
CA ALA E 650 23.97 -26.58 -44.26
C ALA E 650 23.79 -27.16 -42.87
N GLY E 651 24.52 -28.21 -42.54
CA GLY E 651 24.42 -28.83 -41.24
C GLY E 651 24.68 -30.32 -41.33
N CYS E 652 24.32 -31.02 -40.27
CA CYS E 652 24.50 -32.47 -40.18
C CYS E 652 23.18 -33.15 -40.56
N LEU E 653 23.27 -34.09 -41.49
CA LEU E 653 22.11 -34.83 -41.98
C LEU E 653 22.17 -36.26 -41.44
N ILE E 654 21.16 -36.63 -40.65
CA ILE E 654 21.08 -37.95 -40.04
C ILE E 654 19.81 -38.63 -40.54
N GLY E 655 19.97 -39.85 -41.05
CA GLY E 655 18.84 -40.62 -41.57
C GLY E 655 18.87 -40.83 -43.07
N ALA E 656 19.88 -40.34 -43.77
CA ALA E 656 20.00 -40.51 -45.21
C ALA E 656 21.45 -40.75 -45.58
N GLU E 657 21.67 -41.60 -46.58
CA GLU E 657 23.01 -41.92 -47.05
C GLU E 657 23.35 -41.05 -48.26
N TYR E 658 24.61 -40.60 -48.32
CA TYR E 658 25.08 -39.76 -49.40
C TYR E 658 25.62 -40.62 -50.54
N VAL E 659 25.11 -40.39 -51.74
CA VAL E 659 25.52 -41.12 -52.93
C VAL E 659 26.28 -40.18 -53.84
N ASN E 660 27.20 -40.75 -54.63
CA ASN E 660 28.00 -39.97 -55.55
C ASN E 660 27.26 -39.65 -56.85
N ASN E 661 26.16 -40.33 -57.14
CA ASN E 661 25.39 -40.05 -58.34
C ASN E 661 24.62 -38.75 -58.19
N SER E 662 24.53 -38.00 -59.30
CA SER E 662 23.83 -36.72 -59.31
C SER E 662 22.50 -36.89 -60.02
N TYR E 663 21.44 -36.40 -59.38
CA TYR E 663 20.08 -36.45 -59.93
C TYR E 663 19.48 -35.06 -59.88
N GLU E 664 18.26 -34.94 -60.39
CA GLU E 664 17.52 -33.69 -60.28
C GLU E 664 17.06 -33.47 -58.85
N CYS E 665 17.15 -32.22 -58.39
CA CYS E 665 16.82 -31.91 -57.01
C CYS E 665 15.33 -32.16 -56.74
N ASP E 666 15.05 -32.91 -55.68
CA ASP E 666 13.69 -33.23 -55.28
C ASP E 666 13.30 -32.54 -53.98
N ILE E 667 14.09 -32.72 -52.93
CA ILE E 667 13.86 -32.03 -51.66
C ILE E 667 15.08 -31.16 -51.35
N PRO E 668 14.97 -29.85 -51.45
CA PRO E 668 16.14 -28.98 -51.27
C PRO E 668 16.62 -28.99 -49.82
N ILE E 669 17.85 -29.43 -49.61
CA ILE E 669 18.45 -29.44 -48.29
C ILE E 669 19.21 -28.15 -48.02
N GLY E 670 20.06 -27.75 -48.96
CA GLY E 670 20.86 -26.54 -48.84
C GLY E 670 22.28 -26.78 -49.30
N ALA E 671 22.91 -25.73 -49.83
CA ALA E 671 24.30 -25.76 -50.28
C ALA E 671 24.52 -26.83 -51.35
N GLY E 672 23.58 -26.95 -52.28
CA GLY E 672 23.70 -27.85 -53.39
C GLY E 672 23.31 -29.29 -53.11
N VAL E 673 22.93 -29.62 -51.89
CA VAL E 673 22.55 -30.97 -51.53
C VAL E 673 21.03 -31.07 -51.56
N CYS E 674 20.52 -32.16 -52.13
CA CYS E 674 19.09 -32.43 -52.15
C CYS E 674 18.86 -33.90 -51.79
N ALA E 675 17.66 -34.17 -51.27
CA ALA E 675 17.27 -35.50 -50.83
C ALA E 675 16.18 -36.06 -51.71
N SER E 676 16.10 -37.39 -51.75
CA SER E 676 15.09 -38.07 -52.53
C SER E 676 14.85 -39.45 -51.93
N TYR E 677 13.75 -40.07 -52.34
CA TYR E 677 13.35 -41.40 -51.88
C TYR E 677 13.44 -42.34 -53.06
N GLN E 678 14.56 -43.07 -53.16
CA GLN E 678 14.84 -43.93 -54.29
C GLN E 678 15.11 -45.35 -53.82
N THR E 679 15.00 -46.29 -54.76
CA THR E 679 15.25 -47.69 -54.48
C THR E 679 16.72 -48.02 -54.63
N GLN E 680 17.14 -49.09 -53.94
CA GLN E 680 18.53 -49.53 -53.99
C GLN E 680 18.61 -51.02 -54.34
N SER E 692 15.59 -52.69 -51.41
CA SER E 692 15.43 -51.73 -50.32
C SER E 692 15.28 -50.31 -50.85
N GLN E 693 14.34 -49.57 -50.28
CA GLN E 693 14.08 -48.19 -50.67
C GLN E 693 14.18 -47.30 -49.44
N SER E 694 15.03 -46.28 -49.52
CA SER E 694 15.27 -45.40 -48.39
C SER E 694 15.52 -43.98 -48.91
N ILE E 695 15.81 -43.08 -47.98
CA ILE E 695 16.08 -41.68 -48.31
C ILE E 695 17.57 -41.53 -48.60
N ILE E 696 17.89 -40.97 -49.77
CA ILE E 696 19.26 -40.79 -50.19
C ILE E 696 19.53 -39.30 -50.37
N ALA E 697 20.77 -38.91 -50.10
CA ALA E 697 21.23 -37.54 -50.28
C ALA E 697 22.25 -37.49 -51.41
N TYR E 698 22.25 -36.39 -52.15
CA TYR E 698 23.10 -36.27 -53.33
C TYR E 698 23.29 -34.81 -53.67
N THR E 699 24.36 -34.53 -54.42
CA THR E 699 24.57 -33.21 -54.98
C THR E 699 23.71 -33.04 -56.23
N MET E 700 22.88 -32.01 -56.24
CA MET E 700 21.94 -31.83 -57.34
C MET E 700 22.67 -31.52 -58.63
N SER E 701 22.19 -32.10 -59.72
CA SER E 701 22.74 -31.83 -61.05
C SER E 701 21.95 -30.72 -61.72
N LEU E 702 22.67 -29.84 -62.43
CA LEU E 702 22.04 -28.71 -63.10
C LEU E 702 21.45 -29.09 -64.45
N GLY E 703 21.71 -30.30 -64.94
CA GLY E 703 21.19 -30.73 -66.22
C GLY E 703 22.19 -31.54 -67.01
N ALA E 704 21.75 -32.11 -68.14
CA ALA E 704 22.64 -32.89 -68.98
C ALA E 704 23.57 -31.97 -69.77
N GLU E 705 24.82 -32.39 -69.92
CA GLU E 705 25.79 -31.60 -70.66
C GLU E 705 25.58 -31.76 -72.15
N ASN E 706 25.52 -30.64 -72.87
CA ASN E 706 25.31 -30.62 -74.31
C ASN E 706 26.48 -29.87 -74.94
N SER E 707 27.37 -30.60 -75.59
CA SER E 707 28.50 -30.00 -76.30
C SER E 707 28.02 -29.62 -77.70
N VAL E 708 27.80 -28.32 -77.91
CA VAL E 708 27.35 -27.84 -79.21
C VAL E 708 28.48 -27.96 -80.22
N ALA E 709 28.17 -28.59 -81.36
CA ALA E 709 29.17 -28.83 -82.41
C ALA E 709 29.45 -27.53 -83.15
N TYR E 710 30.18 -26.64 -82.47
CA TYR E 710 30.53 -25.36 -83.05
C TYR E 710 31.68 -25.52 -84.04
N SER E 711 31.53 -24.86 -85.20
CA SER E 711 32.57 -24.87 -86.22
C SER E 711 32.51 -23.55 -86.98
N ASN E 712 33.51 -23.34 -87.84
CA ASN E 712 33.55 -22.11 -88.62
C ASN E 712 32.49 -22.09 -89.72
N ASN E 713 32.02 -23.26 -90.17
CA ASN E 713 31.03 -23.31 -91.24
C ASN E 713 29.95 -24.35 -90.97
N SER E 714 29.51 -24.47 -89.72
CA SER E 714 28.49 -25.44 -89.35
C SER E 714 27.19 -24.72 -89.01
N ILE E 715 26.08 -25.21 -89.55
CA ILE E 715 24.76 -24.63 -89.32
C ILE E 715 23.76 -25.76 -89.19
N ALA E 716 22.68 -25.50 -88.44
CA ALA E 716 21.67 -26.51 -88.14
C ALA E 716 20.50 -26.49 -89.11
N ILE E 717 19.77 -25.38 -89.16
CA ILE E 717 18.62 -25.20 -90.05
C ILE E 717 17.61 -26.33 -89.86
N PRO E 718 16.78 -26.29 -88.81
CA PRO E 718 15.81 -27.37 -88.60
C PRO E 718 14.88 -27.56 -89.79
N THR E 719 14.36 -28.79 -89.92
CA THR E 719 13.51 -29.15 -91.04
C THR E 719 12.04 -29.31 -90.66
N ASN E 720 11.73 -29.45 -89.37
CA ASN E 720 10.35 -29.61 -88.92
C ASN E 720 10.12 -28.70 -87.73
N PHE E 721 8.93 -28.78 -87.14
CA PHE E 721 8.58 -27.95 -86.01
C PHE E 721 7.43 -28.60 -85.26
N THR E 722 7.22 -28.13 -84.02
CA THR E 722 6.14 -28.60 -83.16
C THR E 722 5.41 -27.40 -82.58
N ILE E 723 4.09 -27.48 -82.55
CA ILE E 723 3.25 -26.44 -81.95
C ILE E 723 3.08 -26.77 -80.47
N SER E 724 3.61 -25.92 -79.61
CA SER E 724 3.58 -26.13 -78.17
C SER E 724 2.66 -25.13 -77.50
N VAL E 725 1.84 -25.62 -76.57
CA VAL E 725 0.96 -24.78 -75.78
C VAL E 725 1.34 -24.95 -74.32
N THR E 726 1.74 -23.86 -73.68
CA THR E 726 2.15 -23.86 -72.28
C THR E 726 1.20 -23.00 -71.46
N THR E 727 1.04 -23.37 -70.20
CA THR E 727 0.15 -22.67 -69.29
C THR E 727 0.94 -21.73 -68.39
N GLU E 728 0.35 -20.57 -68.10
CA GLU E 728 0.95 -19.62 -67.17
C GLU E 728 -0.16 -19.08 -66.28
N ILE E 729 0.00 -19.24 -64.97
CA ILE E 729 -0.99 -18.82 -63.99
C ILE E 729 -0.42 -17.64 -63.21
N LEU E 730 -1.19 -16.55 -63.12
CA LEU E 730 -0.77 -15.35 -62.43
C LEU E 730 -1.91 -14.87 -61.53
N PRO E 731 -1.65 -14.64 -60.24
CA PRO E 731 -2.69 -14.07 -59.38
C PRO E 731 -3.03 -12.66 -59.79
N VAL E 732 -4.32 -12.35 -59.77
CA VAL E 732 -4.84 -11.04 -60.16
C VAL E 732 -5.34 -10.26 -58.95
N SER E 733 -6.17 -10.87 -58.12
CA SER E 733 -6.73 -10.22 -56.95
C SER E 733 -6.78 -11.21 -55.80
N MET E 734 -7.10 -10.70 -54.61
CA MET E 734 -7.29 -11.51 -53.42
C MET E 734 -8.59 -11.11 -52.75
N THR E 735 -8.85 -11.73 -51.59
CA THR E 735 -10.11 -11.51 -50.90
C THR E 735 -10.16 -10.12 -50.28
N LYS E 736 -11.26 -9.40 -50.53
CA LYS E 736 -11.48 -8.09 -49.93
C LYS E 736 -12.00 -8.26 -48.51
N THR E 737 -11.30 -7.66 -47.54
CA THR E 737 -11.60 -7.85 -46.13
C THR E 737 -11.89 -6.51 -45.47
N SER E 738 -12.90 -6.50 -44.60
CA SER E 738 -13.26 -5.33 -43.80
C SER E 738 -13.26 -5.72 -42.33
N VAL E 739 -12.81 -4.80 -41.48
CA VAL E 739 -12.72 -5.02 -40.04
C VAL E 739 -13.48 -3.90 -39.35
N ASP E 740 -14.32 -4.28 -38.37
CA ASP E 740 -15.08 -3.28 -37.63
C ASP E 740 -14.17 -2.40 -36.77
N CYS E 741 -13.06 -2.95 -36.29
CA CYS E 741 -12.05 -2.26 -35.50
C CYS E 741 -12.54 -1.96 -34.09
N THR E 742 -13.82 -2.22 -33.83
CA THR E 742 -14.42 -2.04 -32.51
C THR E 742 -15.00 -3.33 -31.97
N MET E 743 -15.77 -4.06 -32.77
CA MET E 743 -16.29 -5.35 -32.34
C MET E 743 -15.16 -6.36 -32.13
N TYR E 744 -14.08 -6.23 -32.91
CA TYR E 744 -12.94 -7.13 -32.72
C TYR E 744 -12.25 -6.87 -31.39
N ILE E 745 -11.93 -5.61 -31.11
CA ILE E 745 -11.20 -5.28 -29.88
C ILE E 745 -12.11 -5.33 -28.67
N CYS E 746 -13.36 -4.87 -28.81
CA CYS E 746 -14.28 -4.76 -27.68
C CYS E 746 -15.44 -5.73 -27.73
N GLY E 747 -16.20 -5.74 -28.83
CA GLY E 747 -17.35 -6.62 -28.93
C GLY E 747 -18.47 -6.26 -27.99
N ASP E 748 -19.12 -5.12 -28.25
CA ASP E 748 -20.27 -4.63 -27.48
C ASP E 748 -19.91 -4.30 -26.04
N SER E 749 -18.68 -3.86 -25.79
CA SER E 749 -18.24 -3.42 -24.47
C SER E 749 -18.10 -1.89 -24.49
N THR E 750 -18.83 -1.23 -23.60
CA THR E 750 -18.82 0.23 -23.57
C THR E 750 -17.55 0.77 -22.93
N GLU E 751 -17.10 0.16 -21.83
CA GLU E 751 -15.87 0.60 -21.19
C GLU E 751 -14.67 0.41 -22.11
N CYS E 752 -14.62 -0.73 -22.82
CA CYS E 752 -13.54 -0.96 -23.77
C CYS E 752 -13.57 0.07 -24.90
N SER E 753 -14.77 0.44 -25.36
CA SER E 753 -14.86 1.44 -26.42
C SER E 753 -14.38 2.81 -25.93
N ASN E 754 -14.76 3.18 -24.70
CA ASN E 754 -14.32 4.45 -24.15
C ASN E 754 -12.81 4.47 -23.94
N LEU E 755 -12.23 3.33 -23.59
CA LEU E 755 -10.78 3.27 -23.45
C LEU E 755 -10.08 3.29 -24.81
N LEU E 756 -10.69 2.69 -25.83
CA LEU E 756 -10.09 2.67 -27.16
C LEU E 756 -10.17 4.04 -27.82
N LEU E 757 -11.18 4.85 -27.45
CA LEU E 757 -11.28 6.19 -28.00
C LEU E 757 -10.07 7.06 -27.67
N GLN E 758 -9.30 6.70 -26.66
CA GLN E 758 -8.13 7.47 -26.24
C GLN E 758 -6.86 7.08 -26.98
N TYR E 759 -6.93 6.11 -27.90
CA TYR E 759 -5.75 5.66 -28.63
C TYR E 759 -5.56 6.38 -29.96
N GLY E 760 -6.44 7.32 -30.30
CA GLY E 760 -6.26 8.09 -31.52
C GLY E 760 -7.07 7.58 -32.69
N SER E 761 -6.54 7.79 -33.91
CA SER E 761 -7.23 7.42 -35.14
C SER E 761 -6.63 6.17 -35.79
N PHE E 762 -6.13 5.23 -34.98
CA PHE E 762 -5.63 3.98 -35.54
C PHE E 762 -6.74 3.19 -36.21
N CYS E 763 -7.94 3.23 -35.64
CA CYS E 763 -9.11 2.61 -36.27
C CYS E 763 -9.34 3.21 -37.66
N THR E 764 -9.27 4.53 -37.77
CA THR E 764 -9.50 5.18 -39.06
C THR E 764 -8.41 4.81 -40.06
N GLN E 765 -7.15 4.75 -39.62
CA GLN E 765 -6.07 4.36 -40.52
C GLN E 765 -6.27 2.94 -41.02
N LEU E 766 -6.62 2.02 -40.12
CA LEU E 766 -6.83 0.63 -40.51
C LEU E 766 -7.99 0.52 -41.50
N LYS E 767 -9.10 1.21 -41.21
CA LYS E 767 -10.24 1.17 -42.12
C LYS E 767 -9.90 1.74 -43.48
N ARG E 768 -9.14 2.85 -43.51
CA ARG E 768 -8.75 3.45 -44.78
C ARG E 768 -7.83 2.54 -45.58
N ALA E 769 -6.90 1.87 -44.90
CA ALA E 769 -6.00 0.95 -45.59
C ALA E 769 -6.78 -0.23 -46.16
N LEU E 770 -7.71 -0.79 -45.39
CA LEU E 770 -8.51 -1.91 -45.88
C LEU E 770 -9.38 -1.49 -47.06
N THR E 771 -9.97 -0.29 -46.99
CA THR E 771 -10.78 0.20 -48.11
C THR E 771 -9.92 0.41 -49.35
N GLY E 772 -8.71 0.94 -49.18
CA GLY E 772 -7.80 1.11 -50.31
C GLY E 772 -7.44 -0.22 -50.94
N ILE E 773 -7.16 -1.24 -50.12
CA ILE E 773 -6.86 -2.57 -50.65
C ILE E 773 -8.05 -3.13 -51.40
N ALA E 774 -9.26 -2.97 -50.84
CA ALA E 774 -10.45 -3.49 -51.49
C ALA E 774 -10.70 -2.83 -52.82
N VAL E 775 -10.49 -1.51 -52.91
CA VAL E 775 -10.66 -0.82 -54.18
C VAL E 775 -9.57 -1.23 -55.16
N GLU E 776 -8.35 -1.44 -54.66
CA GLU E 776 -7.24 -1.82 -55.53
C GLU E 776 -7.43 -3.20 -56.14
N GLN E 777 -8.08 -4.11 -55.41
CA GLN E 777 -8.35 -5.43 -55.98
C GLN E 777 -9.27 -5.33 -57.20
N ASP E 778 -10.36 -4.58 -57.06
CA ASP E 778 -11.26 -4.39 -58.20
C ASP E 778 -10.58 -3.63 -59.33
N LYS E 779 -9.71 -2.68 -58.99
CA LYS E 779 -8.97 -1.96 -60.02
C LYS E 779 -8.06 -2.89 -60.80
N ASN E 780 -7.37 -3.80 -60.09
CA ASN E 780 -6.51 -4.77 -60.76
C ASN E 780 -7.33 -5.70 -61.65
N THR E 781 -8.47 -6.18 -61.16
CA THR E 781 -9.32 -7.03 -61.98
C THR E 781 -9.80 -6.31 -63.24
N GLN E 782 -10.17 -5.03 -63.09
CA GLN E 782 -10.62 -4.24 -64.24
C GLN E 782 -9.48 -4.03 -65.24
N GLU E 783 -8.26 -3.77 -64.74
CA GLU E 783 -7.14 -3.55 -65.64
C GLU E 783 -6.71 -4.84 -66.33
N VAL E 784 -6.94 -5.99 -65.71
CA VAL E 784 -6.54 -7.26 -66.31
C VAL E 784 -7.56 -7.73 -67.33
N PHE E 785 -8.84 -7.74 -66.96
CA PHE E 785 -9.86 -8.37 -67.81
C PHE E 785 -10.63 -7.38 -68.67
N ALA E 786 -10.84 -6.15 -68.21
CA ALA E 786 -11.63 -5.17 -68.97
C ALA E 786 -10.72 -4.32 -69.86
N GLN E 787 -10.15 -4.98 -70.88
CA GLN E 787 -9.30 -4.32 -71.86
C GLN E 787 -9.98 -4.12 -73.20
N VAL E 788 -11.19 -4.65 -73.38
CA VAL E 788 -11.96 -4.49 -74.61
C VAL E 788 -13.17 -3.62 -74.31
N LYS E 789 -13.52 -2.76 -75.26
CA LYS E 789 -14.67 -1.88 -75.09
C LYS E 789 -15.96 -2.56 -75.52
N GLN E 790 -15.88 -3.56 -76.40
CA GLN E 790 -17.04 -4.27 -76.90
C GLN E 790 -16.91 -5.76 -76.62
N ILE E 791 -18.04 -6.41 -76.37
CA ILE E 791 -18.08 -7.83 -76.08
C ILE E 791 -18.23 -8.55 -77.43
N TYR E 792 -17.13 -9.10 -77.93
CA TYR E 792 -17.14 -9.77 -79.22
C TYR E 792 -17.72 -11.18 -79.08
N LYS E 793 -18.56 -11.55 -80.03
CA LYS E 793 -19.23 -12.83 -80.05
C LYS E 793 -18.69 -13.71 -81.16
N THR E 794 -18.62 -15.00 -80.90
CA THR E 794 -18.17 -15.96 -81.90
C THR E 794 -19.30 -16.26 -82.89
N PRO E 795 -18.98 -16.48 -84.15
CA PRO E 795 -20.02 -16.81 -85.15
C PRO E 795 -20.67 -18.14 -84.83
N PRO E 796 -21.88 -18.39 -85.35
CA PRO E 796 -22.54 -19.68 -85.05
C PRO E 796 -21.78 -20.87 -85.59
N ILE E 797 -21.17 -20.76 -86.75
CA ILE E 797 -20.30 -21.81 -87.29
C ILE E 797 -18.90 -21.61 -86.71
N LYS E 798 -18.33 -22.69 -86.20
CA LYS E 798 -17.06 -22.65 -85.48
C LYS E 798 -15.98 -23.43 -86.22
N TYR E 799 -15.91 -23.25 -87.54
CA TYR E 799 -14.83 -23.81 -88.35
C TYR E 799 -13.78 -22.72 -88.57
N PHE E 800 -12.58 -22.94 -88.04
CA PHE E 800 -11.51 -21.96 -88.16
C PHE E 800 -10.30 -22.56 -88.88
N GLY E 801 -10.55 -23.27 -89.97
CA GLY E 801 -9.47 -23.87 -90.73
C GLY E 801 -8.90 -25.14 -90.14
N GLY E 802 -9.66 -25.83 -89.29
CA GLY E 802 -9.20 -27.05 -88.66
C GLY E 802 -8.77 -26.90 -87.22
N PHE E 803 -8.73 -25.67 -86.70
CA PHE E 803 -8.34 -25.43 -85.32
C PHE E 803 -9.57 -25.52 -84.43
N ASN E 804 -9.51 -26.39 -83.41
CA ASN E 804 -10.63 -26.64 -82.52
C ASN E 804 -10.43 -25.82 -81.25
N PHE E 805 -11.33 -24.88 -81.01
CA PHE E 805 -11.29 -24.04 -79.82
C PHE E 805 -12.41 -24.37 -78.83
N SER E 806 -13.03 -25.54 -78.98
CA SER E 806 -14.16 -25.89 -78.12
C SER E 806 -13.74 -26.00 -76.66
N GLN E 807 -12.49 -26.37 -76.39
CA GLN E 807 -12.03 -26.50 -75.02
C GLN E 807 -11.78 -25.15 -74.35
N ILE E 808 -11.66 -24.08 -75.12
CA ILE E 808 -11.44 -22.75 -74.55
C ILE E 808 -12.61 -21.81 -74.79
N LEU E 809 -13.49 -22.11 -75.75
CA LEU E 809 -14.68 -21.30 -75.96
C LEU E 809 -15.75 -21.64 -74.94
N PRO E 810 -16.63 -20.70 -74.61
CA PRO E 810 -17.66 -20.98 -73.60
C PRO E 810 -18.63 -22.06 -74.07
N ASP E 811 -19.00 -22.94 -73.13
CA ASP E 811 -19.90 -24.04 -73.42
C ASP E 811 -21.31 -23.65 -73.04
N PRO E 812 -22.23 -23.50 -74.00
CA PRO E 812 -23.61 -23.12 -73.66
C PRO E 812 -24.38 -24.19 -72.91
N SER E 813 -23.86 -25.43 -72.83
CA SER E 813 -24.59 -26.50 -72.16
C SER E 813 -24.71 -26.23 -70.66
N LYS E 814 -23.60 -25.90 -70.01
CA LYS E 814 -23.61 -25.63 -68.58
C LYS E 814 -24.20 -24.25 -68.31
N PRO E 815 -24.82 -24.05 -67.14
CA PRO E 815 -25.41 -22.74 -66.84
C PRO E 815 -24.40 -21.61 -66.83
N SER E 816 -23.25 -21.81 -66.20
CA SER E 816 -22.19 -20.82 -66.24
C SER E 816 -21.51 -20.85 -67.61
N LYS E 817 -21.44 -19.69 -68.26
CA LYS E 817 -20.89 -19.60 -69.61
C LYS E 817 -19.37 -19.66 -69.58
N ARG E 818 -18.86 -20.79 -69.10
CA ARG E 818 -17.42 -21.02 -69.00
C ARG E 818 -17.02 -22.17 -69.92
N SER E 819 -15.75 -22.19 -70.28
CA SER E 819 -15.20 -23.25 -71.10
C SER E 819 -14.91 -24.49 -70.25
N PRO E 820 -14.71 -25.65 -70.89
CA PRO E 820 -14.30 -26.83 -70.12
C PRO E 820 -13.02 -26.60 -69.31
N ILE E 821 -12.04 -25.91 -69.89
CA ILE E 821 -10.82 -25.61 -69.15
C ILE E 821 -11.12 -24.67 -67.99
N GLU E 822 -11.96 -23.65 -68.22
CA GLU E 822 -12.34 -22.75 -67.13
C GLU E 822 -13.12 -23.49 -66.05
N ASP E 823 -13.97 -24.43 -66.46
CA ASP E 823 -14.72 -25.23 -65.47
C ASP E 823 -13.77 -26.08 -64.64
N LEU E 824 -12.78 -26.69 -65.27
CA LEU E 824 -11.79 -27.47 -64.52
C LEU E 824 -11.00 -26.59 -63.57
N LEU E 825 -10.60 -25.40 -64.01
CA LEU E 825 -9.87 -24.48 -63.15
C LEU E 825 -10.73 -24.05 -61.96
N PHE E 826 -12.02 -23.80 -62.20
CA PHE E 826 -12.91 -23.40 -61.12
C PHE E 826 -13.12 -24.54 -60.13
N ASN E 827 -13.18 -25.78 -60.63
CA ASN E 827 -13.37 -26.92 -59.75
C ASN E 827 -12.11 -27.28 -58.97
N LYS E 828 -10.92 -26.96 -59.51
CA LYS E 828 -9.69 -27.29 -58.82
C LYS E 828 -9.41 -26.37 -57.65
N VAL E 829 -9.79 -25.08 -57.76
CA VAL E 829 -9.54 -24.11 -56.68
C VAL E 829 -10.73 -24.20 -55.74
N THR E 830 -10.57 -24.98 -54.68
CA THR E 830 -11.61 -25.13 -53.66
C THR E 830 -11.03 -24.97 -52.26
N PHE E 858 -15.15 -14.60 -37.10
CA PHE E 858 -16.33 -13.83 -37.48
C PHE E 858 -16.75 -12.91 -36.34
N ASN E 859 -15.79 -12.16 -35.81
CA ASN E 859 -16.04 -11.25 -34.71
C ASN E 859 -15.76 -9.82 -35.12
N GLY E 860 -16.26 -9.42 -36.29
CA GLY E 860 -15.97 -8.13 -36.87
C GLY E 860 -15.24 -8.18 -38.19
N LEU E 861 -14.94 -9.36 -38.71
CA LEU E 861 -14.24 -9.51 -39.98
C LEU E 861 -15.26 -9.80 -41.08
N THR E 862 -15.35 -8.90 -42.05
CA THR E 862 -16.30 -9.00 -43.15
C THR E 862 -15.54 -9.20 -44.46
N VAL E 863 -15.98 -10.16 -45.26
CA VAL E 863 -15.40 -10.43 -46.57
C VAL E 863 -16.28 -9.76 -47.61
N LEU E 864 -15.71 -8.82 -48.36
CA LEU E 864 -16.47 -8.08 -49.36
C LEU E 864 -16.43 -8.83 -50.69
N PRO E 865 -17.57 -8.98 -51.37
CA PRO E 865 -17.56 -9.67 -52.65
C PRO E 865 -16.93 -8.79 -53.73
N PRO E 866 -16.30 -9.39 -54.74
CA PRO E 866 -15.73 -8.59 -55.83
C PRO E 866 -16.81 -7.87 -56.62
N LEU E 867 -16.38 -6.79 -57.28
CA LEU E 867 -17.31 -6.03 -58.12
C LEU E 867 -17.76 -6.85 -59.32
N LEU E 868 -16.82 -7.39 -60.07
CA LEU E 868 -17.13 -8.25 -61.21
C LEU E 868 -17.33 -9.68 -60.74
N THR E 869 -18.46 -10.26 -61.09
CA THR E 869 -18.74 -11.64 -60.76
C THR E 869 -17.94 -12.57 -61.67
N ASP E 870 -17.93 -13.86 -61.30
CA ASP E 870 -17.26 -14.85 -62.13
C ASP E 870 -17.86 -14.93 -63.52
N GLU E 871 -19.18 -14.73 -63.64
CA GLU E 871 -19.82 -14.74 -64.95
C GLU E 871 -19.34 -13.57 -65.80
N MET E 872 -19.15 -12.40 -65.19
CA MET E 872 -18.68 -11.25 -65.95
C MET E 872 -17.22 -11.43 -66.39
N ILE E 873 -16.39 -12.01 -65.52
CA ILE E 873 -15.02 -12.30 -65.90
C ILE E 873 -14.98 -13.33 -67.03
N ALA E 874 -15.87 -14.32 -66.97
CA ALA E 874 -15.95 -15.31 -68.05
C ALA E 874 -16.40 -14.65 -69.35
N GLN E 875 -17.34 -13.71 -69.27
CA GLN E 875 -17.77 -13.00 -70.47
C GLN E 875 -16.65 -12.16 -71.05
N TYR E 876 -15.88 -11.48 -70.20
CA TYR E 876 -14.72 -10.74 -70.67
C TYR E 876 -13.71 -11.65 -71.35
N THR E 877 -13.43 -12.81 -70.75
CA THR E 877 -12.48 -13.75 -71.34
C THR E 877 -12.99 -14.28 -72.68
N SER E 878 -14.29 -14.57 -72.77
CA SER E 878 -14.86 -15.05 -74.01
C SER E 878 -14.82 -13.98 -75.09
N ALA E 879 -15.05 -12.72 -74.71
CA ALA E 879 -14.95 -11.63 -75.68
C ALA E 879 -13.52 -11.47 -76.18
N LEU E 880 -12.54 -11.56 -75.28
CA LEU E 880 -11.14 -11.51 -75.68
C LEU E 880 -10.81 -12.63 -76.64
N LEU E 881 -11.26 -13.85 -76.32
CA LEU E 881 -10.96 -15.00 -77.16
C LEU E 881 -11.63 -14.89 -78.53
N ALA E 882 -12.88 -14.43 -78.56
CA ALA E 882 -13.58 -14.25 -79.83
C ALA E 882 -12.90 -13.19 -80.69
N GLY E 883 -12.50 -12.07 -80.07
CA GLY E 883 -11.78 -11.06 -80.82
C GLY E 883 -10.45 -11.58 -81.35
N THR E 884 -9.76 -12.40 -80.56
CA THR E 884 -8.48 -12.94 -81.00
C THR E 884 -8.66 -13.92 -82.16
N ILE E 885 -9.72 -14.73 -82.12
CA ILE E 885 -9.90 -15.73 -83.17
C ILE E 885 -10.56 -15.17 -84.42
N THR E 886 -11.27 -14.05 -84.32
CA THR E 886 -11.93 -13.46 -85.48
C THR E 886 -11.13 -12.34 -86.12
N SER E 887 -10.60 -11.40 -85.32
CA SER E 887 -9.87 -10.26 -85.84
C SER E 887 -8.37 -10.33 -85.61
N GLY E 888 -7.89 -11.27 -84.80
CA GLY E 888 -6.47 -11.38 -84.55
C GLY E 888 -5.95 -10.37 -83.55
N TRP E 889 -5.21 -9.39 -84.03
CA TRP E 889 -4.64 -8.35 -83.19
C TRP E 889 -5.21 -6.97 -83.49
N THR E 890 -6.14 -6.86 -84.44
CA THR E 890 -6.65 -5.56 -84.86
C THR E 890 -7.64 -5.00 -83.85
N PHE E 891 -8.32 -5.85 -83.09
CA PHE E 891 -9.30 -5.36 -82.13
C PHE E 891 -8.64 -4.69 -80.92
N GLY E 892 -7.34 -4.90 -80.73
CA GLY E 892 -6.64 -4.26 -79.63
C GLY E 892 -6.16 -2.86 -79.95
N ALA E 893 -5.83 -2.60 -81.21
CA ALA E 893 -5.36 -1.28 -81.62
C ALA E 893 -6.49 -0.38 -82.09
N GLY E 894 -7.59 -0.95 -82.56
CA GLY E 894 -8.72 -0.18 -83.03
C GLY E 894 -9.95 -1.03 -83.27
N PRO E 895 -10.66 -0.77 -84.36
CA PRO E 895 -11.83 -1.58 -84.68
C PRO E 895 -11.44 -3.00 -85.08
N ALA E 896 -12.35 -3.93 -84.80
CA ALA E 896 -12.11 -5.34 -85.11
C ALA E 896 -12.20 -5.57 -86.62
N LEU E 897 -11.12 -6.06 -87.21
CA LEU E 897 -11.06 -6.36 -88.64
C LEU E 897 -11.07 -7.87 -88.80
N GLN E 898 -12.19 -8.41 -89.30
CA GLN E 898 -12.31 -9.85 -89.45
C GLN E 898 -11.27 -10.37 -90.44
N ILE E 899 -10.81 -11.59 -90.20
CA ILE E 899 -9.77 -12.22 -91.01
C ILE E 899 -9.85 -13.73 -90.80
N PRO E 900 -9.72 -14.53 -91.85
CA PRO E 900 -9.68 -15.99 -91.65
C PRO E 900 -8.53 -16.39 -90.74
N PHE E 901 -8.82 -17.35 -89.85
CA PHE E 901 -7.80 -17.78 -88.88
C PHE E 901 -6.57 -18.39 -89.54
N PRO E 902 -6.66 -19.16 -90.63
CA PRO E 902 -5.42 -19.58 -91.32
C PRO E 902 -4.56 -18.41 -91.76
N MET E 903 -5.18 -17.33 -92.25
CA MET E 903 -4.40 -16.17 -92.66
C MET E 903 -3.77 -15.47 -91.45
N GLN E 904 -4.48 -15.44 -90.32
CA GLN E 904 -3.90 -14.89 -89.10
C GLN E 904 -2.70 -15.71 -88.65
N MET E 905 -2.81 -17.04 -88.71
CA MET E 905 -1.69 -17.89 -88.35
C MET E 905 -0.52 -17.70 -89.31
N ALA E 906 -0.82 -17.50 -90.60
CA ALA E 906 0.24 -17.22 -91.56
C ALA E 906 0.94 -15.91 -91.25
N TYR E 907 0.18 -14.90 -90.85
CA TYR E 907 0.79 -13.62 -90.50
C TYR E 907 1.63 -13.74 -89.23
N ARG E 908 1.19 -14.55 -88.27
CA ARG E 908 1.99 -14.77 -87.07
C ARG E 908 3.27 -15.53 -87.39
N PHE E 909 3.19 -16.50 -88.30
CA PHE E 909 4.39 -17.19 -88.77
C PHE E 909 5.34 -16.23 -89.46
N ASN E 910 4.80 -15.30 -90.25
CA ASN E 910 5.64 -14.27 -90.85
C ASN E 910 6.26 -13.36 -89.80
N GLY E 911 5.54 -13.13 -88.70
CA GLY E 911 6.08 -12.33 -87.62
C GLY E 911 7.19 -13.02 -86.85
N ILE E 912 7.12 -14.34 -86.72
CA ILE E 912 8.19 -15.07 -86.04
C ILE E 912 9.37 -15.37 -86.96
N GLY E 913 9.28 -15.02 -88.24
CA GLY E 913 10.37 -15.22 -89.16
C GLY E 913 10.24 -16.41 -90.08
N VAL E 914 9.04 -16.98 -90.23
CA VAL E 914 8.81 -18.12 -91.10
C VAL E 914 7.86 -17.68 -92.21
N THR E 915 8.16 -18.12 -93.44
CA THR E 915 7.31 -17.75 -94.57
C THR E 915 5.94 -18.38 -94.44
N GLN E 916 4.93 -17.67 -94.94
CA GLN E 916 3.54 -18.09 -94.78
C GLN E 916 3.22 -19.35 -95.58
N ASN E 917 3.99 -19.63 -96.64
CA ASN E 917 3.75 -20.86 -97.39
C ASN E 917 4.02 -22.11 -96.56
N VAL E 918 4.90 -22.00 -95.56
CA VAL E 918 5.15 -23.12 -94.66
C VAL E 918 3.87 -23.49 -93.91
N LEU E 919 3.13 -22.50 -93.45
CA LEU E 919 1.86 -22.78 -92.76
C LEU E 919 0.79 -23.20 -93.76
N TYR E 920 0.70 -22.53 -94.90
CA TYR E 920 -0.34 -22.83 -95.87
C TYR E 920 -0.19 -24.24 -96.45
N GLU E 921 1.04 -24.76 -96.51
CA GLU E 921 1.28 -26.11 -97.02
C GLU E 921 1.18 -27.17 -95.94
N ASN E 922 1.29 -26.79 -94.67
CA ASN E 922 1.18 -27.70 -93.54
C ASN E 922 0.05 -27.31 -92.60
N GLN E 923 -1.04 -26.78 -93.18
CA GLN E 923 -2.14 -26.28 -92.36
C GLN E 923 -2.79 -27.40 -91.54
N LYS E 924 -3.01 -28.56 -92.16
CA LYS E 924 -3.64 -29.66 -91.46
C LYS E 924 -2.76 -30.19 -90.33
N LEU E 925 -1.45 -30.31 -90.58
CA LEU E 925 -0.54 -30.77 -89.54
C LEU E 925 -0.49 -29.81 -88.37
N ILE E 926 -0.42 -28.51 -88.65
CA ILE E 926 -0.37 -27.52 -87.58
C ILE E 926 -1.68 -27.51 -86.80
N ALA E 927 -2.81 -27.66 -87.49
CA ALA E 927 -4.09 -27.72 -86.81
C ALA E 927 -4.17 -28.94 -85.91
N ASN E 928 -3.72 -30.09 -86.40
CA ASN E 928 -3.74 -31.30 -85.58
C ASN E 928 -2.83 -31.16 -84.36
N GLN E 929 -1.64 -30.57 -84.54
CA GLN E 929 -0.74 -30.37 -83.42
C GLN E 929 -1.36 -29.42 -82.39
N PHE E 930 -2.00 -28.35 -82.84
CA PHE E 930 -2.64 -27.42 -81.93
C PHE E 930 -3.77 -28.11 -81.16
N ASN E 931 -4.58 -28.92 -81.86
CA ASN E 931 -5.66 -29.63 -81.19
C ASN E 931 -5.13 -30.61 -80.16
N SER E 932 -4.06 -31.34 -80.50
CA SER E 932 -3.47 -32.29 -79.56
C SER E 932 -2.90 -31.57 -78.35
N ALA E 933 -2.26 -30.41 -78.56
CA ALA E 933 -1.71 -29.66 -77.43
C ALA E 933 -2.83 -29.13 -76.54
N ILE E 934 -3.91 -28.63 -77.13
CA ILE E 934 -5.04 -28.15 -76.33
C ILE E 934 -5.66 -29.30 -75.54
N GLY E 935 -5.74 -30.48 -76.14
CA GLY E 935 -6.26 -31.63 -75.43
C GLY E 935 -5.36 -32.05 -74.27
N LYS E 936 -4.05 -32.01 -74.49
CA LYS E 936 -3.11 -32.36 -73.43
C LYS E 936 -3.06 -31.31 -72.32
N ILE E 937 -3.42 -30.07 -72.63
CA ILE E 937 -3.46 -29.03 -71.59
C ILE E 937 -4.43 -29.43 -70.48
N GLN E 938 -5.59 -29.98 -70.85
CA GLN E 938 -6.56 -30.40 -69.84
C GLN E 938 -6.01 -31.54 -68.99
N ASP E 939 -5.22 -32.43 -69.59
CA ASP E 939 -4.64 -33.54 -68.83
C ASP E 939 -3.57 -33.03 -67.86
N SER E 940 -2.77 -32.05 -68.28
CA SER E 940 -1.73 -31.50 -67.42
C SER E 940 -2.29 -30.71 -66.25
N LEU E 941 -3.57 -30.37 -66.27
CA LEU E 941 -4.22 -29.67 -65.17
C LEU E 941 -5.15 -30.55 -64.35
N PHE E 942 -5.84 -31.49 -65.00
CA PHE E 942 -6.74 -32.38 -64.27
C PHE E 942 -5.97 -33.42 -63.47
N SER E 943 -4.80 -33.83 -63.94
CA SER E 943 -4.01 -34.84 -63.26
C SER E 943 -3.02 -34.25 -62.26
N THR E 944 -2.46 -33.07 -62.55
CA THR E 944 -1.49 -32.45 -61.67
C THR E 944 -2.20 -31.47 -60.74
N PRO E 945 -2.29 -31.75 -59.44
CA PRO E 945 -2.99 -30.82 -58.54
C PRO E 945 -2.16 -29.60 -58.15
N SER E 946 -0.83 -29.67 -58.23
CA SER E 946 0.03 -28.57 -57.86
C SER E 946 0.25 -27.58 -58.99
N ALA E 947 -0.49 -27.70 -60.09
CA ALA E 947 -0.33 -26.77 -61.21
C ALA E 947 -0.86 -25.38 -60.85
N LEU E 948 -1.96 -25.33 -60.09
CA LEU E 948 -2.58 -24.07 -59.69
C LEU E 948 -2.14 -23.62 -58.31
N GLY E 949 -0.90 -23.89 -57.92
CA GLY E 949 -0.44 -23.63 -56.57
C GLY E 949 -0.43 -22.16 -56.19
N LYS E 950 -0.35 -21.25 -57.16
CA LYS E 950 -0.24 -19.83 -56.84
C LYS E 950 -1.55 -19.29 -56.27
N LEU E 951 -2.65 -19.50 -56.99
CA LEU E 951 -3.95 -19.02 -56.50
C LEU E 951 -4.34 -19.70 -55.20
N GLN E 952 -4.08 -21.01 -55.10
CA GLN E 952 -4.37 -21.73 -53.86
C GLN E 952 -3.53 -21.20 -52.71
N ASP E 953 -2.27 -20.86 -52.97
CA ASP E 953 -1.42 -20.31 -51.92
C ASP E 953 -1.91 -18.94 -51.48
N VAL E 954 -2.39 -18.12 -52.43
CA VAL E 954 -2.94 -16.82 -52.07
C VAL E 954 -4.17 -17.00 -51.18
N VAL E 955 -5.08 -17.89 -51.58
CA VAL E 955 -6.29 -18.13 -50.79
C VAL E 955 -5.93 -18.65 -49.41
N ASN E 956 -4.96 -19.57 -49.34
CA ASN E 956 -4.56 -20.14 -48.06
C ASN E 956 -3.91 -19.09 -47.17
N HIS E 957 -3.10 -18.21 -47.75
CA HIS E 957 -2.48 -17.14 -46.96
C HIS E 957 -3.53 -16.20 -46.40
N ASN E 958 -4.52 -15.82 -47.21
CA ASN E 958 -5.58 -14.94 -46.71
C ASN E 958 -6.37 -15.62 -45.60
N ALA E 959 -6.74 -16.89 -45.81
CA ALA E 959 -7.52 -17.61 -44.80
C ALA E 959 -6.72 -17.80 -43.52
N GLN E 960 -5.42 -18.07 -43.63
CA GLN E 960 -4.60 -18.27 -42.45
C GLN E 960 -4.38 -16.97 -41.69
N ALA E 961 -4.25 -15.85 -42.42
CA ALA E 961 -4.17 -14.55 -41.77
C ALA E 961 -5.45 -14.23 -41.00
N LEU E 962 -6.60 -14.51 -41.62
CA LEU E 962 -7.87 -14.29 -40.93
C LEU E 962 -7.99 -15.19 -39.69
N ASN E 963 -7.58 -16.45 -39.82
CA ASN E 963 -7.65 -17.37 -38.69
C ASN E 963 -6.73 -16.93 -37.56
N THR E 964 -5.52 -16.47 -37.89
CA THR E 964 -4.61 -15.98 -36.86
C THR E 964 -5.17 -14.74 -36.18
N LEU E 965 -5.76 -13.84 -36.97
CA LEU E 965 -6.33 -12.62 -36.39
C LEU E 965 -7.49 -12.95 -35.45
N VAL E 966 -8.34 -13.91 -35.83
CA VAL E 966 -9.46 -14.26 -34.98
C VAL E 966 -9.05 -15.12 -33.79
N LYS E 967 -7.93 -15.85 -33.89
CA LYS E 967 -7.43 -16.62 -32.75
C LYS E 967 -6.65 -15.77 -31.76
N GLN E 968 -6.11 -14.63 -32.20
CA GLN E 968 -5.45 -13.72 -31.27
C GLN E 968 -6.40 -13.17 -30.23
N LEU E 969 -7.71 -13.30 -30.44
CA LEU E 969 -8.67 -12.85 -29.44
C LEU E 969 -8.65 -13.74 -28.19
N SER E 970 -8.26 -15.01 -28.35
CA SER E 970 -8.19 -15.92 -27.22
C SER E 970 -6.93 -15.74 -26.38
N SER E 971 -6.00 -14.90 -26.82
CA SER E 971 -4.75 -14.69 -26.10
C SER E 971 -4.90 -13.55 -25.10
N LYS E 972 -4.37 -13.76 -23.90
CA LYS E 972 -4.38 -12.75 -22.84
C LYS E 972 -2.99 -12.13 -22.77
N PHE E 973 -2.87 -10.92 -23.33
CA PHE E 973 -1.58 -10.22 -23.40
C PHE E 973 -1.23 -9.65 -22.02
N GLY E 974 -0.84 -10.55 -21.13
CA GLY E 974 -0.53 -10.17 -19.77
C GLY E 974 -1.72 -9.76 -18.94
N ALA E 975 -2.83 -10.48 -19.09
CA ALA E 975 -4.06 -10.18 -18.35
C ALA E 975 -4.58 -11.44 -17.70
N ILE E 976 -5.48 -11.27 -16.74
CA ILE E 976 -6.05 -12.41 -16.03
C ILE E 976 -7.01 -13.19 -16.91
N SER E 977 -7.57 -12.56 -17.94
CA SER E 977 -8.49 -13.23 -18.85
C SER E 977 -8.54 -12.46 -20.16
N SER E 978 -9.28 -13.00 -21.12
CA SER E 978 -9.44 -12.39 -22.42
C SER E 978 -10.88 -12.35 -22.90
N VAL E 979 -11.85 -12.60 -22.01
CA VAL E 979 -13.25 -12.63 -22.41
C VAL E 979 -13.87 -11.24 -22.44
N LEU E 980 -13.27 -10.27 -21.76
CA LEU E 980 -13.72 -8.88 -21.65
C LEU E 980 -14.99 -8.74 -20.81
N ASN E 981 -15.59 -9.83 -20.37
CA ASN E 981 -16.73 -9.79 -19.46
C ASN E 981 -16.41 -10.29 -18.07
N ASP E 982 -15.47 -11.25 -17.95
CA ASP E 982 -15.04 -11.69 -16.64
C ASP E 982 -14.22 -10.64 -15.91
N ILE E 983 -13.48 -9.81 -16.66
CA ILE E 983 -12.67 -8.78 -16.03
C ILE E 983 -13.55 -7.72 -15.38
N LEU E 984 -14.61 -7.30 -16.07
CA LEU E 984 -15.50 -6.28 -15.51
C LEU E 984 -16.38 -6.82 -14.40
N SER E 985 -16.49 -8.14 -14.25
CA SER E 985 -17.35 -8.73 -13.24
C SER E 985 -16.59 -9.26 -12.03
N ARG E 986 -15.29 -9.49 -12.14
CA ARG E 986 -14.50 -10.05 -11.06
C ARG E 986 -13.74 -8.99 -10.26
N LEU E 987 -13.00 -8.12 -10.93
CA LEU E 987 -12.14 -7.15 -10.26
C LEU E 987 -12.74 -5.75 -10.34
N ASP E 988 -12.12 -4.83 -9.62
CA ASP E 988 -12.62 -3.47 -9.49
C ASP E 988 -12.43 -2.70 -10.79
N PRO E 989 -13.26 -1.69 -11.03
CA PRO E 989 -13.14 -0.88 -12.25
C PRO E 989 -11.76 -0.25 -12.41
N PRO E 990 -11.10 0.20 -11.32
CA PRO E 990 -9.73 0.72 -11.51
C PRO E 990 -8.77 -0.28 -12.12
N GLU E 991 -8.67 -1.49 -11.56
CA GLU E 991 -7.77 -2.50 -12.12
C GLU E 991 -8.32 -3.09 -13.41
N ALA E 992 -9.65 -3.19 -13.53
CA ALA E 992 -10.24 -3.60 -14.78
C ALA E 992 -9.85 -2.65 -15.91
N GLU E 993 -9.65 -1.37 -15.59
CA GLU E 993 -9.24 -0.41 -16.61
C GLU E 993 -7.89 -0.79 -17.19
N VAL E 994 -6.90 -1.09 -16.35
CA VAL E 994 -5.58 -1.43 -16.86
C VAL E 994 -5.59 -2.80 -17.53
N GLN E 995 -6.43 -3.73 -17.05
CA GLN E 995 -6.54 -5.02 -17.72
C GLN E 995 -7.10 -4.86 -19.14
N ILE E 996 -8.19 -4.11 -19.27
CA ILE E 996 -8.77 -3.84 -20.58
C ILE E 996 -7.78 -3.06 -21.45
N ASP E 997 -6.97 -2.19 -20.84
CA ASP E 997 -5.97 -1.46 -21.61
C ASP E 997 -4.92 -2.40 -22.17
N ARG E 998 -4.46 -3.36 -21.37
CA ARG E 998 -3.50 -4.35 -21.87
C ARG E 998 -4.11 -5.17 -23.01
N LEU E 999 -5.35 -5.61 -22.84
CA LEU E 999 -6.00 -6.38 -23.91
C LEU E 999 -6.18 -5.56 -25.17
N ILE E 1000 -6.54 -4.28 -25.02
CA ILE E 1000 -6.71 -3.39 -26.16
C ILE E 1000 -5.39 -3.19 -26.88
N THR E 1001 -4.30 -3.00 -26.13
CA THR E 1001 -2.98 -2.85 -26.75
C THR E 1001 -2.61 -4.10 -27.54
N GLY E 1002 -2.84 -5.28 -26.94
CA GLY E 1002 -2.52 -6.51 -27.64
C GLY E 1002 -3.31 -6.69 -28.92
N ARG E 1003 -4.63 -6.48 -28.84
CA ARG E 1003 -5.47 -6.64 -30.02
C ARG E 1003 -5.18 -5.59 -31.08
N LEU E 1004 -4.83 -4.37 -30.67
CA LEU E 1004 -4.47 -3.33 -31.63
C LEU E 1004 -3.16 -3.66 -32.32
N GLN E 1005 -2.19 -4.20 -31.59
CA GLN E 1005 -0.96 -4.65 -32.23
C GLN E 1005 -1.24 -5.79 -33.21
N SER E 1006 -2.13 -6.70 -32.85
CA SER E 1006 -2.51 -7.77 -33.77
C SER E 1006 -3.14 -7.22 -35.04
N LEU E 1007 -4.05 -6.25 -34.89
CA LEU E 1007 -4.69 -5.64 -36.05
C LEU E 1007 -3.68 -4.90 -36.91
N GLN E 1008 -2.73 -4.20 -36.28
CA GLN E 1008 -1.70 -3.49 -37.04
C GLN E 1008 -0.84 -4.46 -37.83
N THR E 1009 -0.43 -5.56 -37.21
CA THR E 1009 0.37 -6.57 -37.91
C THR E 1009 -0.42 -7.16 -39.07
N TYR E 1010 -1.70 -7.48 -38.86
CA TYR E 1010 -2.52 -8.00 -39.93
C TYR E 1010 -2.63 -7.03 -41.09
N VAL E 1011 -2.87 -5.75 -40.80
CA VAL E 1011 -3.04 -4.76 -41.84
C VAL E 1011 -1.73 -4.54 -42.60
N THR E 1012 -0.59 -4.58 -41.89
CA THR E 1012 0.70 -4.42 -42.56
C THR E 1012 0.98 -5.59 -43.50
N GLN E 1013 0.73 -6.82 -43.03
CA GLN E 1013 0.92 -7.98 -43.88
C GLN E 1013 -0.03 -7.96 -45.06
N GLN E 1014 -1.27 -7.49 -44.85
CA GLN E 1014 -2.21 -7.38 -45.95
C GLN E 1014 -1.76 -6.34 -46.97
N LEU E 1015 -1.17 -5.24 -46.50
CA LEU E 1015 -0.64 -4.24 -47.42
C LEU E 1015 0.52 -4.80 -48.24
N ILE E 1016 1.41 -5.56 -47.61
CA ILE E 1016 2.53 -6.16 -48.33
C ILE E 1016 2.02 -7.14 -49.38
N ARG E 1017 1.09 -8.02 -48.98
CA ARG E 1017 0.52 -8.97 -49.93
C ARG E 1017 -0.27 -8.27 -51.03
N ALA E 1018 -0.89 -7.13 -50.72
CA ALA E 1018 -1.61 -6.38 -51.74
C ALA E 1018 -0.65 -5.75 -52.73
N ALA E 1019 0.51 -5.28 -52.27
CA ALA E 1019 1.52 -4.78 -53.19
C ALA E 1019 2.03 -5.89 -54.10
N GLU E 1020 2.26 -7.08 -53.53
CA GLU E 1020 2.70 -8.21 -54.34
C GLU E 1020 1.64 -8.59 -55.37
N ILE E 1021 0.37 -8.63 -54.95
CA ILE E 1021 -0.72 -8.97 -55.87
C ILE E 1021 -0.88 -7.88 -56.93
N ARG E 1022 -0.63 -6.63 -56.59
CA ARG E 1022 -0.71 -5.56 -57.58
C ARG E 1022 0.40 -5.70 -58.62
N ALA E 1023 1.61 -6.05 -58.18
CA ALA E 1023 2.68 -6.32 -59.13
C ALA E 1023 2.31 -7.49 -60.04
N SER E 1024 1.78 -8.56 -59.47
CA SER E 1024 1.38 -9.72 -60.28
C SER E 1024 0.28 -9.35 -61.26
N ALA E 1025 -0.67 -8.52 -60.84
CA ALA E 1025 -1.78 -8.13 -61.71
C ALA E 1025 -1.31 -7.20 -62.82
N ASN E 1026 -0.37 -6.30 -62.53
CA ASN E 1026 0.22 -5.48 -63.57
C ASN E 1026 0.95 -6.34 -64.59
N LEU E 1027 1.72 -7.32 -64.12
CA LEU E 1027 2.37 -8.26 -65.03
C LEU E 1027 1.36 -9.01 -65.87
N ALA E 1028 0.25 -9.44 -65.25
CA ALA E 1028 -0.77 -10.18 -65.98
C ALA E 1028 -1.45 -9.32 -67.04
N ALA E 1029 -1.71 -8.05 -66.72
CA ALA E 1029 -2.32 -7.15 -67.69
C ALA E 1029 -1.35 -6.86 -68.85
N THR E 1030 -0.07 -6.67 -68.53
CA THR E 1030 0.93 -6.48 -69.58
C THR E 1030 1.01 -7.71 -70.49
N LYS E 1031 1.01 -8.90 -69.90
CA LYS E 1031 1.08 -10.11 -70.72
C LYS E 1031 -0.19 -10.29 -71.54
N MET E 1032 -1.34 -9.95 -70.98
CA MET E 1032 -2.58 -9.96 -71.75
C MET E 1032 -2.46 -9.06 -72.97
N SER E 1033 -2.08 -7.80 -72.75
CA SER E 1033 -2.02 -6.85 -73.85
C SER E 1033 -0.96 -7.23 -74.89
N GLU E 1034 0.13 -7.86 -74.47
CA GLU E 1034 1.24 -8.12 -75.38
C GLU E 1034 1.22 -9.50 -76.02
N CYS E 1035 0.45 -10.45 -75.48
CA CYS E 1035 0.36 -11.79 -76.03
C CYS E 1035 -1.00 -12.12 -76.62
N VAL E 1036 -2.09 -11.65 -76.00
CA VAL E 1036 -3.43 -11.93 -76.50
C VAL E 1036 -3.85 -10.90 -77.54
N LEU E 1037 -3.66 -9.62 -77.24
CA LEU E 1037 -4.02 -8.54 -78.16
C LEU E 1037 -2.97 -8.27 -79.22
N GLY E 1038 -1.84 -8.98 -79.17
CA GLY E 1038 -0.80 -8.77 -80.17
C GLY E 1038 0.22 -9.88 -80.09
N GLN E 1039 1.18 -9.82 -81.02
CA GLN E 1039 2.27 -10.79 -81.09
C GLN E 1039 3.54 -10.15 -80.55
N SER E 1040 4.11 -10.74 -79.51
CA SER E 1040 5.27 -10.18 -78.84
C SER E 1040 6.54 -10.90 -79.28
N LYS E 1041 7.58 -10.12 -79.56
CA LYS E 1041 8.90 -10.66 -79.89
C LYS E 1041 9.80 -10.78 -78.67
N ARG E 1042 9.28 -10.49 -77.48
CA ARG E 1042 10.06 -10.62 -76.26
C ARG E 1042 10.24 -12.10 -75.92
N VAL E 1043 11.49 -12.52 -75.76
CA VAL E 1043 11.79 -13.93 -75.50
C VAL E 1043 11.31 -14.31 -74.11
N ASP E 1044 10.65 -15.46 -74.01
CA ASP E 1044 10.17 -16.05 -72.77
C ASP E 1044 9.15 -15.20 -72.05
N PHE E 1045 8.59 -14.18 -72.72
CA PHE E 1045 7.56 -13.35 -72.10
C PHE E 1045 6.16 -13.90 -72.36
N CYS E 1046 5.93 -14.48 -73.53
CA CYS E 1046 4.66 -15.11 -73.88
C CYS E 1046 4.85 -16.61 -74.09
N GLY E 1047 5.61 -17.25 -73.22
CA GLY E 1047 5.86 -18.67 -73.28
C GLY E 1047 7.25 -19.00 -73.78
N LYS E 1048 7.58 -20.28 -73.69
CA LYS E 1048 8.89 -20.79 -74.10
C LYS E 1048 8.84 -21.11 -75.59
N GLY E 1049 9.63 -20.38 -76.37
CA GLY E 1049 9.68 -20.55 -77.81
C GLY E 1049 9.27 -19.28 -78.54
N TYR E 1050 9.07 -19.43 -79.84
CA TYR E 1050 8.63 -18.31 -80.67
C TYR E 1050 7.12 -18.13 -80.51
N HIS E 1051 6.72 -17.05 -79.84
CA HIS E 1051 5.32 -16.83 -79.52
C HIS E 1051 4.50 -16.60 -80.76
N LEU E 1052 3.45 -17.41 -80.95
CA LEU E 1052 2.49 -17.19 -82.02
C LEU E 1052 1.28 -16.40 -81.53
N MET E 1053 0.56 -16.95 -80.54
CA MET E 1053 -0.60 -16.29 -79.98
C MET E 1053 -0.89 -16.89 -78.61
N SER E 1054 -1.72 -16.19 -77.84
CA SER E 1054 -2.08 -16.64 -76.50
C SER E 1054 -3.59 -16.47 -76.30
N PHE E 1055 -4.15 -17.36 -75.48
CA PHE E 1055 -5.56 -17.34 -75.17
C PHE E 1055 -5.76 -17.21 -73.67
N PRO E 1056 -6.54 -16.24 -73.20
CA PRO E 1056 -6.78 -16.10 -71.77
C PRO E 1056 -7.84 -17.07 -71.28
N GLN E 1057 -7.76 -17.36 -69.97
CA GLN E 1057 -8.73 -18.22 -69.31
C GLN E 1057 -9.01 -17.65 -67.92
N SER E 1058 -10.28 -17.62 -67.55
CA SER E 1058 -10.67 -17.10 -66.25
C SER E 1058 -10.42 -18.12 -65.16
N ALA E 1059 -9.86 -17.67 -64.04
CA ALA E 1059 -9.53 -18.51 -62.91
C ALA E 1059 -9.94 -17.79 -61.63
N PRO E 1060 -10.22 -18.55 -60.56
CA PRO E 1060 -10.58 -17.90 -59.28
C PRO E 1060 -9.43 -17.06 -58.76
N HIS E 1061 -9.67 -15.74 -58.69
CA HIS E 1061 -8.67 -14.78 -58.21
C HIS E 1061 -7.40 -14.80 -59.04
N GLY E 1062 -7.52 -15.12 -60.32
CA GLY E 1062 -6.35 -15.16 -61.18
C GLY E 1062 -6.73 -15.28 -62.63
N VAL E 1063 -5.71 -15.52 -63.46
CA VAL E 1063 -5.88 -15.68 -64.89
C VAL E 1063 -4.87 -16.70 -65.38
N VAL E 1064 -5.27 -17.50 -66.38
CA VAL E 1064 -4.41 -18.51 -66.98
C VAL E 1064 -4.25 -18.19 -68.45
N PHE E 1065 -2.99 -18.13 -68.90
CA PHE E 1065 -2.67 -17.86 -70.29
C PHE E 1065 -2.20 -19.13 -70.98
N LEU E 1066 -2.81 -19.46 -72.11
CA LEU E 1066 -2.41 -20.60 -72.93
C LEU E 1066 -1.55 -20.07 -74.06
N HIS E 1067 -0.24 -20.11 -73.88
CA HIS E 1067 0.71 -19.55 -74.84
C HIS E 1067 0.99 -20.57 -75.93
N VAL E 1068 0.58 -20.26 -77.16
CA VAL E 1068 0.87 -21.10 -78.32
C VAL E 1068 2.19 -20.62 -78.91
N THR E 1069 3.21 -21.46 -78.85
CA THR E 1069 4.55 -21.10 -79.27
C THR E 1069 5.00 -21.98 -80.43
N TYR E 1070 6.03 -21.51 -81.13
CA TYR E 1070 6.63 -22.21 -82.25
C TYR E 1070 7.98 -22.77 -81.80
N VAL E 1071 8.12 -24.09 -81.84
CA VAL E 1071 9.34 -24.75 -81.40
C VAL E 1071 9.94 -25.53 -82.56
N PRO E 1072 11.12 -25.13 -83.05
CA PRO E 1072 11.77 -25.90 -84.12
C PRO E 1072 12.19 -27.29 -83.65
N ALA E 1073 12.17 -28.24 -84.59
CA ALA E 1073 12.53 -29.61 -84.29
C ALA E 1073 13.21 -30.23 -85.50
N GLN E 1074 13.87 -31.36 -85.26
CA GLN E 1074 14.55 -32.13 -86.31
C GLN E 1074 15.59 -31.28 -87.04
N GLU E 1075 16.59 -30.85 -86.28
CA GLU E 1075 17.65 -30.02 -86.83
C GLU E 1075 18.68 -30.89 -87.56
N LYS E 1076 18.96 -30.53 -88.81
CA LYS E 1076 19.94 -31.23 -89.62
C LYS E 1076 21.29 -30.54 -89.48
N ASN E 1077 22.24 -30.90 -90.34
CA ASN E 1077 23.57 -30.30 -90.32
C ASN E 1077 23.97 -29.94 -91.74
N PHE E 1078 24.37 -28.69 -91.94
CA PHE E 1078 24.76 -28.20 -93.26
C PHE E 1078 26.04 -27.39 -93.14
N THR E 1079 26.68 -27.17 -94.29
CA THR E 1079 27.85 -26.31 -94.37
C THR E 1079 27.41 -24.92 -94.85
N THR E 1080 27.79 -23.90 -94.09
CA THR E 1080 27.35 -22.53 -94.36
C THR E 1080 28.55 -21.67 -94.79
N ALA E 1081 28.23 -20.51 -95.35
CA ALA E 1081 29.22 -19.54 -95.80
C ALA E 1081 28.66 -18.13 -95.61
N PRO E 1082 29.51 -17.17 -95.26
CA PRO E 1082 29.01 -15.80 -95.06
C PRO E 1082 28.61 -15.12 -96.36
N ALA E 1083 29.28 -15.42 -97.47
CA ALA E 1083 28.97 -14.80 -98.74
C ALA E 1083 29.38 -15.74 -99.87
N ILE E 1084 29.04 -15.35 -101.10
CA ILE E 1084 29.36 -16.12 -102.29
C ILE E 1084 29.87 -15.18 -103.36
N CYS E 1085 31.01 -15.53 -103.97
CA CYS E 1085 31.64 -14.74 -105.01
C CYS E 1085 31.57 -15.50 -106.32
N HIS E 1086 30.89 -14.92 -107.31
CA HIS E 1086 30.76 -15.54 -108.62
C HIS E 1086 31.46 -14.75 -109.71
N ASP E 1087 31.11 -13.49 -109.90
CA ASP E 1087 31.81 -12.61 -110.85
C ASP E 1087 32.76 -11.66 -110.14
N GLY E 1088 33.65 -12.19 -109.31
CA GLY E 1088 34.57 -11.36 -108.55
C GLY E 1088 33.88 -10.42 -107.58
N LYS E 1089 32.59 -10.64 -107.33
CA LYS E 1089 31.79 -9.79 -106.45
C LYS E 1089 31.15 -10.64 -105.37
N ALA E 1090 31.14 -10.11 -104.15
CA ALA E 1090 30.58 -10.83 -103.00
C ALA E 1090 29.07 -10.68 -103.00
N HIS E 1091 28.35 -11.79 -102.91
CA HIS E 1091 26.90 -11.80 -102.85
C HIS E 1091 26.44 -12.18 -101.45
N PHE E 1092 25.58 -11.34 -100.87
CA PHE E 1092 25.03 -11.58 -99.54
C PHE E 1092 23.52 -11.81 -99.63
N PRO E 1093 22.98 -12.75 -98.86
CA PRO E 1093 21.54 -13.03 -98.95
C PRO E 1093 20.73 -11.91 -98.33
N ARG E 1094 19.64 -11.55 -99.01
CA ARG E 1094 18.74 -10.54 -98.48
C ARG E 1094 18.09 -11.01 -97.19
N GLU E 1095 17.43 -12.17 -97.24
CA GLU E 1095 16.85 -12.79 -96.06
C GLU E 1095 17.04 -14.30 -96.18
N GLY E 1096 17.76 -14.88 -95.22
CA GLY E 1096 18.04 -16.30 -95.27
C GLY E 1096 19.48 -16.64 -94.94
N VAL E 1097 19.95 -17.79 -95.41
CA VAL E 1097 21.29 -18.27 -95.08
C VAL E 1097 21.75 -19.18 -96.21
N PHE E 1098 23.03 -19.05 -96.56
CA PHE E 1098 23.66 -19.94 -97.54
C PHE E 1098 24.01 -21.26 -96.88
N VAL E 1099 23.38 -22.34 -97.35
CA VAL E 1099 23.64 -23.68 -96.81
C VAL E 1099 24.10 -24.58 -97.94
N SER E 1100 24.76 -25.67 -97.56
CA SER E 1100 25.27 -26.64 -98.52
C SER E 1100 25.06 -28.04 -97.99
N ASN E 1101 24.50 -28.91 -98.82
CA ASN E 1101 24.32 -30.32 -98.47
C ASN E 1101 25.56 -31.15 -98.72
N GLY E 1102 26.67 -30.52 -99.11
CA GLY E 1102 27.90 -31.23 -99.40
C GLY E 1102 28.42 -30.97 -100.80
N THR E 1103 27.51 -30.85 -101.75
CA THR E 1103 27.88 -30.61 -103.15
C THR E 1103 27.32 -29.31 -103.69
N HIS E 1104 26.04 -29.03 -103.46
CA HIS E 1104 25.37 -27.85 -103.99
C HIS E 1104 25.06 -26.86 -102.88
N TRP E 1105 24.95 -25.60 -103.26
CA TRP E 1105 24.65 -24.51 -102.33
C TRP E 1105 23.24 -23.99 -102.58
N PHE E 1106 22.51 -23.72 -101.50
CA PHE E 1106 21.14 -23.25 -101.58
C PHE E 1106 20.94 -22.12 -100.57
N LEU E 1107 19.83 -21.40 -100.74
CA LEU E 1107 19.41 -20.36 -99.80
C LEU E 1107 18.11 -20.81 -99.13
N THR E 1108 18.11 -20.78 -97.80
CA THR E 1108 16.95 -21.25 -97.04
C THR E 1108 16.70 -20.29 -95.89
N GLN E 1109 15.53 -20.46 -95.27
CA GLN E 1109 15.17 -19.65 -94.11
C GLN E 1109 16.01 -20.06 -92.91
N ARG E 1110 16.09 -19.16 -91.93
CA ARG E 1110 16.88 -19.43 -90.73
C ARG E 1110 16.16 -20.38 -89.77
N ASN E 1111 14.84 -20.31 -89.71
CA ASN E 1111 14.06 -21.12 -88.78
C ASN E 1111 13.41 -22.34 -89.42
N PHE E 1112 13.44 -22.45 -90.75
CA PHE E 1112 12.84 -23.57 -91.44
C PHE E 1112 13.66 -23.89 -92.69
N TYR E 1113 13.89 -25.17 -92.93
CA TYR E 1113 14.72 -25.61 -94.05
C TYR E 1113 13.88 -25.63 -95.32
N GLU E 1114 14.12 -24.67 -96.21
CA GLU E 1114 13.47 -24.62 -97.52
C GLU E 1114 14.51 -24.19 -98.53
N PRO E 1115 15.21 -25.15 -99.14
CA PRO E 1115 16.31 -24.80 -100.05
C PRO E 1115 15.83 -24.17 -101.36
N GLN E 1116 16.24 -22.93 -101.59
CA GLN E 1116 15.93 -22.21 -102.82
C GLN E 1116 17.19 -22.02 -103.63
N ILE E 1117 17.01 -21.84 -104.95
CA ILE E 1117 18.13 -21.62 -105.85
C ILE E 1117 18.67 -20.21 -105.64
N ILE E 1118 19.98 -20.11 -105.45
CA ILE E 1118 20.62 -18.82 -105.18
C ILE E 1118 20.66 -18.02 -106.49
N THR E 1119 19.83 -16.98 -106.57
CA THR E 1119 19.74 -16.13 -107.75
C THR E 1119 19.99 -14.69 -107.36
N THR E 1120 19.98 -13.80 -108.36
CA THR E 1120 20.19 -12.38 -108.09
C THR E 1120 19.03 -11.78 -107.31
N ASP E 1121 17.83 -12.32 -107.48
CA ASP E 1121 16.65 -11.79 -106.79
C ASP E 1121 16.69 -12.10 -105.30
N ASN E 1122 17.51 -13.06 -104.86
CA ASN E 1122 17.59 -13.42 -103.46
C ASN E 1122 18.82 -12.87 -102.76
N THR E 1123 19.77 -12.28 -103.50
CA THR E 1123 21.01 -11.78 -102.94
C THR E 1123 21.25 -10.35 -103.40
N PHE E 1124 22.17 -9.68 -102.73
CA PHE E 1124 22.62 -8.35 -103.12
C PHE E 1124 24.15 -8.32 -103.13
N VAL E 1125 24.70 -7.42 -103.93
CA VAL E 1125 26.15 -7.33 -104.15
C VAL E 1125 26.72 -6.24 -103.25
N SER E 1126 27.87 -6.55 -102.64
CA SER E 1126 28.56 -5.58 -101.79
C SER E 1126 30.02 -6.00 -101.66
N GLY E 1127 30.93 -5.08 -101.93
CA GLY E 1127 32.34 -5.38 -101.82
C GLY E 1127 32.85 -6.19 -103.00
N ASN E 1128 34.02 -6.80 -102.79
CA ASN E 1128 34.68 -7.60 -103.82
C ASN E 1128 34.87 -9.03 -103.30
N CYS E 1129 35.58 -9.83 -104.10
CA CYS E 1129 35.79 -11.25 -103.82
C CYS E 1129 36.86 -11.51 -102.76
N ASP E 1130 37.53 -10.47 -102.25
CA ASP E 1130 38.67 -10.64 -101.37
C ASP E 1130 38.51 -10.00 -100.00
N VAL E 1131 37.34 -9.42 -99.69
CA VAL E 1131 37.18 -8.74 -98.41
C VAL E 1131 36.50 -9.60 -97.36
N VAL E 1132 35.76 -10.63 -97.76
CA VAL E 1132 34.99 -11.45 -96.82
C VAL E 1132 35.83 -12.64 -96.41
N ILE E 1133 35.88 -12.91 -95.10
CA ILE E 1133 36.62 -14.04 -94.56
C ILE E 1133 35.72 -15.28 -94.59
N GLY E 1134 36.15 -16.31 -95.32
CA GLY E 1134 35.38 -17.52 -95.44
C GLY E 1134 34.41 -17.56 -96.60
N ILE E 1135 34.57 -16.68 -97.58
CA ILE E 1135 33.67 -16.65 -98.72
C ILE E 1135 33.97 -17.82 -99.65
N VAL E 1136 32.92 -18.38 -100.24
CA VAL E 1136 33.05 -19.54 -101.12
C VAL E 1136 32.71 -19.13 -102.54
N ASN E 1137 33.25 -19.89 -103.49
CA ASN E 1137 33.03 -19.65 -104.92
C ASN E 1137 31.88 -20.53 -105.39
N ASN E 1138 30.79 -19.90 -105.83
CA ASN E 1138 29.65 -20.62 -106.34
C ASN E 1138 28.93 -19.74 -107.35
N THR E 1139 28.24 -20.37 -108.29
CA THR E 1139 27.55 -19.65 -109.35
C THR E 1139 26.27 -19.01 -108.83
N VAL E 1140 26.01 -17.78 -109.27
CA VAL E 1140 24.79 -17.05 -108.95
C VAL E 1140 24.02 -16.88 -110.24
N TYR E 1141 22.94 -17.64 -110.39
CA TYR E 1141 22.18 -17.61 -111.64
C TYR E 1141 21.39 -16.31 -111.77
N ASP E 1142 21.36 -15.77 -112.98
CA ASP E 1142 20.63 -14.54 -113.26
C ASP E 1142 19.43 -14.85 -114.12
N PRO E 1143 18.20 -14.69 -113.61
CA PRO E 1143 17.02 -14.96 -114.46
C PRO E 1143 16.94 -14.07 -115.68
N LEU E 1144 17.32 -12.79 -115.54
CA LEU E 1144 17.26 -11.88 -116.68
C LEU E 1144 18.26 -12.28 -117.75
N GLN E 1145 19.48 -12.65 -117.36
CA GLN E 1145 20.47 -13.08 -118.34
C GLN E 1145 20.09 -14.42 -118.96
N LEU E 1146 19.48 -15.31 -118.19
CA LEU E 1146 19.07 -16.61 -118.73
C LEU E 1146 17.93 -16.46 -119.74
N GLU E 1147 16.96 -15.59 -119.43
CA GLU E 1147 15.85 -15.39 -120.36
C GLU E 1147 16.30 -14.65 -121.62
N LEU E 1148 17.35 -13.84 -121.51
CA LEU E 1148 17.89 -13.17 -122.70
C LEU E 1148 18.69 -14.12 -123.58
N ASP E 1149 19.16 -15.24 -123.03
CA ASP E 1149 19.87 -16.23 -123.83
C ASP E 1149 18.95 -17.06 -124.70
N SER E 1150 17.67 -17.17 -124.32
CA SER E 1150 16.72 -17.90 -125.16
C SER E 1150 16.35 -17.10 -126.40
N PHE E 1151 16.23 -15.78 -126.27
CA PHE E 1151 15.95 -14.89 -127.40
C PHE E 1151 17.23 -14.38 -128.03
N LYS E 1152 18.11 -15.30 -128.42
CA LYS E 1152 19.39 -14.94 -129.02
C LYS E 1152 19.81 -16.06 -129.97
N GLU E 1153 20.27 -15.68 -131.16
CA GLU E 1153 20.70 -16.67 -132.15
C GLU E 1153 22.03 -17.30 -131.75
N GLN F 25 50.07 28.78 7.47
CA GLN F 25 51.50 28.97 7.32
C GLN F 25 51.88 29.14 5.85
N CYS F 26 51.76 30.37 5.34
CA CYS F 26 52.07 30.65 3.95
C CYS F 26 53.57 30.56 3.73
N VAL F 27 53.99 29.65 2.83
CA VAL F 27 55.40 29.46 2.52
C VAL F 27 55.68 29.51 1.03
N ASN F 28 54.67 29.72 0.19
CA ASN F 28 54.88 29.75 -1.26
C ASN F 28 53.77 30.58 -1.90
N LEU F 29 54.07 31.10 -3.08
CA LEU F 29 53.13 31.87 -3.87
C LEU F 29 52.68 31.06 -5.08
N ILE F 30 51.54 31.44 -5.64
CA ILE F 30 50.95 30.73 -6.78
C ILE F 30 50.21 31.74 -7.66
N THR F 31 50.31 31.52 -8.97
CA THR F 31 49.63 32.36 -9.96
C THR F 31 48.62 31.53 -10.72
N THR F 32 47.70 32.22 -11.40
CA THR F 32 46.61 31.60 -12.14
C THR F 32 46.69 32.00 -13.60
N THR F 33 46.86 31.01 -14.48
CA THR F 33 46.85 31.22 -15.93
C THR F 33 45.64 30.46 -16.48
N GLN F 34 44.58 31.21 -16.81
CA GLN F 34 43.33 30.59 -17.20
C GLN F 34 43.32 30.19 -18.68
N SER F 35 43.76 31.09 -19.56
CA SER F 35 43.68 30.87 -21.01
C SER F 35 44.98 30.22 -21.47
N TYR F 36 44.99 28.89 -21.56
CA TYR F 36 46.15 28.14 -22.04
C TYR F 36 45.68 26.71 -22.31
N THR F 37 46.58 25.91 -22.87
CA THR F 37 46.36 24.49 -23.14
C THR F 37 45.17 24.26 -24.07
N ASN F 38 44.97 25.12 -25.05
CA ASN F 38 43.95 24.87 -26.08
C ASN F 38 44.56 24.18 -27.30
N SER F 39 45.35 23.14 -27.06
CA SER F 39 45.97 22.40 -28.16
C SER F 39 46.04 20.89 -27.91
N PHE F 40 45.45 20.39 -26.83
CA PHE F 40 45.68 19.02 -26.38
C PHE F 40 44.41 18.19 -26.51
N THR F 41 44.60 16.87 -26.46
CA THR F 41 43.52 15.90 -26.41
C THR F 41 43.84 14.83 -25.36
N ARG F 42 44.36 15.26 -24.21
CA ARG F 42 44.85 14.35 -23.19
C ARG F 42 43.76 13.85 -22.25
N GLY F 43 42.60 14.51 -22.20
CA GLY F 43 41.56 14.12 -21.27
C GLY F 43 40.76 12.91 -21.69
N VAL F 44 41.44 11.78 -21.91
CA VAL F 44 40.80 10.54 -22.32
C VAL F 44 41.29 9.43 -21.39
N TYR F 45 40.35 8.68 -20.83
CA TYR F 45 40.67 7.56 -19.96
C TYR F 45 39.75 6.39 -20.30
N TYR F 46 40.05 5.24 -19.71
CA TYR F 46 39.23 4.05 -19.93
C TYR F 46 37.96 4.14 -19.09
N PRO F 47 36.79 4.22 -19.70
CA PRO F 47 35.55 4.36 -18.91
C PRO F 47 35.14 3.11 -18.17
N ASP F 48 35.58 1.93 -18.62
CA ASP F 48 35.21 0.68 -17.99
C ASP F 48 36.35 -0.32 -18.15
N LYS F 49 36.16 -1.50 -17.56
CA LYS F 49 37.16 -2.57 -17.62
C LYS F 49 36.83 -3.60 -18.69
N VAL F 50 36.23 -3.17 -19.79
CA VAL F 50 35.80 -4.07 -20.86
C VAL F 50 36.86 -4.07 -21.95
N PHE F 51 37.29 -5.27 -22.36
CA PHE F 51 38.23 -5.41 -23.46
C PHE F 51 37.50 -5.27 -24.79
N ARG F 52 38.14 -4.55 -25.72
CA ARG F 52 37.59 -4.36 -27.06
C ARG F 52 38.73 -4.43 -28.06
N SER F 53 38.46 -5.01 -29.23
CA SER F 53 39.48 -5.24 -30.25
C SER F 53 38.96 -4.78 -31.60
N SER F 54 39.61 -3.78 -32.17
CA SER F 54 39.29 -3.28 -33.51
C SER F 54 37.83 -2.85 -33.62
N VAL F 55 37.41 -1.96 -32.73
CA VAL F 55 36.05 -1.44 -32.72
C VAL F 55 36.09 0.02 -32.32
N LEU F 56 35.12 0.78 -32.81
CA LEU F 56 34.96 2.19 -32.46
C LEU F 56 33.74 2.30 -31.55
N HIS F 57 33.99 2.43 -30.25
CA HIS F 57 32.94 2.41 -29.24
C HIS F 57 32.50 3.83 -28.91
N LEU F 58 31.19 4.06 -28.90
CA LEU F 58 30.62 5.36 -28.56
C LEU F 58 30.34 5.37 -27.06
N THR F 59 31.03 6.23 -26.33
CA THR F 59 30.97 6.27 -24.87
C THR F 59 30.39 7.60 -24.40
N GLN F 60 29.39 7.54 -23.53
CA GLN F 60 28.81 8.70 -22.88
C GLN F 60 29.21 8.67 -21.41
N ASP F 61 30.16 9.52 -21.04
CA ASP F 61 30.67 9.55 -19.67
C ASP F 61 31.26 10.93 -19.40
N LEU F 62 31.84 11.08 -18.21
CA LEU F 62 32.46 12.35 -17.81
C LEU F 62 33.86 12.41 -18.40
N PHE F 63 34.02 13.19 -19.47
CA PHE F 63 35.29 13.37 -20.13
C PHE F 63 35.74 14.82 -20.08
N LEU F 64 36.99 15.05 -20.42
CA LEU F 64 37.53 16.39 -20.56
C LEU F 64 37.39 16.84 -22.01
N PRO F 65 36.65 17.90 -22.30
CA PRO F 65 36.46 18.31 -23.70
C PRO F 65 37.78 18.70 -24.36
N PHE F 66 37.91 18.35 -25.64
CA PHE F 66 39.11 18.68 -26.38
C PHE F 66 39.24 20.18 -26.57
N PHE F 67 40.48 20.67 -26.48
CA PHE F 67 40.79 22.09 -26.67
C PHE F 67 40.02 22.98 -25.69
N SER F 68 39.82 22.49 -24.47
CA SER F 68 39.13 23.27 -23.45
C SER F 68 40.10 24.19 -22.73
N ASN F 69 39.55 25.08 -21.90
CA ASN F 69 40.34 26.05 -21.15
C ASN F 69 40.68 25.45 -19.80
N VAL F 70 41.91 24.95 -19.66
CA VAL F 70 42.41 24.37 -18.43
C VAL F 70 43.22 25.42 -17.68
N THR F 71 42.95 25.58 -16.40
CA THR F 71 43.64 26.59 -15.58
C THR F 71 45.06 26.12 -15.28
N TRP F 72 46.03 26.93 -15.68
CA TRP F 72 47.44 26.62 -15.42
C TRP F 72 47.88 27.35 -14.16
N PHE F 73 48.38 26.60 -13.19
CA PHE F 73 48.83 27.15 -11.92
C PHE F 73 50.36 27.12 -11.89
N HIS F 74 50.97 28.30 -11.89
CA HIS F 74 52.42 28.45 -11.80
C HIS F 74 52.77 28.91 -10.40
N ALA F 75 53.31 28.00 -9.59
CA ALA F 75 53.66 28.28 -8.20
C ALA F 75 55.18 28.26 -8.04
N ILE F 76 55.69 29.18 -7.22
CA ILE F 76 57.12 29.26 -6.97
C ILE F 76 57.44 28.70 -5.59
N ASN F 87 47.69 26.58 -1.63
CA ASN F 87 46.95 27.60 -0.89
C ASN F 87 45.50 27.79 -1.38
N PRO F 88 45.29 28.00 -2.70
CA PRO F 88 43.92 28.21 -3.17
C PRO F 88 43.14 26.90 -3.24
N VAL F 89 41.90 26.95 -2.77
CA VAL F 89 41.00 25.81 -2.82
C VAL F 89 40.29 25.81 -4.16
N LEU F 90 40.10 24.62 -4.72
CA LEU F 90 39.46 24.47 -6.01
C LEU F 90 38.28 23.51 -5.92
N PRO F 91 37.16 23.82 -6.56
CA PRO F 91 35.99 22.94 -6.49
C PRO F 91 36.20 21.68 -7.32
N PHE F 92 35.46 20.64 -6.94
CA PHE F 92 35.51 19.36 -7.63
C PHE F 92 34.56 19.31 -8.82
N ASN F 93 33.34 19.84 -8.63
CA ASN F 93 32.30 19.94 -9.66
C ASN F 93 32.20 18.68 -10.52
N ASP F 94 32.15 17.54 -9.84
CA ASP F 94 31.92 16.23 -10.46
C ASP F 94 32.96 15.91 -11.53
N GLY F 95 34.24 15.96 -11.17
CA GLY F 95 35.29 15.60 -12.11
C GLY F 95 36.43 16.59 -12.13
N VAL F 96 37.66 16.09 -11.96
CA VAL F 96 38.85 16.93 -11.93
C VAL F 96 39.96 16.24 -12.71
N TYR F 97 40.54 16.94 -13.68
CA TYR F 97 41.71 16.47 -14.40
C TYR F 97 42.96 17.17 -13.87
N PHE F 98 44.02 16.39 -13.68
CA PHE F 98 45.26 16.90 -13.11
C PHE F 98 46.44 16.47 -13.97
N ALA F 99 47.42 17.35 -14.10
CA ALA F 99 48.64 17.05 -14.84
C ALA F 99 49.80 17.81 -14.21
N SER F 100 50.94 17.15 -14.12
CA SER F 100 52.14 17.70 -13.51
C SER F 100 53.27 17.70 -14.52
N THR F 101 54.42 18.23 -14.10
CA THR F 101 55.59 18.36 -14.96
C THR F 101 56.75 17.55 -14.36
N GLU F 102 57.95 17.74 -14.93
CA GLU F 102 59.14 17.03 -14.52
C GLU F 102 59.90 17.73 -13.40
N LYS F 103 59.24 18.57 -12.61
CA LYS F 103 59.93 19.34 -11.58
C LYS F 103 60.27 18.48 -10.37
N SER F 104 61.05 17.42 -10.59
CA SER F 104 61.56 16.55 -9.52
C SER F 104 60.42 15.93 -8.70
N ASN F 105 59.22 15.86 -9.28
CA ASN F 105 58.05 15.28 -8.64
C ASN F 105 57.77 15.94 -7.29
N ILE F 106 57.66 17.27 -7.31
CA ILE F 106 57.34 18.00 -6.09
C ILE F 106 55.87 17.80 -5.72
N ILE F 107 54.99 17.83 -6.72
CA ILE F 107 53.55 17.65 -6.50
C ILE F 107 53.31 16.17 -6.26
N ARG F 108 53.12 15.78 -4.99
CA ARG F 108 52.93 14.39 -4.64
C ARG F 108 51.85 14.21 -3.59
N GLY F 109 50.85 15.08 -3.57
CA GLY F 109 49.79 14.98 -2.59
C GLY F 109 48.55 15.70 -3.04
N TRP F 110 47.40 15.23 -2.56
CA TRP F 110 46.12 15.82 -2.89
C TRP F 110 45.18 15.70 -1.69
N ILE F 111 44.27 16.66 -1.58
CA ILE F 111 43.28 16.70 -0.51
C ILE F 111 41.90 16.69 -1.15
N PHE F 112 40.95 16.00 -0.52
CA PHE F 112 39.59 15.92 -1.03
C PHE F 112 38.61 16.01 0.13
N GLY F 113 37.49 16.68 -0.11
CA GLY F 113 36.46 16.82 0.90
C GLY F 113 35.60 18.03 0.63
N THR F 114 34.40 18.01 1.20
CA THR F 114 33.47 19.11 1.04
C THR F 114 33.86 20.33 1.86
N THR F 115 34.63 20.16 2.93
CA THR F 115 35.09 21.27 3.74
C THR F 115 36.32 20.82 4.51
N LEU F 116 37.34 21.69 4.56
CA LEU F 116 38.62 21.36 5.18
C LEU F 116 38.56 21.74 6.66
N ASP F 117 37.95 20.86 7.45
CA ASP F 117 37.85 21.05 8.88
C ASP F 117 37.58 19.69 9.53
N SER F 118 37.29 19.70 10.83
CA SER F 118 37.00 18.50 11.57
C SER F 118 35.49 18.25 11.73
N LYS F 119 34.66 18.99 11.01
CA LYS F 119 33.22 18.80 11.12
C LYS F 119 32.69 17.77 10.13
N THR F 120 33.41 17.55 9.02
CA THR F 120 32.99 16.59 8.01
C THR F 120 34.21 15.78 7.56
N GLN F 121 33.96 14.52 7.21
CA GLN F 121 35.04 13.63 6.81
C GLN F 121 35.71 14.15 5.53
N SER F 122 37.04 14.03 5.47
CA SER F 122 37.82 14.50 4.34
C SER F 122 38.79 13.42 3.90
N LEU F 123 39.11 13.43 2.60
CA LEU F 123 39.98 12.43 1.99
C LEU F 123 41.35 13.04 1.73
N LEU F 124 42.39 12.23 1.91
CA LEU F 124 43.77 12.67 1.73
C LEU F 124 44.56 11.62 0.97
N ILE F 125 45.39 12.08 0.03
CA ILE F 125 46.22 11.20 -0.77
C ILE F 125 47.66 11.72 -0.71
N VAL F 126 48.59 10.81 -0.43
CA VAL F 126 50.02 11.14 -0.36
C VAL F 126 50.78 10.17 -1.24
N ASN F 127 51.76 10.68 -1.98
CA ASN F 127 52.57 9.87 -2.88
C ASN F 127 54.05 10.03 -2.53
N ASN F 128 54.79 8.94 -2.65
CA ASN F 128 56.23 8.92 -2.38
C ASN F 128 57.02 8.49 -3.61
N ALA F 129 56.49 8.79 -4.80
CA ALA F 129 57.09 8.54 -6.10
C ALA F 129 57.16 7.06 -6.46
N THR F 130 56.77 6.16 -5.56
CA THR F 130 56.73 4.74 -5.86
C THR F 130 55.40 4.09 -5.51
N ASN F 131 54.75 4.52 -4.43
CA ASN F 131 53.49 3.97 -3.98
C ASN F 131 52.52 5.10 -3.67
N PHE F 132 51.33 4.73 -3.22
CA PHE F 132 50.30 5.69 -2.83
C PHE F 132 49.68 5.25 -1.52
N VAL F 133 49.43 6.21 -0.63
CA VAL F 133 48.77 5.98 0.64
C VAL F 133 47.56 6.90 0.72
N ILE F 134 46.38 6.31 0.89
CA ILE F 134 45.12 7.06 0.88
C ILE F 134 44.37 6.73 2.16
N LYS F 135 43.88 7.76 2.84
CA LYS F 135 43.10 7.57 4.05
C LYS F 135 42.06 8.69 4.16
N VAL F 136 40.89 8.34 4.69
CA VAL F 136 39.82 9.30 4.93
C VAL F 136 39.64 9.43 6.43
N CYS F 137 39.51 10.67 6.90
CA CYS F 137 39.44 10.93 8.34
C CYS F 137 38.92 12.35 8.53
N GLU F 138 38.80 12.75 9.79
CA GLU F 138 38.40 14.11 10.15
C GLU F 138 39.62 15.00 10.35
N PHE F 139 40.48 15.08 9.33
CA PHE F 139 41.69 15.87 9.43
C PHE F 139 41.37 17.36 9.52
N GLN F 140 42.10 18.06 10.39
CA GLN F 140 41.99 19.50 10.54
C GLN F 140 43.13 20.13 9.75
N PHE F 141 42.88 20.39 8.47
CA PHE F 141 43.90 20.92 7.59
C PHE F 141 44.22 22.37 7.93
N CYS F 142 45.49 22.74 7.77
CA CYS F 142 45.94 24.09 8.03
C CYS F 142 45.56 24.99 6.86
N ASN F 143 45.90 26.28 6.97
CA ASN F 143 45.58 27.22 5.91
C ASN F 143 46.42 26.99 4.66
N ASP F 144 47.68 26.60 4.84
CA ASP F 144 48.59 26.35 3.72
C ASP F 144 49.35 25.04 3.99
N PRO F 145 48.72 23.90 3.70
CA PRO F 145 49.40 22.62 3.90
C PRO F 145 50.54 22.45 2.90
N PHE F 146 51.71 22.08 3.41
CA PHE F 146 52.87 21.87 2.56
C PHE F 146 53.69 20.64 2.94
N LEU F 147 53.17 19.79 3.83
CA LEU F 147 53.85 18.58 4.32
C LEU F 147 55.35 18.78 4.55
N GLU F 161 53.57 12.78 6.92
CA GLU F 161 53.95 13.98 7.66
C GLU F 161 52.78 14.52 8.46
N SER F 162 53.08 15.38 9.44
CA SER F 162 52.07 15.99 10.29
C SER F 162 51.85 17.46 10.00
N GLY F 163 52.48 18.00 8.95
CA GLY F 163 52.32 19.40 8.59
C GLY F 163 51.05 19.72 7.84
N VAL F 164 50.37 18.71 7.31
CA VAL F 164 49.14 18.95 6.56
C VAL F 164 47.94 19.08 7.49
N TYR F 165 47.83 18.17 8.46
CA TYR F 165 46.71 18.15 9.39
C TYR F 165 47.22 18.30 10.82
N SER F 166 46.41 18.95 11.65
CA SER F 166 46.75 19.19 13.04
C SER F 166 46.06 18.22 14.01
N SER F 167 45.12 17.42 13.52
CA SER F 167 44.40 16.48 14.39
C SER F 167 44.06 15.23 13.60
N ALA F 168 43.77 14.15 14.32
CA ALA F 168 43.42 12.87 13.72
C ALA F 168 42.32 12.24 14.58
N ASN F 169 41.08 12.29 14.08
CA ASN F 169 39.94 11.73 14.78
C ASN F 169 39.76 10.27 14.37
N ASN F 170 38.61 9.70 14.71
CA ASN F 170 38.30 8.32 14.32
C ASN F 170 38.16 8.24 12.80
N CYS F 171 39.12 7.60 12.15
CA CYS F 171 39.11 7.50 10.70
C CYS F 171 38.17 6.38 10.25
N THR F 172 38.07 6.20 8.94
CA THR F 172 37.16 5.20 8.38
C THR F 172 37.83 4.21 7.45
N PHE F 173 38.77 4.65 6.63
CA PHE F 173 39.35 3.79 5.61
C PHE F 173 40.85 4.03 5.51
N GLU F 174 41.57 2.99 5.12
CA GLU F 174 43.02 3.04 4.96
C GLU F 174 43.43 2.13 3.81
N TYR F 175 44.36 2.60 2.98
CA TYR F 175 44.79 1.84 1.81
C TYR F 175 46.21 2.23 1.46
N VAL F 176 46.95 1.25 0.91
CA VAL F 176 48.29 1.46 0.39
C VAL F 176 48.37 0.80 -0.99
N SER F 177 48.93 1.53 -1.95
CA SER F 177 48.99 1.04 -3.32
C SER F 177 50.17 0.08 -3.47
N GLN F 178 50.47 -0.30 -4.72
CA GLN F 178 51.53 -1.23 -5.03
C GLN F 178 52.52 -0.59 -6.01
N PRO F 179 53.78 -1.02 -6.00
CA PRO F 179 54.76 -0.46 -6.93
C PRO F 179 54.40 -0.77 -8.37
N PHE F 180 54.91 0.05 -9.27
CA PHE F 180 54.65 -0.11 -10.70
C PHE F 180 55.43 -1.30 -11.27
N LYS F 192 62.72 13.63 -18.33
CA LYS F 192 61.43 14.30 -18.38
C LYS F 192 60.29 13.27 -18.42
N ASN F 193 59.25 13.51 -17.61
CA ASN F 193 58.12 12.61 -17.53
C ASN F 193 56.85 13.42 -17.32
N LEU F 194 55.75 12.93 -17.87
CA LEU F 194 54.45 13.58 -17.77
C LEU F 194 53.51 12.68 -16.96
N ARG F 195 52.90 13.25 -15.92
CA ARG F 195 52.00 12.52 -15.04
C ARG F 195 50.62 13.18 -15.10
N GLU F 196 49.62 12.40 -15.50
CA GLU F 196 48.25 12.89 -15.60
C GLU F 196 47.37 12.14 -14.60
N PHE F 197 46.38 12.85 -14.06
CA PHE F 197 45.49 12.29 -13.06
C PHE F 197 44.05 12.73 -13.32
N VAL F 198 43.12 11.82 -13.08
CA VAL F 198 41.69 12.08 -13.21
C VAL F 198 40.99 11.53 -11.97
N PHE F 199 40.21 12.37 -11.30
CA PHE F 199 39.54 12.00 -10.06
C PHE F 199 38.03 12.06 -10.27
N LYS F 200 37.33 11.03 -9.81
CA LYS F 200 35.87 10.95 -9.94
C LYS F 200 35.27 10.46 -8.63
N ASN F 201 34.03 10.87 -8.38
CA ASN F 201 33.31 10.50 -7.17
C ASN F 201 31.89 10.08 -7.51
N ILE F 202 31.76 9.19 -8.49
CA ILE F 202 30.46 8.72 -8.96
C ILE F 202 30.03 7.51 -8.14
N ASP F 203 28.81 7.57 -7.58
CA ASP F 203 28.21 6.46 -6.85
C ASP F 203 29.05 6.04 -5.65
N GLY F 204 29.63 7.03 -4.97
CA GLY F 204 30.42 6.79 -3.78
C GLY F 204 31.80 6.24 -4.00
N TYR F 205 32.06 5.60 -5.15
CA TYR F 205 33.38 5.07 -5.45
C TYR F 205 34.30 6.18 -5.94
N PHE F 206 35.48 6.28 -5.32
CA PHE F 206 36.48 7.26 -5.70
C PHE F 206 37.50 6.58 -6.60
N LYS F 207 37.46 6.91 -7.89
CA LYS F 207 38.34 6.31 -8.88
C LYS F 207 39.43 7.29 -9.28
N ILE F 208 40.63 6.77 -9.53
CA ILE F 208 41.74 7.56 -10.03
C ILE F 208 42.31 6.91 -11.28
N TYR F 209 42.80 7.74 -12.18
CA TYR F 209 43.40 7.29 -13.43
C TYR F 209 44.74 7.97 -13.61
N SER F 210 45.74 7.23 -14.08
CA SER F 210 47.08 7.78 -14.21
C SER F 210 47.85 7.03 -15.28
N LYS F 211 48.81 7.74 -15.88
CA LYS F 211 49.72 7.14 -16.86
C LYS F 211 50.95 8.02 -16.96
N HIS F 212 52.12 7.40 -16.93
CA HIS F 212 53.39 8.12 -17.02
C HIS F 212 53.96 7.98 -18.43
N THR F 213 54.36 9.11 -19.01
CA THR F 213 54.90 9.16 -20.36
C THR F 213 56.01 10.20 -20.42
N PRO F 214 57.08 9.92 -21.17
CA PRO F 214 58.18 10.90 -21.27
C PRO F 214 57.74 12.13 -22.06
N ILE F 215 58.58 13.16 -21.98
CA ILE F 215 58.35 14.43 -22.65
C ILE F 215 57.01 15.03 -22.25
N PHE F 220 53.60 18.64 -24.33
CA PHE F 220 52.33 18.33 -23.70
C PHE F 220 51.24 17.92 -24.72
N PRO F 221 51.07 18.69 -25.83
CA PRO F 221 50.15 18.23 -26.87
C PRO F 221 50.84 17.36 -27.90
N GLN F 222 52.03 16.86 -27.56
CA GLN F 222 52.86 16.14 -28.51
C GLN F 222 52.27 14.80 -28.95
N GLY F 223 51.25 14.30 -28.28
CA GLY F 223 50.68 13.03 -28.66
C GLY F 223 49.38 12.74 -27.93
N PHE F 224 49.00 11.47 -27.95
CA PHE F 224 47.77 11.00 -27.34
C PHE F 224 48.08 9.83 -26.43
N SER F 225 47.42 9.79 -25.27
CA SER F 225 47.61 8.71 -24.30
C SER F 225 46.36 8.58 -23.46
N ALA F 226 45.90 7.35 -23.26
CA ALA F 226 44.72 7.09 -22.45
C ALA F 226 45.14 6.73 -21.03
N LEU F 227 44.38 7.23 -20.05
CA LEU F 227 44.70 7.03 -18.65
C LEU F 227 44.01 5.77 -18.15
N GLU F 228 44.80 4.86 -17.56
CA GLU F 228 44.33 3.59 -17.05
C GLU F 228 43.94 3.71 -15.58
N PRO F 229 42.91 2.98 -15.14
CA PRO F 229 42.53 3.04 -13.73
C PRO F 229 43.53 2.29 -12.85
N LEU F 230 44.00 2.95 -11.80
CA LEU F 230 44.98 2.38 -10.89
C LEU F 230 44.33 1.94 -9.57
N VAL F 231 43.63 2.83 -8.89
CA VAL F 231 43.04 2.56 -7.58
C VAL F 231 41.58 2.97 -7.61
N ASP F 232 40.73 2.12 -7.04
CA ASP F 232 39.29 2.38 -6.91
C ASP F 232 38.90 2.07 -5.47
N LEU F 233 38.58 3.10 -4.69
CA LEU F 233 38.27 2.94 -3.28
C LEU F 233 36.83 3.32 -3.00
N PRO F 234 36.06 2.45 -2.34
CA PRO F 234 34.66 2.79 -1.97
C PRO F 234 34.60 3.66 -0.71
N ILE F 235 34.93 4.94 -0.88
CA ILE F 235 34.93 5.86 0.25
C ILE F 235 33.52 6.25 0.64
N GLY F 236 32.78 6.86 -0.29
CA GLY F 236 31.40 7.23 -0.05
C GLY F 236 31.17 8.58 0.55
N ILE F 237 32.21 9.39 0.72
CA ILE F 237 32.07 10.72 1.30
C ILE F 237 31.71 11.71 0.20
N ASN F 238 31.13 12.84 0.60
CA ASN F 238 30.78 13.91 -0.31
C ASN F 238 31.99 14.81 -0.53
N ILE F 239 32.49 14.85 -1.76
CA ILE F 239 33.65 15.64 -2.12
C ILE F 239 33.20 16.80 -2.99
N THR F 240 33.50 18.02 -2.57
CA THR F 240 33.14 19.23 -3.29
C THR F 240 34.34 20.09 -3.65
N ARG F 241 35.35 20.15 -2.77
CA ARG F 241 36.55 20.94 -3.01
C ARG F 241 37.78 20.04 -2.93
N PHE F 242 38.86 20.50 -3.53
CA PHE F 242 40.12 19.77 -3.47
C PHE F 242 41.28 20.76 -3.49
N GLN F 243 42.45 20.29 -3.06
CA GLN F 243 43.64 21.12 -2.98
C GLN F 243 44.87 20.26 -3.16
N THR F 244 45.88 20.80 -3.85
CA THR F 244 47.12 20.09 -4.08
C THR F 244 48.09 20.28 -2.92
N LEU F 245 49.14 19.48 -2.91
CA LEU F 245 50.14 19.50 -1.85
C LEU F 245 51.52 19.58 -2.48
N LEU F 246 52.24 20.68 -2.19
CA LEU F 246 53.59 20.87 -2.69
C LEU F 246 54.59 20.37 -1.64
N ALA F 247 55.51 19.50 -2.06
CA ALA F 247 56.51 18.94 -1.16
C ALA F 247 57.59 19.99 -0.91
N LEU F 248 57.30 20.88 0.04
CA LEU F 248 58.24 21.93 0.41
C LEU F 248 59.43 21.34 1.16
N ASN F 249 60.61 21.89 0.90
CA ASN F 249 61.84 21.43 1.52
C ASN F 249 62.06 22.03 2.91
N ARG F 250 61.02 22.57 3.53
CA ARG F 250 61.09 23.15 4.87
C ARG F 250 62.10 24.29 4.95
N SER F 251 62.24 25.05 3.86
CA SER F 251 63.18 26.16 3.82
C SER F 251 62.47 27.46 3.43
N GLY F 265 62.96 25.79 -7.61
CA GLY F 265 61.96 26.27 -6.67
C GLY F 265 60.67 26.72 -7.34
N ALA F 266 60.21 25.93 -8.32
CA ALA F 266 58.99 26.23 -9.05
C ALA F 266 58.23 24.94 -9.31
N ALA F 267 56.91 25.08 -9.45
CA ALA F 267 56.04 23.95 -9.71
C ALA F 267 54.86 24.41 -10.55
N ASP F 268 54.55 23.63 -11.60
CA ASP F 268 53.47 23.95 -12.52
C ASP F 268 52.56 22.75 -12.66
N TYR F 269 51.26 22.98 -12.53
CA TYR F 269 50.27 21.92 -12.71
C TYR F 269 49.02 22.50 -13.38
N TYR F 270 48.25 21.60 -13.99
CA TYR F 270 47.03 21.97 -14.71
C TYR F 270 45.83 21.33 -14.03
N VAL F 271 44.72 22.06 -13.97
CA VAL F 271 43.50 21.61 -13.34
C VAL F 271 42.37 21.72 -14.36
N GLY F 272 41.88 20.57 -14.85
CA GLY F 272 40.77 20.55 -15.77
C GLY F 272 39.52 19.93 -15.16
N TYR F 273 38.35 20.30 -15.67
CA TYR F 273 37.09 19.83 -15.15
C TYR F 273 36.40 18.94 -16.17
N LEU F 274 35.82 17.84 -15.68
CA LEU F 274 35.12 16.88 -16.54
C LEU F 274 33.67 17.30 -16.72
N GLN F 275 33.14 17.02 -17.90
CA GLN F 275 31.77 17.36 -18.26
C GLN F 275 31.11 16.16 -18.94
N PRO F 276 29.78 16.03 -18.82
CA PRO F 276 29.09 14.93 -19.49
C PRO F 276 29.09 15.10 -21.00
N ARG F 277 29.87 14.29 -21.71
CA ARG F 277 30.02 14.40 -23.15
C ARG F 277 30.03 13.00 -23.76
N THR F 278 29.89 12.96 -25.08
CA THR F 278 29.92 11.72 -25.84
C THR F 278 31.24 11.65 -26.62
N PHE F 279 31.91 10.51 -26.53
CA PHE F 279 33.20 10.33 -27.17
C PHE F 279 33.19 9.04 -27.98
N LEU F 280 33.98 9.03 -29.07
CA LEU F 280 34.15 7.87 -29.93
C LEU F 280 35.56 7.35 -29.72
N LEU F 281 35.67 6.25 -28.98
CA LEU F 281 36.96 5.67 -28.63
C LEU F 281 37.38 4.63 -29.67
N LYS F 282 38.66 4.67 -30.04
CA LYS F 282 39.21 3.74 -31.03
C LYS F 282 40.07 2.70 -30.30
N TYR F 283 39.66 1.43 -30.40
CA TYR F 283 40.40 0.33 -29.81
C TYR F 283 41.17 -0.40 -30.91
N ASN F 284 42.42 -0.75 -30.62
CA ASN F 284 43.26 -1.47 -31.57
C ASN F 284 43.12 -2.97 -31.35
N GLU F 285 44.01 -3.75 -31.98
CA GLU F 285 43.97 -5.20 -31.80
C GLU F 285 44.36 -5.60 -30.38
N ASN F 286 45.34 -4.91 -29.80
CA ASN F 286 45.80 -5.22 -28.45
C ASN F 286 44.84 -4.76 -27.37
N GLY F 287 43.85 -3.94 -27.71
CA GLY F 287 42.85 -3.53 -26.74
C GLY F 287 43.16 -2.25 -25.99
N THR F 288 43.93 -1.34 -26.56
CA THR F 288 44.23 -0.06 -25.94
C THR F 288 43.67 1.07 -26.80
N ILE F 289 43.31 2.17 -26.13
CA ILE F 289 42.72 3.31 -26.84
C ILE F 289 43.81 4.02 -27.61
N THR F 290 43.66 4.09 -28.93
CA THR F 290 44.62 4.74 -29.82
C THR F 290 44.23 6.17 -30.17
N ASP F 291 42.94 6.43 -30.36
CA ASP F 291 42.49 7.76 -30.73
C ASP F 291 41.07 7.96 -30.20
N ALA F 292 40.65 9.22 -30.16
CA ALA F 292 39.33 9.58 -29.66
C ALA F 292 38.80 10.76 -30.44
N VAL F 293 37.48 10.91 -30.43
CA VAL F 293 36.78 11.99 -31.11
C VAL F 293 35.72 12.56 -30.19
N ASP F 294 35.77 13.87 -29.96
CA ASP F 294 34.74 14.55 -29.18
C ASP F 294 33.53 14.80 -30.06
N CYS F 295 32.38 14.23 -29.70
CA CYS F 295 31.20 14.29 -30.54
C CYS F 295 30.62 15.69 -30.66
N ALA F 296 30.97 16.61 -29.75
CA ALA F 296 30.40 17.95 -29.75
C ALA F 296 31.46 19.03 -29.96
N LEU F 297 32.60 18.68 -30.56
CA LEU F 297 33.65 19.67 -30.80
C LEU F 297 33.38 20.48 -32.06
N ASP F 298 33.33 19.83 -33.20
CA ASP F 298 33.13 20.47 -34.49
C ASP F 298 32.22 19.59 -35.33
N PRO F 299 31.60 20.16 -36.38
CA PRO F 299 30.69 19.35 -37.21
C PRO F 299 31.35 18.15 -37.86
N LEU F 300 32.64 18.21 -38.18
CA LEU F 300 33.32 17.04 -38.73
C LEU F 300 33.41 15.94 -37.68
N SER F 301 33.74 16.31 -36.44
CA SER F 301 33.74 15.33 -35.35
C SER F 301 32.33 14.79 -35.11
N GLU F 302 31.30 15.61 -35.34
CA GLU F 302 29.93 15.12 -35.19
C GLU F 302 29.59 14.12 -36.29
N THR F 303 30.09 14.36 -37.51
CA THR F 303 29.89 13.37 -38.58
C THR F 303 30.60 12.06 -38.25
N LYS F 304 31.84 12.15 -37.76
CA LYS F 304 32.55 10.94 -37.33
C LYS F 304 31.82 10.23 -36.20
N CYS F 305 31.17 11.00 -35.32
CA CYS F 305 30.41 10.42 -34.22
C CYS F 305 29.17 9.69 -34.72
N THR F 306 28.44 10.31 -35.65
CA THR F 306 27.22 9.71 -36.16
C THR F 306 27.53 8.47 -37.02
N LEU F 307 28.54 8.57 -37.88
CA LEU F 307 28.91 7.45 -38.73
C LEU F 307 29.73 6.39 -38.01
N LYS F 308 30.24 6.69 -36.81
CA LYS F 308 31.10 5.79 -36.05
C LYS F 308 32.30 5.34 -36.88
N SER F 309 32.96 6.33 -37.50
CA SER F 309 34.13 6.07 -38.33
C SER F 309 35.04 7.28 -38.29
N PHE F 310 36.34 7.03 -38.12
CA PHE F 310 37.31 8.11 -38.11
C PHE F 310 37.59 8.68 -39.50
N THR F 311 37.18 7.97 -40.55
CA THR F 311 37.33 8.43 -41.93
C THR F 311 35.94 8.55 -42.54
N VAL F 312 35.60 9.74 -43.02
CA VAL F 312 34.29 10.01 -43.59
C VAL F 312 34.42 10.07 -45.11
N GLU F 313 33.39 9.61 -45.80
CA GLU F 313 33.35 9.63 -47.25
C GLU F 313 32.78 10.96 -47.75
N LYS F 314 33.02 11.25 -49.02
CA LYS F 314 32.53 12.48 -49.61
C LYS F 314 31.01 12.44 -49.74
N GLY F 315 30.35 13.49 -49.27
CA GLY F 315 28.91 13.58 -49.36
C GLY F 315 28.36 14.49 -48.27
N ILE F 316 27.06 14.40 -48.08
CA ILE F 316 26.33 15.19 -47.10
C ILE F 316 25.70 14.24 -46.10
N TYR F 317 25.85 14.54 -44.81
CA TYR F 317 25.41 13.66 -43.74
C TYR F 317 24.58 14.46 -42.74
N GLN F 318 23.44 13.88 -42.35
CA GLN F 318 22.58 14.49 -41.34
C GLN F 318 23.05 14.02 -39.97
N THR F 319 23.51 14.97 -39.15
CA THR F 319 24.09 14.65 -37.84
C THR F 319 23.11 14.85 -36.69
N SER F 320 22.56 16.04 -36.54
CA SER F 320 21.65 16.33 -35.44
C SER F 320 20.62 17.36 -35.92
N ASN F 321 19.84 17.88 -34.98
CA ASN F 321 18.81 18.87 -35.28
C ASN F 321 19.03 20.09 -34.41
N PHE F 322 18.96 21.26 -35.01
CA PHE F 322 19.09 22.52 -34.29
C PHE F 322 17.72 23.05 -33.90
N ARG F 323 17.70 23.88 -32.87
CA ARG F 323 16.48 24.58 -32.47
C ARG F 323 16.87 25.79 -31.64
N VAL F 324 16.09 26.85 -31.77
CA VAL F 324 16.35 28.09 -31.05
C VAL F 324 15.89 27.92 -29.60
N GLN F 325 16.80 28.19 -28.67
CA GLN F 325 16.46 28.01 -27.27
C GLN F 325 15.77 29.26 -26.71
N PRO F 326 14.83 29.06 -25.78
CA PRO F 326 14.14 30.22 -25.20
C PRO F 326 15.09 31.08 -24.39
N THR F 327 14.95 32.40 -24.53
CA THR F 327 15.78 33.35 -23.80
C THR F 327 15.14 33.78 -22.50
N GLU F 328 13.83 34.06 -22.50
CA GLU F 328 13.12 34.54 -21.32
C GLU F 328 11.91 33.67 -21.06
N SER F 329 11.33 33.85 -19.87
CA SER F 329 10.12 33.15 -19.46
C SER F 329 9.05 34.17 -19.13
N ILE F 330 7.89 34.04 -19.77
CA ILE F 330 6.78 34.97 -19.61
C ILE F 330 5.62 34.26 -18.93
N VAL F 331 5.01 34.92 -17.96
CA VAL F 331 3.80 34.44 -17.31
C VAL F 331 2.76 35.56 -17.38
N ARG F 332 1.62 35.27 -18.01
CA ARG F 332 0.56 36.25 -18.22
C ARG F 332 -0.70 35.78 -17.52
N PHE F 333 -1.24 36.63 -16.64
CA PHE F 333 -2.45 36.36 -15.89
C PHE F 333 -3.33 37.60 -15.92
N PRO F 334 -4.64 37.44 -15.77
CA PRO F 334 -5.53 38.60 -15.80
C PRO F 334 -5.28 39.54 -14.64
N ASN F 335 -5.86 40.73 -14.74
CA ASN F 335 -5.68 41.75 -13.71
C ASN F 335 -6.29 41.30 -12.40
N VAL F 336 -5.46 41.27 -11.34
CA VAL F 336 -5.91 40.87 -10.01
C VAL F 336 -6.70 42.05 -9.44
N THR F 337 -8.03 41.97 -9.52
CA THR F 337 -8.90 43.03 -9.03
C THR F 337 -9.94 42.55 -8.02
N ASN F 338 -10.37 41.29 -8.10
CA ASN F 338 -11.36 40.76 -7.16
C ASN F 338 -10.65 40.31 -5.88
N LEU F 339 -10.20 41.31 -5.13
CA LEU F 339 -9.51 41.05 -3.87
C LEU F 339 -10.52 40.66 -2.79
N CYS F 340 -10.15 39.71 -1.95
CA CYS F 340 -11.02 39.28 -0.88
C CYS F 340 -11.14 40.37 0.18
N PRO F 341 -12.31 40.51 0.80
CA PRO F 341 -12.50 41.56 1.81
C PRO F 341 -11.69 41.30 3.08
N PHE F 342 -10.64 42.10 3.29
CA PHE F 342 -9.81 41.97 4.47
C PHE F 342 -9.64 43.27 5.25
N HIS F 343 -9.91 44.43 4.64
CA HIS F 343 -9.80 45.70 5.38
C HIS F 343 -10.86 45.79 6.45
N GLU F 344 -12.05 45.26 6.20
CA GLU F 344 -13.13 45.26 7.17
C GLU F 344 -13.05 44.11 8.17
N VAL F 345 -11.92 43.39 8.19
CA VAL F 345 -11.71 42.27 9.11
C VAL F 345 -10.50 42.51 10.00
N PHE F 346 -9.38 42.92 9.40
CA PHE F 346 -8.15 43.17 10.15
C PHE F 346 -7.97 44.62 10.54
N ASN F 347 -8.64 45.56 9.86
CA ASN F 347 -8.51 46.98 10.17
C ASN F 347 -9.86 47.64 10.38
N ALA F 348 -10.89 46.87 10.76
CA ALA F 348 -12.21 47.43 10.99
C ALA F 348 -12.23 48.21 12.30
N THR F 349 -13.12 49.19 12.36
CA THR F 349 -13.25 50.02 13.56
C THR F 349 -13.92 49.23 14.68
N THR F 350 -15.14 48.75 14.43
CA THR F 350 -15.86 47.97 15.42
C THR F 350 -15.39 46.52 15.43
N PHE F 351 -15.52 45.88 16.59
CA PHE F 351 -15.11 44.50 16.76
C PHE F 351 -16.04 43.81 17.74
N ALA F 352 -16.21 42.51 17.56
CA ALA F 352 -17.07 41.70 18.40
C ALA F 352 -16.25 40.99 19.48
N SER F 353 -16.94 40.61 20.55
CA SER F 353 -16.30 39.94 21.66
C SER F 353 -16.00 38.48 21.31
N VAL F 354 -15.38 37.78 22.25
CA VAL F 354 -15.00 36.39 22.00
C VAL F 354 -16.19 35.46 22.14
N TYR F 355 -17.20 35.83 22.94
CA TYR F 355 -18.38 34.99 23.09
C TYR F 355 -19.40 35.21 21.98
N ALA F 356 -19.32 36.33 21.27
CA ALA F 356 -20.22 36.66 20.17
C ALA F 356 -19.41 37.02 18.93
N TRP F 357 -18.41 36.21 18.63
CA TRP F 357 -17.53 36.48 17.49
C TRP F 357 -18.30 36.32 16.18
N ASN F 358 -17.96 37.18 15.22
CA ASN F 358 -18.54 37.12 13.88
C ASN F 358 -17.63 36.33 12.95
N ARG F 359 -18.23 35.85 11.86
CA ARG F 359 -17.50 35.06 10.87
C ARG F 359 -17.70 35.67 9.49
N THR F 360 -16.60 35.99 8.83
CA THR F 360 -16.62 36.53 7.47
C THR F 360 -16.22 35.43 6.49
N ARG F 361 -17.07 35.20 5.49
CA ARG F 361 -16.86 34.14 4.52
C ARG F 361 -16.13 34.68 3.30
N ILE F 362 -15.08 33.99 2.88
CA ILE F 362 -14.28 34.37 1.71
C ILE F 362 -14.57 33.36 0.61
N SER F 363 -15.00 33.84 -0.54
CA SER F 363 -15.32 32.97 -1.66
C SER F 363 -15.33 33.79 -2.94
N ASN F 364 -14.87 33.17 -4.04
CA ASN F 364 -14.85 33.78 -5.36
C ASN F 364 -14.06 35.08 -5.36
N CYS F 365 -12.83 35.03 -4.85
CA CYS F 365 -11.97 36.20 -4.80
C CYS F 365 -10.52 35.74 -4.69
N VAL F 366 -9.61 36.68 -4.92
CA VAL F 366 -8.18 36.40 -4.84
C VAL F 366 -7.69 36.77 -3.45
N ALA F 367 -7.22 35.77 -2.69
CA ALA F 367 -6.75 35.98 -1.33
C ALA F 367 -5.30 36.44 -1.38
N ASP F 368 -5.10 37.75 -1.41
CA ASP F 368 -3.77 38.34 -1.44
C ASP F 368 -3.31 38.58 -0.01
N TYR F 369 -2.52 37.65 0.53
CA TYR F 369 -2.04 37.76 1.90
C TYR F 369 -0.88 38.71 2.06
N SER F 370 -0.31 39.21 0.95
CA SER F 370 0.83 40.12 1.03
C SER F 370 0.43 41.54 1.41
N VAL F 371 -0.82 41.94 1.12
CA VAL F 371 -1.26 43.29 1.45
C VAL F 371 -1.68 43.45 2.90
N LEU F 372 -1.68 42.36 3.68
CA LEU F 372 -2.07 42.46 5.09
C LEU F 372 -0.99 43.13 5.92
N TYR F 373 0.22 43.26 5.38
CA TYR F 373 1.33 43.84 6.13
C TYR F 373 1.29 45.36 6.17
N ASN F 374 0.36 46.00 5.44
CA ASN F 374 0.25 47.45 5.48
C ASN F 374 -0.37 47.95 6.78
N PHE F 375 -0.92 47.06 7.59
CA PHE F 375 -1.48 47.43 8.89
C PHE F 375 -0.34 47.50 9.91
N ALA F 376 -0.71 47.62 11.18
CA ALA F 376 0.27 47.73 12.27
C ALA F 376 1.16 46.49 12.29
N PRO F 377 2.48 46.66 12.43
CA PRO F 377 3.40 45.51 12.30
C PRO F 377 3.42 44.60 13.53
N PHE F 378 2.42 44.73 14.40
CA PHE F 378 2.34 43.93 15.61
C PHE F 378 1.68 42.57 15.37
N PHE F 379 1.60 42.12 14.12
CA PHE F 379 0.98 40.84 13.83
C PHE F 379 1.81 39.69 14.41
N ALA F 380 1.12 38.65 14.87
CA ALA F 380 1.75 37.45 15.39
C ALA F 380 1.19 36.25 14.62
N PHE F 381 2.01 35.66 13.77
CA PHE F 381 1.60 34.56 12.90
C PHE F 381 1.96 33.22 13.53
N LYS F 382 1.00 32.29 13.52
CA LYS F 382 1.22 30.95 14.04
C LYS F 382 0.27 30.02 13.28
N CYS F 383 0.80 29.35 12.25
CA CYS F 383 0.00 28.49 11.40
C CYS F 383 0.16 27.03 11.82
N TYR F 384 -0.69 26.18 11.26
CA TYR F 384 -0.66 24.74 11.51
C TYR F 384 -1.00 24.01 10.23
N GLY F 385 -0.09 23.14 9.77
CA GLY F 385 -0.30 22.35 8.58
C GLY F 385 -0.09 23.08 7.27
N VAL F 386 0.22 24.36 7.29
CA VAL F 386 0.43 25.13 6.07
C VAL F 386 1.40 26.27 6.38
N SER F 387 2.13 26.70 5.36
CA SER F 387 3.08 27.78 5.50
C SER F 387 2.49 29.10 5.02
N PRO F 388 2.73 30.20 5.74
CA PRO F 388 2.18 31.49 5.31
C PRO F 388 2.80 32.02 4.04
N THR F 389 4.06 31.67 3.75
CA THR F 389 4.69 32.14 2.52
C THR F 389 4.21 31.37 1.31
N LYS F 390 4.09 30.05 1.41
CA LYS F 390 3.60 29.23 0.31
C LYS F 390 2.07 29.21 0.22
N LEU F 391 1.38 29.93 1.09
CA LEU F 391 -0.08 29.96 1.04
C LEU F 391 -0.59 30.70 -0.19
N ASN F 392 0.19 31.64 -0.72
CA ASN F 392 -0.21 32.41 -1.88
C ASN F 392 -0.13 31.61 -3.18
N ASP F 393 0.38 30.39 -3.14
CA ASP F 393 0.51 29.55 -4.33
C ASP F 393 -0.48 28.40 -4.36
N LEU F 394 -1.46 28.38 -3.46
CA LEU F 394 -2.45 27.30 -3.38
C LEU F 394 -3.85 27.86 -3.60
N CYS F 395 -4.80 26.94 -3.72
CA CYS F 395 -6.20 27.28 -3.91
C CYS F 395 -7.05 26.59 -2.85
N PHE F 396 -8.19 27.18 -2.53
CA PHE F 396 -9.11 26.62 -1.55
C PHE F 396 -10.54 26.87 -2.01
N THR F 397 -11.46 26.04 -1.51
CA THR F 397 -12.87 26.18 -1.87
C THR F 397 -13.51 27.37 -1.15
N ASN F 398 -13.53 27.32 0.18
CA ASN F 398 -14.11 28.38 0.99
C ASN F 398 -13.17 28.70 2.14
N VAL F 399 -13.10 29.98 2.50
CA VAL F 399 -12.26 30.45 3.59
C VAL F 399 -13.14 31.21 4.57
N TYR F 400 -13.03 30.87 5.86
CA TYR F 400 -13.81 31.51 6.91
C TYR F 400 -12.85 32.16 7.91
N ALA F 401 -13.07 33.44 8.17
CA ALA F 401 -12.23 34.22 9.08
C ALA F 401 -13.05 34.59 10.31
N ASP F 402 -12.65 34.08 11.46
CA ASP F 402 -13.31 34.37 12.73
C ASP F 402 -12.50 35.42 13.49
N SER F 403 -13.13 36.54 13.81
CA SER F 403 -12.46 37.65 14.48
C SER F 403 -13.04 37.85 15.87
N PHE F 404 -12.15 38.10 16.83
CA PHE F 404 -12.56 38.34 18.22
C PHE F 404 -11.42 39.06 18.93
N VAL F 405 -11.76 39.66 20.07
CA VAL F 405 -10.81 40.43 20.87
C VAL F 405 -10.68 39.75 22.23
N ILE F 406 -9.44 39.45 22.61
CA ILE F 406 -9.13 38.83 23.89
C ILE F 406 -7.91 39.52 24.48
N LYS F 407 -7.61 39.19 25.73
CA LYS F 407 -6.45 39.75 26.41
C LYS F 407 -5.17 39.10 25.90
N GLY F 408 -4.04 39.64 26.37
CA GLY F 408 -2.75 39.14 25.92
C GLY F 408 -2.42 37.76 26.43
N ASN F 409 -2.88 37.42 27.64
CA ASN F 409 -2.58 36.11 28.20
C ASN F 409 -3.34 35.00 27.48
N GLU F 410 -4.50 35.29 26.92
CA GLU F 410 -5.32 34.30 26.23
C GLU F 410 -4.96 34.15 24.76
N VAL F 411 -3.93 34.85 24.28
CA VAL F 411 -3.54 34.74 22.87
C VAL F 411 -2.99 33.34 22.59
N SER F 412 -2.20 32.79 23.51
CA SER F 412 -1.65 31.46 23.31
C SER F 412 -2.72 30.37 23.45
N GLN F 413 -3.87 30.69 24.03
CA GLN F 413 -4.93 29.70 24.20
C GLN F 413 -5.66 29.41 22.89
N ILE F 414 -5.51 30.24 21.87
CA ILE F 414 -6.19 30.02 20.58
C ILE F 414 -5.25 29.15 19.75
N ALA F 415 -5.34 27.84 19.98
CA ALA F 415 -4.53 26.85 19.29
C ALA F 415 -5.10 25.45 19.55
N PRO F 416 -4.95 24.52 18.61
CA PRO F 416 -5.45 23.16 18.84
C PRO F 416 -4.70 22.48 19.98
N GLY F 417 -5.45 21.95 20.93
CA GLY F 417 -4.89 21.25 22.06
C GLY F 417 -4.63 22.08 23.30
N GLN F 418 -5.11 23.33 23.33
CA GLN F 418 -4.91 24.18 24.49
C GLN F 418 -5.97 23.90 25.56
N THR F 419 -5.72 24.42 26.76
CA THR F 419 -6.63 24.27 27.89
C THR F 419 -6.85 25.62 28.54
N GLY F 420 -8.10 25.98 28.75
CA GLY F 420 -8.43 27.26 29.35
C GLY F 420 -9.91 27.53 29.26
N ASN F 421 -10.32 28.62 29.90
CA ASN F 421 -11.72 29.01 29.90
C ASN F 421 -12.18 29.42 28.51
N ILE F 422 -11.39 30.28 27.85
CA ILE F 422 -11.76 30.73 26.51
C ILE F 422 -11.58 29.60 25.50
N ALA F 423 -10.55 28.76 25.68
CA ALA F 423 -10.29 27.67 24.76
C ALA F 423 -11.34 26.57 24.83
N ASP F 424 -12.22 26.61 25.83
CA ASP F 424 -13.25 25.58 26.01
C ASP F 424 -14.66 26.10 25.90
N TYR F 425 -14.95 27.30 26.43
CA TYR F 425 -16.30 27.83 26.46
C TYR F 425 -16.52 28.98 25.49
N ASN F 426 -15.48 29.44 24.80
CA ASN F 426 -15.61 30.55 23.85
C ASN F 426 -15.25 30.15 22.44
N TYR F 427 -14.11 29.48 22.24
CA TYR F 427 -13.67 29.11 20.90
C TYR F 427 -12.71 27.93 21.02
N LYS F 428 -12.81 26.99 20.09
CA LYS F 428 -11.98 25.80 20.11
C LYS F 428 -11.72 25.34 18.68
N LEU F 429 -10.50 24.82 18.46
CA LEU F 429 -10.08 24.31 17.16
C LEU F 429 -9.89 22.80 17.21
N PRO F 430 -10.21 22.10 16.13
CA PRO F 430 -10.05 20.64 16.12
C PRO F 430 -8.58 20.25 16.04
N ASP F 431 -8.33 18.95 16.26
CA ASP F 431 -6.97 18.44 16.22
C ASP F 431 -6.39 18.46 14.81
N ASP F 432 -7.24 18.38 13.79
CA ASP F 432 -6.81 18.39 12.39
C ASP F 432 -7.21 19.69 11.70
N PHE F 433 -7.10 20.81 12.41
CA PHE F 433 -7.44 22.11 11.84
C PHE F 433 -6.40 22.53 10.81
N THR F 434 -6.88 23.02 9.68
CA THR F 434 -6.02 23.50 8.60
C THR F 434 -6.23 25.00 8.44
N GLY F 435 -5.19 25.77 8.72
CA GLY F 435 -5.28 27.22 8.62
C GLY F 435 -4.16 27.88 9.41
N CYS F 436 -4.36 29.16 9.71
CA CYS F 436 -3.39 29.94 10.46
C CYS F 436 -4.12 30.86 11.43
N VAL F 437 -3.43 31.25 12.49
CA VAL F 437 -3.95 32.16 13.50
C VAL F 437 -3.20 33.47 13.40
N ILE F 438 -3.95 34.58 13.31
CA ILE F 438 -3.38 35.91 13.20
C ILE F 438 -3.86 36.74 14.38
N ALA F 439 -2.91 37.38 15.07
CA ALA F 439 -3.23 38.21 16.22
C ALA F 439 -2.25 39.38 16.28
N TRP F 440 -2.75 40.52 16.76
CA TRP F 440 -1.93 41.71 16.85
C TRP F 440 -2.41 42.57 18.02
N ASN F 441 -1.51 43.39 18.54
CA ASN F 441 -1.84 44.24 19.67
C ASN F 441 -2.70 45.42 19.22
N SER F 442 -3.70 45.75 20.03
CA SER F 442 -4.61 46.85 19.77
C SER F 442 -4.81 47.70 21.01
N ASN F 443 -3.72 48.04 21.69
CA ASN F 443 -3.81 48.84 22.91
C ASN F 443 -4.27 50.25 22.60
N LYS F 444 -3.79 50.83 21.50
CA LYS F 444 -4.18 52.19 21.13
C LYS F 444 -5.50 52.24 20.35
N LEU F 445 -6.21 51.13 20.24
CA LEU F 445 -7.45 51.07 19.48
C LEU F 445 -8.65 50.69 20.34
N ASP F 446 -8.51 49.68 21.19
CA ASP F 446 -9.64 49.15 21.96
C ASP F 446 -9.65 49.62 23.41
N SER F 447 -8.63 50.34 23.86
CA SER F 447 -8.61 50.80 25.24
C SER F 447 -9.46 52.06 25.41
N LYS F 448 -9.94 52.26 26.63
CA LYS F 448 -10.76 53.43 26.95
C LYS F 448 -10.57 53.76 28.42
N HIS F 449 -10.68 55.05 28.73
CA HIS F 449 -10.51 55.51 30.11
C HIS F 449 -11.63 54.94 30.99
N SER F 450 -11.30 54.76 32.27
CA SER F 450 -12.21 54.23 33.29
C SER F 450 -12.74 52.84 32.93
N GLY F 451 -11.98 52.08 32.13
CA GLY F 451 -12.37 50.73 31.79
C GLY F 451 -13.27 50.66 30.57
N ASN F 452 -12.89 49.84 29.59
CA ASN F 452 -13.69 49.64 28.38
C ASN F 452 -14.51 48.36 28.57
N TYR F 453 -15.72 48.53 29.10
CA TYR F 453 -16.60 47.41 29.40
C TYR F 453 -17.38 46.92 28.19
N ASP F 454 -16.97 47.28 26.97
CA ASP F 454 -17.68 46.86 25.77
C ASP F 454 -17.35 45.43 25.38
N TYR F 455 -16.29 44.85 25.92
CA TYR F 455 -15.88 43.49 25.59
C TYR F 455 -16.18 42.55 26.76
N TRP F 456 -16.73 41.39 26.44
CA TRP F 456 -17.08 40.39 27.44
C TRP F 456 -16.53 39.04 27.01
N TYR F 457 -16.45 38.11 27.97
CA TYR F 457 -15.99 36.76 27.71
C TYR F 457 -16.78 35.78 28.56
N ARG F 458 -16.97 34.58 28.03
CA ARG F 458 -17.69 33.52 28.71
C ARG F 458 -16.71 32.65 29.48
N SER F 459 -16.93 32.54 30.80
CA SER F 459 -16.06 31.74 31.66
C SER F 459 -16.76 30.52 32.25
N LEU F 460 -18.08 30.46 32.20
CA LEU F 460 -18.84 29.36 32.77
C LEU F 460 -19.84 28.83 31.75
N ARG F 461 -19.95 27.50 31.68
CA ARG F 461 -20.89 26.86 30.78
C ARG F 461 -21.12 25.43 31.26
N LYS F 462 -22.25 24.86 30.83
CA LYS F 462 -22.58 23.49 31.24
C LYS F 462 -21.60 22.47 30.67
N SER F 463 -21.10 22.70 29.46
CA SER F 463 -20.18 21.77 28.84
C SER F 463 -19.29 22.54 27.86
N LYS F 464 -18.23 21.87 27.41
CA LYS F 464 -17.30 22.48 26.46
C LYS F 464 -17.95 22.62 25.09
N LEU F 465 -17.49 23.62 24.34
CA LEU F 465 -18.04 23.90 23.02
C LEU F 465 -17.35 23.05 21.96
N LYS F 466 -18.15 22.61 20.99
CA LYS F 466 -17.61 21.90 19.84
C LYS F 466 -16.83 22.88 18.95
N PRO F 467 -15.79 22.41 18.27
CA PRO F 467 -15.08 23.29 17.32
C PRO F 467 -16.04 23.82 16.26
N PHE F 468 -15.81 25.08 15.87
CA PHE F 468 -16.61 25.79 14.88
C PHE F 468 -18.07 25.96 15.32
N GLU F 469 -18.31 26.03 16.62
CA GLU F 469 -19.65 26.26 17.16
C GLU F 469 -19.71 27.62 17.84
N ARG F 470 -20.85 28.29 17.69
CA ARG F 470 -21.06 29.61 18.27
C ARG F 470 -22.28 29.57 19.17
N ASP F 471 -22.17 30.20 20.34
CA ASP F 471 -23.26 30.23 21.32
C ASP F 471 -23.21 31.56 22.05
N ILE F 472 -24.34 32.27 22.04
CA ILE F 472 -24.42 33.58 22.69
C ILE F 472 -25.49 33.55 23.78
N SER F 473 -25.68 32.37 24.38
CA SER F 473 -26.67 32.24 25.44
C SER F 473 -26.23 33.02 26.68
N THR F 474 -27.20 33.69 27.31
CA THR F 474 -26.95 34.49 28.51
C THR F 474 -27.64 33.93 29.73
N GLU F 475 -27.96 32.63 29.73
CA GLU F 475 -28.61 32.02 30.89
C GLU F 475 -27.64 31.90 32.06
N ILE F 476 -28.15 32.13 33.26
CA ILE F 476 -27.33 32.04 34.46
C ILE F 476 -26.90 30.60 34.67
N TYR F 477 -25.60 30.40 34.89
CA TYR F 477 -25.06 29.06 35.09
C TYR F 477 -25.51 28.51 36.44
N GLN F 478 -26.10 27.32 36.42
CA GLN F 478 -26.55 26.65 37.63
C GLN F 478 -25.42 25.74 38.13
N ALA F 479 -24.79 26.12 39.24
CA ALA F 479 -23.68 25.38 39.80
C ALA F 479 -24.10 24.37 40.86
N GLY F 480 -25.39 24.26 41.14
CA GLY F 480 -25.85 23.32 42.15
C GLY F 480 -27.11 22.58 41.75
N ASN F 481 -27.67 21.81 42.68
CA ASN F 481 -28.88 21.05 42.41
C ASN F 481 -30.14 21.88 42.55
N LYS F 482 -30.06 23.04 43.19
CA LYS F 482 -31.23 23.89 43.35
C LYS F 482 -31.59 24.55 42.02
N PRO F 483 -32.88 24.69 41.71
CA PRO F 483 -33.27 25.33 40.45
C PRO F 483 -32.86 26.79 40.43
N CYS F 484 -32.34 27.22 39.29
CA CYS F 484 -31.89 28.60 39.13
C CYS F 484 -33.09 29.51 38.83
N LYS F 485 -33.23 30.57 39.63
CA LYS F 485 -34.32 31.51 39.43
C LYS F 485 -33.88 32.96 39.60
N GLY F 486 -32.59 33.24 39.60
CA GLY F 486 -32.10 34.59 39.75
C GLY F 486 -30.71 34.59 40.38
N LYS F 487 -30.16 35.78 40.51
CA LYS F 487 -28.83 35.94 41.10
C LYS F 487 -28.87 35.59 42.58
N GLY F 488 -27.94 34.74 43.01
CA GLY F 488 -27.87 34.32 44.39
C GLY F 488 -26.91 33.17 44.59
N PRO F 489 -27.17 32.35 45.61
CA PRO F 489 -26.30 31.21 45.88
C PRO F 489 -26.37 30.19 44.75
N ASN F 490 -25.20 29.68 44.35
CA ASN F 490 -25.05 28.68 43.30
C ASN F 490 -25.61 29.16 41.97
N CYS F 491 -25.70 30.47 41.77
CA CYS F 491 -26.21 31.06 40.53
C CYS F 491 -25.37 32.28 40.21
N TYR F 492 -24.38 32.12 39.34
CA TYR F 492 -23.46 33.20 38.98
C TYR F 492 -23.58 33.50 37.49
N PHE F 493 -23.35 34.75 37.14
CA PHE F 493 -23.44 35.15 35.75
C PHE F 493 -22.25 34.60 34.97
N PRO F 494 -22.49 33.88 33.86
CA PRO F 494 -21.37 33.25 33.14
C PRO F 494 -20.53 34.22 32.31
N LEU F 495 -21.03 35.42 32.04
CA LEU F 495 -20.33 36.39 31.21
C LEU F 495 -19.66 37.43 32.10
N GLN F 496 -18.38 37.71 31.84
CA GLN F 496 -17.62 38.70 32.57
C GLN F 496 -17.00 39.68 31.59
N SER F 497 -16.88 40.93 32.00
CA SER F 497 -16.34 41.98 31.13
C SER F 497 -14.85 42.17 31.40
N TYR F 498 -14.13 42.53 30.35
CA TYR F 498 -12.69 42.76 30.48
C TYR F 498 -12.40 44.10 31.13
N GLY F 499 -12.86 45.19 30.53
CA GLY F 499 -12.55 46.52 31.02
C GLY F 499 -11.13 46.94 30.70
N PHE F 500 -10.81 47.01 29.41
CA PHE F 500 -9.45 47.32 28.98
C PHE F 500 -9.11 48.76 29.34
N ARG F 501 -7.91 48.95 29.91
CA ARG F 501 -7.38 50.27 30.25
C ARG F 501 -5.99 50.44 29.66
N PRO F 502 -5.63 51.67 29.24
CA PRO F 502 -4.32 51.86 28.62
C PRO F 502 -3.15 51.71 29.58
N THR F 503 -3.38 51.77 30.89
CA THR F 503 -2.32 51.63 31.88
C THR F 503 -2.06 50.19 32.29
N TYR F 504 -2.70 49.23 31.63
CA TYR F 504 -2.50 47.83 31.97
C TYR F 504 -1.16 47.34 31.42
N GLY F 505 -0.74 46.17 31.90
CA GLY F 505 0.49 45.55 31.44
C GLY F 505 0.32 44.95 30.05
N VAL F 506 1.43 44.41 29.54
CA VAL F 506 1.42 43.84 28.20
C VAL F 506 0.54 42.60 28.14
N GLY F 507 0.43 41.86 29.25
CA GLY F 507 -0.39 40.66 29.27
C GLY F 507 -1.87 40.91 29.32
N HIS F 508 -2.29 42.13 29.64
CA HIS F 508 -3.70 42.48 29.76
C HIS F 508 -4.19 43.41 28.67
N GLN F 509 -3.32 43.79 27.73
CA GLN F 509 -3.75 44.65 26.64
C GLN F 509 -4.69 43.90 25.70
N PRO F 510 -5.61 44.60 25.03
CA PRO F 510 -6.51 43.93 24.09
C PRO F 510 -5.75 43.49 22.83
N TYR F 511 -5.98 42.23 22.44
CA TYR F 511 -5.36 41.65 21.26
C TYR F 511 -6.46 41.12 20.35
N ARG F 512 -6.59 41.72 19.17
CA ARG F 512 -7.56 41.25 18.18
C ARG F 512 -7.00 40.03 17.47
N VAL F 513 -7.71 38.92 17.56
CA VAL F 513 -7.27 37.64 16.98
C VAL F 513 -8.20 37.28 15.85
N VAL F 514 -7.61 36.93 14.70
CA VAL F 514 -8.35 36.50 13.52
C VAL F 514 -7.81 35.13 13.10
N VAL F 515 -8.69 34.14 13.02
CA VAL F 515 -8.31 32.78 12.67
C VAL F 515 -8.86 32.47 11.28
N LEU F 516 -7.97 32.09 10.37
CA LEU F 516 -8.35 31.76 9.00
C LEU F 516 -8.62 30.26 8.90
N SER F 517 -9.86 29.90 8.58
CA SER F 517 -10.27 28.51 8.45
C SER F 517 -10.48 28.21 6.97
N PHE F 518 -9.76 27.21 6.46
CA PHE F 518 -9.84 26.82 5.06
C PHE F 518 -10.67 25.55 4.92
N GLU F 519 -11.53 25.53 3.89
CA GLU F 519 -12.38 24.39 3.60
C GLU F 519 -11.93 23.73 2.31
N LEU F 520 -11.93 22.39 2.31
CA LEU F 520 -11.49 21.60 1.16
C LEU F 520 -12.59 20.62 0.77
N LEU F 521 -13.82 21.11 0.70
CA LEU F 521 -14.94 20.29 0.30
C LEU F 521 -14.86 19.97 -1.20
N HIS F 522 -15.64 18.97 -1.63
CA HIS F 522 -15.68 18.55 -3.03
C HIS F 522 -16.43 19.60 -3.83
N ALA F 523 -15.71 20.63 -4.23
CA ALA F 523 -16.27 21.75 -4.98
C ALA F 523 -15.13 22.49 -5.66
N PRO F 524 -15.42 23.22 -6.74
CA PRO F 524 -14.36 23.98 -7.41
C PRO F 524 -13.76 25.03 -6.47
N ALA F 525 -12.44 25.13 -6.50
CA ALA F 525 -11.71 26.05 -5.64
C ALA F 525 -11.87 27.47 -6.17
N THR F 526 -12.81 28.21 -5.59
CA THR F 526 -13.06 29.58 -6.01
C THR F 526 -12.05 30.56 -5.42
N VAL F 527 -11.36 30.17 -4.35
CA VAL F 527 -10.38 31.03 -3.68
C VAL F 527 -8.98 30.55 -4.04
N CYS F 528 -8.12 31.47 -4.47
CA CYS F 528 -6.75 31.15 -4.81
C CYS F 528 -5.86 32.34 -4.41
N GLY F 529 -4.57 32.09 -4.37
CA GLY F 529 -3.61 33.14 -4.07
C GLY F 529 -3.31 34.00 -5.27
N PRO F 530 -2.56 35.07 -5.03
CA PRO F 530 -2.20 35.98 -6.12
C PRO F 530 -1.17 35.34 -7.06
N LYS F 531 -1.29 35.70 -8.33
CA LYS F 531 -0.41 35.17 -9.38
C LYS F 531 0.34 36.34 -10.02
N LYS F 532 1.67 36.25 -10.02
CA LYS F 532 2.49 37.31 -10.57
C LYS F 532 2.51 37.24 -12.09
N SER F 533 2.47 38.41 -12.73
CA SER F 533 2.49 38.53 -14.18
C SER F 533 3.69 39.37 -14.59
N THR F 534 4.42 38.88 -15.59
CA THR F 534 5.61 39.55 -16.09
C THR F 534 5.27 40.36 -17.35
N ASN F 535 6.30 40.94 -17.95
CA ASN F 535 6.12 41.77 -19.14
C ASN F 535 5.88 40.89 -20.36
N LEU F 536 5.35 41.50 -21.41
CA LEU F 536 5.03 40.82 -22.66
C LEU F 536 6.13 41.11 -23.68
N VAL F 537 6.83 40.06 -24.10
CA VAL F 537 7.91 40.16 -25.08
C VAL F 537 7.43 39.55 -26.39
N LYS F 538 7.71 40.25 -27.49
CA LYS F 538 7.28 39.83 -28.81
C LYS F 538 8.49 39.63 -29.73
N ASN F 539 8.27 38.86 -30.79
CA ASN F 539 9.29 38.61 -31.82
C ASN F 539 10.54 37.93 -31.26
N LYS F 540 10.38 37.17 -30.17
CA LYS F 540 11.48 36.44 -29.57
C LYS F 540 11.01 35.07 -29.13
N CYS F 541 11.91 34.09 -29.22
CA CYS F 541 11.63 32.74 -28.75
C CYS F 541 11.68 32.71 -27.23
N VAL F 542 10.51 32.62 -26.59
CA VAL F 542 10.41 32.64 -25.14
C VAL F 542 9.42 31.59 -24.68
N ASN F 543 9.48 31.27 -23.40
CA ASN F 543 8.50 30.40 -22.76
C ASN F 543 7.36 31.24 -22.20
N PHE F 544 6.14 30.95 -22.65
CA PHE F 544 4.98 31.74 -22.27
C PHE F 544 4.02 30.93 -21.43
N ASN F 545 3.23 31.62 -20.62
CA ASN F 545 2.19 31.01 -19.77
C ASN F 545 1.01 31.98 -19.77
N PHE F 546 0.07 31.76 -20.67
CA PHE F 546 -1.12 32.60 -20.81
C PHE F 546 -2.28 31.94 -20.08
N ASN F 547 -2.40 32.25 -18.78
CA ASN F 547 -3.49 31.75 -17.94
C ASN F 547 -3.52 30.21 -17.94
N GLY F 548 -2.40 29.61 -17.58
CA GLY F 548 -2.29 28.17 -17.51
C GLY F 548 -1.89 27.48 -18.79
N LEU F 549 -1.90 28.18 -19.91
CA LEU F 549 -1.52 27.60 -21.20
C LEU F 549 -0.03 27.81 -21.40
N THR F 550 0.75 26.76 -21.18
CA THR F 550 2.20 26.82 -21.25
C THR F 550 2.69 26.36 -22.62
N GLY F 551 3.84 26.89 -23.02
CA GLY F 551 4.42 26.50 -24.29
C GLY F 551 5.65 27.33 -24.58
N THR F 552 6.14 27.18 -25.81
CA THR F 552 7.31 27.93 -26.27
C THR F 552 7.09 28.32 -27.73
N GLY F 553 7.56 29.50 -28.09
CA GLY F 553 7.39 29.98 -29.44
C GLY F 553 7.60 31.48 -29.52
N VAL F 554 7.48 31.98 -30.74
CA VAL F 554 7.64 33.40 -31.03
C VAL F 554 6.27 34.05 -31.05
N LEU F 555 6.13 35.16 -30.33
CA LEU F 555 4.88 35.90 -30.25
C LEU F 555 4.94 37.12 -31.17
N THR F 556 3.93 37.26 -32.02
CA THR F 556 3.84 38.38 -32.96
C THR F 556 2.42 38.91 -32.97
N LYS F 557 2.19 39.94 -33.77
CA LYS F 557 0.87 40.55 -33.91
C LYS F 557 0.12 39.85 -35.03
N SER F 558 -1.06 39.31 -34.71
CA SER F 558 -1.86 38.56 -35.67
C SER F 558 -3.05 39.38 -36.13
N ASN F 559 -3.55 39.05 -37.32
CA ASN F 559 -4.72 39.70 -37.90
C ASN F 559 -5.98 38.87 -37.71
N LYS F 560 -6.02 38.01 -36.70
CA LYS F 560 -7.18 37.16 -36.44
C LYS F 560 -8.17 37.89 -35.54
N LYS F 561 -9.44 37.82 -35.90
CA LYS F 561 -10.51 38.50 -35.16
C LYS F 561 -11.18 37.47 -34.26
N PHE F 562 -10.72 37.38 -33.03
CA PHE F 562 -11.31 36.45 -32.06
C PHE F 562 -12.68 36.94 -31.61
N LEU F 563 -13.42 36.05 -30.97
CA LEU F 563 -14.68 36.41 -30.35
C LEU F 563 -14.44 36.85 -28.91
N PRO F 564 -15.35 37.66 -28.35
CA PRO F 564 -15.13 38.17 -26.99
C PRO F 564 -14.95 37.09 -25.94
N PHE F 565 -15.52 35.91 -26.14
CA PHE F 565 -15.38 34.83 -25.17
C PHE F 565 -14.26 33.86 -25.50
N GLN F 566 -13.76 33.89 -26.73
CA GLN F 566 -12.68 32.98 -27.12
C GLN F 566 -11.33 33.50 -26.64
N GLN F 567 -10.52 32.59 -26.11
CA GLN F 567 -9.23 32.94 -25.54
C GLN F 567 -8.05 32.55 -26.43
N PHE F 568 -7.96 31.29 -26.84
CA PHE F 568 -6.85 30.83 -27.67
C PHE F 568 -7.41 30.13 -28.89
N GLY F 569 -6.62 30.15 -29.97
CA GLY F 569 -7.02 29.55 -31.24
C GLY F 569 -6.23 28.30 -31.53
N ARG F 570 -6.82 27.40 -32.32
CA ARG F 570 -6.17 26.18 -32.75
C ARG F 570 -6.33 26.02 -34.25
N ASP F 571 -5.34 25.38 -34.86
CA ASP F 571 -5.33 25.17 -36.30
C ASP F 571 -5.98 23.83 -36.63
N ILE F 572 -5.80 23.37 -37.88
CA ILE F 572 -6.46 22.15 -38.34
C ILE F 572 -6.06 20.94 -37.51
N VAL F 573 -4.82 20.92 -37.02
CA VAL F 573 -4.30 19.78 -36.29
C VAL F 573 -4.41 19.99 -34.77
N ASP F 574 -5.26 20.93 -34.33
CA ASP F 574 -5.55 21.16 -32.92
C ASP F 574 -4.31 21.57 -32.14
N THR F 575 -3.45 22.40 -32.73
CA THR F 575 -2.30 22.97 -32.04
C THR F 575 -2.52 24.45 -31.83
N THR F 576 -2.11 24.94 -30.66
CA THR F 576 -2.33 26.34 -30.30
C THR F 576 -1.45 27.22 -31.18
N ASP F 577 -2.09 28.02 -32.04
CA ASP F 577 -1.38 28.91 -32.95
C ASP F 577 -1.64 30.38 -32.65
N ALA F 578 -2.51 30.69 -31.70
CA ALA F 578 -2.78 32.08 -31.33
C ALA F 578 -3.39 32.10 -29.93
N VAL F 579 -3.12 33.18 -29.21
CA VAL F 579 -3.64 33.37 -27.86
C VAL F 579 -4.03 34.84 -27.68
N ARG F 580 -4.85 35.09 -26.66
CA ARG F 580 -5.27 36.43 -26.28
C ARG F 580 -4.60 36.81 -24.98
N ASP F 581 -4.02 38.01 -24.94
CA ASP F 581 -3.37 38.50 -23.73
C ASP F 581 -4.41 38.73 -22.64
N PRO F 582 -4.31 38.08 -21.48
CA PRO F 582 -5.32 38.27 -20.43
C PRO F 582 -5.41 39.70 -19.90
N GLN F 583 -4.47 40.58 -20.25
CA GLN F 583 -4.48 41.96 -19.80
C GLN F 583 -4.72 42.95 -20.93
N THR F 584 -3.91 42.89 -21.99
CA THR F 584 -4.08 43.80 -23.12
C THR F 584 -5.24 43.41 -24.02
N LEU F 585 -5.71 42.17 -23.94
CA LEU F 585 -6.80 41.65 -24.75
C LEU F 585 -6.49 41.69 -26.24
N GLU F 586 -5.21 41.69 -26.61
CA GLU F 586 -4.81 41.64 -28.00
C GLU F 586 -4.56 40.20 -28.44
N ILE F 587 -4.66 39.98 -29.74
CA ILE F 587 -4.53 38.64 -30.32
C ILE F 587 -3.10 38.47 -30.81
N LEU F 588 -2.38 37.52 -30.22
CA LEU F 588 -1.00 37.23 -30.56
C LEU F 588 -0.91 35.82 -31.10
N ASP F 589 -0.41 35.68 -32.33
CA ASP F 589 -0.23 34.35 -32.91
C ASP F 589 1.06 33.72 -32.41
N ILE F 590 1.02 32.40 -32.23
CA ILE F 590 2.15 31.65 -31.71
C ILE F 590 2.86 30.96 -32.85
N THR F 591 4.11 31.33 -33.08
CA THR F 591 4.94 30.69 -34.10
C THR F 591 6.03 29.88 -33.41
N PRO F 592 6.17 28.59 -33.70
CA PRO F 592 7.21 27.79 -33.04
C PRO F 592 8.59 28.30 -33.40
N CYS F 593 9.51 28.17 -32.44
CA CYS F 593 10.88 28.62 -32.66
C CYS F 593 11.54 27.81 -33.76
N SER F 594 12.52 28.43 -34.42
CA SER F 594 13.12 27.83 -35.60
C SER F 594 13.83 26.52 -35.25
N PHE F 595 13.49 25.47 -36.00
CA PHE F 595 14.13 24.16 -35.83
C PHE F 595 14.29 23.52 -37.20
N GLY F 596 15.15 22.51 -37.24
CA GLY F 596 15.40 21.81 -38.49
C GLY F 596 16.60 20.91 -38.36
N GLY F 597 16.92 20.25 -39.46
CA GLY F 597 18.04 19.33 -39.50
C GLY F 597 19.36 20.03 -39.79
N VAL F 598 20.42 19.46 -39.22
CA VAL F 598 21.78 19.97 -39.41
C VAL F 598 22.51 18.99 -40.32
N SER F 599 22.84 19.42 -41.53
CA SER F 599 23.56 18.60 -42.49
C SER F 599 24.97 19.17 -42.68
N VAL F 600 25.96 18.29 -42.64
CA VAL F 600 27.36 18.67 -42.78
C VAL F 600 27.87 18.14 -44.11
N ILE F 601 28.50 19.02 -44.90
CA ILE F 601 29.02 18.68 -46.21
C ILE F 601 30.53 18.59 -46.10
N THR F 602 31.09 17.44 -46.48
CA THR F 602 32.52 17.21 -46.40
C THR F 602 33.01 16.51 -47.66
N PRO F 603 34.18 16.90 -48.18
CA PRO F 603 34.74 16.20 -49.34
C PRO F 603 35.46 14.89 -48.99
N GLY F 604 35.45 14.50 -47.73
CA GLY F 604 36.12 13.28 -47.29
C GLY F 604 37.36 13.62 -46.49
N THR F 605 37.63 12.81 -45.46
CA THR F 605 38.81 13.04 -44.62
C THR F 605 40.09 12.88 -45.41
N ASN F 606 40.10 11.98 -46.40
CA ASN F 606 41.29 11.78 -47.22
C ASN F 606 41.67 13.03 -48.00
N THR F 607 40.68 13.87 -48.34
CA THR F 607 40.93 15.09 -49.10
C THR F 607 41.24 16.27 -48.18
N SER F 608 40.32 16.61 -47.29
CA SER F 608 40.50 17.75 -46.40
C SER F 608 39.56 17.62 -45.21
N ASN F 609 39.86 18.38 -44.17
CA ASN F 609 39.02 18.43 -42.97
C ASN F 609 38.03 19.60 -43.00
N GLN F 610 38.04 20.41 -44.05
CA GLN F 610 37.09 21.51 -44.16
C GLN F 610 35.70 20.97 -44.41
N VAL F 611 34.71 21.51 -43.69
CA VAL F 611 33.33 21.07 -43.80
C VAL F 611 32.42 22.27 -43.99
N ALA F 612 31.23 22.01 -44.51
CA ALA F 612 30.19 23.02 -44.67
C ALA F 612 28.93 22.56 -43.95
N VAL F 613 28.31 23.49 -43.22
CA VAL F 613 27.14 23.18 -42.40
C VAL F 613 25.90 23.72 -43.11
N LEU F 614 24.86 22.90 -43.17
CA LEU F 614 23.59 23.26 -43.79
C LEU F 614 22.49 23.19 -42.75
N TYR F 615 21.93 24.35 -42.41
CA TYR F 615 20.79 24.43 -41.48
C TYR F 615 19.52 24.35 -42.32
N GLN F 616 18.88 23.19 -42.31
CA GLN F 616 17.76 22.93 -43.21
C GLN F 616 16.50 23.67 -42.76
N GLY F 617 15.83 24.30 -43.72
CA GLY F 617 14.53 24.92 -43.46
C GLY F 617 14.56 26.11 -42.52
N VAL F 618 15.47 27.05 -42.76
CA VAL F 618 15.60 28.23 -41.91
C VAL F 618 16.31 29.32 -42.69
N ASN F 619 16.00 30.57 -42.36
CA ASN F 619 16.67 31.71 -42.98
C ASN F 619 18.02 31.95 -42.34
N CYS F 620 18.94 32.49 -43.13
CA CYS F 620 20.29 32.76 -42.61
C CYS F 620 20.27 33.87 -41.56
N THR F 621 19.31 34.79 -41.64
CA THR F 621 19.22 35.86 -40.66
C THR F 621 18.91 35.32 -39.27
N GLU F 622 17.99 34.35 -39.18
CA GLU F 622 17.68 33.76 -37.90
C GLU F 622 18.86 33.00 -37.33
N VAL F 623 19.61 32.30 -38.18
CA VAL F 623 20.80 31.58 -37.71
C VAL F 623 21.85 32.57 -37.20
N SER F 624 22.03 33.68 -37.92
CA SER F 624 23.00 34.69 -37.48
C SER F 624 22.58 35.31 -36.16
N VAL F 625 21.29 35.60 -35.99
CA VAL F 625 20.82 36.17 -34.73
C VAL F 625 20.99 35.18 -33.59
N ALA F 626 20.74 33.89 -33.86
CA ALA F 626 20.88 32.88 -32.82
C ALA F 626 22.34 32.68 -32.43
N ILE F 627 23.25 32.74 -33.41
CA ILE F 627 24.67 32.60 -33.11
C ILE F 627 25.18 33.82 -32.36
N HIS F 628 24.73 35.01 -32.75
CA HIS F 628 25.16 36.23 -32.06
C HIS F 628 24.62 36.27 -30.64
N ALA F 629 23.42 35.73 -30.41
CA ALA F 629 22.81 35.72 -29.09
C ALA F 629 23.11 34.44 -28.31
N ASP F 630 23.80 33.48 -28.92
CA ASP F 630 24.15 32.20 -28.28
C ASP F 630 22.90 31.48 -27.78
N GLN F 631 22.00 31.19 -28.72
CA GLN F 631 20.75 30.49 -28.44
C GLN F 631 20.49 29.42 -29.50
N LEU F 632 21.54 28.68 -29.88
CA LEU F 632 21.43 27.62 -30.86
C LEU F 632 21.82 26.30 -30.21
N THR F 633 21.16 25.21 -30.63
CA THR F 633 21.39 23.92 -29.99
C THR F 633 22.79 23.38 -30.25
N PRO F 634 23.30 23.31 -31.49
CA PRO F 634 24.69 22.89 -31.68
C PRO F 634 25.66 23.92 -31.11
N THR F 635 26.37 23.56 -30.05
CA THR F 635 27.19 24.52 -29.32
C THR F 635 28.41 24.99 -30.09
N TRP F 636 28.69 24.41 -31.27
CA TRP F 636 29.85 24.82 -32.06
C TRP F 636 29.51 26.03 -32.94
N ARG F 637 29.08 27.11 -32.28
CA ARG F 637 28.84 28.37 -32.95
C ARG F 637 30.12 29.14 -33.24
N VAL F 638 31.29 28.55 -32.97
CA VAL F 638 32.57 29.19 -33.22
C VAL F 638 32.93 29.00 -34.70
N TYR F 639 32.03 28.37 -35.44
CA TYR F 639 32.24 28.15 -36.87
C TYR F 639 32.44 29.49 -37.58
N SER F 640 33.37 29.51 -38.53
CA SER F 640 33.71 30.74 -39.24
C SER F 640 32.51 31.25 -40.02
N THR F 641 32.02 32.43 -39.63
CA THR F 641 30.85 33.05 -40.23
C THR F 641 31.26 34.41 -40.80
N GLY F 642 31.71 34.40 -42.06
CA GLY F 642 32.04 35.63 -42.74
C GLY F 642 32.30 35.43 -44.22
N SER F 643 31.58 36.19 -45.06
CA SER F 643 31.70 36.13 -46.51
C SER F 643 31.51 34.71 -47.07
N ASN F 644 30.88 33.83 -46.27
CA ASN F 644 30.66 32.45 -46.71
C ASN F 644 29.27 31.95 -46.31
N VAL F 645 28.31 32.85 -46.09
CA VAL F 645 26.95 32.50 -45.71
C VAL F 645 26.05 32.74 -46.92
N PHE F 646 25.41 31.68 -47.40
CA PHE F 646 24.53 31.75 -48.55
C PHE F 646 23.18 31.14 -48.20
N GLN F 647 22.11 31.76 -48.69
CA GLN F 647 20.75 31.32 -48.43
C GLN F 647 20.24 30.52 -49.61
N THR F 648 19.86 29.26 -49.36
CA THR F 648 19.26 28.40 -50.35
C THR F 648 17.82 28.10 -49.95
N ARG F 649 17.05 27.58 -50.91
CA ARG F 649 15.69 27.16 -50.62
C ARG F 649 15.64 25.92 -49.74
N ALA F 650 16.74 25.17 -49.64
CA ALA F 650 16.81 24.04 -48.74
C ALA F 650 17.24 24.45 -47.33
N GLY F 651 17.84 25.62 -47.18
CA GLY F 651 18.25 26.10 -45.88
C GLY F 651 19.42 27.06 -46.01
N CYS F 652 20.03 27.35 -44.87
CA CYS F 652 21.19 28.24 -44.82
C CYS F 652 22.47 27.42 -44.88
N LEU F 653 23.33 27.76 -45.84
CA LEU F 653 24.60 27.07 -46.04
C LEU F 653 25.72 27.94 -45.52
N ILE F 654 26.45 27.44 -44.52
CA ILE F 654 27.56 28.15 -43.90
C ILE F 654 28.83 27.33 -44.08
N GLY F 655 29.88 27.97 -44.59
CA GLY F 655 31.15 27.31 -44.84
C GLY F 655 31.51 27.13 -46.28
N ALA F 656 30.68 27.60 -47.22
CA ALA F 656 30.97 27.48 -48.64
C ALA F 656 30.52 28.75 -49.34
N GLU F 657 31.28 29.15 -50.36
CA GLU F 657 30.98 30.33 -51.15
C GLU F 657 30.21 29.94 -52.41
N TYR F 658 29.21 30.75 -52.75
CA TYR F 658 28.37 30.50 -53.91
C TYR F 658 28.99 31.14 -55.14
N VAL F 659 29.25 30.34 -56.17
CA VAL F 659 29.81 30.82 -57.41
C VAL F 659 28.71 30.82 -58.48
N ASN F 660 28.87 31.70 -59.46
CA ASN F 660 27.91 31.80 -60.55
C ASN F 660 28.12 30.76 -61.63
N ASN F 661 29.28 30.09 -61.66
CA ASN F 661 29.53 29.07 -62.65
C ASN F 661 28.73 27.79 -62.32
N SER F 662 28.29 27.12 -63.37
CA SER F 662 27.52 25.88 -63.23
C SER F 662 28.40 24.70 -63.58
N TYR F 663 28.40 23.69 -62.71
CA TYR F 663 29.17 22.47 -62.90
C TYR F 663 28.25 21.27 -62.72
N GLU F 664 28.80 20.08 -62.92
CA GLU F 664 28.06 18.86 -62.65
C GLU F 664 27.91 18.66 -61.15
N CYS F 665 26.73 18.21 -60.74
CA CYS F 665 26.44 18.06 -59.31
C CYS F 665 27.32 16.97 -58.70
N ASP F 666 27.99 17.31 -57.61
CA ASP F 666 28.85 16.38 -56.88
C ASP F 666 28.27 16.00 -55.53
N ILE F 667 27.94 16.97 -54.70
CA ILE F 667 27.31 16.73 -53.41
C ILE F 667 25.95 17.42 -53.41
N PRO F 668 24.84 16.67 -53.44
CA PRO F 668 23.52 17.31 -53.54
C PRO F 668 23.16 18.04 -52.25
N ILE F 669 22.91 19.33 -52.37
CA ILE F 669 22.48 20.14 -51.24
C ILE F 669 20.96 20.23 -51.18
N GLY F 670 20.32 20.51 -52.31
CA GLY F 670 18.88 20.62 -52.39
C GLY F 670 18.46 21.86 -53.15
N ALA F 671 17.28 21.76 -53.78
CA ALA F 671 16.70 22.88 -54.55
C ALA F 671 17.64 23.34 -55.66
N GLY F 672 18.27 22.40 -56.34
CA GLY F 672 19.12 22.71 -57.47
C GLY F 672 20.53 23.15 -57.13
N VAL F 673 20.89 23.22 -55.85
CA VAL F 673 22.22 23.63 -55.41
C VAL F 673 23.02 22.38 -55.07
N CYS F 674 24.28 22.36 -55.49
CA CYS F 674 25.21 21.29 -55.15
C CYS F 674 26.54 21.89 -54.73
N ALA F 675 27.31 21.09 -53.99
CA ALA F 675 28.59 21.53 -53.45
C ALA F 675 29.71 20.68 -54.01
N SER F 676 30.92 21.26 -54.06
CA SER F 676 32.09 20.56 -54.55
C SER F 676 33.33 21.17 -53.91
N TYR F 677 34.44 20.45 -54.02
CA TYR F 677 35.73 20.87 -53.48
C TYR F 677 36.64 21.20 -54.65
N GLN F 678 36.76 22.48 -54.97
CA GLN F 678 37.51 22.93 -56.12
C GLN F 678 38.66 23.83 -55.69
N THR F 679 39.63 23.99 -56.59
CA THR F 679 40.80 24.80 -56.28
C THR F 679 40.46 26.29 -56.22
N GLN F 680 39.54 26.73 -57.06
CA GLN F 680 39.10 28.13 -57.11
C GLN F 680 40.27 29.08 -57.30
N SER F 692 44.77 26.37 -51.53
CA SER F 692 43.79 27.37 -51.95
C SER F 692 42.44 26.73 -52.25
N GLN F 693 42.38 25.41 -52.13
CA GLN F 693 41.15 24.68 -52.41
C GLN F 693 40.16 24.85 -51.26
N SER F 694 38.89 25.04 -51.61
CA SER F 694 37.85 25.24 -50.62
C SER F 694 36.55 24.66 -51.14
N ILE F 695 35.55 24.61 -50.26
CA ILE F 695 34.23 24.10 -50.63
C ILE F 695 33.44 25.23 -51.28
N ILE F 696 32.94 24.98 -52.49
CA ILE F 696 32.18 25.97 -53.24
C ILE F 696 30.78 25.44 -53.51
N ALA F 697 29.82 26.35 -53.54
CA ALA F 697 28.43 26.04 -53.83
C ALA F 697 28.05 26.62 -55.19
N TYR F 698 27.17 25.93 -55.89
CA TYR F 698 26.79 26.34 -57.24
C TYR F 698 25.47 25.69 -57.61
N THR F 699 24.82 26.29 -58.60
CA THR F 699 23.62 25.69 -59.19
C THR F 699 24.04 24.61 -60.17
N MET F 700 23.51 23.40 -59.99
CA MET F 700 23.93 22.27 -60.80
C MET F 700 23.53 22.46 -62.26
N SER F 701 24.42 22.03 -63.16
CA SER F 701 24.16 22.10 -64.59
C SER F 701 23.58 20.79 -65.06
N LEU F 702 22.53 20.87 -65.88
CA LEU F 702 21.89 19.67 -66.40
C LEU F 702 22.66 19.06 -67.57
N GLY F 703 23.57 19.80 -68.18
CA GLY F 703 24.35 19.30 -69.30
C GLY F 703 24.65 20.37 -70.33
N ALA F 704 25.51 20.05 -71.28
CA ALA F 704 25.85 21.02 -72.32
C ALA F 704 24.70 21.16 -73.31
N GLU F 705 24.49 22.38 -73.79
CA GLU F 705 23.44 22.65 -74.75
C GLU F 705 23.88 22.22 -76.14
N ASN F 706 23.01 21.50 -76.85
CA ASN F 706 23.29 21.00 -78.19
C ASN F 706 22.15 21.45 -79.10
N SER F 707 22.39 22.53 -79.84
CA SER F 707 21.41 23.03 -80.81
C SER F 707 21.49 22.14 -82.05
N VAL F 708 20.51 21.25 -82.20
CA VAL F 708 20.49 20.35 -83.35
C VAL F 708 20.20 21.15 -84.60
N ALA F 709 21.01 20.94 -85.64
CA ALA F 709 20.87 21.68 -86.90
C ALA F 709 19.70 21.12 -87.69
N TYR F 710 18.50 21.44 -87.21
CA TYR F 710 17.29 20.97 -87.87
C TYR F 710 16.97 21.83 -89.09
N SER F 711 16.44 21.19 -90.12
CA SER F 711 16.05 21.88 -91.35
C SER F 711 15.10 20.97 -92.12
N ASN F 712 14.58 21.50 -93.23
CA ASN F 712 13.74 20.69 -94.11
C ASN F 712 14.56 19.65 -94.87
N ASN F 713 15.88 19.66 -94.72
CA ASN F 713 16.78 18.75 -95.43
C ASN F 713 17.99 18.53 -94.52
N SER F 714 19.09 18.10 -95.14
CA SER F 714 20.37 17.89 -94.44
C SER F 714 20.26 16.79 -93.38
N ILE F 715 19.96 15.58 -93.86
CA ILE F 715 19.95 14.41 -92.98
C ILE F 715 21.35 14.15 -92.45
N ALA F 716 21.42 13.65 -91.22
CA ALA F 716 22.68 13.27 -90.59
C ALA F 716 22.77 11.75 -90.54
N ILE F 717 23.78 11.19 -91.20
CA ILE F 717 23.96 9.74 -91.26
C ILE F 717 25.36 9.39 -90.80
N PRO F 718 25.51 8.43 -89.89
CA PRO F 718 26.86 8.09 -89.41
C PRO F 718 27.64 7.29 -90.43
N THR F 719 28.94 7.58 -90.51
CA THR F 719 29.84 6.86 -91.40
C THR F 719 30.64 5.78 -90.69
N ASN F 720 30.71 5.82 -89.36
CA ASN F 720 31.41 4.80 -88.59
C ASN F 720 30.53 4.35 -87.42
N PHE F 721 31.09 3.52 -86.54
CA PHE F 721 30.35 3.02 -85.40
C PHE F 721 31.32 2.61 -84.31
N THR F 722 30.80 2.46 -83.10
CA THR F 722 31.59 2.07 -81.93
C THR F 722 30.89 0.93 -81.22
N ILE F 723 31.62 -0.15 -80.96
CA ILE F 723 31.10 -1.29 -80.22
C ILE F 723 31.33 -1.01 -78.73
N SER F 724 30.25 -0.69 -78.03
CA SER F 724 30.31 -0.33 -76.61
C SER F 724 29.78 -1.47 -75.76
N VAL F 725 30.47 -1.74 -74.66
CA VAL F 725 30.06 -2.74 -73.68
C VAL F 725 29.82 -2.04 -72.35
N THR F 726 28.60 -2.10 -71.86
CA THR F 726 28.22 -1.47 -70.61
C THR F 726 27.84 -2.54 -69.58
N THR F 727 28.08 -2.23 -68.31
CA THR F 727 27.78 -3.13 -67.22
C THR F 727 26.49 -2.72 -66.52
N GLU F 728 25.77 -3.72 -66.02
CA GLU F 728 24.55 -3.49 -65.24
C GLU F 728 24.51 -4.50 -64.11
N ILE F 729 24.43 -3.98 -62.88
CA ILE F 729 24.40 -4.81 -61.68
C ILE F 729 22.98 -4.80 -61.12
N LEU F 730 22.41 -5.98 -60.93
CA LEU F 730 21.05 -6.13 -60.40
C LEU F 730 21.08 -7.14 -59.26
N PRO F 731 20.62 -6.80 -58.07
CA PRO F 731 20.54 -7.78 -56.99
C PRO F 731 19.52 -8.86 -57.30
N VAL F 732 19.86 -10.10 -56.96
CA VAL F 732 19.01 -11.26 -57.21
C VAL F 732 18.42 -11.82 -55.92
N SER F 733 19.25 -12.00 -54.90
CA SER F 733 18.81 -12.60 -53.65
C SER F 733 19.47 -11.87 -52.49
N MET F 734 18.96 -12.14 -51.29
CA MET F 734 19.49 -11.59 -50.05
C MET F 734 19.84 -12.74 -49.11
N THR F 735 20.23 -12.41 -47.88
CA THR F 735 20.63 -13.40 -46.90
C THR F 735 19.40 -14.07 -46.30
N LYS F 736 19.41 -15.40 -46.26
CA LYS F 736 18.32 -16.17 -45.66
C LYS F 736 18.55 -16.26 -44.16
N THR F 737 17.65 -15.65 -43.39
CA THR F 737 17.80 -15.56 -41.94
C THR F 737 16.60 -16.21 -41.27
N SER F 738 16.86 -16.93 -40.17
CA SER F 738 15.82 -17.54 -39.36
C SER F 738 16.01 -17.13 -37.91
N VAL F 739 14.89 -16.99 -37.20
CA VAL F 739 14.88 -16.59 -35.81
C VAL F 739 14.07 -17.60 -35.00
N ASP F 740 14.61 -18.01 -33.85
CA ASP F 740 13.94 -18.98 -33.01
C ASP F 740 12.79 -18.36 -32.22
N CYS F 741 12.86 -17.06 -31.95
CA CYS F 741 11.85 -16.26 -31.24
C CYS F 741 11.82 -16.58 -29.76
N THR F 742 12.54 -17.62 -29.33
CA THR F 742 12.58 -18.02 -27.94
C THR F 742 13.94 -17.78 -27.31
N MET F 743 15.01 -18.22 -27.97
CA MET F 743 16.35 -17.93 -27.48
C MET F 743 16.66 -16.44 -27.55
N TYR F 744 16.02 -15.73 -28.48
CA TYR F 744 16.22 -14.29 -28.60
C TYR F 744 15.50 -13.52 -27.49
N ILE F 745 14.21 -13.80 -27.30
CA ILE F 745 13.43 -13.05 -26.33
C ILE F 745 13.78 -13.46 -24.91
N CYS F 746 13.93 -14.76 -24.67
CA CYS F 746 14.18 -15.29 -23.34
C CYS F 746 15.55 -15.90 -23.16
N GLY F 747 15.93 -16.85 -24.01
CA GLY F 747 17.19 -17.54 -23.86
C GLY F 747 17.03 -18.83 -23.08
N ASP F 748 17.40 -18.81 -21.80
CA ASP F 748 17.30 -19.97 -20.93
C ASP F 748 16.19 -19.87 -19.91
N SER F 749 15.55 -18.71 -19.78
CA SER F 749 14.53 -18.52 -18.76
C SER F 749 13.25 -19.25 -19.16
N THR F 750 12.81 -20.17 -18.30
CA THR F 750 11.56 -20.89 -18.56
C THR F 750 10.34 -20.06 -18.16
N GLU F 751 10.46 -19.21 -17.15
CA GLU F 751 9.36 -18.33 -16.79
C GLU F 751 9.07 -17.34 -17.91
N CYS F 752 10.12 -16.80 -18.53
CA CYS F 752 9.95 -15.93 -19.68
C CYS F 752 9.25 -16.66 -20.83
N SER F 753 9.58 -17.93 -21.03
CA SER F 753 8.93 -18.71 -22.08
C SER F 753 7.45 -18.93 -21.76
N ASN F 754 7.14 -19.23 -20.50
CA ASN F 754 5.74 -19.41 -20.12
C ASN F 754 4.95 -18.10 -20.28
N LEU F 755 5.60 -16.97 -20.02
CA LEU F 755 4.94 -15.68 -20.21
C LEU F 755 4.77 -15.37 -21.70
N LEU F 756 5.75 -15.74 -22.52
CA LEU F 756 5.65 -15.52 -23.96
C LEU F 756 4.59 -16.39 -24.60
N LEU F 757 4.32 -17.57 -24.01
CA LEU F 757 3.28 -18.44 -24.52
C LEU F 757 1.90 -17.79 -24.50
N GLN F 758 1.71 -16.76 -23.66
CA GLN F 758 0.42 -16.09 -23.54
C GLN F 758 0.21 -14.99 -24.59
N TYR F 759 1.19 -14.74 -25.45
CA TYR F 759 1.08 -13.70 -26.46
C TYR F 759 0.52 -14.19 -27.78
N GLY F 760 0.22 -15.48 -27.90
CA GLY F 760 -0.39 -15.99 -29.11
C GLY F 760 0.57 -16.61 -30.09
N SER F 761 0.25 -16.52 -31.38
CA SER F 761 1.03 -17.13 -32.45
C SER F 761 1.88 -16.12 -33.21
N PHE F 762 2.38 -15.08 -32.52
CA PHE F 762 3.27 -14.14 -33.18
C PHE F 762 4.56 -14.82 -33.62
N CYS F 763 5.07 -15.74 -32.80
CA CYS F 763 6.25 -16.51 -33.18
C CYS F 763 5.99 -17.32 -34.45
N THR F 764 4.80 -17.91 -34.56
CA THR F 764 4.46 -18.68 -35.75
C THR F 764 4.44 -17.79 -36.99
N GLN F 765 3.85 -16.59 -36.87
CA GLN F 765 3.82 -15.66 -37.99
C GLN F 765 5.23 -15.24 -38.40
N LEU F 766 6.07 -14.93 -37.42
CA LEU F 766 7.44 -14.51 -37.72
C LEU F 766 8.22 -15.62 -38.42
N LYS F 767 8.12 -16.84 -37.89
CA LYS F 767 8.80 -17.98 -38.49
C LYS F 767 8.29 -18.25 -39.91
N ARG F 768 6.98 -18.14 -40.11
CA ARG F 768 6.40 -18.36 -41.43
C ARG F 768 6.88 -17.31 -42.42
N ALA F 769 6.93 -16.04 -42.01
CA ALA F 769 7.40 -14.99 -42.89
C ALA F 769 8.87 -15.18 -43.24
N LEU F 770 9.70 -15.55 -42.26
CA LEU F 770 11.11 -15.77 -42.53
C LEU F 770 11.31 -16.96 -43.47
N THR F 771 10.54 -18.04 -43.27
CA THR F 771 10.64 -19.19 -44.17
C THR F 771 10.20 -18.83 -45.57
N GLY F 772 9.13 -18.03 -45.69
CA GLY F 772 8.70 -17.57 -47.01
C GLY F 772 9.76 -16.75 -47.71
N ILE F 773 10.41 -15.84 -46.99
CA ILE F 773 11.49 -15.05 -47.58
C ILE F 773 12.64 -15.95 -48.01
N ALA F 774 12.99 -16.93 -47.17
CA ALA F 774 14.10 -17.83 -47.49
C ALA F 774 13.81 -18.64 -48.74
N VAL F 775 12.58 -19.14 -48.88
CA VAL F 775 12.21 -19.89 -50.07
C VAL F 775 12.16 -18.97 -51.28
N GLU F 776 11.70 -17.74 -51.10
CA GLU F 776 11.61 -16.80 -52.21
C GLU F 776 12.97 -16.42 -52.74
N GLN F 777 13.99 -16.36 -51.89
CA GLN F 777 15.34 -16.05 -52.37
C GLN F 777 15.84 -17.12 -53.32
N ASP F 778 15.69 -18.40 -52.93
CA ASP F 778 16.09 -19.49 -53.81
C ASP F 778 15.24 -19.52 -55.08
N LYS F 779 13.95 -19.19 -54.96
CA LYS F 779 13.10 -19.12 -56.14
C LYS F 779 13.57 -18.05 -57.11
N ASN F 780 13.95 -16.88 -56.59
CA ASN F 780 14.48 -15.81 -57.44
C ASN F 780 15.78 -16.22 -58.11
N THR F 781 16.68 -16.85 -57.35
CA THR F 781 17.93 -17.33 -57.94
C THR F 781 17.66 -18.34 -59.05
N GLN F 782 16.72 -19.27 -58.82
CA GLN F 782 16.38 -20.26 -59.85
C GLN F 782 15.79 -19.59 -61.08
N GLU F 783 14.90 -18.62 -60.90
CA GLU F 783 14.28 -17.95 -62.04
C GLU F 783 15.28 -17.10 -62.81
N VAL F 784 16.30 -16.58 -62.13
CA VAL F 784 17.28 -15.73 -62.82
C VAL F 784 18.31 -16.58 -63.56
N PHE F 785 18.92 -17.54 -62.88
CA PHE F 785 20.06 -18.26 -63.45
C PHE F 785 19.68 -19.58 -64.10
N ALA F 786 18.70 -20.29 -63.57
CA ALA F 786 18.32 -21.61 -64.10
C ALA F 786 17.23 -21.48 -65.17
N GLN F 787 17.64 -20.95 -66.32
CA GLN F 787 16.75 -20.81 -67.47
C GLN F 787 17.08 -21.76 -68.60
N VAL F 788 18.26 -22.37 -68.60
CA VAL F 788 18.65 -23.33 -69.63
C VAL F 788 18.26 -24.72 -69.19
N LYS F 789 17.79 -25.53 -70.15
CA LYS F 789 17.44 -26.91 -69.86
C LYS F 789 18.67 -27.80 -69.76
N GLN F 790 19.65 -27.57 -70.63
CA GLN F 790 20.87 -28.36 -70.66
C GLN F 790 22.08 -27.47 -70.43
N ILE F 791 23.12 -28.04 -69.84
CA ILE F 791 24.35 -27.32 -69.53
C ILE F 791 25.22 -27.36 -70.79
N TYR F 792 25.26 -26.25 -71.52
CA TYR F 792 26.06 -26.17 -72.74
C TYR F 792 27.51 -25.86 -72.41
N LYS F 793 28.41 -26.46 -73.18
CA LYS F 793 29.85 -26.28 -72.99
C LYS F 793 30.47 -25.69 -74.25
N THR F 794 31.55 -24.96 -74.06
CA THR F 794 32.28 -24.37 -75.17
C THR F 794 33.21 -25.40 -75.80
N PRO F 795 33.39 -25.36 -77.12
CA PRO F 795 34.30 -26.32 -77.78
C PRO F 795 35.73 -26.09 -77.34
N PRO F 796 36.60 -27.10 -77.48
CA PRO F 796 38.00 -26.91 -77.07
C PRO F 796 38.73 -25.83 -77.86
N ILE F 797 38.36 -25.63 -79.12
CA ILE F 797 38.91 -24.55 -79.94
C ILE F 797 38.05 -23.33 -79.73
N LYS F 798 38.64 -22.27 -79.16
CA LYS F 798 37.91 -21.06 -78.79
C LYS F 798 38.13 -19.92 -79.78
N TYR F 799 38.23 -20.24 -81.07
CA TYR F 799 38.30 -19.22 -82.11
C TYR F 799 36.88 -18.90 -82.59
N PHE F 800 36.44 -17.67 -82.37
CA PHE F 800 35.10 -17.26 -82.75
C PHE F 800 35.15 -16.09 -83.74
N GLY F 801 36.03 -16.18 -84.73
CA GLY F 801 36.15 -15.14 -85.73
C GLY F 801 36.94 -13.93 -85.31
N GLY F 802 37.73 -14.04 -84.24
CA GLY F 802 38.51 -12.93 -83.73
C GLY F 802 38.00 -12.35 -82.44
N PHE F 803 36.81 -12.75 -81.99
CA PHE F 803 36.25 -12.25 -80.74
C PHE F 803 36.82 -13.04 -79.58
N ASN F 804 37.41 -12.33 -78.61
CA ASN F 804 38.07 -12.95 -77.46
C ASN F 804 37.10 -12.92 -76.28
N PHE F 805 36.66 -14.12 -75.85
CA PHE F 805 35.77 -14.25 -74.71
C PHE F 805 36.48 -14.83 -73.49
N SER F 806 37.81 -14.80 -73.47
CA SER F 806 38.55 -15.40 -72.37
C SER F 806 38.25 -14.72 -71.04
N GLN F 807 37.95 -13.42 -71.07
CA GLN F 807 37.68 -12.70 -69.83
C GLN F 807 36.30 -13.01 -69.27
N ILE F 808 35.42 -13.61 -70.06
CA ILE F 808 34.09 -14.00 -69.58
C ILE F 808 33.90 -15.51 -69.54
N LEU F 809 34.68 -16.28 -70.29
CA LEU F 809 34.59 -17.73 -70.21
C LEU F 809 35.25 -18.24 -68.93
N PRO F 810 34.81 -19.39 -68.42
CA PRO F 810 35.39 -19.91 -67.18
C PRO F 810 36.86 -20.28 -67.36
N ASP F 811 37.67 -19.88 -66.38
CA ASP F 811 39.10 -20.16 -66.41
C ASP F 811 39.35 -21.48 -65.69
N PRO F 812 39.78 -22.53 -66.38
CA PRO F 812 39.99 -23.82 -65.70
C PRO F 812 41.21 -23.86 -64.80
N SER F 813 42.09 -22.86 -64.86
CA SER F 813 43.28 -22.87 -64.02
C SER F 813 42.94 -22.60 -62.56
N LYS F 814 41.88 -21.84 -62.29
CA LYS F 814 41.49 -21.54 -60.93
C LYS F 814 40.70 -22.71 -60.34
N PRO F 815 40.76 -22.89 -59.02
CA PRO F 815 39.93 -23.94 -58.39
C PRO F 815 38.45 -23.75 -58.67
N SER F 816 37.92 -22.56 -58.44
CA SER F 816 36.55 -22.23 -58.83
C SER F 816 36.54 -21.90 -60.32
N LYS F 817 35.72 -22.61 -61.09
CA LYS F 817 35.67 -22.45 -62.54
C LYS F 817 34.89 -21.19 -62.91
N ARG F 818 35.44 -20.04 -62.49
CA ARG F 818 34.87 -18.74 -62.80
C ARG F 818 35.77 -18.00 -63.79
N SER F 819 35.21 -16.97 -64.40
CA SER F 819 35.95 -16.13 -65.32
C SER F 819 36.76 -15.10 -64.54
N PRO F 820 37.76 -14.49 -65.19
CA PRO F 820 38.49 -13.40 -64.52
C PRO F 820 37.58 -12.27 -64.03
N ILE F 821 36.59 -11.89 -64.84
CA ILE F 821 35.65 -10.86 -64.41
C ILE F 821 34.83 -11.34 -63.22
N GLU F 822 34.37 -12.60 -63.27
CA GLU F 822 33.62 -13.15 -62.14
C GLU F 822 34.50 -13.24 -60.90
N ASP F 823 35.78 -13.57 -61.07
CA ASP F 823 36.68 -13.62 -59.93
C ASP F 823 36.87 -12.23 -59.33
N LEU F 824 37.03 -11.21 -60.17
CA LEU F 824 37.16 -9.84 -59.65
C LEU F 824 35.89 -9.41 -58.93
N LEU F 825 34.73 -9.75 -59.48
CA LEU F 825 33.46 -9.39 -58.83
C LEU F 825 33.30 -10.10 -57.50
N PHE F 826 33.72 -11.37 -57.43
CA PHE F 826 33.65 -12.11 -56.17
C PHE F 826 34.61 -11.54 -55.14
N ASN F 827 35.78 -11.08 -55.58
CA ASN F 827 36.74 -10.50 -54.65
C ASN F 827 36.32 -9.11 -54.17
N LYS F 828 35.61 -8.36 -55.01
CA LYS F 828 35.20 -7.00 -54.64
C LYS F 828 34.03 -6.97 -53.67
N VAL F 829 33.33 -8.08 -53.48
CA VAL F 829 32.21 -8.14 -52.53
C VAL F 829 32.74 -8.67 -51.20
N THR F 830 32.60 -7.88 -50.15
CA THR F 830 33.05 -8.28 -48.82
C THR F 830 31.89 -8.43 -47.85
N PHE F 858 23.90 -13.20 -32.57
CA PHE F 858 23.89 -14.65 -32.70
C PHE F 858 23.12 -15.29 -31.55
N ASN F 859 22.17 -14.53 -31.00
CA ASN F 859 21.31 -15.01 -29.91
C ASN F 859 20.02 -15.52 -30.53
N GLY F 860 20.10 -16.70 -31.14
CA GLY F 860 18.98 -17.27 -31.83
C GLY F 860 18.86 -16.90 -33.29
N LEU F 861 19.85 -16.20 -33.84
CA LEU F 861 19.84 -15.78 -35.23
C LEU F 861 20.70 -16.74 -36.04
N THR F 862 20.12 -17.30 -37.10
CA THR F 862 20.80 -18.27 -37.95
C THR F 862 20.71 -17.82 -39.40
N VAL F 863 21.84 -17.88 -40.11
CA VAL F 863 21.89 -17.56 -41.52
C VAL F 863 21.85 -18.85 -42.32
N LEU F 864 20.83 -19.01 -43.15
CA LEU F 864 20.68 -20.23 -43.93
C LEU F 864 21.45 -20.11 -45.24
N PRO F 865 22.24 -21.13 -45.60
CA PRO F 865 22.99 -21.04 -46.85
C PRO F 865 22.07 -21.18 -48.04
N PRO F 866 22.42 -20.57 -49.18
CA PRO F 866 21.60 -20.70 -50.38
C PRO F 866 21.58 -22.14 -50.90
N LEU F 867 20.52 -22.45 -51.64
CA LEU F 867 20.40 -23.78 -52.23
C LEU F 867 21.47 -23.99 -53.31
N LEU F 868 21.55 -23.07 -54.27
CA LEU F 868 22.55 -23.15 -55.32
C LEU F 868 23.83 -22.48 -54.83
N THR F 869 24.93 -23.24 -54.85
CA THR F 869 26.21 -22.69 -54.45
C THR F 869 26.74 -21.74 -55.53
N ASP F 870 27.80 -21.01 -55.18
CA ASP F 870 28.43 -20.11 -56.15
C ASP F 870 28.98 -20.88 -57.34
N GLU F 871 29.45 -22.11 -57.12
CA GLU F 871 29.94 -22.92 -58.24
C GLU F 871 28.81 -23.29 -59.19
N MET F 872 27.63 -23.60 -58.65
CA MET F 872 26.50 -23.94 -59.51
C MET F 872 26.00 -22.73 -60.29
N ILE F 873 26.02 -21.55 -59.65
CA ILE F 873 25.64 -20.34 -60.37
C ILE F 873 26.66 -20.03 -61.47
N ALA F 874 27.95 -20.27 -61.18
CA ALA F 874 28.97 -20.08 -62.20
C ALA F 874 28.80 -21.07 -63.35
N GLN F 875 28.39 -22.30 -63.05
CA GLN F 875 28.14 -23.27 -64.10
C GLN F 875 26.94 -22.87 -64.95
N TYR F 876 25.88 -22.36 -64.31
CA TYR F 876 24.73 -21.87 -65.07
C TYR F 876 25.14 -20.70 -65.97
N THR F 877 25.95 -19.78 -65.45
CA THR F 877 26.41 -18.65 -66.26
C THR F 877 27.28 -19.13 -67.42
N SER F 878 28.13 -20.11 -67.18
CA SER F 878 28.97 -20.66 -68.24
C SER F 878 28.13 -21.34 -69.31
N ALA F 879 27.07 -22.04 -68.89
CA ALA F 879 26.17 -22.67 -69.87
C ALA F 879 25.46 -21.61 -70.70
N LEU F 880 24.99 -20.55 -70.05
CA LEU F 880 24.36 -19.45 -70.78
C LEU F 880 25.32 -18.85 -71.79
N LEU F 881 26.57 -18.60 -71.38
CA LEU F 881 27.55 -18.00 -72.28
C LEU F 881 27.87 -18.92 -73.45
N ALA F 882 28.05 -20.22 -73.17
CA ALA F 882 28.35 -21.17 -74.23
C ALA F 882 27.20 -21.27 -75.22
N GLY F 883 25.97 -21.31 -74.72
CA GLY F 883 24.82 -21.32 -75.61
C GLY F 883 24.73 -20.06 -76.46
N THR F 884 25.02 -18.91 -75.86
CA THR F 884 24.96 -17.66 -76.60
C THR F 884 26.03 -17.58 -77.67
N ILE F 885 27.23 -18.09 -77.38
CA ILE F 885 28.32 -17.97 -78.34
C ILE F 885 28.30 -19.07 -79.40
N THR F 886 27.67 -20.21 -79.13
CA THR F 886 27.64 -21.30 -80.09
C THR F 886 26.33 -21.39 -80.87
N SER F 887 25.22 -20.92 -80.32
CA SER F 887 23.92 -21.02 -80.97
C SER F 887 23.19 -19.68 -81.09
N GLY F 888 23.65 -18.64 -80.39
CA GLY F 888 22.99 -17.35 -80.46
C GLY F 888 21.74 -17.26 -79.62
N TRP F 889 20.59 -17.15 -80.29
CA TRP F 889 19.30 -17.03 -79.62
C TRP F 889 18.43 -18.28 -79.79
N THR F 890 18.94 -19.31 -80.47
CA THR F 890 18.12 -20.48 -80.76
C THR F 890 17.94 -21.37 -79.54
N PHE F 891 18.92 -21.42 -78.64
CA PHE F 891 18.81 -22.29 -77.47
C PHE F 891 17.78 -21.77 -76.47
N GLY F 892 17.38 -20.49 -76.58
CA GLY F 892 16.38 -19.96 -75.68
C GLY F 892 14.96 -20.30 -76.10
N ALA F 893 14.74 -20.53 -77.40
CA ALA F 893 13.41 -20.87 -77.90
C ALA F 893 13.21 -22.37 -78.07
N GLY F 894 14.28 -23.11 -78.34
CA GLY F 894 14.18 -24.54 -78.54
C GLY F 894 15.53 -25.22 -78.44
N PRO F 895 15.80 -26.17 -79.33
CA PRO F 895 17.09 -26.86 -79.31
C PRO F 895 18.21 -25.94 -79.77
N ALA F 896 19.42 -26.23 -79.29
CA ALA F 896 20.59 -25.45 -79.64
C ALA F 896 20.96 -25.70 -81.10
N LEU F 897 21.01 -24.63 -81.89
CA LEU F 897 21.34 -24.69 -83.31
C LEU F 897 22.70 -24.03 -83.51
N GLN F 898 23.71 -24.84 -83.80
CA GLN F 898 25.07 -24.32 -83.95
C GLN F 898 25.15 -23.34 -85.10
N ILE F 899 25.96 -22.30 -84.93
CA ILE F 899 26.13 -21.25 -85.93
C ILE F 899 27.44 -20.54 -85.66
N PRO F 900 28.26 -20.24 -86.67
CA PRO F 900 29.48 -19.49 -86.43
C PRO F 900 29.18 -18.09 -85.90
N PHE F 901 30.05 -17.61 -85.01
CA PHE F 901 29.81 -16.32 -84.37
C PHE F 901 29.78 -15.14 -85.33
N PRO F 902 30.59 -15.08 -86.40
CA PRO F 902 30.42 -13.98 -87.35
C PRO F 902 29.04 -13.93 -87.98
N MET F 903 28.46 -15.08 -88.32
CA MET F 903 27.12 -15.08 -88.89
C MET F 903 26.07 -14.67 -87.86
N GLN F 904 26.27 -15.05 -86.59
CA GLN F 904 25.37 -14.61 -85.53
C GLN F 904 25.43 -13.10 -85.38
N MET F 905 26.64 -12.53 -85.38
CA MET F 905 26.78 -11.08 -85.30
C MET F 905 26.18 -10.39 -86.52
N ALA F 906 26.27 -11.03 -87.69
CA ALA F 906 25.65 -10.45 -88.88
C ALA F 906 24.14 -10.45 -88.76
N TYR F 907 23.56 -11.53 -88.22
CA TYR F 907 22.12 -11.56 -88.00
C TYR F 907 21.69 -10.52 -86.99
N ARG F 908 22.52 -10.29 -85.96
CA ARG F 908 22.19 -9.25 -84.97
C ARG F 908 22.29 -7.85 -85.59
N PHE F 909 23.29 -7.63 -86.44
CA PHE F 909 23.37 -6.37 -87.16
C PHE F 909 22.17 -6.16 -88.07
N ASN F 910 21.69 -7.23 -88.71
CA ASN F 910 20.47 -7.14 -89.49
C ASN F 910 19.27 -6.82 -88.60
N GLY F 911 19.28 -7.36 -87.38
CA GLY F 911 18.21 -7.07 -86.44
C GLY F 911 18.18 -5.63 -85.98
N ILE F 912 19.36 -5.00 -85.83
CA ILE F 912 19.40 -3.60 -85.43
C ILE F 912 19.21 -2.64 -86.61
N GLY F 913 19.10 -3.16 -87.83
CA GLY F 913 18.89 -2.33 -88.98
C GLY F 913 20.10 -2.05 -89.84
N VAL F 914 21.17 -2.82 -89.70
CA VAL F 914 22.39 -2.65 -90.47
C VAL F 914 22.62 -3.89 -91.32
N THR F 915 23.00 -3.69 -92.58
CA THR F 915 23.23 -4.80 -93.48
C THR F 915 24.42 -5.63 -93.00
N GLN F 916 24.36 -6.94 -93.26
CA GLN F 916 25.37 -7.87 -92.79
C GLN F 916 26.73 -7.67 -93.48
N ASN F 917 26.73 -7.09 -94.68
CA ASN F 917 28.01 -6.83 -95.34
C ASN F 917 28.84 -5.82 -94.58
N VAL F 918 28.20 -4.96 -93.78
CA VAL F 918 28.94 -4.01 -92.96
C VAL F 918 29.84 -4.75 -91.97
N LEU F 919 29.31 -5.80 -91.34
CA LEU F 919 30.13 -6.61 -90.45
C LEU F 919 31.11 -7.48 -91.24
N TYR F 920 30.63 -8.12 -92.31
CA TYR F 920 31.49 -9.05 -93.05
C TYR F 920 32.67 -8.34 -93.69
N GLU F 921 32.57 -7.03 -93.93
CA GLU F 921 33.67 -6.26 -94.48
C GLU F 921 34.53 -5.61 -93.40
N ASN F 922 33.95 -5.33 -92.24
CA ASN F 922 34.66 -4.72 -91.11
C ASN F 922 34.73 -5.68 -89.93
N GLN F 923 34.94 -6.97 -90.20
CA GLN F 923 34.91 -7.97 -89.13
C GLN F 923 36.08 -7.78 -88.16
N LYS F 924 37.28 -7.56 -88.69
CA LYS F 924 38.44 -7.40 -87.82
C LYS F 924 38.31 -6.16 -86.94
N LEU F 925 37.82 -5.06 -87.51
CA LEU F 925 37.64 -3.83 -86.74
C LEU F 925 36.64 -4.02 -85.61
N ILE F 926 35.51 -4.66 -85.89
CA ILE F 926 34.49 -4.87 -84.87
C ILE F 926 34.99 -5.84 -83.81
N ALA F 927 35.74 -6.86 -84.21
CA ALA F 927 36.31 -7.78 -83.24
C ALA F 927 37.32 -7.08 -82.32
N ASN F 928 38.16 -6.22 -82.90
CA ASN F 928 39.12 -5.47 -82.08
C ASN F 928 38.40 -4.51 -81.14
N GLN F 929 37.35 -3.85 -81.60
CA GLN F 929 36.58 -2.96 -80.73
C GLN F 929 35.95 -3.74 -79.59
N PHE F 930 35.38 -4.92 -79.88
CA PHE F 930 34.79 -5.73 -78.84
C PHE F 930 35.84 -6.18 -77.82
N ASN F 931 37.01 -6.60 -78.30
CA ASN F 931 38.07 -7.02 -77.39
C ASN F 931 38.53 -5.86 -76.51
N SER F 932 38.68 -4.68 -77.10
CA SER F 932 39.10 -3.51 -76.33
C SER F 932 38.05 -3.12 -75.30
N ALA F 933 36.77 -3.21 -75.65
CA ALA F 933 35.72 -2.90 -74.69
C ALA F 933 35.69 -3.91 -73.55
N ILE F 934 35.85 -5.20 -73.87
CA ILE F 934 35.90 -6.22 -72.82
C ILE F 934 37.09 -5.99 -71.90
N GLY F 935 38.24 -5.61 -72.48
CA GLY F 935 39.39 -5.30 -71.65
C GLY F 935 39.18 -4.09 -70.77
N LYS F 936 38.53 -3.05 -71.30
CA LYS F 936 38.24 -1.86 -70.52
C LYS F 936 37.20 -2.12 -69.43
N ILE F 937 36.36 -3.15 -69.60
CA ILE F 937 35.39 -3.49 -68.56
C ILE F 937 36.12 -3.88 -67.27
N GLN F 938 37.16 -4.70 -67.39
CA GLN F 938 37.93 -5.10 -66.21
C GLN F 938 38.56 -3.89 -65.52
N ASP F 939 39.06 -2.94 -66.29
CA ASP F 939 39.64 -1.75 -65.70
C ASP F 939 38.58 -0.89 -65.02
N SER F 940 37.41 -0.76 -65.62
CA SER F 940 36.33 0.01 -65.03
C SER F 940 35.74 -0.65 -63.80
N LEU F 941 35.92 -1.97 -63.66
CA LEU F 941 35.46 -2.67 -62.47
C LEU F 941 36.54 -2.77 -61.39
N PHE F 942 37.79 -2.99 -61.80
CA PHE F 942 38.87 -3.14 -60.82
C PHE F 942 39.26 -1.81 -60.18
N SER F 943 39.08 -0.70 -60.91
CA SER F 943 39.48 0.59 -60.39
C SER F 943 38.36 1.27 -59.61
N THR F 944 37.17 1.35 -60.19
CA THR F 944 36.05 2.02 -59.52
C THR F 944 35.50 1.13 -58.42
N PRO F 945 35.56 1.55 -57.14
CA PRO F 945 35.04 0.71 -56.06
C PRO F 945 33.53 0.72 -55.94
N SER F 946 32.86 1.72 -56.51
CA SER F 946 31.41 1.83 -56.42
C SER F 946 30.68 1.11 -57.55
N ALA F 947 31.34 0.17 -58.22
CA ALA F 947 30.70 -0.57 -59.30
C ALA F 947 29.66 -1.55 -58.76
N LEU F 948 29.99 -2.26 -57.68
CA LEU F 948 29.08 -3.22 -57.05
C LEU F 948 28.32 -2.59 -55.88
N GLY F 949 28.02 -1.30 -55.99
CA GLY F 949 27.39 -0.58 -54.90
C GLY F 949 26.05 -1.17 -54.49
N LYS F 950 25.27 -1.67 -55.43
CA LYS F 950 23.96 -2.21 -55.10
C LYS F 950 24.08 -3.47 -54.25
N LEU F 951 24.91 -4.41 -54.67
CA LEU F 951 25.12 -5.63 -53.88
C LEU F 951 25.73 -5.30 -52.54
N GLN F 952 26.70 -4.37 -52.52
CA GLN F 952 27.30 -3.98 -51.25
C GLN F 952 26.28 -3.36 -50.32
N ASP F 953 25.37 -2.55 -50.85
CA ASP F 953 24.33 -1.95 -50.02
C ASP F 953 23.36 -2.98 -49.51
N VAL F 954 23.02 -3.98 -50.32
CA VAL F 954 22.16 -5.06 -49.85
C VAL F 954 22.80 -5.79 -48.68
N VAL F 955 24.08 -6.16 -48.84
CA VAL F 955 24.80 -6.87 -47.79
C VAL F 955 24.88 -6.00 -46.54
N ASN F 956 25.18 -4.71 -46.70
CA ASN F 956 25.31 -3.82 -45.55
C ASN F 956 23.97 -3.62 -44.84
N HIS F 957 22.88 -3.56 -45.60
CA HIS F 957 21.57 -3.41 -44.98
C HIS F 957 21.21 -4.65 -44.18
N ASN F 958 21.47 -5.85 -44.74
CA ASN F 958 21.23 -7.07 -43.98
C ASN F 958 22.07 -7.10 -42.70
N ALA F 959 23.35 -6.75 -42.81
CA ALA F 959 24.23 -6.77 -41.64
C ALA F 959 23.78 -5.76 -40.60
N GLN F 960 23.36 -4.57 -41.03
CA GLN F 960 22.89 -3.56 -40.08
C GLN F 960 21.59 -3.98 -39.42
N ALA F 961 20.70 -4.63 -40.17
CA ALA F 961 19.47 -5.15 -39.57
C ALA F 961 19.79 -6.18 -38.50
N LEU F 962 20.68 -7.13 -38.81
CA LEU F 962 21.05 -8.14 -37.83
C LEU F 962 21.71 -7.51 -36.60
N ASN F 963 22.59 -6.52 -36.82
CA ASN F 963 23.28 -5.89 -35.70
C ASN F 963 22.31 -5.11 -34.82
N THR F 964 21.35 -4.40 -35.43
CA THR F 964 20.36 -3.70 -34.64
C THR F 964 19.48 -4.67 -33.86
N LEU F 965 19.09 -5.78 -34.50
CA LEU F 965 18.27 -6.77 -33.81
C LEU F 965 19.00 -7.37 -32.62
N VAL F 966 20.30 -7.64 -32.76
CA VAL F 966 21.06 -8.23 -31.67
C VAL F 966 21.45 -7.20 -30.61
N LYS F 967 21.52 -5.91 -30.97
CA LYS F 967 21.80 -4.87 -29.99
C LYS F 967 20.56 -4.42 -29.23
N GLN F 968 19.37 -4.66 -29.78
CA GLN F 968 18.15 -4.34 -29.05
C GLN F 968 17.98 -5.20 -27.79
N LEU F 969 18.75 -6.29 -27.67
CA LEU F 969 18.69 -7.10 -26.46
C LEU F 969 19.28 -6.38 -25.25
N SER F 970 20.13 -5.37 -25.47
CA SER F 970 20.71 -4.61 -24.37
C SER F 970 19.79 -3.50 -23.86
N SER F 971 18.70 -3.21 -24.58
CA SER F 971 17.77 -2.18 -24.16
C SER F 971 16.91 -2.68 -23.00
N LYS F 972 16.61 -1.76 -22.07
CA LYS F 972 15.80 -2.11 -20.91
C LYS F 972 14.31 -2.01 -21.18
N PHE F 973 13.90 -1.14 -22.09
CA PHE F 973 12.48 -0.92 -22.41
C PHE F 973 11.69 -0.55 -21.16
N GLY F 974 12.29 0.29 -20.31
CA GLY F 974 11.66 0.71 -19.08
C GLY F 974 11.85 -0.23 -17.91
N ALA F 975 12.43 -1.40 -18.12
CA ALA F 975 12.67 -2.34 -17.03
C ALA F 975 13.91 -1.93 -16.24
N ILE F 976 14.14 -2.65 -15.13
CA ILE F 976 15.28 -2.34 -14.29
C ILE F 976 16.58 -2.79 -14.95
N SER F 977 16.53 -3.83 -15.78
CA SER F 977 17.73 -4.34 -16.43
C SER F 977 17.31 -5.13 -17.67
N SER F 978 18.28 -5.37 -18.55
CA SER F 978 18.07 -6.14 -19.76
C SER F 978 18.41 -7.62 -19.58
N VAL F 979 18.90 -8.01 -18.41
CA VAL F 979 19.26 -9.39 -18.12
C VAL F 979 18.11 -10.06 -17.38
N LEU F 980 17.63 -11.18 -17.92
CA LEU F 980 16.53 -11.89 -17.28
C LEU F 980 16.97 -12.52 -15.96
N ASN F 981 18.19 -13.05 -15.90
CA ASN F 981 18.67 -13.69 -14.69
C ASN F 981 18.80 -12.69 -13.55
N ASP F 982 19.25 -11.47 -13.85
CA ASP F 982 19.35 -10.44 -12.81
C ASP F 982 17.99 -10.07 -12.27
N ILE F 983 16.99 -9.93 -13.15
CA ILE F 983 15.64 -9.62 -12.69
C ILE F 983 15.07 -10.76 -11.86
N LEU F 984 15.32 -12.00 -12.27
CA LEU F 984 14.81 -13.14 -11.51
C LEU F 984 15.50 -13.28 -10.16
N SER F 985 16.77 -12.91 -10.06
CA SER F 985 17.49 -13.06 -8.81
C SER F 985 17.30 -11.89 -7.85
N ARG F 986 17.04 -10.70 -8.37
CA ARG F 986 16.91 -9.51 -7.52
C ARG F 986 15.49 -9.28 -7.02
N LEU F 987 14.49 -9.59 -7.84
CA LEU F 987 13.11 -9.28 -7.53
C LEU F 987 12.30 -10.56 -7.31
N ASP F 988 11.20 -10.42 -6.58
CA ASP F 988 10.32 -11.54 -6.34
C ASP F 988 9.49 -11.84 -7.59
N PRO F 989 8.97 -13.06 -7.71
CA PRO F 989 8.22 -13.46 -8.92
C PRO F 989 7.08 -12.49 -9.26
N PRO F 990 6.32 -11.96 -8.26
CA PRO F 990 5.23 -11.04 -8.62
C PRO F 990 5.62 -9.89 -9.55
N GLU F 991 6.60 -9.07 -9.17
CA GLU F 991 7.02 -7.97 -10.02
C GLU F 991 8.02 -8.39 -11.08
N ALA F 992 8.76 -9.49 -10.85
CA ALA F 992 9.58 -10.04 -11.92
C ALA F 992 8.74 -10.41 -13.12
N GLU F 993 7.49 -10.82 -12.91
CA GLU F 993 6.60 -11.14 -14.02
C GLU F 993 6.35 -9.92 -14.89
N VAL F 994 6.06 -8.76 -14.27
CA VAL F 994 5.78 -7.58 -15.08
C VAL F 994 7.06 -7.04 -15.72
N GLN F 995 8.20 -7.20 -15.04
CA GLN F 995 9.46 -6.79 -15.66
C GLN F 995 9.77 -7.63 -16.90
N ILE F 996 9.63 -8.96 -16.77
CA ILE F 996 9.83 -9.84 -17.91
C ILE F 996 8.80 -9.58 -18.99
N ASP F 997 7.59 -9.18 -18.60
CA ASP F 997 6.57 -8.86 -19.61
C ASP F 997 6.96 -7.62 -20.39
N ARG F 998 7.50 -6.60 -19.72
CA ARG F 998 7.98 -5.41 -20.43
C ARG F 998 9.13 -5.77 -21.37
N LEU F 999 10.07 -6.60 -20.90
CA LEU F 999 11.16 -7.03 -21.77
C LEU F 999 10.66 -7.81 -22.97
N ILE F 1000 9.68 -8.69 -22.75
CA ILE F 1000 9.11 -9.49 -23.83
C ILE F 1000 8.41 -8.60 -24.84
N THR F 1001 7.67 -7.60 -24.37
CA THR F 1001 7.00 -6.67 -25.27
C THR F 1001 8.02 -5.91 -26.12
N GLY F 1002 9.09 -5.42 -25.49
CA GLY F 1002 10.11 -4.70 -26.23
C GLY F 1002 10.79 -5.56 -27.28
N ARG F 1003 11.21 -6.77 -26.89
CA ARG F 1003 11.89 -7.65 -27.83
C ARG F 1003 10.97 -8.15 -28.92
N LEU F 1004 9.68 -8.32 -28.63
CA LEU F 1004 8.73 -8.74 -29.64
C LEU F 1004 8.46 -7.61 -30.63
N GLN F 1005 8.41 -6.36 -30.15
CA GLN F 1005 8.31 -5.23 -31.07
C GLN F 1005 9.55 -5.15 -31.95
N SER F 1006 10.73 -5.38 -31.38
CA SER F 1006 11.95 -5.37 -32.17
C SER F 1006 11.91 -6.46 -33.25
N LEU F 1007 11.49 -7.66 -32.88
CA LEU F 1007 11.40 -8.75 -33.85
C LEU F 1007 10.38 -8.45 -34.94
N GLN F 1008 9.23 -7.86 -34.57
CA GLN F 1008 8.22 -7.53 -35.56
C GLN F 1008 8.73 -6.46 -36.52
N THR F 1009 9.44 -5.46 -36.01
CA THR F 1009 10.02 -4.44 -36.87
C THR F 1009 11.04 -5.06 -37.83
N TYR F 1010 11.90 -5.95 -37.31
CA TYR F 1010 12.87 -6.61 -38.15
C TYR F 1010 12.19 -7.43 -39.25
N VAL F 1011 11.12 -8.15 -38.90
CA VAL F 1011 10.45 -8.99 -39.89
C VAL F 1011 9.74 -8.14 -40.93
N THR F 1012 9.16 -7.01 -40.51
CA THR F 1012 8.51 -6.12 -41.48
C THR F 1012 9.54 -5.52 -42.44
N GLN F 1013 10.68 -5.05 -41.91
CA GLN F 1013 11.73 -4.52 -42.78
C GLN F 1013 12.26 -5.60 -43.72
N GLN F 1014 12.38 -6.83 -43.22
CA GLN F 1014 12.85 -7.92 -44.07
C GLN F 1014 11.84 -8.23 -45.17
N LEU F 1015 10.53 -8.15 -44.86
CA LEU F 1015 9.52 -8.36 -45.88
C LEU F 1015 9.57 -7.28 -46.95
N ILE F 1016 9.77 -6.03 -46.54
CA ILE F 1016 9.85 -4.93 -47.50
C ILE F 1016 11.08 -5.10 -48.39
N ARG F 1017 12.24 -5.38 -47.79
CA ARG F 1017 13.45 -5.59 -48.57
C ARG F 1017 13.35 -6.82 -49.46
N ALA F 1018 12.61 -7.84 -49.01
CA ALA F 1018 12.43 -9.04 -49.83
C ALA F 1018 11.53 -8.74 -51.02
N ALA F 1019 10.51 -7.91 -50.84
CA ALA F 1019 9.70 -7.49 -51.98
C ALA F 1019 10.53 -6.69 -52.97
N GLU F 1020 11.39 -5.80 -52.48
CA GLU F 1020 12.27 -5.05 -53.37
C GLU F 1020 13.22 -5.98 -54.12
N ILE F 1021 13.80 -6.96 -53.41
CA ILE F 1021 14.71 -7.90 -54.05
C ILE F 1021 13.96 -8.78 -55.05
N ARG F 1022 12.70 -9.10 -54.77
CA ARG F 1022 11.91 -9.89 -55.72
C ARG F 1022 11.64 -9.10 -56.99
N ALA F 1023 11.31 -7.81 -56.85
CA ALA F 1023 11.15 -6.96 -58.03
C ALA F 1023 12.45 -6.88 -58.82
N SER F 1024 13.58 -6.69 -58.13
CA SER F 1024 14.86 -6.61 -58.82
C SER F 1024 15.20 -7.93 -59.52
N ALA F 1025 14.88 -9.05 -58.90
CA ALA F 1025 15.19 -10.35 -59.49
C ALA F 1025 14.29 -10.65 -60.67
N ASN F 1026 13.02 -10.24 -60.61
CA ASN F 1026 12.14 -10.36 -61.77
C ASN F 1026 12.66 -9.52 -62.93
N LEU F 1027 13.11 -8.29 -62.63
CA LEU F 1027 13.71 -7.47 -63.68
C LEU F 1027 14.95 -8.13 -64.25
N ALA F 1028 15.79 -8.72 -63.39
CA ALA F 1028 17.01 -9.38 -63.84
C ALA F 1028 16.70 -10.58 -64.72
N ALA F 1029 15.69 -11.37 -64.35
CA ALA F 1029 15.31 -12.51 -65.16
C ALA F 1029 14.73 -12.08 -66.50
N THR F 1030 13.92 -11.02 -66.51
CA THR F 1030 13.41 -10.49 -67.76
C THR F 1030 14.54 -10.01 -68.66
N LYS F 1031 15.52 -9.30 -68.09
CA LYS F 1031 16.64 -8.82 -68.88
C LYS F 1031 17.50 -9.97 -69.38
N MET F 1032 17.70 -11.00 -68.56
CA MET F 1032 18.40 -12.20 -69.02
C MET F 1032 17.69 -12.80 -70.23
N SER F 1033 16.39 -13.05 -70.11
CA SER F 1033 15.66 -13.69 -71.19
C SER F 1033 15.61 -12.84 -72.45
N GLU F 1034 15.56 -11.51 -72.31
CA GLU F 1034 15.36 -10.64 -73.46
C GLU F 1034 16.65 -10.09 -74.06
N CYS F 1035 17.78 -10.19 -73.36
CA CYS F 1035 19.06 -9.70 -73.88
C CYS F 1035 20.07 -10.80 -74.11
N VAL F 1036 20.10 -11.84 -73.27
CA VAL F 1036 21.04 -12.93 -73.43
C VAL F 1036 20.47 -14.03 -74.32
N LEU F 1037 19.23 -14.43 -74.07
CA LEU F 1037 18.59 -15.47 -74.86
C LEU F 1037 18.00 -14.94 -76.16
N GLY F 1038 18.03 -13.64 -76.39
CA GLY F 1038 17.50 -13.08 -77.62
C GLY F 1038 18.01 -11.66 -77.82
N GLN F 1039 17.53 -11.05 -78.89
CA GLN F 1039 17.88 -9.67 -79.24
C GLN F 1039 16.66 -8.79 -79.06
N SER F 1040 16.76 -7.80 -78.18
CA SER F 1040 15.64 -6.95 -77.83
C SER F 1040 15.74 -5.62 -78.56
N LYS F 1041 14.60 -5.13 -79.04
CA LYS F 1041 14.51 -3.82 -79.66
C LYS F 1041 14.02 -2.75 -78.69
N ARG F 1042 13.86 -3.09 -77.42
CA ARG F 1042 13.47 -2.12 -76.42
C ARG F 1042 14.61 -1.15 -76.14
N VAL F 1043 14.34 0.14 -76.27
CA VAL F 1043 15.39 1.15 -76.12
C VAL F 1043 15.79 1.25 -74.65
N ASP F 1044 17.10 1.27 -74.41
CA ASP F 1044 17.68 1.44 -73.08
C ASP F 1044 17.32 0.32 -72.12
N PHE F 1045 16.88 -0.83 -72.64
CA PHE F 1045 16.58 -1.99 -71.81
C PHE F 1045 17.74 -2.97 -71.72
N CYS F 1046 18.47 -3.15 -72.81
CA CYS F 1046 19.66 -4.01 -72.83
C CYS F 1046 20.92 -3.18 -73.08
N GLY F 1047 21.03 -2.03 -72.42
CA GLY F 1047 22.18 -1.16 -72.56
C GLY F 1047 21.84 0.09 -73.35
N LYS F 1048 22.79 1.03 -73.32
CA LYS F 1048 22.65 2.30 -74.02
C LYS F 1048 23.11 2.13 -75.46
N GLY F 1049 22.17 2.23 -76.40
CA GLY F 1049 22.44 2.08 -77.81
C GLY F 1049 21.66 0.93 -78.41
N TYR F 1050 21.97 0.63 -79.66
CA TYR F 1050 21.33 -0.48 -80.37
C TYR F 1050 21.89 -1.79 -79.85
N HIS F 1051 21.05 -2.56 -79.15
CA HIS F 1051 21.52 -3.77 -78.48
C HIS F 1051 21.86 -4.86 -79.49
N LEU F 1052 23.08 -5.37 -79.40
CA LEU F 1052 23.52 -6.51 -80.19
C LEU F 1052 23.36 -7.82 -79.41
N MET F 1053 24.03 -7.93 -78.27
CA MET F 1053 23.95 -9.12 -77.44
C MET F 1053 24.41 -8.76 -76.03
N SER F 1054 24.15 -9.67 -75.09
CA SER F 1054 24.51 -9.46 -73.70
C SER F 1054 25.13 -10.73 -73.14
N PHE F 1055 26.04 -10.55 -72.18
CA PHE F 1055 26.73 -11.67 -71.55
C PHE F 1055 26.51 -11.60 -70.04
N PRO F 1056 25.92 -12.63 -69.43
CA PRO F 1056 25.75 -12.62 -67.97
C PRO F 1056 27.02 -12.98 -67.25
N GLN F 1057 27.12 -12.51 -66.01
CA GLN F 1057 28.25 -12.81 -65.13
C GLN F 1057 27.73 -13.03 -63.71
N SER F 1058 28.19 -14.10 -63.08
CA SER F 1058 27.73 -14.43 -61.74
C SER F 1058 28.38 -13.48 -60.72
N ALA F 1059 27.56 -12.97 -59.80
CA ALA F 1059 28.02 -12.07 -58.76
C ALA F 1059 27.42 -12.49 -57.43
N PRO F 1060 28.09 -12.20 -56.32
CA PRO F 1060 27.53 -12.55 -55.00
C PRO F 1060 26.20 -11.86 -54.75
N HIS F 1061 25.14 -12.67 -54.64
CA HIS F 1061 23.78 -12.18 -54.42
C HIS F 1061 23.33 -11.24 -55.54
N GLY F 1062 23.83 -11.45 -56.75
CA GLY F 1062 23.45 -10.59 -57.84
C GLY F 1062 23.88 -11.17 -59.17
N VAL F 1063 23.76 -10.34 -60.22
CA VAL F 1063 24.13 -10.73 -61.57
C VAL F 1063 24.60 -9.48 -62.30
N VAL F 1064 25.58 -9.66 -63.18
CA VAL F 1064 26.16 -8.58 -63.97
C VAL F 1064 25.98 -8.91 -65.45
N PHE F 1065 25.40 -7.97 -66.20
CA PHE F 1065 25.17 -8.14 -67.63
C PHE F 1065 26.15 -7.26 -68.39
N LEU F 1066 26.84 -7.85 -69.36
CA LEU F 1066 27.76 -7.11 -70.24
C LEU F 1066 27.01 -6.86 -71.55
N HIS F 1067 26.37 -5.70 -71.63
CA HIS F 1067 25.54 -5.37 -72.79
C HIS F 1067 26.41 -4.84 -73.92
N VAL F 1068 26.44 -5.58 -75.04
CA VAL F 1068 27.14 -5.15 -76.23
C VAL F 1068 26.17 -4.37 -77.09
N THR F 1069 26.43 -3.08 -77.27
CA THR F 1069 25.53 -2.18 -77.98
C THR F 1069 26.22 -1.59 -79.21
N TYR F 1070 25.40 -1.16 -80.16
CA TYR F 1070 25.86 -0.52 -81.39
C TYR F 1070 25.67 0.98 -81.25
N VAL F 1071 26.76 1.73 -81.28
CA VAL F 1071 26.75 3.17 -81.12
C VAL F 1071 27.22 3.80 -82.43
N PRO F 1072 26.38 4.56 -83.12
CA PRO F 1072 26.85 5.25 -84.33
C PRO F 1072 27.83 6.35 -84.01
N ALA F 1073 28.69 6.66 -84.97
CA ALA F 1073 29.72 7.67 -84.79
C ALA F 1073 30.12 8.23 -86.14
N GLN F 1074 30.77 9.41 -86.10
CA GLN F 1074 31.29 10.08 -87.30
C GLN F 1074 30.18 10.34 -88.32
N GLU F 1075 29.23 11.16 -87.91
CA GLU F 1075 28.09 11.49 -88.75
C GLU F 1075 28.42 12.65 -89.68
N LYS F 1076 27.83 12.62 -90.87
CA LYS F 1076 28.01 13.66 -91.86
C LYS F 1076 26.63 14.19 -92.28
N ASN F 1077 26.64 15.37 -92.89
CA ASN F 1077 25.42 16.02 -93.35
C ASN F 1077 25.25 15.80 -94.85
N PHE F 1078 24.05 15.37 -95.24
CA PHE F 1078 23.71 15.16 -96.64
C PHE F 1078 22.32 15.70 -96.91
N THR F 1079 22.17 16.41 -98.03
CA THR F 1079 20.86 16.92 -98.40
C THR F 1079 19.93 15.76 -98.72
N THR F 1080 18.74 15.76 -98.11
CA THR F 1080 17.79 14.67 -98.25
C THR F 1080 16.52 15.16 -98.91
N ALA F 1081 15.71 14.20 -99.36
CA ALA F 1081 14.42 14.47 -99.99
C ALA F 1081 13.48 13.33 -99.65
N PRO F 1082 12.18 13.61 -99.47
CA PRO F 1082 11.25 12.52 -99.15
C PRO F 1082 11.03 11.57 -100.31
N ALA F 1083 11.07 12.05 -101.55
CA ALA F 1083 10.87 11.21 -102.71
C ALA F 1083 11.55 11.87 -103.90
N ILE F 1084 11.57 11.16 -105.02
CA ILE F 1084 12.15 11.65 -106.26
C ILE F 1084 11.15 11.43 -107.39
N CYS F 1085 11.17 12.34 -108.36
CA CYS F 1085 10.27 12.32 -109.50
C CYS F 1085 11.11 12.29 -110.78
N HIS F 1086 10.95 11.23 -111.56
CA HIS F 1086 11.74 11.03 -112.77
C HIS F 1086 10.89 11.16 -114.04
N ASP F 1087 9.81 10.40 -114.16
CA ASP F 1087 8.94 10.43 -115.32
C ASP F 1087 7.52 10.80 -114.91
N GLY F 1088 7.38 11.80 -114.05
CA GLY F 1088 6.09 12.18 -113.53
C GLY F 1088 5.58 11.32 -112.39
N LYS F 1089 6.32 10.28 -112.01
CA LYS F 1089 5.94 9.39 -110.93
C LYS F 1089 6.87 9.59 -109.75
N ALA F 1090 6.31 9.47 -108.54
CA ALA F 1090 7.07 9.64 -107.31
C ALA F 1090 7.65 8.30 -106.87
N HIS F 1091 8.95 8.27 -106.65
CA HIS F 1091 9.66 7.07 -106.22
C HIS F 1091 10.05 7.21 -104.76
N PHE F 1092 9.67 6.21 -103.95
CA PHE F 1092 9.98 6.21 -102.52
C PHE F 1092 10.95 5.09 -102.20
N PRO F 1093 11.87 5.31 -101.26
CA PRO F 1093 12.85 4.27 -100.93
C PRO F 1093 12.19 3.08 -100.23
N ARG F 1094 12.52 1.88 -100.69
CA ARG F 1094 12.03 0.67 -100.02
C ARG F 1094 12.67 0.54 -98.64
N GLU F 1095 13.99 0.50 -98.59
CA GLU F 1095 14.74 0.47 -97.33
C GLU F 1095 15.92 1.42 -97.46
N GLY F 1096 15.86 2.53 -96.75
CA GLY F 1096 16.90 3.53 -96.79
C GLY F 1096 16.36 4.94 -96.86
N VAL F 1097 17.20 5.84 -97.36
CA VAL F 1097 16.87 7.27 -97.40
C VAL F 1097 17.64 7.91 -98.55
N PHE F 1098 16.97 8.79 -99.28
CA PHE F 1098 17.60 9.54 -100.36
C PHE F 1098 18.53 10.61 -99.77
N VAL F 1099 19.79 10.57 -100.18
CA VAL F 1099 20.78 11.54 -99.71
C VAL F 1099 21.48 12.15 -100.91
N SER F 1100 22.09 13.32 -100.69
CA SER F 1100 22.82 14.04 -101.73
C SER F 1100 24.12 14.57 -101.15
N ASN F 1101 25.22 14.29 -101.85
CA ASN F 1101 26.52 14.81 -101.45
C ASN F 1101 26.77 16.23 -101.96
N GLY F 1102 25.76 16.86 -102.56
CA GLY F 1102 25.89 18.19 -103.10
C GLY F 1102 25.53 18.28 -104.56
N THR F 1103 25.93 17.26 -105.33
CA THR F 1103 25.66 17.21 -106.75
C THR F 1103 24.85 15.99 -107.17
N HIS F 1104 25.18 14.81 -106.64
CA HIS F 1104 24.52 13.57 -107.01
C HIS F 1104 23.67 13.04 -105.87
N TRP F 1105 22.66 12.25 -106.22
CA TRP F 1105 21.75 11.65 -105.26
C TRP F 1105 22.00 10.15 -105.16
N PHE F 1106 21.97 9.64 -103.94
CA PHE F 1106 22.20 8.22 -103.69
C PHE F 1106 21.19 7.72 -102.66
N LEU F 1107 21.13 6.39 -102.52
CA LEU F 1107 20.33 5.74 -101.51
C LEU F 1107 21.26 5.00 -100.57
N THR F 1108 21.06 5.16 -99.27
CA THR F 1108 21.92 4.56 -98.27
C THR F 1108 21.11 4.14 -97.06
N GLN F 1109 21.72 3.33 -96.21
CA GLN F 1109 21.08 2.88 -94.98
C GLN F 1109 20.90 4.05 -94.02
N ARG F 1110 19.95 3.90 -93.09
CA ARG F 1110 19.66 4.95 -92.14
C ARG F 1110 20.68 4.99 -91.00
N ASN F 1111 21.29 3.85 -90.68
CA ASN F 1111 22.24 3.75 -89.58
C ASN F 1111 23.69 3.62 -90.03
N PHE F 1112 23.94 3.59 -91.34
CA PHE F 1112 25.30 3.49 -91.85
C PHE F 1112 25.33 4.05 -93.26
N TYR F 1113 26.31 4.92 -93.53
CA TYR F 1113 26.40 5.59 -94.82
C TYR F 1113 26.98 4.62 -95.86
N GLU F 1114 26.14 4.13 -96.75
CA GLU F 1114 26.57 3.27 -97.85
C GLU F 1114 25.83 3.72 -99.11
N PRO F 1115 26.39 4.67 -99.85
CA PRO F 1115 25.68 5.24 -101.00
C PRO F 1115 25.52 4.22 -102.12
N GLN F 1116 24.27 4.01 -102.53
CA GLN F 1116 23.94 3.11 -103.63
C GLN F 1116 23.25 3.89 -104.74
N ILE F 1117 23.43 3.43 -105.97
CA ILE F 1117 22.79 4.07 -107.12
C ILE F 1117 21.29 3.81 -107.06
N ILE F 1118 20.50 4.87 -107.16
CA ILE F 1118 19.06 4.76 -107.07
C ILE F 1118 18.54 4.06 -108.33
N THR F 1119 17.99 2.86 -108.17
CA THR F 1119 17.45 2.08 -109.27
C THR F 1119 16.01 1.70 -108.95
N THR F 1120 15.36 1.05 -109.93
CA THR F 1120 14.00 0.60 -109.73
C THR F 1120 13.92 -0.52 -108.68
N ASP F 1121 15.02 -1.28 -108.53
CA ASP F 1121 15.02 -2.36 -107.55
C ASP F 1121 15.11 -1.86 -106.12
N ASN F 1122 15.52 -0.61 -105.91
CA ASN F 1122 15.65 -0.04 -104.58
C ASN F 1122 14.47 0.83 -104.19
N THR F 1123 13.62 1.23 -105.14
CA THR F 1123 12.51 2.13 -104.88
C THR F 1123 11.22 1.51 -105.40
N PHE F 1124 10.10 2.12 -105.02
CA PHE F 1124 8.79 1.74 -105.53
C PHE F 1124 8.02 2.98 -105.93
N VAL F 1125 7.08 2.80 -106.86
CA VAL F 1125 6.33 3.90 -107.45
C VAL F 1125 5.01 4.06 -106.72
N SER F 1126 4.64 5.31 -106.40
CA SER F 1126 3.38 5.60 -105.74
C SER F 1126 3.04 7.06 -105.97
N GLY F 1127 1.81 7.32 -106.39
CA GLY F 1127 1.39 8.68 -106.62
C GLY F 1127 2.01 9.29 -107.87
N ASN F 1128 1.93 10.60 -107.96
CA ASN F 1128 2.45 11.36 -109.09
C ASN F 1128 3.50 12.36 -108.61
N CYS F 1129 3.97 13.19 -109.55
CA CYS F 1129 5.04 14.14 -109.30
C CYS F 1129 4.60 15.36 -108.52
N ASP F 1130 3.29 15.55 -108.31
CA ASP F 1130 2.78 16.79 -107.72
C ASP F 1130 2.18 16.62 -106.33
N VAL F 1131 2.15 15.40 -105.79
CA VAL F 1131 1.50 15.21 -104.49
C VAL F 1131 2.49 15.33 -103.34
N VAL F 1132 3.74 14.94 -103.54
CA VAL F 1132 4.72 14.93 -102.46
C VAL F 1132 5.25 16.34 -102.24
N ILE F 1133 5.34 16.75 -100.99
CA ILE F 1133 5.86 18.06 -100.61
C ILE F 1133 7.36 17.94 -100.40
N GLY F 1134 8.14 18.67 -101.19
CA GLY F 1134 9.58 18.62 -101.10
C GLY F 1134 10.24 17.60 -102.00
N ILE F 1135 9.54 17.13 -103.03
CA ILE F 1135 10.09 16.13 -103.94
C ILE F 1135 11.08 16.80 -104.87
N VAL F 1136 12.11 16.04 -105.27
CA VAL F 1136 13.16 16.56 -106.14
C VAL F 1136 13.17 15.77 -107.44
N ASN F 1137 13.76 16.37 -108.47
CA ASN F 1137 13.85 15.76 -109.79
C ASN F 1137 15.21 15.10 -109.94
N ASN F 1138 15.22 13.77 -110.06
CA ASN F 1138 16.45 13.02 -110.25
C ASN F 1138 16.13 11.78 -111.09
N THR F 1139 17.14 11.33 -111.83
CA THR F 1139 16.98 10.18 -112.71
C THR F 1139 16.94 8.88 -111.92
N VAL F 1140 16.08 7.97 -112.34
CA VAL F 1140 15.97 6.63 -111.76
C VAL F 1140 16.38 5.64 -112.83
N TYR F 1141 17.53 5.01 -112.64
CA TYR F 1141 18.07 4.09 -113.65
C TYR F 1141 17.36 2.75 -113.57
N ASP F 1142 16.94 2.24 -114.72
CA ASP F 1142 16.26 0.96 -114.80
C ASP F 1142 17.22 -0.08 -115.37
N PRO F 1143 17.63 -1.08 -114.60
CA PRO F 1143 18.53 -2.11 -115.17
C PRO F 1143 17.92 -2.87 -116.33
N LEU F 1144 16.61 -3.14 -116.28
CA LEU F 1144 15.96 -3.86 -117.37
C LEU F 1144 15.97 -3.04 -118.66
N GLN F 1145 15.71 -1.73 -118.56
CA GLN F 1145 15.72 -0.89 -119.75
C GLN F 1145 17.14 -0.72 -120.27
N LEU F 1146 18.14 -0.67 -119.38
CA LEU F 1146 19.52 -0.52 -119.81
C LEU F 1146 20.01 -1.79 -120.50
N GLU F 1147 19.61 -2.96 -119.99
CA GLU F 1147 20.02 -4.21 -120.65
C GLU F 1147 19.35 -4.39 -122.00
N LEU F 1148 18.12 -3.88 -122.16
CA LEU F 1148 17.47 -3.95 -123.46
C LEU F 1148 18.11 -2.99 -124.46
N ASP F 1149 18.61 -1.85 -123.99
CA ASP F 1149 19.31 -0.92 -124.87
C ASP F 1149 20.65 -1.44 -125.33
N SER F 1150 21.23 -2.42 -124.61
CA SER F 1150 22.50 -3.00 -125.03
C SER F 1150 22.30 -3.98 -126.18
N PHE F 1151 21.22 -4.76 -126.16
CA PHE F 1151 20.89 -5.69 -127.23
C PHE F 1151 19.98 -5.03 -128.27
N LYS F 1152 20.43 -3.89 -128.81
CA LYS F 1152 19.67 -3.16 -129.80
C LYS F 1152 20.64 -2.46 -130.74
N GLU F 1153 20.35 -2.54 -132.04
CA GLU F 1153 21.21 -1.90 -133.04
C GLU F 1153 21.06 -0.39 -133.01
#